data_9I16
#
_entry.id   9I16
#
_cell.length_a   117.559
_cell.length_b   112.082
_cell.length_c   181.788
_cell.angle_alpha   90.000
_cell.angle_beta   92.729
_cell.angle_gamma   90.000
#
_symmetry.space_group_name_H-M   'P 1 21 1'
#
loop_
_entity.id
_entity.type
_entity.pdbx_description
1 polymer 'ATP-dependent DNA helicase'
2 polymer 'ATP-dependent DNA helicase'
3 polymer "DNA (5'-D(P*GP*GP*AP*TP*CP*TP*CP*GP*AP*CP*GP*CP*TP*CP*TP*CP*CP*C)-3')"
4 polymer "DNA (5'-D(P*AP*GP*AP*GP*CP*GP*TP*CP*GP*AP*GP*AP*TP*CP*CP*C)-3')"
5 non-polymer 'ZINC ION'
6 non-polymer "ADENOSINE-5'-DIPHOSPHATE"
7 non-polymer 'MAGNESIUM ION'
8 non-polymer 'PHOSPHATE ION'
9 non-polymer 'POTASSIUM ION'
#
loop_
_entity_poly.entity_id
_entity_poly.type
_entity_poly.pdbx_seq_one_letter_code
_entity_poly.pdbx_strand_id
1 'polypeptide(L)'
;MSSPASWNKEDFPWSGKVKDVLQNVFKLQKFRPLQLETINVTMSGKEVFLVMPTGGGKSLCYQLPALCSDGFTLVICPLI
SLMEDQLMVLKQLGISATMLNASSPKEHVKWVHAEMVNKNSKLKLIYVTPEKIAKSKMFMSRLEKAYEARRFTRIAVDEV
HCCSQWGHDFRPDYKALGILKRQFPNASLIGLTATATSHVLKDAQKILCVEKCFTFTASFNRPNLYYEVRQKPSNTEDFI
EDIVKLINGRYKGQSGIIYCFSQKDSEQVTISLQKLGIPAGAYHANMEPEDKTKVHRRWAANEIQVVVATVAFGMGIDKP
DVRFVIHHSMSKSMENYYQESGRAGRDDMKADCILYYGFGDIFRISSMVVMENVGQQKLYEMVSYCQNINKCRRVLIAQH
FDEVWSPEACNKMCDNCCKEISFERKNVTAYCRDLIKILKQAEDLNEKLTPLKLIDSWMGKGASKLRVAGLAPPTLPRED
LEKIIAHFLIQQYLKEDYSFTAYATISYLKVGPKANLLNNEAHVITMRVKK
;
A,B,C,E,F
2 'polypeptide(L)'
;DSSPASWNKEDFPWSGKVKDVLQNVFKLQKFRPLQLETINVTMSGKEVFLVMPTGGGKSLCYQLPALCSDGFTLVICPLI
SLMEDQLMVLKQLGISATMLNASSPKEHVKWVHAEMVNKNSKLKLIYVTPEKIAKSKMFMSRLEKAYEARRFTRIAVDEV
HCCSQWGHDFRPDYKALGILKRQFPNASLIGLTATATSHVLKDAQKILCVEKCFTFTASFNRPNLYYEVRQKPSNTEDFI
EDIVKLINGRYKGQSGIIYCFSQKDSEQVTISLQKLGIPAGAYHANMEPEDKTKVHRRWAANEIQVVVATVAFGMGIDKP
DVRFVIHHSMSKSMENYYQESGRAGRDDMKADCILYYGFGDIFRISSMVVMENVGQQKLYEMVSYCQNINKCRRVLIAQH
FDEVWSPEACNKMCDNCCKEISFERKNVTAYCRDLIKILKQAEDLNEKLTPLKLIDSWMGKGASKLRVAGLAPPTLPRED
LEKIIAHFLIQQYLKEDYSFTAYATISYLKVGPKANLLNNEAHVITMRVKK
;
D
3 'polydeoxyribonucleotide'
;(DT)(DG)(DG)(DA)(DT)(DC)(DT)(DC)(DG)(DA)(DC)(DG)(DC)(DT)(DC)(DT)(DC)(DC)(DC)(DT)
(DT)
;
G,I,K
4 'polydeoxyribonucleotide' (DA)(DG)(DA)(DG)(DC)(DG)(DT)(DC)(DG)(DA)(DG)(DA)(DT)(DC)(DC) H,J,L
#
# COMPACT_ATOMS: atom_id res chain seq x y z
N MET A 1 -61.54 75.62 -112.11
CA MET A 1 -62.26 74.90 -113.16
C MET A 1 -61.54 75.03 -114.50
N SER A 2 -60.55 75.91 -114.54
CA SER A 2 -59.73 76.12 -115.73
C SER A 2 -58.42 75.38 -115.60
N SER A 3 -57.76 75.17 -116.74
CA SER A 3 -56.50 74.45 -116.76
C SER A 3 -55.34 75.44 -116.80
N PRO A 4 -54.62 75.65 -115.70
CA PRO A 4 -53.53 76.64 -115.71
C PRO A 4 -52.26 76.16 -116.38
N ALA A 5 -52.16 74.87 -116.70
CA ALA A 5 -50.93 74.36 -117.29
C ALA A 5 -50.59 75.04 -118.61
N SER A 6 -51.61 75.45 -119.37
CA SER A 6 -51.37 76.14 -120.64
C SER A 6 -50.77 77.52 -120.43
N TRP A 7 -50.92 78.10 -119.24
CA TRP A 7 -50.37 79.41 -118.92
C TRP A 7 -49.01 79.34 -118.25
N ASN A 8 -48.51 78.15 -117.97
CA ASN A 8 -47.23 77.99 -117.26
C ASN A 8 -46.05 78.09 -118.24
N LYS A 9 -46.02 79.21 -118.97
CA LYS A 9 -44.92 79.53 -119.87
C LYS A 9 -44.20 80.77 -119.36
N GLU A 10 -43.08 81.09 -120.03
CA GLU A 10 -42.35 82.31 -119.74
C GLU A 10 -41.93 83.03 -121.02
N ASP A 11 -42.69 82.86 -122.09
CA ASP A 11 -42.34 83.42 -123.38
C ASP A 11 -43.22 84.62 -123.71
N PHE A 12 -43.89 85.18 -122.71
CA PHE A 12 -44.70 86.36 -122.90
C PHE A 12 -43.81 87.60 -122.93
N PRO A 13 -44.26 88.67 -123.58
CA PRO A 13 -43.47 89.90 -123.61
C PRO A 13 -43.12 90.45 -122.23
N TRP A 14 -43.90 90.10 -121.21
CA TRP A 14 -43.68 90.61 -119.86
C TRP A 14 -42.94 89.62 -118.96
N SER A 15 -42.59 88.44 -119.46
CA SER A 15 -42.04 87.40 -118.58
C SER A 15 -40.66 87.77 -118.06
N GLY A 16 -39.83 88.45 -118.87
CA GLY A 16 -38.55 88.91 -118.37
C GLY A 16 -38.68 89.86 -117.21
N LYS A 17 -39.53 90.87 -117.37
CA LYS A 17 -39.76 91.82 -116.29
C LYS A 17 -40.34 91.11 -115.07
N VAL A 18 -41.27 90.17 -115.29
CA VAL A 18 -41.85 89.44 -114.18
C VAL A 18 -40.78 88.69 -113.40
N LYS A 19 -39.89 87.99 -114.12
CA LYS A 19 -38.86 87.21 -113.45
C LYS A 19 -37.93 88.10 -112.64
N ASP A 20 -37.58 89.27 -113.19
CA ASP A 20 -36.70 90.14 -112.42
C ASP A 20 -37.41 90.74 -111.22
N VAL A 21 -38.64 91.23 -111.39
CA VAL A 21 -39.32 91.79 -110.21
C VAL A 21 -39.42 90.72 -109.15
N LEU A 22 -39.56 89.46 -109.54
CA LEU A 22 -39.58 88.37 -108.58
C LEU A 22 -38.21 88.20 -107.90
N GLN A 23 -37.12 88.32 -108.66
CA GLN A 23 -35.82 87.97 -108.09
C GLN A 23 -35.10 89.13 -107.41
N ASN A 24 -35.14 90.34 -107.99
CA ASN A 24 -34.41 91.50 -107.51
C ASN A 24 -35.27 92.47 -106.70
N VAL A 25 -36.57 92.56 -106.98
CA VAL A 25 -37.45 93.42 -106.22
C VAL A 25 -38.09 92.67 -105.07
N PHE A 26 -38.76 91.56 -105.38
CA PHE A 26 -39.42 90.75 -104.36
C PHE A 26 -38.47 89.82 -103.64
N LYS A 27 -37.21 89.74 -104.08
CA LYS A 27 -36.16 88.99 -103.37
C LYS A 27 -36.53 87.52 -103.21
N LEU A 28 -37.16 86.95 -104.23
CA LEU A 28 -37.58 85.55 -104.24
C LEU A 28 -36.81 84.78 -105.30
N GLN A 29 -36.87 83.45 -105.20
CA GLN A 29 -36.02 82.58 -106.01
C GLN A 29 -36.77 81.89 -107.15
N LYS A 30 -37.87 81.21 -106.87
CA LYS A 30 -38.67 80.63 -107.94
C LYS A 30 -40.14 80.68 -107.54
N PHE A 31 -41.02 80.71 -108.54
CA PHE A 31 -42.45 80.81 -108.30
C PHE A 31 -43.01 79.55 -107.66
N ARG A 32 -43.88 79.75 -106.66
CA ARG A 32 -44.68 78.66 -106.12
C ARG A 32 -45.76 78.26 -107.11
N PRO A 33 -46.33 77.05 -106.98
CA PRO A 33 -47.33 76.61 -107.95
C PRO A 33 -48.50 77.58 -108.09
N LEU A 34 -48.90 77.79 -109.34
CA LEU A 34 -50.02 78.60 -109.80
C LEU A 34 -49.74 80.09 -109.72
N GLN A 35 -48.59 80.50 -109.17
CA GLN A 35 -48.27 81.92 -109.13
C GLN A 35 -47.97 82.45 -110.53
N LEU A 36 -47.10 81.75 -111.27
CA LEU A 36 -46.73 82.20 -112.60
C LEU A 36 -47.93 82.22 -113.54
N GLU A 37 -48.80 81.22 -113.43
CA GLU A 37 -49.97 81.15 -114.32
C GLU A 37 -50.96 82.27 -114.00
N THR A 38 -51.21 82.51 -112.72
CA THR A 38 -52.10 83.59 -112.32
C THR A 38 -51.55 84.95 -112.76
N ILE A 39 -50.26 85.17 -112.54
CA ILE A 39 -49.63 86.42 -112.97
C ILE A 39 -49.75 86.57 -114.48
N ASN A 40 -49.47 85.49 -115.23
CA ASN A 40 -49.53 85.56 -116.68
C ASN A 40 -50.94 85.85 -117.17
N VAL A 41 -51.96 85.36 -116.45
CA VAL A 41 -53.33 85.67 -116.83
C VAL A 41 -53.65 87.13 -116.54
N THR A 42 -53.14 87.65 -115.41
CA THR A 42 -53.41 89.05 -115.08
C THR A 42 -52.71 90.00 -116.04
N MET A 43 -51.45 89.73 -116.39
CA MET A 43 -50.70 90.59 -117.29
C MET A 43 -51.26 90.57 -118.71
N SER A 44 -51.96 89.51 -119.11
CA SER A 44 -52.60 89.46 -120.41
C SER A 44 -53.91 90.25 -120.45
N GLY A 45 -54.27 90.92 -119.36
CA GLY A 45 -55.48 91.73 -119.35
C GLY A 45 -56.77 90.97 -119.13
N LYS A 46 -56.71 89.77 -118.57
CA LYS A 46 -57.90 88.97 -118.32
C LYS A 46 -58.15 88.83 -116.83
N GLU A 47 -59.40 88.56 -116.49
CA GLU A 47 -59.78 88.38 -115.10
C GLU A 47 -59.44 86.96 -114.64
N VAL A 48 -59.16 86.81 -113.34
CA VAL A 48 -58.77 85.50 -112.84
C VAL A 48 -59.14 85.39 -111.36
N PHE A 49 -59.57 84.20 -110.94
CA PHE A 49 -59.90 83.88 -109.57
C PHE A 49 -58.98 82.77 -109.09
N LEU A 50 -58.28 83.01 -107.97
CA LEU A 50 -57.31 82.09 -107.43
C LEU A 50 -57.78 81.59 -106.06
N VAL A 51 -58.00 80.28 -105.96
CA VAL A 51 -58.35 79.63 -104.71
C VAL A 51 -57.09 78.92 -104.23
N MET A 52 -56.55 79.38 -103.08
CA MET A 52 -55.27 78.91 -102.64
C MET A 52 -55.18 79.05 -101.12
N PRO A 53 -54.70 78.03 -100.41
CA PRO A 53 -54.75 78.05 -98.94
C PRO A 53 -53.97 79.20 -98.31
N THR A 54 -54.38 79.52 -97.08
CA THR A 54 -53.74 80.57 -96.31
C THR A 54 -52.27 80.26 -96.05
N GLY A 55 -51.42 81.28 -96.19
CA GLY A 55 -49.99 81.09 -96.09
C GLY A 55 -49.33 80.57 -97.34
N GLY A 56 -50.08 80.41 -98.43
CA GLY A 56 -49.52 79.87 -99.65
C GLY A 56 -48.73 80.85 -100.47
N GLY A 57 -49.01 82.15 -100.35
CA GLY A 57 -48.43 83.09 -101.28
C GLY A 57 -49.39 83.66 -102.30
N LYS A 58 -50.64 83.89 -101.88
CA LYS A 58 -51.63 84.44 -102.80
C LYS A 58 -51.35 85.89 -103.14
N SER A 59 -50.90 86.67 -102.15
CA SER A 59 -50.78 88.11 -102.33
C SER A 59 -49.87 88.47 -103.50
N LEU A 60 -48.75 87.74 -103.65
CA LEU A 60 -47.79 88.05 -104.70
C LEU A 60 -48.44 88.14 -106.07
N CYS A 61 -49.47 87.32 -106.30
CA CYS A 61 -50.11 87.23 -107.61
C CYS A 61 -50.74 88.55 -108.04
N TYR A 62 -50.95 89.48 -107.12
CA TYR A 62 -51.37 90.82 -107.49
C TYR A 62 -50.33 91.89 -107.16
N GLN A 63 -49.40 91.61 -106.24
CA GLN A 63 -48.39 92.61 -105.92
C GLN A 63 -47.37 92.72 -107.05
N LEU A 64 -46.88 91.59 -107.55
CA LEU A 64 -45.91 91.61 -108.63
C LEU A 64 -46.47 92.23 -109.91
N PRO A 65 -47.65 91.87 -110.39
CA PRO A 65 -48.16 92.54 -111.60
C PRO A 65 -48.34 94.04 -111.41
N ALA A 66 -48.66 94.49 -110.20
CA ALA A 66 -48.80 95.90 -109.94
C ALA A 66 -47.49 96.64 -110.21
N LEU A 67 -46.36 95.94 -110.06
CA LEU A 67 -45.06 96.52 -110.34
C LEU A 67 -44.64 96.35 -111.80
N CYS A 68 -45.31 95.49 -112.55
CA CYS A 68 -45.04 95.33 -113.97
C CYS A 68 -45.98 96.17 -114.84
N SER A 69 -47.15 96.51 -114.31
CA SER A 69 -48.09 97.39 -114.99
C SER A 69 -47.76 98.84 -114.65
N ASP A 70 -48.43 99.74 -115.36
CA ASP A 70 -48.24 101.17 -115.16
C ASP A 70 -49.33 101.73 -114.26
N GLY A 71 -48.97 102.74 -113.48
CA GLY A 71 -49.92 103.34 -112.56
C GLY A 71 -50.03 102.58 -111.25
N PHE A 72 -51.25 102.40 -110.76
CA PHE A 72 -51.49 101.78 -109.46
C PHE A 72 -52.44 100.60 -109.60
N THR A 73 -52.60 99.89 -108.48
CA THR A 73 -53.55 98.78 -108.39
C THR A 73 -54.40 98.95 -107.14
N LEU A 74 -55.71 98.90 -107.33
CA LEU A 74 -56.67 98.98 -106.23
C LEU A 74 -56.85 97.60 -105.61
N VAL A 75 -56.76 97.53 -104.28
CA VAL A 75 -56.88 96.28 -103.56
C VAL A 75 -58.02 96.43 -102.55
N ILE A 76 -59.09 95.67 -102.75
CA ILE A 76 -60.21 95.65 -101.82
C ILE A 76 -59.89 94.67 -100.70
N CYS A 77 -59.75 95.18 -99.48
CA CYS A 77 -59.50 94.34 -98.32
C CYS A 77 -60.49 94.75 -97.24
N PRO A 78 -61.18 93.81 -96.59
CA PRO A 78 -62.25 94.20 -95.68
C PRO A 78 -61.84 94.67 -94.30
N LEU A 79 -60.73 94.15 -93.78
CA LEU A 79 -60.28 94.41 -92.42
C LEU A 79 -58.95 95.18 -92.39
N ILE A 80 -58.82 96.09 -91.42
CA ILE A 80 -57.69 97.02 -91.37
C ILE A 80 -56.37 96.38 -90.91
N SER A 81 -56.41 95.45 -89.95
CA SER A 81 -55.16 94.84 -89.48
C SER A 81 -54.48 94.07 -90.60
N LEU A 82 -55.29 93.32 -91.35
CA LEU A 82 -54.88 92.57 -92.53
C LEU A 82 -54.24 93.50 -93.56
N MET A 83 -54.81 94.69 -93.72
CA MET A 83 -54.18 95.69 -94.58
C MET A 83 -52.79 96.00 -94.05
N GLU A 84 -52.70 96.46 -92.79
CA GLU A 84 -51.40 96.82 -92.23
C GLU A 84 -50.40 95.68 -92.33
N ASP A 85 -50.88 94.43 -92.22
CA ASP A 85 -50.03 93.27 -92.46
C ASP A 85 -49.40 93.36 -93.83
N GLN A 86 -50.22 93.58 -94.86
CA GLN A 86 -49.67 93.67 -96.21
C GLN A 86 -48.77 94.89 -96.38
N LEU A 87 -49.17 96.03 -95.80
CA LEU A 87 -48.41 97.28 -95.96
C LEU A 87 -47.01 97.20 -95.37
N MET A 88 -46.87 96.55 -94.20
CA MET A 88 -45.55 96.41 -93.59
C MET A 88 -44.56 95.76 -94.54
N VAL A 89 -44.88 94.55 -94.99
CA VAL A 89 -44.00 93.85 -95.92
C VAL A 89 -43.86 94.63 -97.22
N LEU A 90 -44.92 95.33 -97.63
CA LEU A 90 -44.91 96.01 -98.92
C LEU A 90 -43.86 97.11 -98.97
N LYS A 91 -43.82 98.00 -97.98
CA LYS A 91 -42.80 99.03 -98.01
C LYS A 91 -41.66 98.72 -97.03
N GLN A 92 -41.52 97.45 -96.65
CA GLN A 92 -40.25 97.01 -96.11
C GLN A 92 -39.37 96.54 -97.26
N LEU A 93 -39.99 96.06 -98.34
CA LEU A 93 -39.35 95.73 -99.61
C LEU A 93 -39.05 96.96 -100.46
N GLY A 94 -39.46 98.15 -100.02
CA GLY A 94 -39.26 99.34 -100.83
C GLY A 94 -40.32 99.64 -101.88
N ILE A 95 -41.53 99.11 -101.72
CA ILE A 95 -42.64 99.35 -102.65
C ILE A 95 -43.55 100.41 -102.04
N SER A 96 -43.65 101.56 -102.69
CA SER A 96 -44.50 102.63 -102.19
C SER A 96 -45.96 102.23 -102.38
N ALA A 97 -46.66 102.00 -101.28
CA ALA A 97 -48.07 101.67 -101.29
C ALA A 97 -48.75 102.42 -100.16
N THR A 98 -50.09 102.42 -100.17
CA THR A 98 -50.81 103.21 -99.18
C THR A 98 -52.12 102.56 -98.78
N MET A 99 -52.72 103.11 -97.73
CA MET A 99 -53.94 102.60 -97.13
C MET A 99 -54.99 103.70 -96.91
N LEU A 100 -56.25 103.26 -97.04
CA LEU A 100 -57.52 104.01 -96.88
C LEU A 100 -58.58 103.24 -96.13
N ASN A 101 -58.66 103.52 -94.85
CA ASN A 101 -59.69 103.03 -93.98
C ASN A 101 -60.64 104.18 -93.64
N ALA A 102 -61.61 103.88 -92.78
CA ALA A 102 -62.57 104.88 -92.36
C ALA A 102 -61.92 105.92 -91.46
N SER A 103 -60.91 105.53 -90.68
CA SER A 103 -60.28 106.39 -89.69
C SER A 103 -58.97 107.00 -90.16
N SER A 104 -58.82 107.26 -91.47
CA SER A 104 -57.55 107.91 -91.77
C SER A 104 -57.72 109.43 -91.82
N PRO A 105 -56.75 110.20 -91.31
CA PRO A 105 -56.94 111.65 -91.19
C PRO A 105 -56.94 112.35 -92.54
N LYS A 106 -57.36 113.62 -92.49
CA LYS A 106 -57.57 114.41 -93.71
C LYS A 106 -56.27 114.61 -94.49
N GLU A 107 -55.15 114.78 -93.79
CA GLU A 107 -53.86 114.95 -94.46
C GLU A 107 -53.59 113.82 -95.44
N HIS A 108 -53.63 112.59 -94.93
CA HIS A 108 -53.35 111.40 -95.72
C HIS A 108 -54.39 111.17 -96.79
N VAL A 109 -55.66 111.41 -96.48
CA VAL A 109 -56.72 111.21 -97.47
C VAL A 109 -56.54 112.13 -98.66
N LYS A 110 -56.28 113.42 -98.42
CA LYS A 110 -56.10 114.34 -99.54
C LYS A 110 -54.78 114.10 -100.27
N TRP A 111 -53.75 113.65 -99.55
CA TRP A 111 -52.51 113.28 -100.22
C TRP A 111 -52.75 112.15 -101.21
N VAL A 112 -53.42 111.08 -100.75
CA VAL A 112 -53.77 109.97 -101.62
C VAL A 112 -54.59 110.45 -102.80
N HIS A 113 -55.58 111.32 -102.55
CA HIS A 113 -56.40 111.80 -103.66
C HIS A 113 -55.55 112.50 -104.71
N ALA A 114 -54.59 113.31 -104.29
CA ALA A 114 -53.72 113.98 -105.25
C ALA A 114 -52.77 113.00 -105.92
N GLU A 115 -52.41 111.91 -105.24
CA GLU A 115 -51.48 110.95 -105.80
C GLU A 115 -52.13 110.05 -106.85
N MET A 116 -53.42 109.76 -106.71
CA MET A 116 -54.08 108.91 -107.71
C MET A 116 -54.05 109.56 -109.08
N VAL A 117 -54.23 110.89 -109.13
CA VAL A 117 -54.22 111.60 -110.40
C VAL A 117 -52.81 112.02 -110.83
N ASN A 118 -51.84 111.99 -109.92
CA ASN A 118 -50.46 112.33 -110.25
C ASN A 118 -49.85 111.34 -111.25
N LYS A 119 -48.93 111.83 -112.07
CA LYS A 119 -48.45 111.10 -113.24
C LYS A 119 -47.25 110.20 -112.91
N ASN A 120 -46.25 110.68 -112.15
CA ASN A 120 -45.28 109.82 -111.43
C ASN A 120 -45.26 109.94 -109.92
N SER A 121 -46.45 109.96 -109.35
CA SER A 121 -46.57 109.50 -107.99
C SER A 121 -46.15 108.04 -107.98
N LYS A 122 -45.04 107.75 -107.29
CA LYS A 122 -44.37 106.45 -107.28
C LYS A 122 -45.25 105.36 -106.65
N LEU A 123 -46.42 105.75 -106.18
CA LEU A 123 -47.34 104.84 -105.51
C LEU A 123 -47.86 103.79 -106.47
N LYS A 124 -47.83 102.51 -106.05
CA LYS A 124 -48.19 101.40 -106.91
C LYS A 124 -49.37 100.57 -106.43
N LEU A 125 -49.75 100.65 -105.16
CA LEU A 125 -50.86 99.85 -104.64
C LEU A 125 -51.61 100.65 -103.59
N ILE A 126 -52.91 100.84 -103.80
CA ILE A 126 -53.78 101.47 -102.80
C ILE A 126 -54.73 100.42 -102.26
N TYR A 127 -54.62 100.14 -100.97
CA TYR A 127 -55.54 99.25 -100.30
C TYR A 127 -56.69 100.07 -99.73
N VAL A 128 -57.92 99.71 -100.09
CA VAL A 128 -59.13 100.37 -99.61
C VAL A 128 -60.13 99.33 -99.14
N THR A 129 -61.03 99.76 -98.26
CA THR A 129 -62.14 98.96 -97.73
C THR A 129 -63.33 99.03 -98.69
N PRO A 130 -64.10 97.94 -98.81
CA PRO A 130 -65.28 97.96 -99.70
C PRO A 130 -66.27 99.08 -99.40
N GLU A 131 -66.31 99.59 -98.16
CA GLU A 131 -67.17 100.74 -97.90
C GLU A 131 -66.67 101.99 -98.62
N LYS A 132 -65.36 102.08 -98.84
CA LYS A 132 -64.81 103.21 -99.60
C LYS A 132 -65.27 103.19 -101.05
N ILE A 133 -65.60 102.02 -101.57
CA ILE A 133 -66.17 101.93 -102.92
C ILE A 133 -67.68 102.11 -102.89
N ALA A 134 -68.35 101.50 -101.90
CA ALA A 134 -69.81 101.51 -101.88
C ALA A 134 -70.37 102.87 -101.47
N LYS A 135 -69.78 103.50 -100.45
CA LYS A 135 -70.40 104.64 -99.79
C LYS A 135 -69.54 105.90 -99.85
N SER A 136 -68.73 106.05 -100.91
CA SER A 136 -67.96 107.26 -101.14
C SER A 136 -68.27 107.77 -102.55
N LYS A 137 -68.93 108.92 -102.63
CA LYS A 137 -69.54 109.40 -103.87
C LYS A 137 -68.48 109.66 -104.95
N MET A 138 -67.42 110.44 -104.59
CA MET A 138 -66.25 110.80 -105.41
C MET A 138 -64.97 110.08 -105.16
N PHE A 139 -64.89 109.08 -104.29
CA PHE A 139 -63.74 108.20 -104.46
C PHE A 139 -63.80 107.58 -105.86
N MET A 140 -65.03 107.25 -106.29
CA MET A 140 -65.27 106.77 -107.65
C MET A 140 -64.89 107.80 -108.70
N SER A 141 -65.06 109.10 -108.41
CA SER A 141 -64.75 110.14 -109.37
C SER A 141 -63.29 110.13 -109.75
N ARG A 142 -62.40 110.31 -108.78
CA ARG A 142 -61.00 110.31 -109.16
C ARG A 142 -60.49 108.91 -109.45
N LEU A 143 -61.21 107.88 -109.03
CA LEU A 143 -60.90 106.56 -109.57
C LEU A 143 -61.10 106.56 -111.09
N GLU A 144 -62.22 107.10 -111.56
CA GLU A 144 -62.44 107.21 -113.00
C GLU A 144 -61.45 108.17 -113.64
N LYS A 145 -61.16 109.30 -113.00
CA LYS A 145 -60.18 110.18 -113.62
C LYS A 145 -58.82 109.55 -113.73
N ALA A 146 -58.43 108.70 -112.77
CA ALA A 146 -57.14 108.04 -112.89
C ALA A 146 -57.21 106.97 -113.97
N TYR A 147 -58.38 106.36 -114.15
CA TYR A 147 -58.57 105.42 -115.25
C TYR A 147 -58.35 106.13 -116.59
N GLU A 148 -59.02 107.26 -116.81
CA GLU A 148 -58.86 107.96 -118.09
C GLU A 148 -57.41 108.38 -118.33
N ALA A 149 -56.65 108.59 -117.25
CA ALA A 149 -55.24 108.94 -117.34
C ALA A 149 -54.33 107.71 -117.44
N ARG A 150 -54.90 106.52 -117.65
CA ARG A 150 -54.17 105.27 -117.73
C ARG A 150 -53.39 104.96 -116.46
N ARG A 151 -53.81 105.50 -115.31
CA ARG A 151 -53.18 105.20 -114.04
C ARG A 151 -53.86 104.04 -113.31
N PHE A 152 -55.17 103.90 -113.46
CA PHE A 152 -55.92 102.80 -112.86
C PHE A 152 -55.98 101.66 -113.88
N THR A 153 -55.35 100.53 -113.56
CA THR A 153 -55.30 99.44 -114.53
C THR A 153 -55.72 98.09 -113.94
N ARG A 154 -55.58 97.90 -112.63
CA ARG A 154 -55.82 96.60 -112.03
C ARG A 154 -56.65 96.72 -110.76
N ILE A 155 -57.48 95.71 -110.53
CA ILE A 155 -58.28 95.59 -109.31
C ILE A 155 -57.97 94.23 -108.68
N ALA A 156 -57.73 94.23 -107.36
CA ALA A 156 -57.52 93.00 -106.61
C ALA A 156 -58.57 92.93 -105.51
N VAL A 157 -59.34 91.85 -105.50
CA VAL A 157 -60.40 91.64 -104.53
C VAL A 157 -59.97 90.53 -103.58
N ASP A 158 -59.76 90.88 -102.33
CA ASP A 158 -59.45 89.91 -101.29
C ASP A 158 -60.75 89.38 -100.68
N GLU A 159 -60.74 88.10 -100.31
CA GLU A 159 -61.91 87.42 -99.77
C GLU A 159 -63.11 87.57 -100.70
N VAL A 160 -62.96 87.09 -101.93
CA VAL A 160 -64.03 87.25 -102.92
C VAL A 160 -65.26 86.44 -102.56
N HIS A 161 -65.08 85.36 -101.79
CA HIS A 161 -66.23 84.56 -101.36
C HIS A 161 -67.21 85.39 -100.55
N CYS A 162 -66.76 86.50 -99.97
CA CYS A 162 -67.65 87.37 -99.21
C CYS A 162 -68.68 88.07 -100.10
N CYS A 163 -68.55 87.99 -101.42
CA CYS A 163 -69.60 88.54 -102.27
C CYS A 163 -70.85 87.68 -102.24
N SER A 164 -70.68 86.36 -102.31
CA SER A 164 -71.80 85.44 -102.48
C SER A 164 -72.49 85.04 -101.19
N GLN A 165 -73.82 85.03 -101.23
CA GLN A 165 -74.65 84.31 -100.27
C GLN A 165 -74.71 82.84 -100.69
N TRP A 166 -75.49 82.06 -99.95
CA TRP A 166 -75.27 80.62 -99.76
C TRP A 166 -73.78 80.38 -99.59
N GLY A 167 -73.20 81.18 -98.71
CA GLY A 167 -71.80 81.18 -98.37
C GLY A 167 -71.66 81.84 -97.02
N HIS A 168 -70.47 81.73 -96.45
CA HIS A 168 -70.20 82.23 -95.11
C HIS A 168 -69.14 83.33 -95.19
N ASP A 169 -68.96 84.03 -94.07
CA ASP A 169 -68.15 85.24 -94.01
C ASP A 169 -68.66 86.31 -94.98
N PHE A 170 -69.97 86.36 -95.20
CA PHE A 170 -70.57 87.34 -96.09
C PHE A 170 -70.41 88.73 -95.50
N ARG A 171 -69.74 89.62 -96.23
CA ARG A 171 -69.75 91.05 -95.95
C ARG A 171 -70.68 91.74 -96.93
N PRO A 172 -71.74 92.43 -96.48
CA PRO A 172 -72.74 92.96 -97.43
C PRO A 172 -72.17 93.97 -98.40
N ASP A 173 -71.15 94.72 -98.00
CA ASP A 173 -70.53 95.71 -98.89
C ASP A 173 -70.09 95.07 -100.18
N TYR A 174 -69.82 93.76 -100.15
CA TYR A 174 -69.28 93.08 -101.32
C TYR A 174 -70.24 93.09 -102.50
N LYS A 175 -71.53 93.39 -102.30
CA LYS A 175 -72.40 93.57 -103.46
C LYS A 175 -71.90 94.72 -104.35
N ALA A 176 -71.55 95.86 -103.73
CA ALA A 176 -71.31 97.06 -104.51
C ALA A 176 -70.04 96.99 -105.35
N LEU A 177 -69.13 96.05 -105.08
CA LEU A 177 -67.96 95.97 -105.94
C LEU A 177 -68.33 95.58 -107.36
N GLY A 178 -69.56 95.14 -107.58
CA GLY A 178 -70.00 94.91 -108.96
C GLY A 178 -69.96 96.16 -109.81
N ILE A 179 -69.87 97.34 -109.17
CA ILE A 179 -69.75 98.58 -109.92
C ILE A 179 -68.38 98.68 -110.59
N LEU A 180 -67.34 98.09 -109.97
CA LEU A 180 -65.97 98.31 -110.44
C LEU A 180 -65.81 97.85 -111.88
N LYS A 181 -66.00 96.56 -112.12
CA LYS A 181 -65.90 96.05 -113.49
C LYS A 181 -66.96 96.64 -114.39
N ARG A 182 -68.04 97.18 -113.82
CA ARG A 182 -69.03 97.85 -114.65
C ARG A 182 -68.51 99.22 -115.09
N GLN A 183 -67.85 99.94 -114.19
CA GLN A 183 -67.36 101.28 -114.51
C GLN A 183 -65.93 101.28 -115.01
N PHE A 184 -65.17 100.23 -114.74
CA PHE A 184 -63.76 100.13 -115.13
C PHE A 184 -63.53 98.85 -115.90
N PRO A 185 -64.01 98.77 -117.15
CA PRO A 185 -63.95 97.49 -117.88
C PRO A 185 -62.55 97.10 -118.34
N ASN A 186 -61.72 98.04 -118.77
CA ASN A 186 -60.38 97.69 -119.22
C ASN A 186 -59.43 97.36 -118.07
N ALA A 187 -59.85 97.57 -116.82
CA ALA A 187 -59.01 97.24 -115.68
C ALA A 187 -59.17 95.76 -115.36
N SER A 188 -58.05 95.04 -115.33
CA SER A 188 -58.10 93.60 -115.11
C SER A 188 -58.41 93.30 -113.64
N LEU A 189 -59.32 92.36 -113.41
CA LEU A 189 -59.74 92.01 -112.07
C LEU A 189 -59.18 90.64 -111.68
N ILE A 190 -58.55 90.59 -110.51
CA ILE A 190 -58.07 89.35 -109.91
C ILE A 190 -58.74 89.23 -108.55
N GLY A 191 -59.35 88.08 -108.29
CA GLY A 191 -59.94 87.76 -107.01
C GLY A 191 -59.21 86.62 -106.35
N LEU A 192 -58.89 86.79 -105.07
CA LEU A 192 -58.14 85.79 -104.33
C LEU A 192 -58.93 85.30 -103.12
N THR A 193 -58.81 84.02 -102.81
CA THR A 193 -59.51 83.44 -101.67
C THR A 193 -58.87 82.11 -101.31
N ALA A 194 -59.07 81.72 -100.05
CA ALA A 194 -58.59 80.43 -99.57
C ALA A 194 -59.70 79.47 -99.17
N THR A 195 -60.89 79.96 -98.89
CA THR A 195 -62.05 79.14 -98.53
C THR A 195 -63.17 79.47 -99.50
N ALA A 196 -63.31 78.69 -100.56
CA ALA A 196 -64.33 78.97 -101.55
C ALA A 196 -64.65 77.72 -102.36
N THR A 197 -65.94 77.46 -102.55
CA THR A 197 -66.43 76.39 -103.41
C THR A 197 -66.93 76.97 -104.72
N SER A 198 -66.84 76.16 -105.78
CA SER A 198 -67.14 76.66 -107.12
C SER A 198 -68.56 77.17 -107.23
N HIS A 199 -69.49 76.58 -106.46
CA HIS A 199 -70.86 77.06 -106.44
C HIS A 199 -70.94 78.48 -105.90
N VAL A 200 -70.04 78.86 -105.00
CA VAL A 200 -69.95 80.22 -104.51
C VAL A 200 -69.12 81.07 -105.46
N LEU A 201 -68.07 80.47 -106.02
CA LEU A 201 -67.19 81.20 -106.93
C LEU A 201 -67.94 81.73 -108.14
N LYS A 202 -68.81 80.92 -108.75
CA LYS A 202 -69.56 81.37 -109.92
C LYS A 202 -70.52 82.49 -109.57
N ASP A 203 -71.16 82.41 -108.39
CA ASP A 203 -71.99 83.50 -107.93
C ASP A 203 -71.18 84.77 -107.75
N ALA A 204 -69.96 84.64 -107.23
CA ALA A 204 -69.11 85.82 -107.11
C ALA A 204 -68.70 86.37 -108.47
N GLN A 205 -68.50 85.50 -109.46
CA GLN A 205 -68.21 85.96 -110.82
C GLN A 205 -69.38 86.78 -111.37
N LYS A 206 -70.60 86.29 -111.18
CA LYS A 206 -71.78 87.05 -111.58
C LYS A 206 -71.90 88.37 -110.82
N ILE A 207 -71.62 88.35 -109.51
CA ILE A 207 -71.78 89.55 -108.70
C ILE A 207 -70.79 90.63 -109.10
N LEU A 208 -69.54 90.23 -109.37
CA LEU A 208 -68.50 91.17 -109.80
C LEU A 208 -68.67 91.60 -111.24
N CYS A 209 -69.69 91.12 -111.94
CA CYS A 209 -69.90 91.39 -113.35
C CYS A 209 -68.69 90.95 -114.17
N VAL A 210 -68.19 89.76 -113.87
CA VAL A 210 -67.09 89.14 -114.59
C VAL A 210 -67.59 87.78 -115.04
N GLU A 211 -68.11 87.70 -116.27
CA GLU A 211 -68.67 86.44 -116.75
C GLU A 211 -67.58 85.49 -117.23
N LYS A 212 -66.80 85.92 -118.22
CA LYS A 212 -65.68 85.13 -118.73
C LYS A 212 -64.49 85.33 -117.81
N CYS A 213 -64.11 84.29 -117.07
CA CYS A 213 -63.05 84.43 -116.09
C CYS A 213 -62.41 83.07 -115.84
N PHE A 214 -61.08 83.06 -115.72
CA PHE A 214 -60.34 81.85 -115.38
C PHE A 214 -60.46 81.58 -113.89
N THR A 215 -60.43 80.29 -113.53
CA THR A 215 -60.52 79.87 -112.14
C THR A 215 -59.42 78.85 -111.86
N PHE A 216 -58.36 79.28 -111.18
CA PHE A 216 -57.27 78.38 -110.79
C PHE A 216 -57.41 78.04 -109.32
N THR A 217 -57.33 76.76 -109.00
CA THR A 217 -57.33 76.30 -107.62
C THR A 217 -56.10 75.44 -107.39
N ALA A 218 -55.48 75.62 -106.22
CA ALA A 218 -54.28 74.86 -105.89
C ALA A 218 -54.64 73.53 -105.23
N SER A 219 -53.72 72.59 -105.32
CA SER A 219 -53.89 71.30 -104.65
C SER A 219 -53.73 71.51 -103.15
N PHE A 220 -54.84 71.44 -102.41
CA PHE A 220 -54.79 71.70 -100.99
C PHE A 220 -54.04 70.61 -100.23
N ASN A 221 -53.82 69.46 -100.85
CA ASN A 221 -53.08 68.39 -100.21
C ASN A 221 -51.61 68.77 -100.12
N ARG A 222 -51.05 68.77 -98.91
CA ARG A 222 -49.64 69.05 -98.68
C ARG A 222 -48.95 67.76 -98.26
N PRO A 223 -48.37 67.00 -99.20
CA PRO A 223 -47.85 65.67 -98.85
C PRO A 223 -46.68 65.69 -97.87
N ASN A 224 -46.03 66.84 -97.67
CA ASN A 224 -44.89 66.90 -96.77
C ASN A 224 -45.29 67.06 -95.31
N LEU A 225 -46.58 67.15 -95.00
CA LEU A 225 -47.04 67.33 -93.64
C LEU A 225 -47.43 65.99 -93.03
N TYR A 226 -47.04 65.78 -91.78
CA TYR A 226 -47.36 64.56 -91.04
C TYR A 226 -48.40 64.88 -89.98
N TYR A 227 -49.57 64.28 -90.09
CA TYR A 227 -50.68 64.54 -89.18
C TYR A 227 -50.66 63.54 -88.04
N GLU A 228 -50.72 64.05 -86.80
CA GLU A 228 -50.66 63.19 -85.63
C GLU A 228 -51.59 63.75 -84.55
N VAL A 229 -52.21 62.85 -83.80
CA VAL A 229 -53.07 63.20 -82.68
C VAL A 229 -52.55 62.53 -81.43
N ARG A 230 -52.28 63.32 -80.39
CA ARG A 230 -51.78 62.81 -79.13
C ARG A 230 -52.76 63.11 -78.01
N GLN A 231 -52.69 62.30 -76.96
CA GLN A 231 -53.56 62.49 -75.81
C GLN A 231 -53.12 63.70 -74.99
N LYS A 232 -54.09 64.46 -74.49
CA LYS A 232 -53.79 65.64 -73.70
C LYS A 232 -53.88 65.28 -72.22
N PRO A 233 -52.77 65.29 -71.48
CA PRO A 233 -52.84 64.99 -70.04
C PRO A 233 -53.65 66.03 -69.29
N SER A 234 -54.41 65.57 -68.30
CA SER A 234 -55.28 66.46 -67.54
C SER A 234 -54.48 67.52 -66.79
N ASN A 235 -53.33 67.13 -66.24
CA ASN A 235 -52.48 68.09 -65.55
C ASN A 235 -51.79 69.02 -66.54
N THR A 236 -51.94 70.32 -66.32
CA THR A 236 -51.36 71.31 -67.24
C THR A 236 -49.84 71.27 -67.20
N GLU A 237 -49.26 71.08 -66.01
CA GLU A 237 -47.81 71.05 -65.89
C GLU A 237 -47.23 69.80 -66.55
N ASP A 238 -47.88 68.65 -66.37
CA ASP A 238 -47.48 67.46 -67.11
C ASP A 238 -47.61 67.65 -68.61
N PHE A 239 -48.63 68.40 -69.04
CA PHE A 239 -48.82 68.67 -70.46
C PHE A 239 -47.65 69.50 -71.01
N ILE A 240 -47.28 70.56 -70.30
CA ILE A 240 -46.16 71.39 -70.75
C ILE A 240 -44.87 70.59 -70.71
N GLU A 241 -44.70 69.73 -69.70
CA GLU A 241 -43.52 68.87 -69.66
C GLU A 241 -43.45 67.95 -70.86
N ASP A 242 -44.58 67.36 -71.25
CA ASP A 242 -44.61 66.49 -72.42
C ASP A 242 -44.32 67.28 -73.69
N ILE A 243 -44.85 68.50 -73.79
CA ILE A 243 -44.59 69.32 -74.96
C ILE A 243 -43.11 69.65 -75.07
N VAL A 244 -42.49 70.03 -73.95
CA VAL A 244 -41.07 70.35 -73.93
C VAL A 244 -40.25 69.12 -74.31
N LYS A 245 -40.63 67.95 -73.79
CA LYS A 245 -39.91 66.73 -74.12
C LYS A 245 -40.00 66.42 -75.61
N LEU A 246 -41.21 66.56 -76.18
CA LEU A 246 -41.38 66.32 -77.61
C LEU A 246 -40.54 67.28 -78.44
N ILE A 247 -40.56 68.56 -78.08
CA ILE A 247 -39.82 69.57 -78.83
C ILE A 247 -38.33 69.28 -78.78
N ASN A 248 -37.81 69.04 -77.57
CA ASN A 248 -36.38 68.74 -77.42
C ASN A 248 -36.00 67.41 -78.04
N GLY A 249 -36.96 66.50 -78.24
CA GLY A 249 -36.67 65.23 -78.85
C GLY A 249 -36.60 65.29 -80.35
N ARG A 250 -37.66 65.80 -81.00
CA ARG A 250 -37.75 65.78 -82.45
C ARG A 250 -37.30 67.08 -83.10
N TYR A 251 -37.66 68.23 -82.54
CA TYR A 251 -37.50 69.52 -83.20
C TYR A 251 -36.55 70.43 -82.43
N LYS A 252 -35.45 69.87 -81.94
CA LYS A 252 -34.46 70.67 -81.22
C LYS A 252 -33.91 71.75 -82.15
N GLY A 253 -34.17 73.01 -81.79
CA GLY A 253 -33.68 74.16 -82.52
C GLY A 253 -34.53 74.58 -83.70
N GLN A 254 -35.49 73.76 -84.10
CA GLN A 254 -36.33 74.06 -85.25
C GLN A 254 -37.45 75.01 -84.86
N SER A 255 -37.82 75.89 -85.78
CA SER A 255 -38.89 76.83 -85.54
C SER A 255 -40.24 76.11 -85.52
N GLY A 256 -41.16 76.63 -84.71
CA GLY A 256 -42.46 76.00 -84.58
C GLY A 256 -43.52 76.96 -84.11
N ILE A 257 -44.77 76.53 -84.27
CA ILE A 257 -45.94 77.28 -83.86
C ILE A 257 -46.75 76.41 -82.89
N ILE A 258 -47.30 77.04 -81.85
CA ILE A 258 -48.20 76.38 -80.93
C ILE A 258 -49.50 77.17 -80.91
N TYR A 259 -50.58 76.53 -81.34
CA TYR A 259 -51.90 77.16 -81.35
C TYR A 259 -52.65 76.87 -80.06
N CYS A 260 -53.15 77.93 -79.44
CA CYS A 260 -53.95 77.85 -78.23
C CYS A 260 -55.33 78.43 -78.51
N PHE A 261 -56.32 77.95 -77.76
CA PHE A 261 -57.69 78.44 -77.97
C PHE A 261 -57.83 79.87 -77.49
N SER A 262 -57.34 80.16 -76.29
CA SER A 262 -57.53 81.46 -75.65
C SER A 262 -56.23 82.25 -75.62
N GLN A 263 -56.37 83.58 -75.47
CA GLN A 263 -55.22 84.44 -75.31
C GLN A 263 -54.51 84.19 -73.99
N LYS A 264 -55.29 83.91 -72.93
CA LYS A 264 -54.71 83.52 -71.65
C LYS A 264 -53.88 82.26 -71.80
N ASP A 265 -54.35 81.31 -72.61
CA ASP A 265 -53.64 80.06 -72.80
C ASP A 265 -52.33 80.32 -73.52
N SER A 266 -52.34 81.16 -74.55
CA SER A 266 -51.11 81.45 -75.27
C SER A 266 -50.08 82.18 -74.42
N GLU A 267 -50.51 83.14 -73.61
CA GLU A 267 -49.54 83.81 -72.75
C GLU A 267 -48.94 82.82 -71.78
N GLN A 268 -49.81 82.00 -71.25
CA GLN A 268 -49.55 80.89 -70.36
C GLN A 268 -48.44 79.99 -70.95
N VAL A 269 -48.64 79.46 -72.17
CA VAL A 269 -47.62 78.64 -72.83
C VAL A 269 -46.32 79.39 -73.10
N THR A 270 -46.40 80.68 -73.44
CA THR A 270 -45.19 81.45 -73.69
C THR A 270 -44.30 81.46 -72.46
N ILE A 271 -44.87 81.84 -71.31
CA ILE A 271 -44.04 81.94 -70.10
C ILE A 271 -43.58 80.56 -69.64
N SER A 272 -44.47 79.56 -69.70
CA SER A 272 -44.11 78.22 -69.24
C SER A 272 -42.99 77.61 -70.08
N LEU A 273 -43.07 77.73 -71.41
CA LEU A 273 -41.98 77.24 -72.24
C LEU A 273 -40.70 78.02 -71.97
N GLN A 274 -40.81 79.33 -71.74
CA GLN A 274 -39.63 80.12 -71.46
C GLN A 274 -38.94 79.65 -70.19
N LYS A 275 -39.70 79.31 -69.15
CA LYS A 275 -39.11 78.85 -67.90
C LYS A 275 -38.41 77.50 -68.06
N LEU A 276 -38.85 76.69 -69.01
CA LEU A 276 -38.26 75.37 -69.23
C LEU A 276 -37.19 75.36 -70.31
N GLY A 277 -36.75 76.53 -70.77
CA GLY A 277 -35.62 76.60 -71.67
C GLY A 277 -35.94 76.60 -73.14
N ILE A 278 -37.20 76.80 -73.51
CA ILE A 278 -37.60 76.86 -74.91
C ILE A 278 -37.91 78.32 -75.24
N PRO A 279 -37.06 79.01 -76.00
CA PRO A 279 -37.35 80.41 -76.33
C PRO A 279 -38.63 80.53 -77.13
N ALA A 280 -39.60 81.24 -76.56
CA ALA A 280 -40.90 81.37 -77.16
C ALA A 280 -41.34 82.83 -77.10
N GLY A 281 -42.31 83.15 -77.95
CA GLY A 281 -42.91 84.46 -77.93
C GLY A 281 -44.35 84.33 -78.36
N ALA A 282 -45.10 85.40 -78.16
CA ALA A 282 -46.53 85.44 -78.44
C ALA A 282 -46.78 86.37 -79.62
N TYR A 283 -47.90 86.16 -80.28
CA TYR A 283 -48.19 87.00 -81.45
C TYR A 283 -49.68 87.31 -81.41
N HIS A 284 -50.06 88.57 -81.70
CA HIS A 284 -51.47 88.96 -81.70
C HIS A 284 -51.82 89.75 -82.96
N ALA A 285 -52.98 89.44 -83.54
CA ALA A 285 -53.35 89.97 -84.85
C ALA A 285 -53.81 91.43 -84.78
N ASN A 286 -54.45 91.80 -83.67
CA ASN A 286 -54.88 93.19 -83.47
C ASN A 286 -53.75 93.95 -82.80
N MET A 287 -52.60 93.87 -83.48
CA MET A 287 -51.30 94.26 -82.96
C MET A 287 -50.82 95.52 -83.63
N GLU A 288 -49.91 96.19 -82.95
CA GLU A 288 -49.18 97.28 -83.54
C GLU A 288 -48.31 96.72 -84.67
N PRO A 289 -48.17 97.43 -85.78
CA PRO A 289 -47.23 96.98 -86.81
C PRO A 289 -45.82 96.74 -86.27
N GLU A 290 -45.34 97.60 -85.38
CA GLU A 290 -43.94 97.52 -84.94
C GLU A 290 -43.62 96.25 -84.15
N ASP A 291 -44.46 95.90 -83.16
CA ASP A 291 -44.21 94.70 -82.37
C ASP A 291 -44.49 93.44 -83.17
N LYS A 292 -45.31 93.55 -84.21
CA LYS A 292 -45.40 92.50 -85.22
C LYS A 292 -44.10 92.28 -85.93
N THR A 293 -43.48 93.38 -86.34
CA THR A 293 -42.15 93.27 -86.89
C THR A 293 -41.21 92.72 -85.87
N LYS A 294 -41.46 92.99 -84.59
CA LYS A 294 -40.57 92.56 -83.52
C LYS A 294 -40.62 91.05 -83.38
N VAL A 295 -41.81 90.51 -83.11
CA VAL A 295 -41.97 89.05 -82.98
C VAL A 295 -41.54 88.36 -84.27
N HIS A 296 -41.86 88.96 -85.42
CA HIS A 296 -41.50 88.34 -86.70
C HIS A 296 -39.98 88.26 -86.87
N ARG A 297 -39.27 89.37 -86.62
CA ARG A 297 -37.83 89.38 -86.80
C ARG A 297 -37.11 88.55 -85.73
N ARG A 298 -37.68 88.47 -84.52
CA ARG A 298 -37.10 87.55 -83.55
C ARG A 298 -37.29 86.10 -83.98
N TRP A 299 -38.40 85.81 -84.66
CA TRP A 299 -38.62 84.46 -85.17
C TRP A 299 -37.68 84.16 -86.33
N ALA A 300 -37.56 85.10 -87.27
CA ALA A 300 -36.72 84.89 -88.45
C ALA A 300 -35.25 84.77 -88.07
N ALA A 301 -34.79 85.60 -87.14
CA ALA A 301 -33.42 85.54 -86.65
C ALA A 301 -33.23 84.45 -85.60
N ASN A 302 -34.23 83.61 -85.39
CA ASN A 302 -34.14 82.48 -84.47
C ASN A 302 -33.79 82.94 -83.05
N GLU A 303 -34.19 84.17 -82.72
CA GLU A 303 -33.97 84.66 -81.36
C GLU A 303 -34.92 83.98 -80.39
N ILE A 304 -36.14 83.71 -80.83
CA ILE A 304 -37.06 82.82 -80.13
C ILE A 304 -37.30 81.61 -81.04
N GLN A 305 -37.65 80.49 -80.43
CA GLN A 305 -37.79 79.24 -81.18
C GLN A 305 -39.25 78.93 -81.53
N VAL A 306 -40.18 79.12 -80.59
CA VAL A 306 -41.57 78.77 -80.79
C VAL A 306 -42.42 80.04 -80.69
N VAL A 307 -43.39 80.16 -81.60
CA VAL A 307 -44.36 81.23 -81.60
C VAL A 307 -45.70 80.68 -81.12
N VAL A 308 -46.23 81.26 -80.06
CA VAL A 308 -47.51 80.87 -79.49
C VAL A 308 -48.56 81.84 -80.05
N ALA A 309 -49.51 81.24 -80.74
CA ALA A 309 -50.58 81.90 -81.47
C ALA A 309 -51.95 81.46 -80.98
N THR A 310 -52.94 82.34 -81.16
CA THR A 310 -54.36 82.05 -80.95
C THR A 310 -55.06 81.64 -82.26
N VAL A 311 -56.11 80.84 -82.11
CA VAL A 311 -56.74 80.14 -83.24
C VAL A 311 -57.22 81.09 -84.35
N ALA A 312 -58.06 82.06 -84.01
CA ALA A 312 -58.66 82.94 -85.02
C ALA A 312 -57.85 84.19 -85.18
N PHE A 313 -56.58 84.06 -84.87
CA PHE A 313 -55.65 85.14 -84.77
C PHE A 313 -54.51 85.14 -85.79
N GLY A 314 -53.87 83.98 -86.05
CA GLY A 314 -52.52 83.95 -86.63
C GLY A 314 -52.29 84.86 -87.82
N MET A 315 -52.94 84.62 -88.95
CA MET A 315 -53.25 85.67 -89.92
C MET A 315 -52.10 86.66 -90.16
N GLY A 316 -50.97 86.14 -90.64
CA GLY A 316 -49.85 87.02 -90.90
C GLY A 316 -48.50 86.46 -90.49
N ILE A 317 -48.47 85.58 -89.49
CA ILE A 317 -47.24 84.85 -89.23
C ILE A 317 -46.96 84.04 -90.48
N ASP A 318 -45.78 84.21 -91.07
CA ASP A 318 -45.42 83.47 -92.28
C ASP A 318 -43.93 83.17 -92.26
N LYS A 319 -43.57 81.91 -92.02
CA LYS A 319 -42.18 81.50 -92.03
C LYS A 319 -42.04 80.25 -92.90
N PRO A 320 -41.07 80.23 -93.81
CA PRO A 320 -40.99 79.10 -94.76
C PRO A 320 -40.58 77.79 -94.10
N ASP A 321 -39.85 77.84 -92.99
CA ASP A 321 -39.19 76.68 -92.41
C ASP A 321 -39.83 76.26 -91.09
N VAL A 322 -41.15 76.35 -91.00
CA VAL A 322 -41.87 75.93 -89.79
C VAL A 322 -41.93 74.41 -89.80
N ARG A 323 -41.21 73.78 -88.88
CA ARG A 323 -41.05 72.34 -88.87
C ARG A 323 -42.14 71.61 -88.08
N PHE A 324 -42.79 72.28 -87.14
CA PHE A 324 -43.85 71.64 -86.38
C PHE A 324 -44.88 72.65 -85.94
N VAL A 325 -46.14 72.26 -86.02
CA VAL A 325 -47.26 73.04 -85.51
C VAL A 325 -47.97 72.17 -84.49
N ILE A 326 -47.94 72.59 -83.21
CA ILE A 326 -48.57 71.85 -82.13
C ILE A 326 -49.85 72.57 -81.74
N HIS A 327 -50.96 71.85 -81.79
CA HIS A 327 -52.24 72.39 -81.35
C HIS A 327 -52.40 72.02 -79.87
N HIS A 328 -52.16 73.02 -79.01
CA HIS A 328 -52.35 72.87 -77.58
C HIS A 328 -53.78 72.47 -77.24
N SER A 329 -54.74 72.91 -78.04
CA SER A 329 -56.12 72.48 -77.96
C SER A 329 -56.66 72.35 -79.37
N MET A 330 -57.66 71.49 -79.54
CA MET A 330 -58.24 71.27 -80.85
C MET A 330 -58.90 72.56 -81.36
N SER A 331 -59.14 72.59 -82.67
CA SER A 331 -59.70 73.76 -83.33
C SER A 331 -61.22 73.69 -83.37
N LYS A 332 -61.85 74.82 -83.69
CA LYS A 332 -63.31 74.89 -83.75
C LYS A 332 -63.87 74.04 -84.88
N SER A 333 -63.12 73.85 -85.96
CA SER A 333 -63.63 73.14 -87.13
C SER A 333 -62.48 72.45 -87.84
N MET A 334 -62.84 71.55 -88.76
CA MET A 334 -61.83 70.84 -89.53
C MET A 334 -61.13 71.76 -90.53
N GLU A 335 -61.88 72.63 -91.19
CA GLU A 335 -61.27 73.58 -92.10
C GLU A 335 -60.34 74.54 -91.36
N ASN A 336 -60.73 74.96 -90.16
CA ASN A 336 -59.87 75.81 -89.35
C ASN A 336 -58.58 75.07 -88.98
N TYR A 337 -58.69 73.79 -88.62
CA TYR A 337 -57.48 73.05 -88.27
C TYR A 337 -56.60 72.86 -89.50
N TYR A 338 -57.20 72.68 -90.67
CA TYR A 338 -56.38 72.55 -91.88
C TYR A 338 -55.61 73.84 -92.14
N GLN A 339 -56.31 74.98 -92.16
CA GLN A 339 -55.64 76.24 -92.46
C GLN A 339 -54.66 76.63 -91.37
N GLU A 340 -54.85 76.16 -90.14
CA GLU A 340 -53.91 76.48 -89.08
C GLU A 340 -52.67 75.60 -89.17
N SER A 341 -52.85 74.28 -89.25
CA SER A 341 -51.69 73.40 -89.32
C SER A 341 -50.89 73.58 -90.59
N GLY A 342 -51.54 73.95 -91.69
CA GLY A 342 -50.88 74.10 -92.98
C GLY A 342 -49.81 75.17 -93.11
N ARG A 343 -49.64 75.98 -92.05
CA ARG A 343 -48.66 77.04 -92.19
C ARG A 343 -47.26 76.48 -92.03
N ALA A 344 -47.15 75.21 -91.60
CA ALA A 344 -45.91 74.50 -91.37
C ALA A 344 -45.40 73.87 -92.65
N GLY A 345 -44.07 73.75 -92.74
CA GLY A 345 -43.43 73.13 -93.88
C GLY A 345 -43.81 73.80 -95.19
N ARG A 346 -43.74 75.13 -95.23
CA ARG A 346 -43.97 75.85 -96.48
C ARG A 346 -42.81 75.71 -97.46
N ASP A 347 -41.66 75.18 -97.02
CA ASP A 347 -40.55 74.88 -97.91
C ASP A 347 -40.69 73.52 -98.58
N ASP A 348 -41.89 72.93 -98.52
CA ASP A 348 -42.20 71.65 -99.16
C ASP A 348 -41.38 70.49 -98.60
N MET A 349 -40.76 70.66 -97.44
CA MET A 349 -40.05 69.58 -96.78
C MET A 349 -40.85 69.10 -95.57
N LYS A 350 -40.43 67.97 -95.01
CA LYS A 350 -41.20 67.32 -93.97
C LYS A 350 -41.44 68.25 -92.78
N ALA A 351 -42.69 68.30 -92.34
CA ALA A 351 -43.07 69.01 -91.13
C ALA A 351 -44.18 68.24 -90.44
N ASP A 352 -44.27 68.40 -89.12
CA ASP A 352 -45.22 67.65 -88.31
C ASP A 352 -46.35 68.55 -87.84
N CYS A 353 -47.56 68.03 -87.90
CA CYS A 353 -48.76 68.71 -87.41
C CYS A 353 -49.30 67.88 -86.26
N ILE A 354 -48.91 68.25 -85.04
CA ILE A 354 -49.29 67.54 -83.83
C ILE A 354 -50.53 68.20 -83.26
N LEU A 355 -51.47 67.39 -82.75
CA LEU A 355 -52.70 67.90 -82.16
C LEU A 355 -52.97 67.18 -80.84
N TYR A 356 -53.22 67.95 -79.79
CA TYR A 356 -53.43 67.38 -78.46
C TYR A 356 -54.93 67.35 -78.17
N TYR A 357 -55.47 66.14 -78.00
CA TYR A 357 -56.91 65.92 -77.85
C TYR A 357 -57.24 65.84 -76.37
N GLY A 358 -57.95 66.85 -75.87
CA GLY A 358 -58.35 66.90 -74.47
C GLY A 358 -59.86 66.83 -74.33
N PHE A 359 -60.31 66.02 -73.37
CA PHE A 359 -61.74 65.80 -73.19
C PHE A 359 -62.46 67.10 -72.85
N GLY A 360 -61.91 67.87 -71.91
CA GLY A 360 -62.53 69.14 -71.54
C GLY A 360 -62.50 70.20 -72.62
N ASP A 361 -61.56 70.10 -73.57
CA ASP A 361 -61.52 71.06 -74.67
C ASP A 361 -62.79 70.99 -75.51
N ILE A 362 -63.34 69.78 -75.65
CA ILE A 362 -64.60 69.61 -76.39
C ILE A 362 -65.64 70.57 -75.84
N PHE A 363 -65.85 70.53 -74.53
CA PHE A 363 -66.93 71.32 -73.95
C PHE A 363 -66.56 72.78 -73.78
N ARG A 364 -65.27 73.11 -73.65
CA ARG A 364 -64.90 74.52 -73.67
C ARG A 364 -65.26 75.15 -75.01
N ILE A 365 -64.90 74.49 -76.10
CA ILE A 365 -65.16 75.05 -77.42
C ILE A 365 -66.65 75.02 -77.71
N SER A 366 -67.33 73.93 -77.33
CA SER A 366 -68.78 73.87 -77.54
C SER A 366 -69.49 75.00 -76.80
N SER A 367 -69.11 75.27 -75.55
CA SER A 367 -69.66 76.38 -74.82
C SER A 367 -69.28 77.71 -75.44
N MET A 368 -68.21 77.76 -76.22
CA MET A 368 -67.78 79.02 -76.81
C MET A 368 -68.48 79.34 -78.12
N VAL A 369 -68.95 78.33 -78.86
CA VAL A 369 -69.47 78.55 -80.20
C VAL A 369 -70.99 78.39 -80.22
N VAL A 370 -71.63 78.60 -79.07
CA VAL A 370 -73.08 78.40 -78.97
C VAL A 370 -73.83 79.39 -79.85
N MET A 371 -73.27 80.58 -80.07
CA MET A 371 -73.95 81.58 -80.88
C MET A 371 -73.87 81.26 -82.37
N GLU A 372 -72.83 80.54 -82.79
CA GLU A 372 -72.75 80.06 -84.17
C GLU A 372 -73.65 78.84 -84.33
N ASN A 373 -74.67 78.95 -85.19
CA ASN A 373 -75.68 77.91 -85.32
C ASN A 373 -75.12 76.61 -85.85
N VAL A 374 -73.91 76.62 -86.44
CA VAL A 374 -73.25 75.41 -86.90
C VAL A 374 -71.96 75.14 -86.12
N GLY A 375 -71.70 75.91 -85.07
CA GLY A 375 -70.46 75.73 -84.32
C GLY A 375 -70.34 74.33 -83.75
N GLN A 376 -71.41 73.85 -83.13
CA GLN A 376 -71.37 72.53 -82.50
C GLN A 376 -71.12 71.44 -83.53
N GLN A 377 -71.74 71.56 -84.71
CA GLN A 377 -71.58 70.54 -85.74
C GLN A 377 -70.12 70.46 -86.22
N LYS A 378 -69.52 71.59 -86.55
CA LYS A 378 -68.13 71.58 -86.99
C LYS A 378 -67.19 71.13 -85.87
N LEU A 379 -67.51 71.50 -84.63
CA LEU A 379 -66.70 71.04 -83.51
C LEU A 379 -66.79 69.52 -83.35
N TYR A 380 -67.99 68.98 -83.53
CA TYR A 380 -68.15 67.53 -83.46
C TYR A 380 -67.41 66.83 -84.60
N GLU A 381 -67.37 67.47 -85.78
CA GLU A 381 -66.52 66.95 -86.85
C GLU A 381 -65.07 66.88 -86.40
N MET A 382 -64.59 67.93 -85.74
CA MET A 382 -63.22 67.94 -85.22
C MET A 382 -63.02 66.84 -84.19
N VAL A 383 -63.99 66.68 -83.28
CA VAL A 383 -63.90 65.66 -82.25
C VAL A 383 -63.87 64.28 -82.86
N SER A 384 -64.69 64.03 -83.89
CA SER A 384 -64.66 62.76 -84.58
C SER A 384 -63.31 62.52 -85.26
N TYR A 385 -62.67 63.59 -85.74
CA TYR A 385 -61.32 63.45 -86.27
C TYR A 385 -60.35 63.03 -85.17
N CYS A 386 -60.48 63.64 -83.99
CA CYS A 386 -59.57 63.31 -82.89
C CYS A 386 -59.80 61.88 -82.40
N GLN A 387 -61.05 61.42 -82.42
CA GLN A 387 -61.39 60.09 -81.93
C GLN A 387 -61.04 59.00 -82.93
N ASN A 388 -60.92 59.33 -84.21
CA ASN A 388 -60.70 58.32 -85.24
C ASN A 388 -59.31 57.71 -85.08
N ILE A 389 -59.24 56.38 -85.08
CA ILE A 389 -57.99 55.66 -84.89
C ILE A 389 -57.64 54.76 -86.06
N ASN A 390 -58.52 54.63 -87.06
CA ASN A 390 -58.29 53.71 -88.17
C ASN A 390 -58.07 54.40 -89.50
N LYS A 391 -58.90 55.40 -89.83
CA LYS A 391 -58.82 56.05 -91.12
C LYS A 391 -57.60 56.95 -91.20
N CYS A 392 -57.10 57.11 -92.42
CA CYS A 392 -55.97 58.00 -92.65
C CYS A 392 -56.44 59.44 -92.45
N ARG A 393 -55.65 60.22 -91.70
CA ARG A 393 -56.07 61.57 -91.38
C ARG A 393 -56.21 62.43 -92.63
N ARG A 394 -55.41 62.15 -93.66
CA ARG A 394 -55.54 62.91 -94.90
C ARG A 394 -56.91 62.69 -95.54
N VAL A 395 -57.43 61.46 -95.47
CA VAL A 395 -58.78 61.20 -95.99
C VAL A 395 -59.82 61.96 -95.18
N LEU A 396 -59.65 61.98 -93.85
CA LEU A 396 -60.61 62.67 -93.00
C LEU A 396 -60.63 64.16 -93.31
N ILE A 397 -59.47 64.76 -93.52
CA ILE A 397 -59.42 66.17 -93.88
C ILE A 397 -59.99 66.37 -95.29
N ALA A 398 -59.68 65.46 -96.20
CA ALA A 398 -60.16 65.53 -97.58
C ALA A 398 -61.68 65.47 -97.67
N GLN A 399 -62.32 64.87 -96.68
CA GLN A 399 -63.78 64.81 -96.71
C GLN A 399 -64.41 66.19 -96.78
N HIS A 400 -63.73 67.21 -96.26
CA HIS A 400 -64.22 68.58 -96.29
C HIS A 400 -63.66 69.40 -97.46
N PHE A 401 -62.91 68.79 -98.36
CA PHE A 401 -62.23 69.49 -99.45
C PHE A 401 -62.42 68.77 -100.79
N ASP A 402 -63.66 68.36 -101.06
CA ASP A 402 -63.92 67.48 -102.21
C ASP A 402 -63.47 68.12 -103.53
N GLU A 403 -63.56 69.45 -103.63
CA GLU A 403 -63.24 70.15 -104.87
C GLU A 403 -61.75 70.44 -105.05
N VAL A 404 -60.98 70.44 -103.98
CA VAL A 404 -59.60 70.94 -104.04
C VAL A 404 -58.58 69.93 -103.52
N TRP A 405 -59.04 68.71 -103.23
CA TRP A 405 -58.14 67.67 -102.72
C TRP A 405 -57.90 66.62 -103.80
N SER A 406 -56.68 66.58 -104.30
CA SER A 406 -56.27 65.55 -105.25
C SER A 406 -56.21 64.20 -104.55
N PRO A 407 -56.82 63.15 -105.11
CA PRO A 407 -56.84 61.86 -104.42
C PRO A 407 -55.48 61.18 -104.44
N GLU A 408 -54.61 61.61 -103.54
CA GLU A 408 -53.22 61.18 -103.48
C GLU A 408 -53.00 60.29 -102.26
N ALA A 409 -52.16 59.27 -102.41
CA ALA A 409 -51.88 58.37 -101.30
C ALA A 409 -51.13 59.10 -100.20
N CYS A 410 -51.47 58.75 -98.95
CA CYS A 410 -50.84 59.41 -97.81
C CYS A 410 -49.36 59.07 -97.72
N ASN A 411 -48.96 57.88 -98.17
CA ASN A 411 -47.57 57.44 -98.14
C ASN A 411 -47.05 57.38 -96.70
N LYS A 412 -47.86 56.80 -95.81
CA LYS A 412 -47.51 56.64 -94.40
C LYS A 412 -47.06 57.97 -93.80
N MET A 413 -47.83 59.02 -94.05
CA MET A 413 -47.52 60.36 -93.57
C MET A 413 -48.57 60.87 -92.58
N CYS A 414 -49.07 59.97 -91.74
CA CYS A 414 -49.95 60.34 -90.64
C CYS A 414 -49.92 59.23 -89.61
N ASP A 415 -50.30 59.58 -88.38
CA ASP A 415 -50.17 58.64 -87.27
C ASP A 415 -51.00 57.38 -87.48
N ASN A 416 -52.17 57.52 -88.11
CA ASN A 416 -53.01 56.33 -88.32
C ASN A 416 -52.46 55.46 -89.44
N CYS A 417 -51.84 56.06 -90.45
CA CYS A 417 -51.28 55.26 -91.53
C CYS A 417 -50.09 54.44 -91.06
N CYS A 418 -49.29 54.98 -90.13
CA CYS A 418 -48.12 54.29 -89.62
C CYS A 418 -48.45 53.36 -88.48
N LYS A 419 -49.55 53.60 -87.78
CA LYS A 419 -49.97 52.77 -86.65
C LYS A 419 -50.27 51.36 -87.14
N GLU A 420 -49.46 50.39 -86.73
CA GLU A 420 -49.46 49.05 -87.31
C GLU A 420 -50.31 48.06 -86.53
N ILE A 421 -51.34 48.52 -85.83
CA ILE A 421 -52.26 47.65 -85.11
C ILE A 421 -53.62 47.70 -85.79
N SER A 422 -54.17 46.53 -86.09
CA SER A 422 -55.54 46.45 -86.55
C SER A 422 -56.47 46.42 -85.35
N PHE A 423 -57.69 46.90 -85.55
CA PHE A 423 -58.62 47.12 -84.45
C PHE A 423 -59.83 46.21 -84.57
N GLU A 424 -60.58 46.14 -83.47
CA GLU A 424 -61.79 45.35 -83.39
C GLU A 424 -62.87 46.19 -82.74
N ARG A 425 -64.12 45.87 -83.09
CA ARG A 425 -65.28 46.64 -82.69
C ARG A 425 -65.90 46.08 -81.42
N LYS A 426 -65.76 46.83 -80.32
CA LYS A 426 -66.42 46.52 -79.06
C LYS A 426 -67.88 46.93 -79.10
N ASN A 427 -68.73 46.04 -78.58
CA ASN A 427 -70.11 46.41 -78.33
C ASN A 427 -70.14 47.27 -77.06
N VAL A 428 -70.68 48.47 -77.16
CA VAL A 428 -70.66 49.43 -76.07
C VAL A 428 -72.06 49.71 -75.53
N THR A 429 -73.05 48.91 -75.94
CA THR A 429 -74.44 49.17 -75.60
C THR A 429 -74.63 49.25 -74.08
N ALA A 430 -73.94 48.37 -73.34
CA ALA A 430 -74.04 48.37 -71.89
C ALA A 430 -73.60 49.70 -71.28
N TYR A 431 -72.50 50.25 -71.79
CA TYR A 431 -72.02 51.53 -71.30
C TYR A 431 -73.03 52.64 -71.55
N CYS A 432 -73.68 52.61 -72.72
CA CYS A 432 -74.70 53.63 -73.00
C CYS A 432 -75.88 53.51 -72.06
N ARG A 433 -76.33 52.29 -71.78
CA ARG A 433 -77.42 52.10 -70.83
C ARG A 433 -77.02 52.59 -69.44
N ASP A 434 -75.80 52.30 -69.00
CA ASP A 434 -75.36 52.76 -67.69
C ASP A 434 -75.33 54.28 -67.62
N LEU A 435 -74.79 54.93 -68.66
CA LEU A 435 -74.76 56.38 -68.67
C LEU A 435 -76.16 56.96 -68.68
N ILE A 436 -77.08 56.36 -69.44
CA ILE A 436 -78.45 56.84 -69.47
C ILE A 436 -79.11 56.65 -68.11
N LYS A 437 -78.80 55.54 -67.43
CA LYS A 437 -79.28 55.34 -66.06
C LYS A 437 -78.84 56.47 -65.16
N ILE A 438 -77.55 56.80 -65.21
CA ILE A 438 -77.02 57.88 -64.38
C ILE A 438 -77.72 59.20 -64.70
N LEU A 439 -77.85 59.50 -65.99
CA LEU A 439 -78.44 60.77 -66.39
C LEU A 439 -79.91 60.86 -66.00
N LYS A 440 -80.67 59.78 -66.16
CA LYS A 440 -82.08 59.79 -65.78
C LYS A 440 -82.24 59.88 -64.27
N GLN A 441 -81.34 59.26 -63.50
CA GLN A 441 -81.39 59.39 -62.06
C GLN A 441 -81.09 60.82 -61.62
N ALA A 442 -80.12 61.45 -62.28
CA ALA A 442 -79.83 62.85 -61.97
C ALA A 442 -80.97 63.78 -62.40
N GLU A 443 -81.66 63.44 -63.49
CA GLU A 443 -82.83 64.20 -63.91
C GLU A 443 -83.97 64.07 -62.90
N ASP A 444 -84.14 62.88 -62.33
CA ASP A 444 -85.20 62.69 -61.35
C ASP A 444 -84.95 63.51 -60.10
N LEU A 445 -83.70 63.59 -59.65
CA LEU A 445 -83.30 64.35 -58.48
C LEU A 445 -83.06 65.84 -58.76
N ASN A 446 -83.48 66.35 -59.92
CA ASN A 446 -83.33 67.79 -60.23
C ASN A 446 -81.88 68.25 -60.13
N GLU A 447 -81.00 67.48 -60.77
CA GLU A 447 -79.57 67.77 -60.76
C GLU A 447 -79.06 67.72 -62.18
N LYS A 448 -78.24 68.71 -62.53
CA LYS A 448 -77.62 68.79 -63.84
C LYS A 448 -76.20 68.24 -63.77
N LEU A 449 -75.83 67.45 -64.77
CA LEU A 449 -74.55 66.77 -64.77
C LEU A 449 -73.61 67.43 -65.77
N THR A 450 -72.50 67.95 -65.27
CA THR A 450 -71.40 68.27 -66.15
C THR A 450 -70.73 66.97 -66.59
N PRO A 451 -70.00 66.98 -67.69
CA PRO A 451 -69.27 65.76 -68.10
C PRO A 451 -68.40 65.18 -67.00
N LEU A 452 -67.80 66.05 -66.18
CA LEU A 452 -66.96 65.57 -65.08
C LEU A 452 -67.81 64.85 -64.03
N LYS A 453 -68.99 65.39 -63.71
CA LYS A 453 -69.85 64.74 -62.73
C LYS A 453 -70.40 63.42 -63.27
N LEU A 454 -70.69 63.36 -64.56
CA LEU A 454 -71.14 62.12 -65.17
C LEU A 454 -70.05 61.06 -65.11
N ILE A 455 -68.81 61.45 -65.46
CA ILE A 455 -67.69 60.51 -65.42
C ILE A 455 -67.45 60.03 -64.00
N ASP A 456 -67.52 60.93 -63.02
CA ASP A 456 -67.28 60.54 -61.63
C ASP A 456 -68.36 59.61 -61.12
N SER A 457 -69.63 59.92 -61.38
CA SER A 457 -70.70 59.01 -60.98
C SER A 457 -70.59 57.67 -61.69
N TRP A 458 -70.06 57.65 -62.91
CA TRP A 458 -69.84 56.39 -63.61
C TRP A 458 -68.77 55.55 -62.91
N MET A 459 -67.74 56.21 -62.37
CA MET A 459 -66.61 55.53 -61.75
C MET A 459 -66.82 55.28 -60.25
N GLY A 460 -68.03 55.49 -59.73
CA GLY A 460 -68.24 55.35 -58.31
C GLY A 460 -67.60 56.45 -57.49
N LYS A 461 -67.40 57.61 -58.07
CA LYS A 461 -66.79 58.76 -57.41
C LYS A 461 -67.76 59.94 -57.42
N GLY A 462 -67.29 61.08 -56.93
CA GLY A 462 -68.15 62.26 -56.89
C GLY A 462 -69.20 62.12 -55.81
N ALA A 463 -70.30 62.87 -56.00
CA ALA A 463 -71.34 62.92 -54.99
C ALA A 463 -72.06 61.58 -54.92
N SER A 464 -72.08 60.98 -53.72
CA SER A 464 -72.74 59.69 -53.55
C SER A 464 -74.21 59.77 -53.93
N LYS A 465 -74.84 60.91 -53.67
CA LYS A 465 -76.26 61.09 -54.00
C LYS A 465 -76.52 60.94 -55.49
N LEU A 466 -75.51 61.20 -56.32
CA LEU A 466 -75.64 61.14 -57.77
C LEU A 466 -75.29 59.77 -58.37
N ARG A 467 -74.87 58.81 -57.56
CA ARG A 467 -74.51 57.49 -58.07
C ARG A 467 -75.72 56.57 -58.10
N VAL A 468 -75.81 55.76 -59.15
CA VAL A 468 -76.91 54.81 -59.27
C VAL A 468 -76.63 53.59 -58.39
N ALA A 469 -77.66 53.14 -57.68
CA ALA A 469 -77.52 52.03 -56.74
C ALA A 469 -77.07 50.75 -57.44
N GLY A 470 -75.91 50.24 -57.05
CA GLY A 470 -75.40 48.99 -57.57
C GLY A 470 -74.71 49.03 -58.92
N LEU A 471 -74.55 50.19 -59.53
CA LEU A 471 -73.86 50.25 -60.82
C LEU A 471 -72.39 49.98 -60.61
N ALA A 472 -71.89 48.89 -61.19
CA ALA A 472 -70.46 48.59 -61.08
C ALA A 472 -69.67 49.50 -61.99
N PRO A 473 -68.73 50.28 -61.45
CA PRO A 473 -67.89 51.14 -62.30
C PRO A 473 -67.08 50.30 -63.28
N PRO A 474 -66.91 50.77 -64.50
CA PRO A 474 -66.19 49.96 -65.50
C PRO A 474 -64.72 49.84 -65.14
N THR A 475 -64.09 48.80 -65.69
CA THR A 475 -62.70 48.48 -65.44
C THR A 475 -61.73 49.22 -66.35
N LEU A 476 -62.19 50.26 -67.02
CA LEU A 476 -61.32 51.00 -67.93
C LEU A 476 -60.83 52.28 -67.28
N PRO A 477 -59.69 52.80 -67.71
CA PRO A 477 -59.19 54.06 -67.14
C PRO A 477 -60.03 55.24 -67.58
N ARG A 478 -59.74 56.40 -66.97
CA ARG A 478 -60.51 57.60 -67.22
C ARG A 478 -60.52 57.98 -68.69
N GLU A 479 -59.38 57.89 -69.36
CA GLU A 479 -59.27 58.30 -70.76
C GLU A 479 -60.22 57.50 -71.65
N ASP A 480 -60.23 56.17 -71.51
CA ASP A 480 -61.13 55.34 -72.30
C ASP A 480 -62.59 55.70 -72.07
N LEU A 481 -62.98 55.93 -70.81
CA LEU A 481 -64.35 56.34 -70.53
C LEU A 481 -64.65 57.69 -71.17
N GLU A 482 -63.67 58.59 -71.21
CA GLU A 482 -63.87 59.87 -71.87
C GLU A 482 -64.10 59.69 -73.36
N LYS A 483 -63.33 58.80 -74.00
CA LYS A 483 -63.53 58.54 -75.42
C LYS A 483 -64.89 57.91 -75.67
N ILE A 484 -65.35 57.05 -74.75
CA ILE A 484 -66.66 56.43 -74.90
C ILE A 484 -67.76 57.47 -74.80
N ILE A 485 -67.67 58.36 -73.81
CA ILE A 485 -68.68 59.39 -73.63
C ILE A 485 -68.69 60.34 -74.83
N ALA A 486 -67.50 60.73 -75.30
CA ALA A 486 -67.42 61.55 -76.51
C ALA A 486 -68.08 60.86 -77.69
N HIS A 487 -67.79 59.56 -77.88
CA HIS A 487 -68.40 58.81 -78.97
C HIS A 487 -69.92 58.84 -78.87
N PHE A 488 -70.45 58.62 -77.67
CA PHE A 488 -71.90 58.70 -77.48
C PHE A 488 -72.42 60.09 -77.80
N LEU A 489 -71.63 61.12 -77.49
CA LEU A 489 -72.04 62.49 -77.80
C LEU A 489 -72.13 62.71 -79.30
N ILE A 490 -71.13 62.24 -80.06
CA ILE A 490 -71.13 62.41 -81.50
C ILE A 490 -72.32 61.68 -82.12
N GLN A 491 -72.53 60.43 -81.72
CA GLN A 491 -73.68 59.67 -82.22
C GLN A 491 -75.00 60.14 -81.64
N GLN A 492 -74.97 61.17 -80.79
CA GLN A 492 -76.17 61.80 -80.24
C GLN A 492 -77.00 60.85 -79.38
N TYR A 493 -76.37 59.82 -78.81
CA TYR A 493 -77.02 59.10 -77.71
C TYR A 493 -77.04 59.95 -76.46
N LEU A 494 -76.04 60.80 -76.29
CA LEU A 494 -76.04 61.90 -75.34
C LEU A 494 -76.05 63.22 -76.10
N LYS A 495 -76.52 64.27 -75.43
CA LYS A 495 -76.58 65.59 -76.05
C LYS A 495 -76.10 66.62 -75.05
N GLU A 496 -75.62 67.75 -75.59
CA GLU A 496 -75.18 68.87 -74.78
C GLU A 496 -76.34 69.78 -74.41
N ASP A 497 -76.24 70.39 -73.23
CA ASP A 497 -77.23 71.33 -72.71
C ASP A 497 -76.44 72.53 -72.19
N TYR A 498 -76.57 73.67 -72.88
CA TYR A 498 -75.87 74.86 -72.44
C TYR A 498 -76.73 75.62 -71.45
N SER A 499 -76.09 76.14 -70.40
CA SER A 499 -76.73 77.00 -69.41
C SER A 499 -75.94 78.30 -69.37
N PHE A 500 -76.66 79.42 -69.43
CA PHE A 500 -76.05 80.74 -69.48
C PHE A 500 -76.09 81.33 -68.07
N THR A 501 -74.92 81.50 -67.47
CA THR A 501 -74.79 82.19 -66.19
C THR A 501 -74.21 83.58 -66.42
N ALA A 502 -74.14 84.35 -65.33
CA ALA A 502 -73.62 85.70 -65.44
C ALA A 502 -72.13 85.73 -65.76
N TYR A 503 -71.42 84.64 -65.50
CA TYR A 503 -69.97 84.60 -65.67
C TYR A 503 -69.51 83.87 -66.92
N ALA A 504 -70.17 82.78 -67.29
CA ALA A 504 -69.75 81.97 -68.43
C ALA A 504 -70.92 81.10 -68.88
N THR A 505 -70.69 80.33 -69.94
CA THR A 505 -71.65 79.37 -70.46
C THR A 505 -71.19 77.96 -70.09
N ILE A 506 -71.97 77.28 -69.27
CA ILE A 506 -71.62 75.96 -68.76
C ILE A 506 -72.31 74.91 -69.63
N SER A 507 -71.61 73.83 -69.94
CA SER A 507 -72.13 72.75 -70.77
C SER A 507 -72.37 71.52 -69.91
N TYR A 508 -73.64 71.14 -69.73
CA TYR A 508 -74.03 69.90 -69.09
C TYR A 508 -74.33 68.84 -70.14
N LEU A 509 -74.48 67.60 -69.68
CA LEU A 509 -74.83 66.46 -70.52
C LEU A 509 -76.24 65.98 -70.18
N LYS A 510 -77.00 65.61 -71.20
CA LYS A 510 -78.37 65.12 -71.05
C LYS A 510 -78.59 63.97 -72.02
N VAL A 511 -79.68 63.23 -71.79
CA VAL A 511 -80.00 62.10 -72.65
C VAL A 511 -80.27 62.60 -74.06
N GLY A 512 -79.68 61.95 -75.05
CA GLY A 512 -79.73 62.40 -76.42
C GLY A 512 -80.97 61.93 -77.17
N PRO A 513 -81.13 62.42 -78.41
CA PRO A 513 -82.31 62.02 -79.20
C PRO A 513 -82.29 60.57 -79.62
N LYS A 514 -81.16 60.05 -80.07
CA LYS A 514 -81.10 58.66 -80.53
C LYS A 514 -81.12 57.67 -79.38
N ALA A 515 -81.19 58.14 -78.13
CA ALA A 515 -81.18 57.23 -76.99
C ALA A 515 -82.36 56.29 -77.01
N ASN A 516 -83.51 56.75 -77.51
CA ASN A 516 -84.69 55.89 -77.58
C ASN A 516 -84.47 54.67 -78.46
N LEU A 517 -83.43 54.69 -79.31
CA LEU A 517 -83.08 53.50 -80.08
C LEU A 517 -82.75 52.32 -79.18
N LEU A 518 -82.44 52.59 -77.90
CA LEU A 518 -82.11 51.53 -76.96
C LEU A 518 -83.35 50.80 -76.48
N ASN A 519 -84.55 51.32 -76.78
CA ASN A 519 -85.77 50.58 -76.53
C ASN A 519 -85.76 49.25 -77.26
N ASN A 520 -85.05 49.18 -78.39
CA ASN A 520 -84.77 47.92 -79.05
C ASN A 520 -83.70 47.19 -78.27
N GLU A 521 -84.07 46.07 -77.63
CA GLU A 521 -83.06 45.23 -77.01
C GLU A 521 -82.10 44.65 -78.04
N ALA A 522 -82.52 44.57 -79.30
CA ALA A 522 -81.66 44.11 -80.39
C ALA A 522 -80.72 45.20 -80.91
N HIS A 523 -80.88 46.43 -80.45
CA HIS A 523 -80.03 47.52 -80.91
C HIS A 523 -78.62 47.37 -80.35
N VAL A 524 -77.63 47.50 -81.22
CA VAL A 524 -76.22 47.38 -80.84
C VAL A 524 -75.51 48.68 -81.21
N ILE A 525 -74.62 49.13 -80.31
CA ILE A 525 -73.78 50.29 -80.55
C ILE A 525 -72.34 49.81 -80.54
N THR A 526 -71.59 50.17 -81.58
CA THR A 526 -70.25 49.67 -81.77
C THR A 526 -69.23 50.79 -81.71
N MET A 527 -68.05 50.45 -81.22
CA MET A 527 -66.92 51.38 -81.15
C MET A 527 -65.68 50.59 -81.54
N ARG A 528 -64.63 51.30 -81.92
CA ARG A 528 -63.42 50.66 -82.40
C ARG A 528 -62.31 50.86 -81.38
N VAL A 529 -61.77 49.77 -80.87
CA VAL A 529 -60.91 49.81 -79.69
C VAL A 529 -59.48 49.44 -80.08
N LYS A 530 -58.53 50.04 -79.37
CA LYS A 530 -57.12 49.81 -79.63
C LYS A 530 -56.72 48.40 -79.19
N LYS A 531 -55.64 47.92 -79.78
CA LYS A 531 -55.08 46.61 -79.43
C LYS A 531 -53.63 46.76 -78.98
N MET B 1 -2.58 31.71 -55.42
CA MET B 1 -3.26 30.82 -56.35
C MET B 1 -2.25 30.03 -57.18
N SER B 2 -2.36 28.71 -57.14
CA SER B 2 -1.43 27.85 -57.85
C SER B 2 -1.68 27.90 -59.35
N SER B 3 -0.68 27.44 -60.11
CA SER B 3 -0.76 27.41 -61.57
C SER B 3 -1.33 26.08 -62.02
N PRO B 4 -2.57 26.02 -62.52
CA PRO B 4 -3.16 24.73 -62.89
C PRO B 4 -2.79 24.25 -64.28
N ALA B 5 -2.05 25.03 -65.07
CA ALA B 5 -1.73 24.62 -66.43
C ALA B 5 -0.93 23.33 -66.46
N SER B 6 -0.10 23.09 -65.43
CA SER B 6 0.69 21.87 -65.35
C SER B 6 -0.17 20.64 -65.08
N TRP B 7 -1.42 20.82 -64.63
CA TRP B 7 -2.31 19.73 -64.33
C TRP B 7 -3.29 19.44 -65.46
N ASN B 8 -3.14 20.12 -66.60
CA ASN B 8 -3.99 19.95 -67.78
C ASN B 8 -3.56 18.72 -68.59
N LYS B 9 -3.86 17.56 -68.01
CA LYS B 9 -3.58 16.22 -68.50
C LYS B 9 -4.22 15.98 -69.87
N GLU B 10 -3.80 14.87 -70.52
CA GLU B 10 -4.71 13.72 -70.66
C GLU B 10 -4.00 12.38 -70.44
N ASP B 11 -2.82 12.35 -69.79
CA ASP B 11 -1.93 11.18 -69.82
C ASP B 11 -1.67 10.52 -68.45
N PHE B 12 -2.52 10.75 -67.47
CA PHE B 12 -2.37 10.23 -66.13
C PHE B 12 -2.88 8.79 -66.03
N PRO B 13 -2.40 8.02 -65.04
CA PRO B 13 -2.87 6.62 -64.91
C PRO B 13 -4.38 6.49 -64.82
N TRP B 14 -5.07 7.54 -64.35
CA TRP B 14 -6.52 7.49 -64.20
C TRP B 14 -7.26 8.27 -65.29
N SER B 15 -6.53 8.87 -66.24
CA SER B 15 -7.18 9.71 -67.25
C SER B 15 -8.18 8.91 -68.08
N GLY B 16 -7.90 7.63 -68.33
CA GLY B 16 -8.86 6.80 -69.03
C GLY B 16 -10.16 6.65 -68.27
N LYS B 17 -10.06 6.30 -66.98
CA LYS B 17 -11.26 6.15 -66.17
C LYS B 17 -11.96 7.49 -66.00
N VAL B 18 -11.20 8.58 -65.86
CA VAL B 18 -11.82 9.89 -65.71
C VAL B 18 -12.65 10.23 -66.94
N LYS B 19 -12.07 10.04 -68.13
CA LYS B 19 -12.82 10.32 -69.36
C LYS B 19 -14.02 9.41 -69.50
N ASP B 20 -13.87 8.12 -69.18
CA ASP B 20 -14.98 7.19 -69.32
C ASP B 20 -16.12 7.56 -68.39
N VAL B 21 -15.82 7.91 -67.13
CA VAL B 21 -16.86 8.29 -66.19
C VAL B 21 -17.51 9.60 -66.62
N LEU B 22 -16.72 10.53 -67.15
CA LEU B 22 -17.29 11.81 -67.57
C LEU B 22 -18.27 11.63 -68.72
N GLN B 23 -17.92 10.80 -69.70
CA GLN B 23 -18.75 10.70 -70.89
C GLN B 23 -19.87 9.70 -70.76
N ASN B 24 -19.63 8.57 -70.11
CA ASN B 24 -20.61 7.48 -70.03
C ASN B 24 -21.43 7.48 -68.75
N VAL B 25 -20.90 7.97 -67.63
CA VAL B 25 -21.64 7.98 -66.38
C VAL B 25 -22.38 9.30 -66.22
N PHE B 26 -21.64 10.41 -66.27
CA PHE B 26 -22.22 11.73 -66.10
C PHE B 26 -22.83 12.29 -67.38
N LYS B 27 -22.65 11.61 -68.52
CA LYS B 27 -23.25 12.02 -69.79
C LYS B 27 -22.84 13.45 -70.16
N LEU B 28 -21.56 13.77 -69.93
CA LEU B 28 -21.00 15.07 -70.27
C LEU B 28 -20.00 14.91 -71.42
N GLN B 29 -19.71 16.01 -72.09
CA GLN B 29 -18.85 15.99 -73.27
C GLN B 29 -17.46 16.53 -73.02
N LYS B 30 -17.33 17.74 -72.47
CA LYS B 30 -16.03 18.35 -72.27
C LYS B 30 -15.98 19.03 -70.91
N PHE B 31 -14.80 18.98 -70.27
CA PHE B 31 -14.63 19.61 -68.98
C PHE B 31 -14.72 21.12 -69.08
N ARG B 32 -15.42 21.73 -68.12
CA ARG B 32 -15.37 23.16 -67.97
C ARG B 32 -13.97 23.56 -67.48
N PRO B 33 -13.58 24.83 -67.65
CA PRO B 33 -12.25 25.23 -67.20
C PRO B 33 -12.05 24.93 -65.71
N LEU B 34 -10.86 24.42 -65.40
CA LEU B 34 -10.35 24.09 -64.06
C LEU B 34 -10.99 22.84 -63.49
N GLN B 35 -11.97 22.24 -64.17
CA GLN B 35 -12.54 20.99 -63.71
C GLN B 35 -11.52 19.87 -63.80
N LEU B 36 -10.90 19.74 -64.97
CA LEU B 36 -9.94 18.67 -65.21
C LEU B 36 -8.81 18.74 -64.20
N GLU B 37 -8.20 19.92 -64.07
CA GLU B 37 -7.03 20.08 -63.19
C GLU B 37 -7.38 19.74 -61.74
N THR B 38 -8.53 20.19 -61.26
CA THR B 38 -8.94 19.92 -59.90
C THR B 38 -9.18 18.44 -59.66
N ILE B 39 -9.93 17.79 -60.55
CA ILE B 39 -10.15 16.35 -60.42
C ILE B 39 -8.81 15.62 -60.39
N ASN B 40 -7.83 16.10 -61.14
CA ASN B 40 -6.53 15.45 -61.20
C ASN B 40 -5.74 15.60 -59.92
N VAL B 41 -5.78 16.79 -59.33
CA VAL B 41 -5.09 16.97 -58.07
C VAL B 41 -5.74 16.09 -57.01
N THR B 42 -7.06 15.96 -57.07
CA THR B 42 -7.76 15.08 -56.13
C THR B 42 -7.37 13.61 -56.34
N MET B 43 -7.31 13.16 -57.60
CA MET B 43 -7.00 11.76 -57.86
C MET B 43 -5.54 11.42 -57.60
N SER B 44 -4.64 12.41 -57.62
CA SER B 44 -3.26 12.17 -57.26
C SER B 44 -3.05 12.07 -55.76
N GLY B 45 -4.13 12.11 -54.98
CA GLY B 45 -4.05 12.00 -53.54
C GLY B 45 -3.65 13.27 -52.83
N LYS B 46 -3.85 14.42 -53.46
CA LYS B 46 -3.50 15.72 -52.88
C LYS B 46 -4.76 16.50 -52.54
N GLU B 47 -4.61 17.45 -51.63
CA GLU B 47 -5.70 18.35 -51.28
C GLU B 47 -5.78 19.48 -52.28
N VAL B 48 -6.98 20.03 -52.46
CA VAL B 48 -7.16 21.13 -53.40
C VAL B 48 -8.36 21.97 -52.98
N PHE B 49 -8.27 23.27 -53.24
CA PHE B 49 -9.35 24.21 -52.95
C PHE B 49 -9.76 24.87 -54.26
N LEU B 50 -11.04 24.79 -54.60
CA LEU B 50 -11.56 25.31 -55.86
C LEU B 50 -12.46 26.50 -55.62
N VAL B 51 -12.11 27.64 -56.21
CA VAL B 51 -12.92 28.84 -56.20
C VAL B 51 -13.54 28.98 -57.59
N MET B 52 -14.86 28.83 -57.68
CA MET B 52 -15.56 28.89 -58.95
C MET B 52 -16.94 29.48 -58.70
N PRO B 53 -17.41 30.36 -59.59
CA PRO B 53 -18.70 31.03 -59.35
C PRO B 53 -19.86 30.03 -59.28
N THR B 54 -20.93 30.46 -58.62
CA THR B 54 -22.13 29.64 -58.51
C THR B 54 -22.66 29.29 -59.89
N GLY B 55 -22.99 28.02 -60.09
CA GLY B 55 -23.39 27.55 -61.40
C GLY B 55 -22.26 27.16 -62.31
N GLY B 56 -21.02 27.17 -61.81
CA GLY B 56 -19.88 26.85 -62.64
C GLY B 56 -19.68 25.38 -62.90
N GLY B 57 -20.19 24.51 -62.03
CA GLY B 57 -19.88 23.10 -62.13
C GLY B 57 -18.87 22.59 -61.12
N LYS B 58 -18.95 23.07 -59.88
CA LYS B 58 -17.99 22.66 -58.86
C LYS B 58 -18.25 21.25 -58.36
N SER B 59 -19.52 20.81 -58.34
CA SER B 59 -19.84 19.53 -57.72
C SER B 59 -19.15 18.37 -58.43
N LEU B 60 -19.08 18.44 -59.76
CA LEU B 60 -18.46 17.35 -60.52
C LEU B 60 -17.04 17.09 -60.06
N CYS B 61 -16.35 18.13 -59.59
CA CYS B 61 -14.95 18.00 -59.20
C CYS B 61 -14.77 17.08 -58.01
N TYR B 62 -15.83 16.81 -57.25
CA TYR B 62 -15.78 15.75 -56.25
C TYR B 62 -16.69 14.59 -56.59
N GLN B 63 -17.65 14.76 -57.49
CA GLN B 63 -18.50 13.65 -57.86
C GLN B 63 -17.77 12.68 -58.78
N LEU B 64 -17.01 13.20 -59.73
CA LEU B 64 -16.28 12.34 -60.66
C LEU B 64 -15.22 11.48 -59.97
N PRO B 65 -14.33 12.02 -59.13
CA PRO B 65 -13.33 11.13 -58.48
C PRO B 65 -13.94 10.02 -57.65
N ALA B 66 -15.07 10.29 -56.99
CA ALA B 66 -15.72 9.27 -56.17
C ALA B 66 -16.15 8.08 -57.00
N LEU B 67 -16.43 8.29 -58.29
CA LEU B 67 -16.85 7.22 -59.18
C LEU B 67 -15.66 6.52 -59.85
N CYS B 68 -14.44 7.02 -59.67
CA CYS B 68 -13.26 6.34 -60.21
C CYS B 68 -12.48 5.57 -59.16
N SER B 69 -12.51 6.00 -57.92
CA SER B 69 -11.88 5.28 -56.82
C SER B 69 -12.85 4.24 -56.28
N ASP B 70 -12.37 3.45 -55.31
CA ASP B 70 -13.20 2.45 -54.67
C ASP B 70 -13.79 3.03 -53.38
N GLY B 71 -14.96 2.53 -53.01
CA GLY B 71 -15.62 3.01 -51.83
C GLY B 71 -16.48 4.24 -52.06
N PHE B 72 -16.58 5.10 -51.06
CA PHE B 72 -17.43 6.28 -51.11
C PHE B 72 -16.62 7.53 -50.77
N THR B 73 -17.24 8.68 -50.96
CA THR B 73 -16.65 9.98 -50.62
C THR B 73 -17.59 10.71 -49.66
N LEU B 74 -17.02 11.25 -48.58
CA LEU B 74 -17.79 12.02 -47.62
C LEU B 74 -17.85 13.48 -48.05
N VAL B 75 -19.05 14.03 -48.09
CA VAL B 75 -19.29 15.41 -48.51
C VAL B 75 -19.92 16.15 -47.33
N ILE B 76 -19.22 17.13 -46.79
CA ILE B 76 -19.74 17.98 -45.73
C ILE B 76 -20.49 19.14 -46.36
N CYS B 77 -21.81 19.20 -46.14
CA CYS B 77 -22.62 20.28 -46.68
C CYS B 77 -23.38 20.95 -45.54
N PRO B 78 -23.37 22.29 -45.46
CA PRO B 78 -24.00 22.94 -44.32
C PRO B 78 -25.51 22.89 -44.33
N LEU B 79 -26.13 23.09 -45.50
CA LEU B 79 -27.58 23.15 -45.62
C LEU B 79 -28.10 21.89 -46.30
N ILE B 80 -29.34 21.54 -45.95
CA ILE B 80 -29.96 20.32 -46.45
C ILE B 80 -30.45 20.49 -47.88
N SER B 81 -30.78 21.72 -48.29
CA SER B 81 -31.29 21.95 -49.64
C SER B 81 -30.27 21.55 -50.71
N LEU B 82 -29.03 22.04 -50.60
CA LEU B 82 -28.00 21.63 -51.54
C LEU B 82 -27.79 20.13 -51.54
N MET B 83 -27.95 19.50 -50.37
CA MET B 83 -27.86 18.05 -50.32
C MET B 83 -28.94 17.43 -51.20
N GLU B 84 -30.19 17.87 -51.05
CA GLU B 84 -31.26 17.29 -51.87
C GLU B 84 -31.05 17.57 -53.36
N ASP B 85 -30.50 18.73 -53.70
CA ASP B 85 -30.17 19.03 -55.09
C ASP B 85 -29.15 18.04 -55.65
N GLN B 86 -28.03 17.85 -54.94
CA GLN B 86 -27.02 16.91 -55.42
C GLN B 86 -27.55 15.49 -55.43
N LEU B 87 -28.42 15.15 -54.47
CA LEU B 87 -29.02 13.82 -54.45
C LEU B 87 -29.91 13.63 -55.67
N MET B 88 -30.61 14.69 -56.09
CA MET B 88 -31.37 14.64 -57.33
C MET B 88 -30.46 14.28 -58.50
N VAL B 89 -29.45 15.12 -58.72
CA VAL B 89 -28.56 14.94 -59.88
C VAL B 89 -27.94 13.54 -59.87
N LEU B 90 -27.53 13.07 -58.69
CA LEU B 90 -26.90 11.76 -58.61
C LEU B 90 -27.89 10.63 -58.83
N LYS B 91 -29.08 10.72 -58.23
CA LYS B 91 -30.04 9.62 -58.32
C LYS B 91 -30.60 9.50 -59.73
N GLN B 92 -30.80 10.62 -60.43
CA GLN B 92 -31.25 10.51 -61.82
C GLN B 92 -30.20 9.79 -62.65
N LEU B 93 -28.94 10.08 -62.43
CA LEU B 93 -27.85 9.50 -63.20
C LEU B 93 -27.60 8.04 -62.86
N GLY B 94 -28.32 7.49 -61.89
CA GLY B 94 -28.08 6.11 -61.49
C GLY B 94 -26.89 5.96 -60.57
N ILE B 95 -26.45 7.04 -59.94
CA ILE B 95 -25.34 7.02 -59.01
C ILE B 95 -25.93 6.93 -57.60
N SER B 96 -25.61 5.85 -56.89
CA SER B 96 -26.14 5.65 -55.56
C SER B 96 -25.43 6.58 -54.58
N ALA B 97 -26.19 7.51 -54.00
CA ALA B 97 -25.67 8.42 -52.98
C ALA B 97 -26.75 8.61 -51.93
N THR B 98 -26.33 9.08 -50.76
CA THR B 98 -27.26 9.25 -49.65
C THR B 98 -26.82 10.41 -48.77
N MET B 99 -27.73 10.86 -47.92
CA MET B 99 -27.47 11.97 -47.00
C MET B 99 -27.87 11.55 -45.59
N LEU B 100 -27.27 12.22 -44.61
CA LEU B 100 -27.49 11.87 -43.20
C LEU B 100 -27.37 13.15 -42.38
N ASN B 101 -28.51 13.73 -42.03
CA ASN B 101 -28.58 14.91 -41.19
C ASN B 101 -29.12 14.54 -39.81
N ALA B 102 -29.29 15.56 -38.97
CA ALA B 102 -29.80 15.34 -37.62
C ALA B 102 -31.26 14.89 -37.65
N SER B 103 -32.01 15.35 -38.64
CA SER B 103 -33.45 15.07 -38.73
C SER B 103 -33.75 13.85 -39.60
N SER B 104 -32.81 12.92 -39.71
CA SER B 104 -33.01 11.69 -40.46
C SER B 104 -33.54 10.59 -39.55
N PRO B 105 -34.41 9.73 -40.05
CA PRO B 105 -35.02 8.71 -39.20
C PRO B 105 -34.01 7.66 -38.76
N LYS B 106 -34.48 6.77 -37.90
CA LYS B 106 -33.58 5.86 -37.17
C LYS B 106 -33.02 4.79 -38.09
N GLU B 107 -33.91 4.07 -38.78
CA GLU B 107 -33.48 3.01 -39.67
C GLU B 107 -32.62 3.53 -40.82
N HIS B 108 -32.88 4.74 -41.32
CA HIS B 108 -32.01 5.26 -42.36
C HIS B 108 -30.59 5.45 -41.83
N VAL B 109 -30.46 5.92 -40.59
CA VAL B 109 -29.14 6.03 -39.98
C VAL B 109 -28.51 4.65 -39.87
N LYS B 110 -29.30 3.65 -39.45
CA LYS B 110 -28.78 2.28 -39.36
C LYS B 110 -28.34 1.77 -40.73
N TRP B 111 -29.10 2.10 -41.77
CA TRP B 111 -28.80 1.66 -43.13
C TRP B 111 -27.48 2.25 -43.60
N VAL B 112 -27.30 3.56 -43.42
CA VAL B 112 -26.05 4.18 -43.83
C VAL B 112 -24.89 3.60 -43.03
N HIS B 113 -25.08 3.42 -41.71
CA HIS B 113 -24.02 2.88 -40.87
C HIS B 113 -23.61 1.48 -41.34
N ALA B 114 -24.57 0.63 -41.65
CA ALA B 114 -24.24 -0.71 -42.12
C ALA B 114 -23.67 -0.68 -43.54
N GLU B 115 -24.04 0.34 -44.34
CA GLU B 115 -23.54 0.41 -45.70
C GLU B 115 -22.07 0.85 -45.74
N MET B 116 -21.64 1.65 -44.76
CA MET B 116 -20.26 2.12 -44.76
C MET B 116 -19.28 0.95 -44.62
N VAL B 117 -19.56 0.02 -43.72
CA VAL B 117 -18.64 -1.11 -43.51
C VAL B 117 -18.86 -2.21 -44.55
N ASN B 118 -19.97 -2.19 -45.27
CA ASN B 118 -20.22 -3.19 -46.30
C ASN B 118 -19.26 -3.00 -47.47
N LYS B 119 -18.63 -4.09 -47.90
CA LYS B 119 -17.64 -4.00 -48.96
C LYS B 119 -18.29 -3.90 -50.34
N ASN B 120 -19.35 -4.67 -50.56
CA ASN B 120 -20.10 -4.65 -51.81
C ASN B 120 -21.19 -3.57 -51.83
N SER B 121 -21.08 -2.57 -50.96
CA SER B 121 -22.03 -1.47 -50.97
C SER B 121 -21.82 -0.56 -52.17
N LYS B 122 -22.88 -0.35 -52.94
CA LYS B 122 -22.90 0.50 -54.12
C LYS B 122 -22.82 1.98 -53.80
N LEU B 123 -22.78 2.35 -52.53
CA LEU B 123 -22.79 3.75 -52.13
C LEU B 123 -21.49 4.42 -52.53
N LYS B 124 -21.59 5.60 -53.15
CA LYS B 124 -20.42 6.33 -53.64
C LYS B 124 -20.28 7.72 -53.04
N LEU B 125 -21.34 8.31 -52.50
CA LEU B 125 -21.26 9.65 -51.93
C LEU B 125 -22.20 9.73 -50.73
N ILE B 126 -21.64 10.09 -49.57
CA ILE B 126 -22.41 10.29 -48.35
C ILE B 126 -22.31 11.76 -47.97
N TYR B 127 -23.43 12.47 -48.09
CA TYR B 127 -23.53 13.86 -47.67
C TYR B 127 -23.95 13.92 -46.21
N VAL B 128 -23.21 14.68 -45.40
CA VAL B 128 -23.54 14.87 -44.00
C VAL B 128 -23.29 16.32 -43.61
N THR B 129 -24.00 16.77 -42.57
CA THR B 129 -23.81 18.09 -42.01
C THR B 129 -22.59 18.11 -41.10
N PRO B 130 -21.95 19.27 -40.90
CA PRO B 130 -20.81 19.34 -39.98
C PRO B 130 -21.17 18.97 -38.56
N GLU B 131 -22.44 19.09 -38.18
CA GLU B 131 -22.86 18.65 -36.86
C GLU B 131 -22.80 17.13 -36.73
N LYS B 132 -23.01 16.41 -37.83
CA LYS B 132 -22.88 14.96 -37.80
C LYS B 132 -21.45 14.54 -37.51
N ILE B 133 -20.47 15.35 -37.91
CA ILE B 133 -19.10 15.07 -37.54
C ILE B 133 -18.82 15.53 -36.12
N ALA B 134 -19.29 16.74 -35.77
CA ALA B 134 -18.95 17.32 -34.48
C ALA B 134 -19.67 16.61 -33.33
N LYS B 135 -20.94 16.26 -33.50
CA LYS B 135 -21.79 15.86 -32.39
C LYS B 135 -22.32 14.43 -32.52
N SER B 136 -21.60 13.55 -33.23
CA SER B 136 -22.00 12.14 -33.33
C SER B 136 -20.78 11.26 -33.13
N LYS B 137 -20.74 10.51 -32.03
CA LYS B 137 -19.63 9.58 -31.81
C LYS B 137 -19.78 8.32 -32.65
N MET B 138 -21.01 7.85 -32.86
CA MET B 138 -21.21 6.65 -33.65
C MET B 138 -20.83 6.86 -35.11
N PHE B 139 -21.15 8.03 -35.65
CA PHE B 139 -20.74 8.36 -37.01
C PHE B 139 -19.23 8.38 -37.15
N MET B 140 -18.53 9.01 -36.20
CA MET B 140 -17.07 9.01 -36.24
C MET B 140 -16.51 7.59 -36.14
N SER B 141 -17.14 6.73 -35.33
CA SER B 141 -16.66 5.37 -35.22
C SER B 141 -16.82 4.62 -36.54
N ARG B 142 -17.94 4.85 -37.22
CA ARG B 142 -18.14 4.18 -38.51
C ARG B 142 -17.18 4.73 -39.56
N LEU B 143 -16.89 6.03 -39.49
CA LEU B 143 -15.87 6.61 -40.37
C LEU B 143 -14.51 5.99 -40.14
N GLU B 144 -14.14 5.79 -38.88
CA GLU B 144 -12.87 5.11 -38.57
C GLU B 144 -12.86 3.71 -39.16
N LYS B 145 -13.96 2.96 -38.97
CA LYS B 145 -14.02 1.60 -39.47
C LYS B 145 -13.89 1.56 -40.99
N ALA B 146 -14.54 2.49 -41.69
CA ALA B 146 -14.46 2.52 -43.14
C ALA B 146 -13.08 2.97 -43.61
N TYR B 147 -12.48 3.94 -42.93
CA TYR B 147 -11.15 4.41 -43.29
C TYR B 147 -10.13 3.29 -43.18
N GLU B 148 -10.15 2.56 -42.07
CA GLU B 148 -9.21 1.45 -41.92
C GLU B 148 -9.49 0.33 -42.92
N ALA B 149 -10.74 0.21 -43.36
CA ALA B 149 -11.11 -0.80 -44.35
C ALA B 149 -10.84 -0.37 -45.78
N ARG B 150 -10.20 0.78 -45.98
CA ARG B 150 -9.88 1.32 -47.30
C ARG B 150 -11.13 1.54 -48.15
N ARG B 151 -12.25 1.85 -47.50
CA ARG B 151 -13.49 2.23 -48.18
C ARG B 151 -13.68 3.73 -48.22
N PHE B 152 -13.34 4.42 -47.14
CA PHE B 152 -13.42 5.88 -47.07
C PHE B 152 -12.08 6.45 -47.52
N THR B 153 -12.07 7.19 -48.62
CA THR B 153 -10.83 7.67 -49.22
C THR B 153 -10.80 9.16 -49.55
N ARG B 154 -11.94 9.82 -49.71
CA ARG B 154 -11.97 11.22 -50.12
C ARG B 154 -12.93 12.01 -49.25
N ILE B 155 -12.58 13.26 -49.02
CA ILE B 155 -13.37 14.21 -48.24
C ILE B 155 -13.64 15.43 -49.11
N ALA B 156 -14.90 15.83 -49.19
CA ALA B 156 -15.29 17.03 -49.91
C ALA B 156 -16.00 17.97 -48.95
N VAL B 157 -15.48 19.19 -48.82
CA VAL B 157 -16.05 20.20 -47.93
C VAL B 157 -16.67 21.27 -48.83
N ASP B 158 -17.99 21.24 -48.93
CA ASP B 158 -18.72 22.25 -49.67
C ASP B 158 -18.86 23.52 -48.82
N GLU B 159 -18.89 24.67 -49.50
CA GLU B 159 -18.95 25.96 -48.83
C GLU B 159 -17.89 26.07 -47.75
N VAL B 160 -16.64 25.80 -48.14
CA VAL B 160 -15.53 25.76 -47.19
C VAL B 160 -15.30 27.11 -46.53
N HIS B 161 -15.77 28.19 -47.15
CA HIS B 161 -15.62 29.52 -46.56
C HIS B 161 -16.34 29.64 -45.23
N CYS B 162 -17.26 28.70 -44.93
CA CYS B 162 -17.95 28.73 -43.65
C CYS B 162 -17.03 28.41 -42.48
N CYS B 163 -15.85 27.83 -42.72
CA CYS B 163 -14.92 27.62 -41.61
C CYS B 163 -14.43 28.96 -41.06
N SER B 164 -14.18 29.92 -41.95
CA SER B 164 -13.61 31.19 -41.55
C SER B 164 -14.70 32.09 -40.98
N GLN B 165 -14.36 32.80 -39.91
CA GLN B 165 -15.25 33.80 -39.33
C GLN B 165 -15.19 35.14 -40.05
N TRP B 166 -14.63 35.16 -41.26
CA TRP B 166 -14.51 36.38 -42.05
C TRP B 166 -15.33 36.36 -43.32
N GLY B 167 -15.53 35.19 -43.92
CA GLY B 167 -16.31 35.07 -45.14
C GLY B 167 -17.81 35.19 -44.89
N HIS B 168 -18.56 34.84 -45.93
CA HIS B 168 -20.01 34.80 -45.82
C HIS B 168 -20.40 33.59 -44.96
N ASP B 169 -21.64 33.59 -44.49
CA ASP B 169 -21.94 33.31 -43.09
C ASP B 169 -21.10 32.16 -42.54
N PHE B 170 -20.38 32.46 -41.47
CA PHE B 170 -19.52 31.49 -40.81
C PHE B 170 -20.35 30.49 -40.00
N ARG B 171 -20.04 29.21 -40.15
CA ARG B 171 -20.68 28.21 -39.30
C ARG B 171 -19.75 27.83 -38.18
N PRO B 172 -20.19 27.86 -36.92
CA PRO B 172 -19.29 27.40 -35.84
C PRO B 172 -18.97 25.92 -35.92
N ASP B 173 -19.91 25.09 -36.41
CA ASP B 173 -19.65 23.66 -36.53
C ASP B 173 -18.45 23.40 -37.41
N TYR B 174 -18.20 24.27 -38.40
CA TYR B 174 -17.12 24.06 -39.34
C TYR B 174 -15.76 24.10 -38.65
N LYS B 175 -15.69 24.75 -37.48
CA LYS B 175 -14.44 24.76 -36.73
C LYS B 175 -13.99 23.34 -36.40
N ALA B 176 -14.94 22.46 -36.09
CA ALA B 176 -14.57 21.10 -35.72
C ALA B 176 -14.13 20.26 -36.93
N LEU B 177 -14.43 20.72 -38.15
CA LEU B 177 -14.15 19.91 -39.34
C LEU B 177 -12.66 19.61 -39.50
N GLY B 178 -11.79 20.36 -38.85
CA GLY B 178 -10.37 20.06 -38.87
C GLY B 178 -10.02 18.69 -38.34
N ILE B 179 -10.96 18.00 -37.70
CA ILE B 179 -10.66 16.65 -37.23
C ILE B 179 -10.52 15.69 -38.41
N LEU B 180 -11.19 15.97 -39.53
CA LEU B 180 -11.22 15.01 -40.64
C LEU B 180 -9.82 14.71 -41.13
N LYS B 181 -9.12 15.74 -41.62
CA LYS B 181 -7.75 15.56 -42.08
C LYS B 181 -6.82 15.12 -40.96
N ARG B 182 -7.25 15.28 -39.70
CA ARG B 182 -6.44 14.80 -38.59
C ARG B 182 -6.60 13.30 -38.41
N GLN B 183 -7.80 12.77 -38.63
CA GLN B 183 -8.03 11.35 -38.42
C GLN B 183 -7.91 10.51 -39.69
N PHE B 184 -8.01 11.13 -40.86
CA PHE B 184 -7.94 10.42 -42.13
C PHE B 184 -6.92 11.11 -43.04
N PRO B 185 -5.62 11.01 -42.69
CA PRO B 185 -4.61 11.74 -43.48
C PRO B 185 -4.49 11.24 -44.90
N ASN B 186 -4.64 9.93 -45.13
CA ASN B 186 -4.56 9.40 -46.49
C ASN B 186 -5.78 9.75 -47.34
N ALA B 187 -6.83 10.31 -46.74
CA ALA B 187 -8.01 10.71 -47.48
C ALA B 187 -7.77 12.06 -48.12
N SER B 188 -7.98 12.16 -49.43
CA SER B 188 -7.73 13.40 -50.15
C SER B 188 -8.88 14.37 -49.93
N LEU B 189 -8.54 15.62 -49.57
CA LEU B 189 -9.56 16.62 -49.25
C LEU B 189 -9.64 17.68 -50.33
N ILE B 190 -10.87 17.95 -50.77
CA ILE B 190 -11.17 19.04 -51.70
C ILE B 190 -12.20 19.95 -51.06
N GLY B 191 -11.90 21.24 -51.01
CA GLY B 191 -12.83 22.24 -50.53
C GLY B 191 -13.34 23.07 -51.70
N LEU B 192 -14.64 23.34 -51.70
CA LEU B 192 -15.30 24.07 -52.77
C LEU B 192 -15.85 25.38 -52.25
N THR B 193 -15.78 26.43 -53.06
CA THR B 193 -16.29 27.74 -52.65
C THR B 193 -16.47 28.64 -53.85
N ALA B 194 -17.27 29.68 -53.67
CA ALA B 194 -17.53 30.69 -54.70
C ALA B 194 -17.08 32.10 -54.32
N THR B 195 -16.62 32.33 -53.09
CA THR B 195 -16.20 33.64 -52.62
C THR B 195 -14.71 33.59 -52.28
N ALA B 196 -13.88 34.25 -53.10
CA ALA B 196 -12.47 33.87 -53.12
C ALA B 196 -11.69 34.44 -51.94
N THR B 197 -11.63 35.76 -51.81
CA THR B 197 -11.31 36.44 -50.54
C THR B 197 -10.12 35.78 -49.85
N SER B 198 -8.97 35.80 -50.52
CA SER B 198 -7.87 34.89 -50.19
C SER B 198 -7.45 34.92 -48.72
N HIS B 199 -7.77 35.97 -47.97
CA HIS B 199 -7.68 35.88 -46.51
C HIS B 199 -8.50 34.70 -46.00
N VAL B 200 -9.74 34.59 -46.50
CA VAL B 200 -10.60 33.48 -46.12
C VAL B 200 -10.02 32.17 -46.63
N LEU B 201 -9.38 32.19 -47.81
CA LEU B 201 -8.81 30.95 -48.35
C LEU B 201 -7.65 30.44 -47.49
N LYS B 202 -6.84 31.35 -46.92
CA LYS B 202 -5.81 30.90 -45.99
C LYS B 202 -6.46 30.38 -44.72
N ASP B 203 -7.51 31.07 -44.29
CA ASP B 203 -8.35 30.48 -43.27
C ASP B 203 -9.00 29.23 -43.84
N ALA B 204 -9.26 28.28 -42.95
CA ALA B 204 -9.94 27.02 -43.20
C ALA B 204 -9.06 26.06 -43.97
N GLN B 205 -7.89 26.54 -44.43
CA GLN B 205 -6.69 25.73 -44.45
C GLN B 205 -6.16 25.63 -43.04
N LYS B 206 -6.13 26.78 -42.37
CA LYS B 206 -5.86 26.77 -40.94
C LYS B 206 -6.86 25.88 -40.18
N ILE B 207 -8.16 26.04 -40.44
CA ILE B 207 -9.14 25.28 -39.68
C ILE B 207 -9.15 23.81 -40.08
N LEU B 208 -9.06 23.51 -41.38
CA LEU B 208 -9.08 22.12 -41.81
C LEU B 208 -7.74 21.41 -41.69
N CYS B 209 -6.68 22.12 -41.26
CA CYS B 209 -5.34 21.53 -41.15
C CYS B 209 -4.84 21.02 -42.50
N VAL B 210 -5.13 21.77 -43.56
CA VAL B 210 -4.72 21.47 -44.92
C VAL B 210 -3.86 22.59 -45.50
N GLU B 211 -3.21 23.37 -44.64
CA GLU B 211 -2.57 24.63 -45.01
C GLU B 211 -1.63 24.51 -46.21
N LYS B 212 -1.10 23.33 -46.50
CA LYS B 212 -0.17 23.14 -47.60
C LYS B 212 -0.91 22.35 -48.69
N CYS B 213 -1.56 23.08 -49.59
CA CYS B 213 -2.37 22.45 -50.62
C CYS B 213 -2.49 23.39 -51.82
N PHE B 214 -2.92 22.81 -52.94
CA PHE B 214 -3.19 23.60 -54.14
C PHE B 214 -4.47 24.41 -53.99
N THR B 215 -4.50 25.58 -54.64
CA THR B 215 -5.67 26.45 -54.61
C THR B 215 -5.87 26.99 -56.02
N PHE B 216 -6.87 26.46 -56.72
CA PHE B 216 -7.21 26.91 -58.07
C PHE B 216 -8.41 27.85 -58.00
N THR B 217 -8.32 28.97 -58.72
CA THR B 217 -9.42 29.90 -58.86
C THR B 217 -9.72 30.12 -60.33
N ALA B 218 -10.99 30.33 -60.64
CA ALA B 218 -11.44 30.50 -62.01
C ALA B 218 -11.51 31.98 -62.37
N SER B 219 -11.39 32.24 -63.67
CA SER B 219 -11.55 33.61 -64.18
C SER B 219 -13.01 34.01 -64.04
N PHE B 220 -13.28 34.92 -63.11
CA PHE B 220 -14.66 35.32 -62.83
C PHE B 220 -15.28 36.14 -63.96
N ASN B 221 -14.45 36.71 -64.83
CA ASN B 221 -14.99 37.49 -65.95
C ASN B 221 -15.66 36.57 -66.96
N ARG B 222 -16.91 36.88 -67.30
CA ARG B 222 -17.68 36.15 -68.30
C ARG B 222 -17.87 37.07 -69.50
N PRO B 223 -17.01 36.98 -70.52
CA PRO B 223 -17.08 37.95 -71.63
C PRO B 223 -18.36 37.84 -72.46
N ASN B 224 -19.07 36.71 -72.40
CA ASN B 224 -20.28 36.54 -73.19
C ASN B 224 -21.51 37.19 -72.56
N LEU B 225 -21.38 37.77 -71.38
CA LEU B 225 -22.52 38.38 -70.68
C LEU B 225 -22.59 39.87 -70.97
N TYR B 226 -23.78 40.33 -71.34
CA TYR B 226 -24.03 41.75 -71.61
C TYR B 226 -24.78 42.33 -70.41
N TYR B 227 -24.17 43.32 -69.76
CA TYR B 227 -24.72 43.92 -68.55
C TYR B 227 -25.48 45.21 -68.90
N GLU B 228 -26.74 45.27 -68.49
CA GLU B 228 -27.58 46.43 -68.77
C GLU B 228 -28.41 46.75 -67.54
N VAL B 229 -28.67 48.04 -67.34
CA VAL B 229 -29.51 48.53 -66.25
C VAL B 229 -30.64 49.34 -66.85
N ARG B 230 -31.88 48.98 -66.52
CA ARG B 230 -33.05 49.69 -67.01
C ARG B 230 -33.85 50.26 -65.85
N GLN B 231 -34.68 51.24 -66.16
CA GLN B 231 -35.49 51.91 -65.16
C GLN B 231 -36.71 51.08 -64.77
N LYS B 232 -36.99 51.05 -63.46
CA LYS B 232 -38.13 50.31 -62.94
C LYS B 232 -39.31 51.27 -62.82
N PRO B 233 -40.39 51.07 -63.57
CA PRO B 233 -41.54 51.97 -63.45
C PRO B 233 -42.17 51.87 -62.07
N SER B 234 -42.62 53.02 -61.56
CA SER B 234 -43.19 53.06 -60.22
C SER B 234 -44.45 52.21 -60.12
N ASN B 235 -45.27 52.21 -61.17
CA ASN B 235 -46.45 51.36 -61.20
C ASN B 235 -46.07 49.92 -61.48
N THR B 236 -46.57 49.00 -60.65
CA THR B 236 -46.20 47.59 -60.78
C THR B 236 -46.74 46.96 -62.05
N GLU B 237 -47.90 47.40 -62.53
CA GLU B 237 -48.45 46.78 -63.73
C GLU B 237 -47.70 47.22 -64.98
N ASP B 238 -47.34 48.50 -65.08
CA ASP B 238 -46.43 48.92 -66.14
C ASP B 238 -45.12 48.14 -66.05
N PHE B 239 -44.70 47.81 -64.84
CA PHE B 239 -43.50 47.02 -64.64
C PHE B 239 -43.62 45.64 -65.28
N ILE B 240 -44.71 44.94 -65.00
CA ILE B 240 -44.90 43.62 -65.59
C ILE B 240 -45.11 43.73 -67.10
N GLU B 241 -45.79 44.79 -67.54
CA GLU B 241 -45.96 45.02 -68.97
C GLU B 241 -44.62 45.21 -69.67
N ASP B 242 -43.71 45.96 -69.04
CA ASP B 242 -42.37 46.13 -69.60
C ASP B 242 -41.61 44.82 -69.63
N ILE B 243 -41.78 43.99 -68.60
CA ILE B 243 -41.08 42.70 -68.59
C ILE B 243 -41.58 41.81 -69.73
N VAL B 244 -42.91 41.74 -69.90
CA VAL B 244 -43.47 40.95 -70.99
C VAL B 244 -43.04 41.49 -72.34
N LYS B 245 -42.99 42.83 -72.47
CA LYS B 245 -42.56 43.43 -73.72
C LYS B 245 -41.11 43.08 -74.02
N LEU B 246 -40.24 43.13 -73.01
CA LEU B 246 -38.83 42.83 -73.21
C LEU B 246 -38.66 41.36 -73.61
N ILE B 247 -39.35 40.46 -72.92
CA ILE B 247 -39.21 39.03 -73.21
C ILE B 247 -39.72 38.73 -74.62
N ASN B 248 -40.91 39.22 -74.96
CA ASN B 248 -41.47 38.97 -76.29
C ASN B 248 -40.73 39.69 -77.41
N GLY B 249 -39.98 40.75 -77.10
CA GLY B 249 -39.24 41.46 -78.11
C GLY B 249 -37.88 40.87 -78.38
N ARG B 250 -37.10 40.66 -77.33
CA ARG B 250 -35.71 40.21 -77.45
C ARG B 250 -35.54 38.71 -77.30
N TYR B 251 -36.35 38.09 -76.43
CA TYR B 251 -36.11 36.73 -75.96
C TYR B 251 -37.25 35.74 -76.25
N LYS B 252 -37.83 35.77 -77.46
CA LYS B 252 -38.87 34.81 -77.83
C LYS B 252 -38.40 33.37 -77.66
N GLY B 253 -39.05 32.63 -76.75
CA GLY B 253 -38.79 31.21 -76.65
C GLY B 253 -37.57 30.86 -75.83
N GLN B 254 -36.75 31.85 -75.47
CA GLN B 254 -35.50 31.55 -74.79
C GLN B 254 -35.75 31.41 -73.31
N SER B 255 -34.97 30.52 -72.69
CA SER B 255 -35.06 30.30 -71.25
C SER B 255 -34.49 31.50 -70.50
N GLY B 256 -35.12 31.85 -69.39
CA GLY B 256 -34.65 33.00 -68.63
C GLY B 256 -34.92 32.85 -67.15
N ILE B 257 -34.28 33.72 -66.38
CA ILE B 257 -34.41 33.75 -64.94
C ILE B 257 -34.82 35.16 -64.54
N ILE B 258 -35.73 35.25 -63.58
CA ILE B 258 -36.16 36.53 -63.02
C ILE B 258 -35.96 36.46 -61.51
N TYR B 259 -35.06 37.28 -60.99
CA TYR B 259 -34.78 37.33 -59.56
C TYR B 259 -35.61 38.41 -58.89
N CYS B 260 -36.35 38.01 -57.87
CA CYS B 260 -37.20 38.92 -57.11
C CYS B 260 -36.67 39.05 -55.68
N PHE B 261 -36.93 40.21 -55.08
CA PHE B 261 -36.45 40.46 -53.73
C PHE B 261 -37.25 39.65 -52.70
N SER B 262 -38.57 39.72 -52.76
CA SER B 262 -39.43 39.07 -51.77
C SER B 262 -40.08 37.82 -52.35
N GLN B 263 -40.55 36.97 -51.44
CA GLN B 263 -41.23 35.74 -51.84
C GLN B 263 -42.56 36.05 -52.51
N LYS B 264 -43.39 36.89 -51.87
CA LYS B 264 -44.64 37.28 -52.47
C LYS B 264 -44.41 38.03 -53.78
N ASP B 265 -43.31 38.78 -53.87
CA ASP B 265 -42.95 39.43 -55.13
C ASP B 265 -42.79 38.41 -56.24
N SER B 266 -42.03 37.33 -55.99
CA SER B 266 -41.83 36.30 -57.00
C SER B 266 -43.14 35.62 -57.37
N GLU B 267 -43.95 35.27 -56.37
CA GLU B 267 -45.25 34.64 -56.64
C GLU B 267 -46.10 35.53 -57.55
N GLN B 268 -46.40 36.75 -57.08
CA GLN B 268 -47.06 37.76 -57.91
C GLN B 268 -46.49 37.83 -59.32
N VAL B 269 -45.17 37.87 -59.45
CA VAL B 269 -44.55 38.03 -60.77
C VAL B 269 -44.89 36.84 -61.66
N THR B 270 -44.91 35.63 -61.09
CA THR B 270 -45.30 34.47 -61.88
C THR B 270 -46.74 34.58 -62.33
N ILE B 271 -47.65 34.92 -61.42
CA ILE B 271 -49.06 34.96 -61.76
C ILE B 271 -49.31 36.03 -62.83
N SER B 272 -48.69 37.20 -62.67
CA SER B 272 -48.88 38.28 -63.63
C SER B 272 -48.26 37.95 -64.98
N LEU B 273 -47.12 37.24 -64.99
CA LEU B 273 -46.55 36.82 -66.27
C LEU B 273 -47.43 35.80 -66.96
N GLN B 274 -48.04 34.90 -66.19
CA GLN B 274 -48.94 33.91 -66.79
C GLN B 274 -50.18 34.58 -67.36
N LYS B 275 -50.69 35.60 -66.67
CA LYS B 275 -51.85 36.33 -67.17
C LYS B 275 -51.53 37.05 -68.48
N LEU B 276 -50.26 37.39 -68.72
CA LEU B 276 -49.84 38.12 -69.91
C LEU B 276 -49.30 37.21 -71.01
N GLY B 277 -49.36 35.89 -70.82
CA GLY B 277 -49.03 34.97 -71.88
C GLY B 277 -47.60 34.50 -71.91
N ILE B 278 -46.83 34.70 -70.84
CA ILE B 278 -45.46 34.24 -70.73
C ILE B 278 -45.45 33.04 -69.79
N PRO B 279 -45.20 31.82 -70.28
CA PRO B 279 -45.17 30.66 -69.39
C PRO B 279 -44.05 30.79 -68.37
N ALA B 280 -44.42 30.92 -67.10
CA ALA B 280 -43.47 31.18 -66.03
C ALA B 280 -43.62 30.12 -64.95
N GLY B 281 -42.58 30.01 -64.13
CA GLY B 281 -42.64 29.12 -62.99
C GLY B 281 -41.82 29.62 -61.83
N ALA B 282 -42.28 29.40 -60.61
CA ALA B 282 -41.59 29.90 -59.43
C ALA B 282 -40.65 28.83 -58.88
N TYR B 283 -39.60 29.28 -58.21
CA TYR B 283 -38.60 28.39 -57.63
C TYR B 283 -38.14 28.97 -56.30
N HIS B 284 -38.13 28.14 -55.26
CA HIS B 284 -37.59 28.52 -53.97
C HIS B 284 -36.68 27.41 -53.46
N ALA B 285 -35.61 27.80 -52.76
CA ALA B 285 -34.62 26.83 -52.32
C ALA B 285 -35.18 25.84 -51.31
N ASN B 286 -36.14 26.28 -50.48
CA ASN B 286 -36.71 25.44 -49.44
C ASN B 286 -37.93 24.67 -49.94
N MET B 287 -37.76 23.93 -51.02
CA MET B 287 -38.88 23.24 -51.65
C MET B 287 -38.76 21.72 -51.50
N GLU B 288 -39.88 21.05 -51.72
CA GLU B 288 -39.89 19.60 -51.75
C GLU B 288 -39.03 19.12 -52.91
N PRO B 289 -38.27 18.04 -52.74
CA PRO B 289 -37.52 17.51 -53.90
C PRO B 289 -38.36 17.24 -55.14
N GLU B 290 -39.58 16.72 -54.98
CA GLU B 290 -40.36 16.34 -56.14
C GLU B 290 -40.73 17.55 -56.99
N ASP B 291 -41.18 18.64 -56.35
CA ASP B 291 -41.55 19.83 -57.12
C ASP B 291 -40.33 20.56 -57.67
N LYS B 292 -39.16 20.42 -57.03
CA LYS B 292 -37.94 20.91 -57.66
C LYS B 292 -37.66 20.17 -58.96
N THR B 293 -37.80 18.84 -58.94
CA THR B 293 -37.73 18.08 -60.18
C THR B 293 -38.80 18.53 -61.17
N LYS B 294 -40.00 18.85 -60.67
CA LYS B 294 -41.07 19.33 -61.53
C LYS B 294 -40.66 20.59 -62.28
N VAL B 295 -40.21 21.61 -61.54
CA VAL B 295 -39.87 22.89 -62.15
C VAL B 295 -38.69 22.73 -63.10
N HIS B 296 -37.73 21.87 -62.73
CA HIS B 296 -36.56 21.71 -63.57
C HIS B 296 -36.91 20.98 -64.88
N ARG B 297 -37.79 19.97 -64.81
CA ARG B 297 -38.17 19.29 -66.04
C ARG B 297 -39.10 20.15 -66.89
N ARG B 298 -39.86 21.07 -66.29
CA ARG B 298 -40.65 21.99 -67.09
C ARG B 298 -39.75 23.00 -67.78
N TRP B 299 -38.71 23.46 -67.09
CA TRP B 299 -37.78 24.43 -67.69
C TRP B 299 -36.95 23.78 -68.79
N ALA B 300 -36.37 22.62 -68.53
CA ALA B 300 -35.50 21.96 -69.51
C ALA B 300 -36.25 21.64 -70.80
N ALA B 301 -37.47 21.13 -70.67
CA ALA B 301 -38.31 20.84 -71.83
C ALA B 301 -38.98 22.09 -72.40
N ASN B 302 -38.57 23.28 -71.96
CA ASN B 302 -39.10 24.55 -72.47
C ASN B 302 -40.62 24.60 -72.28
N GLU B 303 -41.11 23.89 -71.27
CA GLU B 303 -42.54 23.92 -70.95
C GLU B 303 -42.90 25.24 -70.27
N ILE B 304 -42.01 25.74 -69.43
CA ILE B 304 -42.07 27.09 -68.89
C ILE B 304 -40.92 27.88 -69.48
N GLN B 305 -41.15 29.17 -69.72
CA GLN B 305 -40.12 29.96 -70.38
C GLN B 305 -39.17 30.62 -69.38
N VAL B 306 -39.71 31.27 -68.36
CA VAL B 306 -38.90 31.94 -67.37
C VAL B 306 -39.14 31.30 -66.01
N VAL B 307 -38.08 31.26 -65.20
CA VAL B 307 -38.18 30.82 -63.81
C VAL B 307 -37.91 32.02 -62.94
N VAL B 308 -38.86 32.36 -62.08
CA VAL B 308 -38.71 33.47 -61.12
C VAL B 308 -38.34 32.87 -59.76
N ALA B 309 -37.22 33.33 -59.22
CA ALA B 309 -36.76 32.87 -57.92
C ALA B 309 -36.51 34.09 -57.05
N THR B 310 -36.71 33.91 -55.75
CA THR B 310 -36.34 34.93 -54.78
C THR B 310 -34.86 34.77 -54.45
N VAL B 311 -34.21 35.84 -54.02
CA VAL B 311 -32.76 35.76 -53.78
C VAL B 311 -32.61 35.30 -52.34
N ALA B 312 -32.66 33.99 -52.16
CA ALA B 312 -32.30 33.27 -50.95
C ALA B 312 -30.88 32.75 -51.08
N PHE B 313 -30.47 31.93 -50.13
CA PHE B 313 -29.15 31.31 -50.09
C PHE B 313 -29.33 29.82 -50.38
N GLY B 314 -28.93 29.37 -51.58
CA GLY B 314 -29.32 28.03 -52.01
C GLY B 314 -30.11 27.86 -53.30
N MET B 315 -30.01 28.82 -54.23
CA MET B 315 -30.67 28.73 -55.54
C MET B 315 -29.90 27.86 -56.53
N GLY B 316 -30.23 26.56 -56.54
CA GLY B 316 -29.67 25.61 -57.48
C GLY B 316 -30.46 25.42 -58.76
N ILE B 317 -30.73 26.50 -59.50
CA ILE B 317 -31.44 26.37 -60.79
C ILE B 317 -30.56 25.71 -61.83
N ASP B 318 -29.40 26.33 -62.12
CA ASP B 318 -28.31 25.65 -62.83
C ASP B 318 -28.70 25.09 -64.21
N LYS B 319 -29.07 25.98 -65.12
CA LYS B 319 -29.43 25.53 -66.46
C LYS B 319 -28.48 26.15 -67.50
N PRO B 320 -28.02 25.34 -68.47
CA PRO B 320 -26.92 25.79 -69.36
C PRO B 320 -27.29 26.88 -70.35
N ASP B 321 -28.55 27.02 -70.74
CA ASP B 321 -28.92 27.88 -71.86
C ASP B 321 -29.80 29.04 -71.40
N VAL B 322 -29.44 29.62 -70.26
CA VAL B 322 -30.16 30.76 -69.71
C VAL B 322 -29.74 32.00 -70.51
N ARG B 323 -30.66 32.51 -71.33
CA ARG B 323 -30.35 33.59 -72.26
C ARG B 323 -30.48 34.97 -71.63
N PHE B 324 -31.22 35.10 -70.52
CA PHE B 324 -31.36 36.39 -69.88
C PHE B 324 -31.69 36.20 -68.40
N VAL B 325 -31.07 37.03 -67.56
CA VAL B 325 -31.37 37.10 -66.14
C VAL B 325 -31.81 38.53 -65.83
N ILE B 326 -33.09 38.69 -65.54
CA ILE B 326 -33.69 39.97 -65.21
C ILE B 326 -33.79 40.05 -63.69
N HIS B 327 -33.21 41.09 -63.11
CA HIS B 327 -33.34 41.36 -61.69
C HIS B 327 -34.55 42.27 -61.51
N HIS B 328 -35.66 41.66 -61.06
CA HIS B 328 -36.88 42.41 -60.77
C HIS B 328 -36.61 43.54 -59.79
N SER B 329 -35.71 43.31 -58.83
CA SER B 329 -35.23 44.34 -57.93
C SER B 329 -33.72 44.22 -57.82
N MET B 330 -33.07 45.31 -57.41
CA MET B 330 -31.63 45.27 -57.23
C MET B 330 -31.26 44.28 -56.12
N SER B 331 -30.02 43.84 -56.13
CA SER B 331 -29.55 42.86 -55.16
C SER B 331 -28.97 43.55 -53.94
N LYS B 332 -28.84 42.77 -52.86
CA LYS B 332 -28.33 43.32 -51.61
C LYS B 332 -26.89 43.80 -51.75
N SER B 333 -26.10 43.17 -52.62
CA SER B 333 -24.70 43.52 -52.75
C SER B 333 -24.26 43.29 -54.19
N MET B 334 -23.06 43.78 -54.50
CA MET B 334 -22.49 43.61 -55.83
C MET B 334 -22.08 42.17 -56.09
N GLU B 335 -21.43 41.54 -55.12
CA GLU B 335 -21.08 40.13 -55.26
C GLU B 335 -22.32 39.28 -55.47
N ASN B 336 -23.39 39.59 -54.75
CA ASN B 336 -24.65 38.89 -54.95
C ASN B 336 -25.15 39.07 -56.38
N TYR B 337 -25.09 40.30 -56.90
CA TYR B 337 -25.54 40.51 -58.27
C TYR B 337 -24.72 39.70 -59.25
N TYR B 338 -23.40 39.66 -59.06
CA TYR B 338 -22.56 38.88 -59.95
C TYR B 338 -22.96 37.40 -59.91
N GLN B 339 -23.04 36.83 -58.70
CA GLN B 339 -23.34 35.42 -58.58
C GLN B 339 -24.72 35.08 -59.14
N GLU B 340 -25.69 35.97 -58.99
CA GLU B 340 -27.04 35.71 -59.51
C GLU B 340 -27.10 35.85 -61.03
N SER B 341 -26.59 36.97 -61.56
CA SER B 341 -26.63 37.19 -63.00
C SER B 341 -25.77 36.18 -63.75
N GLY B 342 -24.69 35.69 -63.13
CA GLY B 342 -23.79 34.74 -63.78
C GLY B 342 -24.42 33.43 -64.16
N ARG B 343 -25.67 33.19 -63.80
CA ARG B 343 -26.34 31.97 -64.26
C ARG B 343 -26.66 32.04 -65.74
N ALA B 344 -26.51 33.20 -66.36
CA ALA B 344 -26.76 33.37 -67.78
C ALA B 344 -25.57 32.87 -68.59
N GLY B 345 -25.88 32.37 -69.79
CA GLY B 345 -24.87 31.99 -70.75
C GLY B 345 -23.82 31.03 -70.23
N ARG B 346 -24.24 29.93 -69.62
CA ARG B 346 -23.28 28.91 -69.22
C ARG B 346 -22.74 28.14 -70.39
N ASP B 347 -23.35 28.26 -71.57
CA ASP B 347 -22.84 27.67 -72.80
C ASP B 347 -21.81 28.56 -73.49
N ASP B 348 -21.30 29.56 -72.78
CA ASP B 348 -20.28 30.51 -73.26
C ASP B 348 -20.75 31.37 -74.43
N MET B 349 -22.05 31.37 -74.71
CA MET B 349 -22.61 32.23 -75.75
C MET B 349 -23.30 33.44 -75.13
N LYS B 350 -23.70 34.38 -75.99
CA LYS B 350 -24.18 35.67 -75.54
C LYS B 350 -25.45 35.53 -74.72
N ALA B 351 -25.48 36.25 -73.59
CA ALA B 351 -26.64 36.27 -72.71
C ALA B 351 -26.72 37.63 -72.04
N ASP B 352 -27.94 38.06 -71.73
CA ASP B 352 -28.18 39.40 -71.21
C ASP B 352 -28.43 39.36 -69.71
N CYS B 353 -27.93 40.39 -69.02
CA CYS B 353 -28.10 40.57 -67.58
C CYS B 353 -28.80 41.91 -67.37
N ILE B 354 -30.13 41.85 -67.33
CA ILE B 354 -30.99 43.01 -67.17
C ILE B 354 -31.20 43.26 -65.68
N LEU B 355 -31.16 44.55 -65.31
CA LEU B 355 -31.22 44.97 -63.92
C LEU B 355 -32.31 46.05 -63.85
N TYR B 356 -33.32 45.88 -62.99
CA TYR B 356 -34.39 46.89 -62.94
C TYR B 356 -34.19 47.73 -61.68
N TYR B 357 -33.78 48.99 -61.88
CA TYR B 357 -33.42 49.87 -60.76
C TYR B 357 -34.64 50.67 -60.33
N GLY B 358 -35.09 50.45 -59.11
CA GLY B 358 -36.21 51.18 -58.53
C GLY B 358 -35.80 52.00 -57.33
N PHE B 359 -36.33 53.22 -57.24
CA PHE B 359 -35.96 54.11 -56.13
C PHE B 359 -36.40 53.55 -54.78
N GLY B 360 -37.63 53.01 -54.70
CA GLY B 360 -38.11 52.42 -53.47
C GLY B 360 -37.41 51.14 -53.07
N ASP B 361 -36.82 50.43 -54.03
CA ASP B 361 -36.08 49.21 -53.70
C ASP B 361 -34.91 49.49 -52.77
N ILE B 362 -34.29 50.66 -52.92
CA ILE B 362 -33.17 51.06 -52.07
C ILE B 362 -33.62 50.98 -50.63
N PHE B 363 -34.73 51.62 -50.34
CA PHE B 363 -35.20 51.64 -48.98
C PHE B 363 -35.85 50.31 -48.54
N ARG B 364 -36.49 49.49 -49.40
CA ARG B 364 -36.90 48.17 -48.87
C ARG B 364 -35.69 47.46 -48.34
N ILE B 365 -34.65 47.38 -49.17
CA ILE B 365 -33.52 46.52 -48.84
C ILE B 365 -32.73 47.10 -47.67
N SER B 366 -32.57 48.42 -47.65
CA SER B 366 -31.91 49.04 -46.51
C SER B 366 -32.68 48.77 -45.22
N SER B 367 -34.03 48.81 -45.28
CA SER B 367 -34.82 48.45 -44.12
C SER B 367 -34.66 46.98 -43.77
N MET B 368 -34.37 46.13 -44.76
CA MET B 368 -34.25 44.70 -44.49
C MET B 368 -32.87 44.32 -43.96
N VAL B 369 -31.82 45.09 -44.26
CA VAL B 369 -30.46 44.70 -43.92
C VAL B 369 -29.90 45.55 -42.79
N VAL B 370 -30.78 46.10 -41.93
CA VAL B 370 -30.31 46.97 -40.86
C VAL B 370 -29.48 46.21 -39.84
N MET B 371 -29.67 44.90 -39.70
CA MET B 371 -28.92 44.16 -38.70
C MET B 371 -27.54 43.73 -39.21
N GLU B 372 -27.37 43.57 -40.52
CA GLU B 372 -26.05 43.35 -41.07
C GLU B 372 -25.24 44.64 -40.95
N ASN B 373 -24.18 44.61 -40.14
CA ASN B 373 -23.44 45.83 -39.84
C ASN B 373 -22.78 46.44 -41.07
N VAL B 374 -22.67 45.68 -42.16
CA VAL B 374 -22.12 46.17 -43.43
C VAL B 374 -23.16 46.12 -44.55
N GLY B 375 -24.41 45.78 -44.24
CA GLY B 375 -25.42 45.63 -45.28
C GLY B 375 -25.70 46.92 -46.03
N GLN B 376 -25.80 48.03 -45.30
CA GLN B 376 -26.12 49.30 -45.93
C GLN B 376 -25.03 49.74 -46.90
N GLN B 377 -23.77 49.54 -46.52
CA GLN B 377 -22.66 49.94 -47.37
C GLN B 377 -22.66 49.15 -48.70
N LYS B 378 -22.90 47.84 -48.63
CA LYS B 378 -22.94 47.05 -49.86
C LYS B 378 -24.16 47.39 -50.70
N LEU B 379 -25.29 47.67 -50.06
CA LEU B 379 -26.46 48.11 -50.82
C LEU B 379 -26.18 49.44 -51.51
N TYR B 380 -25.46 50.32 -50.84
CA TYR B 380 -25.09 51.60 -51.44
C TYR B 380 -24.14 51.40 -52.61
N GLU B 381 -23.22 50.43 -52.50
CA GLU B 381 -22.40 50.06 -53.66
C GLU B 381 -23.28 49.62 -54.82
N MET B 382 -24.33 48.84 -54.52
CA MET B 382 -25.27 48.42 -55.56
C MET B 382 -25.95 49.63 -56.19
N VAL B 383 -26.40 50.57 -55.36
CA VAL B 383 -27.08 51.76 -55.85
C VAL B 383 -26.14 52.59 -56.71
N SER B 384 -24.88 52.73 -56.28
CA SER B 384 -23.90 53.46 -57.08
C SER B 384 -23.67 52.80 -58.43
N TYR B 385 -23.75 51.47 -58.47
CA TYR B 385 -23.69 50.78 -59.76
C TYR B 385 -24.88 51.14 -60.63
N CYS B 386 -26.07 51.17 -60.03
CA CYS B 386 -27.27 51.45 -60.82
C CYS B 386 -27.28 52.88 -61.33
N GLN B 387 -26.79 53.80 -60.53
CA GLN B 387 -26.78 55.20 -60.91
C GLN B 387 -25.73 55.49 -61.97
N ASN B 388 -24.67 54.67 -62.05
CA ASN B 388 -23.58 54.95 -62.96
C ASN B 388 -24.03 54.78 -64.41
N ILE B 389 -23.76 55.78 -65.24
CA ILE B 389 -24.15 55.78 -66.64
C ILE B 389 -22.97 55.92 -67.58
N ASN B 390 -21.75 56.12 -67.06
CA ASN B 390 -20.58 56.34 -67.91
C ASN B 390 -19.57 55.21 -67.81
N LYS B 391 -19.21 54.77 -66.61
CA LYS B 391 -18.19 53.74 -66.46
C LYS B 391 -18.70 52.40 -66.99
N CYS B 392 -17.77 51.58 -67.46
CA CYS B 392 -18.12 50.25 -67.94
C CYS B 392 -18.56 49.38 -66.78
N ARG B 393 -19.70 48.70 -66.94
CA ARG B 393 -20.25 47.90 -65.86
C ARG B 393 -19.33 46.74 -65.52
N ARG B 394 -18.60 46.22 -66.51
CA ARG B 394 -17.67 45.14 -66.24
C ARG B 394 -16.57 45.59 -65.28
N VAL B 395 -16.06 46.81 -65.45
CA VAL B 395 -15.05 47.32 -64.52
C VAL B 395 -15.64 47.52 -63.13
N LEU B 396 -16.88 48.01 -63.07
CA LEU B 396 -17.52 48.25 -61.78
C LEU B 396 -17.71 46.94 -61.02
N ILE B 397 -18.12 45.88 -61.71
CA ILE B 397 -18.27 44.58 -61.04
C ILE B 397 -16.90 43.98 -60.73
N ALA B 398 -15.93 44.16 -61.62
CA ALA B 398 -14.60 43.60 -61.42
C ALA B 398 -13.87 44.25 -60.25
N GLN B 399 -14.26 45.45 -59.86
CA GLN B 399 -13.64 46.09 -58.71
C GLN B 399 -13.84 45.27 -57.44
N HIS B 400 -14.91 44.47 -57.38
CA HIS B 400 -15.18 43.65 -56.20
C HIS B 400 -14.60 42.24 -56.29
N PHE B 401 -13.85 41.93 -57.34
CA PHE B 401 -13.26 40.62 -57.55
C PHE B 401 -11.80 40.75 -57.99
N ASP B 402 -11.06 41.65 -57.36
CA ASP B 402 -9.76 42.06 -57.88
C ASP B 402 -8.77 40.90 -57.99
N GLU B 403 -8.84 39.92 -57.08
CA GLU B 403 -7.87 38.83 -57.14
C GLU B 403 -8.27 37.73 -58.11
N VAL B 404 -9.53 37.67 -58.52
CA VAL B 404 -10.05 36.57 -59.34
C VAL B 404 -10.66 37.06 -60.64
N TRP B 405 -10.54 38.35 -60.95
CA TRP B 405 -11.07 38.92 -62.18
C TRP B 405 -9.90 39.34 -63.07
N SER B 406 -9.74 38.63 -64.17
CA SER B 406 -8.69 38.95 -65.13
C SER B 406 -9.01 40.29 -65.81
N PRO B 407 -8.06 41.22 -65.86
CA PRO B 407 -8.35 42.56 -66.40
C PRO B 407 -8.48 42.54 -67.92
N GLU B 408 -9.66 42.14 -68.39
CA GLU B 408 -9.94 41.91 -69.80
C GLU B 408 -10.86 43.00 -70.32
N ALA B 409 -10.71 43.34 -71.60
CA ALA B 409 -11.50 44.39 -72.21
C ALA B 409 -12.96 43.96 -72.35
N CYS B 410 -13.85 44.93 -72.15
CA CYS B 410 -15.29 44.65 -72.23
C CYS B 410 -15.72 44.38 -73.67
N ASN B 411 -15.15 45.12 -74.63
CA ASN B 411 -15.45 44.95 -76.05
C ASN B 411 -16.94 45.16 -76.33
N LYS B 412 -17.47 46.27 -75.81
CA LYS B 412 -18.87 46.65 -76.02
C LYS B 412 -19.83 45.57 -75.57
N MET B 413 -19.60 45.07 -74.35
CA MET B 413 -20.42 44.02 -73.75
C MET B 413 -21.16 44.52 -72.51
N CYS B 414 -21.59 45.79 -72.57
CA CYS B 414 -22.42 46.38 -71.52
C CYS B 414 -23.08 47.63 -72.09
N ASP B 415 -24.18 48.04 -71.46
CA ASP B 415 -25.00 49.11 -72.02
C ASP B 415 -24.24 50.43 -72.09
N ASN B 416 -23.40 50.72 -71.09
CA ASN B 416 -22.68 51.99 -71.10
C ASN B 416 -21.57 52.01 -72.14
N CYS B 417 -20.96 50.85 -72.42
CA CYS B 417 -19.89 50.80 -73.41
C CYS B 417 -20.41 50.98 -74.83
N CYS B 418 -21.63 50.53 -75.11
CA CYS B 418 -22.15 50.59 -76.48
C CYS B 418 -22.74 51.95 -76.82
N LYS B 419 -23.36 52.63 -75.86
CA LYS B 419 -23.95 53.93 -76.14
C LYS B 419 -22.87 54.97 -76.35
N GLU B 420 -23.10 55.85 -77.33
CA GLU B 420 -22.11 56.82 -77.79
C GLU B 420 -22.45 58.21 -77.26
N ILE B 421 -22.97 58.24 -76.04
CA ILE B 421 -23.43 59.46 -75.40
C ILE B 421 -22.25 60.24 -74.85
N SER B 422 -22.20 61.53 -75.15
CA SER B 422 -21.25 62.41 -74.48
C SER B 422 -21.84 62.85 -73.14
N PHE B 423 -20.97 63.03 -72.15
CA PHE B 423 -21.45 63.27 -70.80
C PHE B 423 -21.08 64.68 -70.36
N GLU B 424 -21.75 65.15 -69.31
CA GLU B 424 -21.51 66.48 -68.79
C GLU B 424 -21.75 66.49 -67.29
N ARG B 425 -20.86 67.18 -66.56
CA ARG B 425 -20.96 67.27 -65.11
C ARG B 425 -21.85 68.47 -64.78
N LYS B 426 -23.07 68.20 -64.34
CA LYS B 426 -24.00 69.24 -63.91
C LYS B 426 -23.82 69.52 -62.42
N ASN B 427 -23.74 70.79 -62.06
CA ASN B 427 -23.73 71.20 -60.66
C ASN B 427 -25.12 70.99 -60.06
N VAL B 428 -25.17 70.27 -58.94
CA VAL B 428 -26.43 69.95 -58.28
C VAL B 428 -26.46 70.47 -56.84
N THR B 429 -25.50 71.32 -56.46
CA THR B 429 -25.37 71.77 -55.08
C THR B 429 -26.63 72.48 -54.60
N ALA B 430 -27.28 73.24 -55.47
CA ALA B 430 -28.50 73.94 -55.08
C ALA B 430 -29.60 72.97 -54.69
N TYR B 431 -29.72 71.86 -55.42
CA TYR B 431 -30.71 70.85 -55.05
C TYR B 431 -30.42 70.28 -53.66
N CYS B 432 -29.15 70.07 -53.35
CA CYS B 432 -28.78 69.58 -52.02
C CYS B 432 -29.13 70.60 -50.95
N ARG B 433 -28.90 71.88 -51.22
CA ARG B 433 -29.26 72.91 -50.26
C ARG B 433 -30.76 72.97 -50.04
N ASP B 434 -31.54 72.81 -51.11
CA ASP B 434 -32.99 72.80 -50.99
C ASP B 434 -33.47 71.60 -50.17
N LEU B 435 -32.94 70.42 -50.47
CA LEU B 435 -33.31 69.23 -49.72
C LEU B 435 -32.96 69.37 -48.25
N ILE B 436 -31.77 69.90 -47.95
CA ILE B 436 -31.38 70.11 -46.57
C ILE B 436 -32.30 71.12 -45.89
N LYS B 437 -32.71 72.15 -46.64
CA LYS B 437 -33.69 73.10 -46.10
C LYS B 437 -34.98 72.38 -45.71
N ILE B 438 -35.47 71.51 -46.58
CA ILE B 438 -36.70 70.78 -46.30
C ILE B 438 -36.54 69.91 -45.06
N LEU B 439 -35.47 69.11 -45.02
CA LEU B 439 -35.27 68.19 -43.91
C LEU B 439 -35.07 68.94 -42.60
N LYS B 440 -34.32 70.04 -42.63
CA LYS B 440 -34.11 70.83 -41.42
C LYS B 440 -35.41 71.45 -40.94
N GLN B 441 -36.24 71.96 -41.86
CA GLN B 441 -37.54 72.48 -41.46
C GLN B 441 -38.42 71.37 -40.87
N ALA B 442 -38.36 70.17 -41.45
CA ALA B 442 -39.12 69.05 -40.90
C ALA B 442 -38.65 68.71 -39.50
N GLU B 443 -37.35 68.83 -39.24
CA GLU B 443 -36.86 68.69 -37.88
C GLU B 443 -37.40 69.81 -36.99
N ASP B 444 -37.51 71.02 -37.53
CA ASP B 444 -38.05 72.15 -36.79
C ASP B 444 -39.52 71.97 -36.48
N LEU B 445 -40.31 71.51 -37.45
CA LEU B 445 -41.71 71.22 -37.14
C LEU B 445 -41.82 69.88 -36.42
N ASN B 446 -40.68 69.30 -36.07
CA ASN B 446 -40.52 68.12 -35.21
C ASN B 446 -41.18 66.88 -35.82
N GLU B 447 -40.94 66.65 -37.10
CA GLU B 447 -41.58 65.57 -37.83
C GLU B 447 -40.53 64.78 -38.59
N LYS B 448 -40.79 63.48 -38.74
CA LYS B 448 -39.90 62.59 -39.48
C LYS B 448 -40.43 62.43 -40.89
N LEU B 449 -39.51 62.44 -41.85
CA LEU B 449 -39.83 62.44 -43.28
C LEU B 449 -39.38 61.13 -43.91
N THR B 450 -40.32 60.40 -44.49
CA THR B 450 -39.98 59.30 -45.37
C THR B 450 -39.48 59.87 -46.71
N PRO B 451 -38.72 59.06 -47.47
CA PRO B 451 -38.28 59.52 -48.80
C PRO B 451 -39.42 60.03 -49.67
N LEU B 452 -40.58 59.39 -49.60
CA LEU B 452 -41.73 59.84 -50.37
C LEU B 452 -42.20 61.21 -49.90
N LYS B 453 -42.24 61.42 -48.58
CA LYS B 453 -42.67 62.72 -48.06
C LYS B 453 -41.68 63.82 -48.42
N LEU B 454 -40.38 63.53 -48.34
CA LEU B 454 -39.38 64.52 -48.70
C LEU B 454 -39.46 64.88 -50.18
N ILE B 455 -39.59 63.87 -51.04
CA ILE B 455 -39.69 64.15 -52.47
C ILE B 455 -40.99 64.89 -52.79
N ASP B 456 -42.05 64.62 -52.03
CA ASP B 456 -43.31 65.31 -52.28
C ASP B 456 -43.22 66.78 -51.86
N SER B 457 -42.64 67.04 -50.69
CA SER B 457 -42.44 68.43 -50.26
C SER B 457 -41.49 69.15 -51.21
N TRP B 458 -40.56 68.43 -51.84
CA TRP B 458 -39.70 69.05 -52.83
C TRP B 458 -40.49 69.51 -54.04
N MET B 459 -41.48 68.74 -54.46
CA MET B 459 -42.27 69.03 -55.64
C MET B 459 -43.48 69.90 -55.35
N GLY B 460 -43.60 70.44 -54.13
CA GLY B 460 -44.77 71.22 -53.78
C GLY B 460 -46.02 70.40 -53.59
N LYS B 461 -45.89 69.13 -53.23
CA LYS B 461 -47.02 68.23 -53.03
C LYS B 461 -47.03 67.74 -51.59
N GLY B 462 -47.94 66.82 -51.30
CA GLY B 462 -48.02 66.29 -49.95
C GLY B 462 -48.53 67.33 -48.95
N ALA B 463 -48.22 67.08 -47.68
CA ALA B 463 -48.73 67.92 -46.61
C ALA B 463 -48.11 69.31 -46.68
N SER B 464 -48.96 70.34 -46.70
CA SER B 464 -48.48 71.71 -46.77
C SER B 464 -47.58 72.05 -45.60
N LYS B 465 -47.83 71.45 -44.43
CA LYS B 465 -47.01 71.74 -43.26
C LYS B 465 -45.54 71.41 -43.50
N LEU B 466 -45.25 70.44 -44.37
CA LEU B 466 -43.90 70.01 -44.64
C LEU B 466 -43.25 70.73 -45.82
N ARG B 467 -43.94 71.69 -46.43
CA ARG B 467 -43.41 72.44 -47.56
C ARG B 467 -42.60 73.63 -47.08
N VAL B 468 -41.51 73.92 -47.79
CA VAL B 468 -40.71 75.10 -47.47
C VAL B 468 -41.38 76.32 -48.07
N ALA B 469 -41.37 77.43 -47.31
CA ALA B 469 -42.12 78.62 -47.67
C ALA B 469 -41.86 79.07 -49.11
N GLY B 470 -40.62 79.38 -49.43
CA GLY B 470 -40.26 79.90 -50.75
C GLY B 470 -39.62 78.94 -51.72
N LEU B 471 -39.54 77.65 -51.41
CA LEU B 471 -38.87 76.72 -52.31
C LEU B 471 -39.70 76.46 -53.56
N ALA B 472 -39.17 76.85 -54.70
CA ALA B 472 -39.82 76.53 -55.97
C ALA B 472 -39.55 75.06 -56.32
N PRO B 473 -40.57 74.27 -56.64
CA PRO B 473 -40.34 72.88 -57.04
C PRO B 473 -39.49 72.82 -58.29
N PRO B 474 -38.56 71.88 -58.38
CA PRO B 474 -37.65 71.84 -59.53
C PRO B 474 -38.36 71.43 -60.80
N THR B 475 -37.78 71.85 -61.92
CA THR B 475 -38.34 71.61 -63.25
C THR B 475 -37.97 70.24 -63.80
N LEU B 476 -37.48 69.35 -62.97
CA LEU B 476 -37.10 68.00 -63.37
C LEU B 476 -38.21 67.02 -63.01
N PRO B 477 -38.34 65.90 -63.72
CA PRO B 477 -39.37 64.93 -63.37
C PRO B 477 -39.05 64.27 -62.04
N ARG B 478 -40.05 63.58 -61.50
CA ARG B 478 -39.90 63.00 -60.17
C ARG B 478 -38.77 62.00 -60.12
N GLU B 479 -38.64 61.18 -61.17
CA GLU B 479 -37.59 60.16 -61.24
C GLU B 479 -36.21 60.80 -61.32
N ASP B 480 -36.05 61.90 -62.05
CA ASP B 480 -34.77 62.59 -62.02
C ASP B 480 -34.45 63.05 -60.61
N LEU B 481 -35.47 63.53 -59.88
CA LEU B 481 -35.30 63.87 -58.48
C LEU B 481 -34.94 62.65 -57.63
N GLU B 482 -35.50 61.48 -57.96
CA GLU B 482 -35.14 60.25 -57.27
C GLU B 482 -33.67 59.96 -57.49
N LYS B 483 -33.22 60.21 -58.70
CA LYS B 483 -31.82 60.05 -59.05
C LYS B 483 -30.93 60.99 -58.24
N ILE B 484 -31.38 62.25 -58.08
CA ILE B 484 -30.64 63.24 -57.29
C ILE B 484 -30.58 62.83 -55.82
N ILE B 485 -31.71 62.44 -55.25
CA ILE B 485 -31.77 62.06 -53.84
C ILE B 485 -30.92 60.81 -53.58
N ALA B 486 -30.98 59.83 -54.50
CA ALA B 486 -30.15 58.65 -54.39
C ALA B 486 -28.67 59.02 -54.40
N HIS B 487 -28.29 59.94 -55.30
CA HIS B 487 -26.90 60.37 -55.36
C HIS B 487 -26.47 61.04 -54.05
N PHE B 488 -27.33 61.90 -53.50
CA PHE B 488 -27.01 62.54 -52.23
C PHE B 488 -26.92 61.54 -51.08
N LEU B 489 -27.74 60.49 -51.12
CA LEU B 489 -27.68 59.46 -50.09
C LEU B 489 -26.40 58.66 -50.20
N ILE B 490 -26.02 58.26 -51.41
CA ILE B 490 -24.80 57.49 -51.62
C ILE B 490 -23.58 58.28 -51.16
N GLN B 491 -23.51 59.56 -51.51
CA GLN B 491 -22.40 60.42 -51.13
C GLN B 491 -22.50 60.92 -49.69
N GLN B 492 -23.50 60.47 -48.93
CA GLN B 492 -23.64 60.77 -47.50
C GLN B 492 -23.88 62.25 -47.24
N TYR B 493 -24.44 62.97 -48.22
CA TYR B 493 -24.98 64.29 -47.92
C TYR B 493 -26.32 64.19 -47.22
N LEU B 494 -27.07 63.11 -47.49
CA LEU B 494 -28.20 62.68 -46.69
C LEU B 494 -27.88 61.33 -46.08
N LYS B 495 -28.58 61.00 -45.01
CA LYS B 495 -28.39 59.72 -44.35
C LYS B 495 -29.74 59.10 -44.03
N GLU B 496 -29.74 57.78 -43.88
CA GLU B 496 -30.92 57.04 -43.48
C GLU B 496 -31.01 56.98 -41.96
N ASP B 497 -32.25 56.98 -41.46
CA ASP B 497 -32.56 56.89 -40.03
C ASP B 497 -33.65 55.82 -39.92
N TYR B 498 -33.32 54.70 -39.31
CA TYR B 498 -34.28 53.61 -39.18
C TYR B 498 -35.10 53.77 -37.90
N SER B 499 -36.37 53.38 -37.99
CA SER B 499 -37.28 53.34 -36.85
C SER B 499 -37.89 51.95 -36.79
N PHE B 500 -37.90 51.37 -35.60
CA PHE B 500 -38.35 49.99 -35.39
C PHE B 500 -39.78 50.00 -34.89
N THR B 501 -40.70 49.48 -35.70
CA THR B 501 -42.08 49.30 -35.33
C THR B 501 -42.34 47.85 -34.94
N ALA B 502 -43.57 47.58 -34.51
CA ALA B 502 -43.95 46.25 -34.08
C ALA B 502 -43.98 45.25 -35.22
N TYR B 503 -44.07 45.71 -36.47
CA TYR B 503 -44.17 44.80 -37.60
C TYR B 503 -43.20 45.07 -38.75
N ALA B 504 -42.54 46.22 -38.78
CA ALA B 504 -41.60 46.52 -39.86
C ALA B 504 -40.62 47.58 -39.40
N THR B 505 -39.61 47.81 -40.24
CA THR B 505 -38.61 48.84 -40.01
C THR B 505 -38.79 49.95 -41.06
N ILE B 506 -39.06 51.16 -40.59
CA ILE B 506 -39.26 52.30 -41.48
C ILE B 506 -37.93 53.00 -41.68
N SER B 507 -37.74 53.55 -42.87
CA SER B 507 -36.53 54.29 -43.24
C SER B 507 -36.91 55.74 -43.48
N TYR B 508 -36.43 56.64 -42.63
CA TYR B 508 -36.57 58.07 -42.81
C TYR B 508 -35.26 58.64 -43.36
N LEU B 509 -35.34 59.88 -43.85
CA LEU B 509 -34.18 60.59 -44.37
C LEU B 509 -33.84 61.77 -43.48
N LYS B 510 -32.56 61.96 -43.22
CA LYS B 510 -32.07 63.05 -42.38
C LYS B 510 -30.84 63.66 -43.03
N VAL B 511 -30.42 64.82 -42.51
CA VAL B 511 -29.23 65.48 -43.05
C VAL B 511 -28.01 64.60 -42.78
N GLY B 512 -27.16 64.45 -43.79
CA GLY B 512 -26.04 63.54 -43.72
C GLY B 512 -24.81 64.17 -43.11
N PRO B 513 -23.81 63.33 -42.81
CA PRO B 513 -22.59 63.86 -42.19
C PRO B 513 -21.79 64.76 -43.12
N LYS B 514 -21.61 64.36 -44.38
CA LYS B 514 -20.82 65.18 -45.30
C LYS B 514 -21.53 66.46 -45.71
N ALA B 515 -22.77 66.69 -45.26
CA ALA B 515 -23.49 67.90 -45.63
C ALA B 515 -22.73 69.15 -45.17
N ASN B 516 -22.05 69.07 -44.04
CA ASN B 516 -21.31 70.22 -43.53
C ASN B 516 -20.19 70.61 -44.47
N LEU B 517 -19.79 69.72 -45.39
CA LEU B 517 -18.79 70.07 -46.39
C LEU B 517 -19.22 71.28 -47.22
N LEU B 518 -20.49 71.67 -47.15
CA LEU B 518 -20.98 72.83 -47.89
C LEU B 518 -20.60 74.17 -47.25
N ASN B 519 -19.97 74.19 -46.07
CA ASN B 519 -19.50 75.47 -45.53
C ASN B 519 -18.59 76.20 -46.49
N ASN B 520 -17.78 75.47 -47.26
CA ASN B 520 -16.93 76.09 -48.25
C ASN B 520 -17.73 76.34 -49.53
N GLU B 521 -17.55 77.54 -50.09
CA GLU B 521 -18.22 77.89 -51.33
C GLU B 521 -17.65 77.10 -52.51
N ALA B 522 -16.36 76.78 -52.47
CA ALA B 522 -15.72 76.03 -53.54
C ALA B 522 -16.15 74.57 -53.59
N HIS B 523 -16.90 74.10 -52.60
CA HIS B 523 -17.36 72.71 -52.61
C HIS B 523 -18.49 72.55 -53.63
N VAL B 524 -18.31 71.61 -54.56
CA VAL B 524 -19.24 71.38 -55.65
C VAL B 524 -19.64 69.91 -55.65
N ILE B 525 -20.95 69.65 -55.76
CA ILE B 525 -21.47 68.30 -55.93
C ILE B 525 -21.89 68.17 -57.40
N THR B 526 -21.11 67.41 -58.17
CA THR B 526 -21.37 67.23 -59.58
C THR B 526 -22.09 65.91 -59.83
N MET B 527 -22.89 65.89 -60.89
CA MET B 527 -23.61 64.68 -61.29
C MET B 527 -23.50 64.56 -62.80
N ARG B 528 -23.13 63.38 -63.28
CA ARG B 528 -22.88 63.19 -64.71
C ARG B 528 -24.20 62.88 -65.41
N VAL B 529 -24.53 63.67 -66.42
CA VAL B 529 -25.78 63.56 -67.15
C VAL B 529 -25.49 63.55 -68.64
N LYS B 530 -26.46 63.05 -69.39
CA LYS B 530 -26.36 62.98 -70.84
C LYS B 530 -26.29 64.39 -71.45
N LYS B 531 -25.59 64.49 -72.58
CA LYS B 531 -25.46 65.76 -73.28
C LYS B 531 -25.72 65.59 -74.76
N MET C 1 -4.86 51.16 -24.34
CA MET C 1 -5.32 51.22 -22.95
C MET C 1 -5.27 52.65 -22.43
N SER C 2 -6.37 53.08 -21.81
CA SER C 2 -6.47 54.42 -21.25
C SER C 2 -5.98 54.44 -19.80
N SER C 3 -5.76 55.65 -19.28
CA SER C 3 -5.26 55.80 -17.92
C SER C 3 -6.42 56.10 -16.99
N PRO C 4 -6.88 55.12 -16.20
CA PRO C 4 -8.05 55.35 -15.32
C PRO C 4 -7.74 56.14 -14.07
N ALA C 5 -6.47 56.33 -13.72
CA ALA C 5 -6.14 56.98 -12.45
C ALA C 5 -6.66 58.41 -12.40
N SER C 6 -6.80 59.08 -13.53
CA SER C 6 -7.35 60.44 -13.53
C SER C 6 -8.82 60.46 -13.13
N TRP C 7 -9.51 59.31 -13.22
CA TRP C 7 -10.92 59.22 -12.86
C TRP C 7 -11.14 58.77 -11.43
N ASN C 8 -10.07 58.57 -10.65
CA ASN C 8 -10.19 58.13 -9.27
C ASN C 8 -10.48 59.31 -8.35
N LYS C 9 -11.54 60.03 -8.68
CA LYS C 9 -12.01 61.15 -7.88
C LYS C 9 -13.34 60.82 -7.22
N GLU C 10 -13.78 61.72 -6.35
CA GLU C 10 -15.13 61.67 -5.79
C GLU C 10 -15.76 63.06 -5.76
N ASP C 11 -15.33 63.94 -6.65
CA ASP C 11 -15.79 65.32 -6.67
C ASP C 11 -16.82 65.56 -7.75
N PHE C 12 -17.35 64.51 -8.35
CA PHE C 12 -18.37 64.62 -9.38
C PHE C 12 -19.72 64.91 -8.75
N PRO C 13 -20.65 65.51 -9.50
CA PRO C 13 -21.98 65.80 -8.94
C PRO C 13 -22.73 64.55 -8.50
N TRP C 14 -22.36 63.37 -9.00
CA TRP C 14 -23.05 62.13 -8.67
C TRP C 14 -22.34 61.32 -7.59
N SER C 15 -21.17 61.78 -7.12
CA SER C 15 -20.37 60.97 -6.20
C SER C 15 -21.10 60.69 -4.90
N GLY C 16 -21.82 61.68 -4.37
CA GLY C 16 -22.60 61.47 -3.15
C GLY C 16 -23.58 60.32 -3.30
N LYS C 17 -24.38 60.35 -4.39
CA LYS C 17 -25.35 59.29 -4.61
C LYS C 17 -24.67 57.96 -4.86
N VAL C 18 -23.50 57.97 -5.52
CA VAL C 18 -22.79 56.72 -5.76
C VAL C 18 -22.34 56.08 -4.45
N LYS C 19 -21.78 56.89 -3.55
CA LYS C 19 -21.38 56.39 -2.24
C LYS C 19 -22.59 55.87 -1.48
N ASP C 20 -23.71 56.60 -1.55
CA ASP C 20 -24.90 56.17 -0.82
C ASP C 20 -25.43 54.84 -1.34
N VAL C 21 -25.48 54.70 -2.67
CA VAL C 21 -25.96 53.45 -3.26
C VAL C 21 -25.01 52.30 -2.93
N LEU C 22 -23.70 52.55 -2.93
CA LEU C 22 -22.77 51.47 -2.59
C LEU C 22 -22.97 51.00 -1.17
N GLN C 23 -23.14 51.94 -0.23
CA GLN C 23 -23.11 51.53 1.17
C GLN C 23 -24.47 51.05 1.65
N ASN C 24 -25.55 51.70 1.23
CA ASN C 24 -26.88 51.38 1.73
C ASN C 24 -27.66 50.44 0.82
N VAL C 25 -27.46 50.51 -0.48
CA VAL C 25 -28.17 49.63 -1.41
C VAL C 25 -27.41 48.33 -1.64
N PHE C 26 -26.14 48.41 -2.03
CA PHE C 26 -25.35 47.20 -2.27
C PHE C 26 -24.65 46.68 -1.03
N LYS C 27 -24.70 47.41 0.08
CA LYS C 27 -24.17 46.95 1.38
C LYS C 27 -22.69 46.58 1.29
N LEU C 28 -21.92 47.36 0.53
CA LEU C 28 -20.48 47.16 0.41
C LEU C 28 -19.75 48.32 1.07
N GLN C 29 -18.49 48.07 1.43
CA GLN C 29 -17.72 49.06 2.20
C GLN C 29 -16.79 49.90 1.32
N LYS C 30 -15.96 49.28 0.49
CA LYS C 30 -14.98 50.02 -0.29
C LYS C 30 -14.94 49.49 -1.71
N PHE C 31 -14.83 50.40 -2.69
CA PHE C 31 -14.73 50.01 -4.09
C PHE C 31 -13.46 49.20 -4.32
N ARG C 32 -13.60 48.11 -5.06
CA ARG C 32 -12.44 47.38 -5.53
C ARG C 32 -11.73 48.20 -6.61
N PRO C 33 -10.46 47.91 -6.89
CA PRO C 33 -9.74 48.67 -7.92
C PRO C 33 -10.50 48.72 -9.24
N LEU C 34 -10.52 49.92 -9.82
CA LEU C 34 -11.10 50.27 -11.12
C LEU C 34 -12.62 50.32 -11.10
N GLN C 35 -13.26 49.97 -9.99
CA GLN C 35 -14.72 50.08 -9.91
C GLN C 35 -15.15 51.54 -9.94
N LEU C 36 -14.54 52.37 -9.10
CA LEU C 36 -14.93 53.78 -9.03
C LEU C 36 -14.64 54.49 -10.35
N GLU C 37 -13.50 54.19 -10.97
CA GLU C 37 -13.16 54.87 -12.21
C GLU C 37 -14.12 54.50 -13.34
N THR C 38 -14.47 53.22 -13.45
CA THR C 38 -15.42 52.80 -14.48
C THR C 38 -16.80 53.40 -14.22
N ILE C 39 -17.25 53.36 -12.96
CA ILE C 39 -18.54 53.96 -12.62
C ILE C 39 -18.55 55.44 -12.96
N ASN C 40 -17.45 56.14 -12.64
CA ASN C 40 -17.38 57.58 -12.91
C ASN C 40 -17.41 57.86 -14.41
N VAL C 41 -16.72 57.03 -15.21
CA VAL C 41 -16.75 57.22 -16.65
C VAL C 41 -18.16 57.00 -17.19
N THR C 42 -18.84 55.95 -16.71
CA THR C 42 -20.20 55.69 -17.16
C THR C 42 -21.15 56.82 -16.75
N MET C 43 -21.04 57.29 -15.51
CA MET C 43 -21.92 58.35 -15.01
C MET C 43 -21.72 59.67 -15.75
N SER C 44 -20.55 59.87 -16.35
CA SER C 44 -20.33 61.06 -17.17
C SER C 44 -20.90 60.92 -18.57
N GLY C 45 -21.57 59.80 -18.87
CA GLY C 45 -22.19 59.60 -20.16
C GLY C 45 -21.25 59.16 -21.26
N LYS C 46 -20.15 58.51 -20.92
CA LYS C 46 -19.17 58.07 -21.90
C LYS C 46 -19.12 56.55 -21.98
N GLU C 47 -18.61 56.06 -23.11
CA GLU C 47 -18.44 54.63 -23.32
C GLU C 47 -17.20 54.14 -22.60
N VAL C 48 -17.24 52.90 -22.13
CA VAL C 48 -16.11 52.35 -21.38
C VAL C 48 -16.06 50.84 -21.54
N PHE C 49 -14.83 50.31 -21.54
CA PHE C 49 -14.55 48.88 -21.63
C PHE C 49 -13.71 48.48 -20.42
N LEU C 50 -14.14 47.44 -19.71
CA LEU C 50 -13.49 47.00 -18.49
C LEU C 50 -12.96 45.58 -18.68
N VAL C 51 -11.64 45.43 -18.50
CA VAL C 51 -10.99 44.12 -18.55
C VAL C 51 -10.59 43.76 -17.12
N MET C 52 -11.25 42.75 -16.56
CA MET C 52 -11.06 42.37 -15.18
C MET C 52 -11.33 40.88 -15.02
N PRO C 53 -10.51 40.16 -14.28
CA PRO C 53 -10.67 38.70 -14.18
C PRO C 53 -12.00 38.30 -13.57
N THR C 54 -12.42 37.07 -13.89
CA THR C 54 -13.65 36.52 -13.35
C THR C 54 -13.63 36.51 -11.83
N GLY C 55 -14.75 36.91 -11.22
CA GLY C 55 -14.79 37.05 -9.78
C GLY C 55 -14.26 38.35 -9.25
N GLY C 56 -13.90 39.29 -10.14
CA GLY C 56 -13.34 40.56 -9.73
C GLY C 56 -14.35 41.58 -9.24
N GLY C 57 -15.61 41.47 -9.65
CA GLY C 57 -16.56 42.53 -9.36
C GLY C 57 -16.93 43.41 -10.54
N LYS C 58 -17.07 42.82 -11.72
CA LYS C 58 -17.38 43.59 -12.92
C LYS C 58 -18.84 44.05 -12.95
N SER C 59 -19.77 43.24 -12.44
CA SER C 59 -21.19 43.53 -12.62
C SER C 59 -21.59 44.85 -11.96
N LEU C 60 -20.97 45.17 -10.82
CA LEU C 60 -21.35 46.38 -10.11
C LEU C 60 -21.16 47.62 -10.99
N CYS C 61 -20.18 47.57 -11.89
CA CYS C 61 -19.86 48.72 -12.73
C CYS C 61 -21.03 49.11 -13.63
N TYR C 62 -21.99 48.21 -13.84
CA TYR C 62 -23.23 48.61 -14.49
C TYR C 62 -24.44 48.50 -13.58
N GLN C 63 -24.33 47.76 -12.47
CA GLN C 63 -25.47 47.68 -11.56
C GLN C 63 -25.62 48.97 -10.75
N LEU C 64 -24.52 49.46 -10.19
CA LEU C 64 -24.57 50.68 -9.40
C LEU C 64 -25.02 51.91 -10.19
N PRO C 65 -24.44 52.23 -11.36
CA PRO C 65 -24.92 53.41 -12.09
C PRO C 65 -26.37 53.33 -12.49
N ALA C 66 -26.86 52.12 -12.82
CA ALA C 66 -28.27 51.97 -13.17
C ALA C 66 -29.17 52.39 -12.02
N LEU C 67 -28.69 52.30 -10.79
CA LEU C 67 -29.45 52.70 -9.62
C LEU C 67 -29.33 54.19 -9.31
N CYS C 68 -28.45 54.90 -9.99
CA CYS C 68 -28.37 56.35 -9.83
C CYS C 68 -29.09 57.11 -10.94
N SER C 69 -29.12 56.56 -12.14
CA SER C 69 -29.85 57.15 -13.25
C SER C 69 -31.33 56.78 -13.16
N ASP C 70 -32.12 57.34 -14.06
CA ASP C 70 -33.54 57.06 -14.12
C ASP C 70 -33.82 56.00 -15.17
N GLY C 71 -34.86 55.20 -14.93
CA GLY C 71 -35.24 54.15 -15.85
C GLY C 71 -34.48 52.85 -15.63
N PHE C 72 -34.19 52.14 -16.71
CA PHE C 72 -33.55 50.83 -16.64
C PHE C 72 -32.25 50.83 -17.46
N THR C 73 -31.52 49.72 -17.33
CA THR C 73 -30.31 49.48 -18.10
C THR C 73 -30.45 48.14 -18.82
N LEU C 74 -30.15 48.15 -20.12
CA LEU C 74 -30.19 46.93 -20.91
C LEU C 74 -28.85 46.21 -20.81
N VAL C 75 -28.89 44.91 -20.52
CA VAL C 75 -27.69 44.10 -20.34
C VAL C 75 -27.73 42.94 -21.32
N ILE C 76 -26.83 42.97 -22.30
CA ILE C 76 -26.71 41.88 -23.26
C ILE C 76 -25.84 40.79 -22.64
N CYS C 77 -26.41 39.62 -22.42
CA CYS C 77 -25.69 38.49 -21.83
C CYS C 77 -25.91 37.26 -22.69
N PRO C 78 -24.86 36.51 -23.03
CA PRO C 78 -25.03 35.38 -23.97
C PRO C 78 -25.64 34.14 -23.34
N LEU C 79 -25.35 33.88 -22.07
CA LEU C 79 -25.79 32.67 -21.41
C LEU C 79 -26.90 32.96 -20.40
N ILE C 80 -27.87 32.05 -20.35
CA ILE C 80 -29.00 32.23 -19.44
C ILE C 80 -28.56 32.02 -17.99
N SER C 81 -27.56 31.15 -17.77
CA SER C 81 -27.11 30.86 -16.41
C SER C 81 -26.48 32.08 -15.74
N LEU C 82 -25.63 32.80 -16.48
CA LEU C 82 -25.04 34.03 -15.94
C LEU C 82 -26.11 35.02 -15.59
N MET C 83 -27.14 35.13 -16.42
CA MET C 83 -28.27 35.98 -16.12
C MET C 83 -28.91 35.55 -14.81
N GLU C 84 -29.37 34.31 -14.73
CA GLU C 84 -30.06 33.84 -13.52
C GLU C 84 -29.23 34.08 -12.26
N ASP C 85 -27.90 33.97 -12.37
CA ASP C 85 -27.03 34.31 -11.24
C ASP C 85 -27.17 35.79 -10.88
N GLN C 86 -27.07 36.67 -11.87
CA GLN C 86 -27.19 38.10 -11.60
C GLN C 86 -28.57 38.44 -11.05
N LEU C 87 -29.62 37.83 -11.60
CA LEU C 87 -30.97 38.10 -11.13
C LEU C 87 -31.14 37.68 -9.67
N MET C 88 -30.59 36.53 -9.29
CA MET C 88 -30.62 36.11 -7.88
C MET C 88 -29.94 37.15 -6.99
N VAL C 89 -28.69 37.50 -7.34
CA VAL C 89 -27.93 38.43 -6.52
C VAL C 89 -28.69 39.73 -6.38
N LEU C 90 -29.22 40.25 -7.50
CA LEU C 90 -29.98 41.49 -7.44
C LEU C 90 -31.23 41.32 -6.60
N LYS C 91 -31.77 40.09 -6.53
CA LYS C 91 -33.01 39.88 -5.80
C LYS C 91 -32.82 40.01 -4.29
N GLN C 92 -31.70 39.53 -3.72
CA GLN C 92 -31.60 39.80 -2.27
C GLN C 92 -31.63 41.30 -1.97
N LEU C 93 -31.03 42.10 -2.84
CA LEU C 93 -30.84 43.51 -2.52
C LEU C 93 -32.10 44.32 -2.69
N GLY C 94 -33.19 43.69 -3.12
CA GLY C 94 -34.43 44.39 -3.33
C GLY C 94 -34.42 45.20 -4.60
N ILE C 95 -33.53 44.87 -5.52
CA ILE C 95 -33.43 45.57 -6.80
C ILE C 95 -34.24 44.78 -7.80
N SER C 96 -35.31 45.39 -8.30
CA SER C 96 -36.18 44.74 -9.26
C SER C 96 -35.49 44.72 -10.62
N ALA C 97 -35.17 43.52 -11.09
CA ALA C 97 -34.58 43.33 -12.41
C ALA C 97 -35.26 42.14 -13.05
N THR C 98 -35.11 42.01 -14.37
CA THR C 98 -35.80 40.94 -15.07
C THR C 98 -34.93 40.44 -16.22
N MET C 99 -35.39 39.33 -16.80
CA MET C 99 -34.66 38.66 -17.88
C MET C 99 -35.60 38.32 -19.02
N LEU C 100 -35.02 38.14 -20.20
CA LEU C 100 -35.79 37.83 -21.41
C LEU C 100 -34.89 36.95 -22.28
N ASN C 101 -35.15 35.65 -22.26
CA ASN C 101 -34.42 34.66 -23.05
C ASN C 101 -35.33 34.09 -24.12
N ALA C 102 -34.79 33.11 -24.87
CA ALA C 102 -35.57 32.49 -25.93
C ALA C 102 -36.73 31.69 -25.37
N SER C 103 -36.54 31.04 -24.22
CA SER C 103 -37.53 30.16 -23.63
C SER C 103 -38.36 30.87 -22.56
N SER C 104 -38.54 32.19 -22.69
CA SER C 104 -39.38 32.74 -21.64
C SER C 104 -40.85 32.69 -22.07
N PRO C 105 -41.75 32.38 -21.15
CA PRO C 105 -43.16 32.24 -21.49
C PRO C 105 -43.77 33.54 -21.98
N LYS C 106 -44.99 33.42 -22.49
CA LYS C 106 -45.62 34.49 -23.26
C LYS C 106 -45.99 35.67 -22.37
N GLU C 107 -46.45 35.39 -21.14
CA GLU C 107 -46.82 36.48 -20.25
C GLU C 107 -45.59 37.16 -19.65
N HIS C 108 -44.51 36.42 -19.39
CA HIS C 108 -43.33 37.12 -18.90
C HIS C 108 -42.84 38.10 -19.96
N VAL C 109 -42.94 37.70 -21.23
CA VAL C 109 -42.59 38.59 -22.34
C VAL C 109 -43.51 39.81 -22.35
N LYS C 110 -44.83 39.59 -22.28
CA LYS C 110 -45.74 40.72 -22.37
C LYS C 110 -45.62 41.64 -21.15
N TRP C 111 -45.39 41.08 -19.96
CA TRP C 111 -45.14 41.88 -18.78
C TRP C 111 -43.90 42.74 -18.94
N VAL C 112 -42.81 42.14 -19.40
CA VAL C 112 -41.58 42.89 -19.62
C VAL C 112 -41.82 44.02 -20.62
N HIS C 113 -42.44 43.69 -21.76
CA HIS C 113 -42.71 44.70 -22.79
C HIS C 113 -43.55 45.85 -22.25
N ALA C 114 -44.60 45.53 -21.49
CA ALA C 114 -45.43 46.59 -20.93
C ALA C 114 -44.68 47.40 -19.88
N GLU C 115 -43.69 46.79 -19.21
CA GLU C 115 -42.94 47.51 -18.20
C GLU C 115 -41.89 48.42 -18.80
N MET C 116 -41.40 48.12 -20.01
CA MET C 116 -40.38 48.98 -20.61
C MET C 116 -40.93 50.37 -20.89
N VAL C 117 -42.18 50.47 -21.32
CA VAL C 117 -42.78 51.76 -21.64
C VAL C 117 -43.43 52.42 -20.44
N ASN C 118 -43.85 51.64 -19.43
CA ASN C 118 -44.47 52.20 -18.24
C ASN C 118 -43.51 53.11 -17.49
N LYS C 119 -43.99 54.30 -17.12
CA LYS C 119 -43.15 55.26 -16.40
C LYS C 119 -42.86 54.79 -14.98
N ASN C 120 -43.87 54.26 -14.29
CA ASN C 120 -43.77 53.97 -12.86
C ASN C 120 -43.25 52.56 -12.60
N SER C 121 -42.53 52.00 -13.55
CA SER C 121 -41.85 50.72 -13.35
C SER C 121 -40.65 50.91 -12.43
N LYS C 122 -40.53 50.05 -11.43
CA LYS C 122 -39.36 50.02 -10.56
C LYS C 122 -38.21 49.25 -11.21
N LEU C 123 -38.40 48.79 -12.44
CA LEU C 123 -37.40 47.99 -13.13
C LEU C 123 -36.15 48.83 -13.42
N LYS C 124 -34.99 48.27 -13.10
CA LYS C 124 -33.73 48.96 -13.26
C LYS C 124 -32.74 48.24 -14.18
N LEU C 125 -32.93 46.94 -14.41
CA LEU C 125 -32.03 46.17 -15.27
C LEU C 125 -32.83 45.09 -15.99
N ILE C 126 -32.71 45.08 -17.32
CA ILE C 126 -33.30 44.04 -18.16
C ILE C 126 -32.17 43.29 -18.84
N TYR C 127 -31.99 42.03 -18.48
CA TYR C 127 -31.00 41.16 -19.13
C TYR C 127 -31.64 40.44 -20.30
N VAL C 128 -31.05 40.57 -21.47
CA VAL C 128 -31.53 39.90 -22.68
C VAL C 128 -30.37 39.25 -23.42
N THR C 129 -30.70 38.23 -24.22
CA THR C 129 -29.71 37.61 -25.09
C THR C 129 -29.57 38.44 -26.37
N PRO C 130 -28.41 38.40 -27.01
CA PRO C 130 -28.23 39.20 -28.24
C PRO C 130 -29.18 38.83 -29.37
N GLU C 131 -29.75 37.62 -29.36
CA GLU C 131 -30.77 37.30 -30.35
C GLU C 131 -32.05 38.09 -30.10
N LYS C 132 -32.33 38.44 -28.85
CA LYS C 132 -33.49 39.28 -28.56
C LYS C 132 -33.34 40.65 -29.19
N ILE C 133 -32.10 41.10 -29.39
CA ILE C 133 -31.87 42.35 -30.11
C ILE C 133 -31.91 42.11 -31.61
N ALA C 134 -31.25 41.04 -32.08
CA ALA C 134 -31.10 40.83 -33.51
C ALA C 134 -32.38 40.31 -34.15
N LYS C 135 -33.10 39.41 -33.48
CA LYS C 135 -34.19 38.66 -34.09
C LYS C 135 -35.53 38.88 -33.40
N SER C 136 -35.74 40.06 -32.80
CA SER C 136 -37.03 40.40 -32.21
C SER C 136 -37.40 41.82 -32.62
N LYS C 137 -38.42 41.95 -33.46
CA LYS C 137 -38.90 43.27 -33.86
C LYS C 137 -39.60 43.98 -32.72
N MET C 138 -40.45 43.27 -31.98
CA MET C 138 -41.24 43.88 -30.93
C MET C 138 -40.37 44.43 -29.80
N PHE C 139 -39.33 43.69 -29.43
CA PHE C 139 -38.42 44.18 -28.41
C PHE C 139 -37.68 45.42 -28.86
N MET C 140 -37.23 45.46 -30.12
CA MET C 140 -36.57 46.66 -30.63
C MET C 140 -37.53 47.84 -30.68
N SER C 141 -38.80 47.59 -31.03
CA SER C 141 -39.78 48.67 -31.08
C SER C 141 -39.99 49.27 -29.69
N ARG C 142 -40.26 48.42 -28.70
CA ARG C 142 -40.44 48.93 -27.34
C ARG C 142 -39.16 49.54 -26.79
N LEU C 143 -38.00 49.03 -27.21
CA LEU C 143 -36.74 49.64 -26.82
C LEU C 143 -36.63 51.07 -27.34
N GLU C 144 -37.00 51.28 -28.60
CA GLU C 144 -37.02 52.64 -29.15
C GLU C 144 -38.00 53.51 -28.38
N LYS C 145 -39.18 52.98 -28.07
CA LYS C 145 -40.18 53.76 -27.33
C LYS C 145 -39.66 54.17 -25.96
N ALA C 146 -38.96 53.27 -25.28
CA ALA C 146 -38.40 53.58 -23.97
C ALA C 146 -37.21 54.52 -24.08
N TYR C 147 -36.42 54.41 -25.15
CA TYR C 147 -35.28 55.29 -25.33
C TYR C 147 -35.73 56.72 -25.54
N GLU C 148 -36.74 56.93 -26.40
CA GLU C 148 -37.23 58.29 -26.60
C GLU C 148 -37.95 58.81 -25.36
N ALA C 149 -38.50 57.92 -24.54
CA ALA C 149 -39.15 58.29 -23.29
C ALA C 149 -38.17 58.58 -22.17
N ARG C 150 -36.87 58.65 -22.48
CA ARG C 150 -35.81 58.94 -21.52
C ARG C 150 -35.83 57.96 -20.34
N ARG C 151 -36.20 56.71 -20.61
CA ARG C 151 -36.12 55.64 -19.62
C ARG C 151 -34.97 54.69 -19.87
N PHE C 152 -34.66 54.41 -21.13
CA PHE C 152 -33.52 53.57 -21.51
C PHE C 152 -32.33 54.48 -21.74
N THR C 153 -31.30 54.35 -20.90
CA THR C 153 -30.17 55.28 -20.95
C THR C 153 -28.81 54.60 -21.01
N ARG C 154 -28.72 53.37 -20.52
CA ARG C 154 -27.43 52.70 -20.42
C ARG C 154 -27.51 51.30 -21.03
N ILE C 155 -26.43 50.90 -21.69
CA ILE C 155 -26.29 49.58 -22.28
C ILE C 155 -25.06 48.91 -21.66
N ALA C 156 -25.22 47.63 -21.32
CA ALA C 156 -24.12 46.82 -20.78
C ALA C 156 -23.98 45.59 -21.65
N VAL C 157 -22.79 45.42 -22.22
CA VAL C 157 -22.47 44.29 -23.10
C VAL C 157 -21.52 43.38 -22.34
N ASP C 158 -22.02 42.21 -21.92
CA ASP C 158 -21.20 41.22 -21.27
C ASP C 158 -20.45 40.39 -22.30
N GLU C 159 -19.22 39.99 -21.97
CA GLU C 159 -18.35 39.25 -22.87
C GLU C 159 -18.23 39.98 -24.21
N VAL C 160 -17.82 41.25 -24.14
CA VAL C 160 -17.73 42.09 -25.33
C VAL C 160 -16.71 41.58 -26.33
N HIS C 161 -15.73 40.79 -25.88
CA HIS C 161 -14.72 40.26 -26.78
C HIS C 161 -15.32 39.38 -27.87
N CYS C 162 -16.50 38.79 -27.62
CA CYS C 162 -17.17 37.98 -28.61
C CYS C 162 -17.61 38.77 -29.84
N CYS C 163 -17.56 40.10 -29.79
CA CYS C 163 -17.91 40.90 -30.96
C CYS C 163 -16.90 40.70 -32.10
N SER C 164 -15.62 40.76 -31.78
CA SER C 164 -14.57 40.75 -32.81
C SER C 164 -14.35 39.35 -33.36
N GLN C 165 -14.16 39.27 -34.69
CA GLN C 165 -13.73 38.03 -35.33
C GLN C 165 -12.24 37.81 -35.32
N TRP C 166 -11.47 38.67 -34.65
CA TRP C 166 -10.04 38.47 -34.52
C TRP C 166 -9.69 37.57 -33.34
N GLY C 167 -10.68 36.98 -32.68
CA GLY C 167 -10.43 36.11 -31.55
C GLY C 167 -11.44 34.97 -31.51
N HIS C 168 -11.26 34.11 -30.50
CA HIS C 168 -12.12 32.97 -30.29
C HIS C 168 -13.33 33.39 -29.45
N ASP C 169 -14.18 32.41 -29.11
CA ASP C 169 -15.45 32.66 -28.42
C ASP C 169 -16.31 33.66 -29.17
N PHE C 170 -16.14 33.73 -30.50
CA PHE C 170 -16.93 34.63 -31.33
C PHE C 170 -18.38 34.18 -31.34
N ARG C 171 -19.25 34.98 -30.71
CA ARG C 171 -20.69 34.75 -30.82
C ARG C 171 -21.21 35.50 -32.02
N PRO C 172 -21.72 34.82 -33.06
CA PRO C 172 -22.20 35.55 -34.24
C PRO C 172 -23.27 36.57 -33.94
N ASP C 173 -24.14 36.32 -32.95
CA ASP C 173 -25.18 37.27 -32.60
C ASP C 173 -24.58 38.62 -32.23
N TYR C 174 -23.40 38.62 -31.62
CA TYR C 174 -22.80 39.86 -31.16
C TYR C 174 -22.45 40.78 -32.32
N LYS C 175 -22.32 40.23 -33.53
CA LYS C 175 -22.05 41.07 -34.69
C LYS C 175 -23.15 42.11 -34.87
N ALA C 176 -24.39 41.74 -34.60
CA ALA C 176 -25.50 42.66 -34.80
C ALA C 176 -25.60 43.72 -33.70
N LEU C 177 -24.91 43.53 -32.57
CA LEU C 177 -25.07 44.45 -31.45
C LEU C 177 -24.68 45.88 -31.78
N GLY C 178 -23.92 46.09 -32.86
CA GLY C 178 -23.62 47.45 -33.29
C GLY C 178 -24.83 48.28 -33.59
N ILE C 179 -26.00 47.66 -33.79
CA ILE C 179 -27.20 48.45 -34.03
C ILE C 179 -27.56 49.28 -32.81
N LEU C 180 -27.17 48.82 -31.61
CA LEU C 180 -27.61 49.50 -30.39
C LEU C 180 -27.12 50.94 -30.36
N LYS C 181 -25.79 51.11 -30.37
CA LYS C 181 -25.21 52.44 -30.41
C LYS C 181 -25.62 53.19 -31.66
N ARG C 182 -26.02 52.48 -32.71
CA ARG C 182 -26.49 53.15 -33.91
C ARG C 182 -27.87 53.76 -33.70
N GLN C 183 -28.75 53.05 -32.97
CA GLN C 183 -30.11 53.51 -32.79
C GLN C 183 -30.33 54.26 -31.49
N PHE C 184 -29.44 54.11 -30.51
CA PHE C 184 -29.55 54.77 -29.22
C PHE C 184 -28.24 55.47 -28.90
N PRO C 185 -27.88 56.51 -29.67
CA PRO C 185 -26.56 57.13 -29.49
C PRO C 185 -26.40 57.82 -28.14
N ASN C 186 -27.47 58.36 -27.58
CA ASN C 186 -27.40 59.01 -26.28
C ASN C 186 -27.31 58.02 -25.12
N ALA C 187 -27.41 56.71 -25.39
CA ALA C 187 -27.29 55.70 -24.36
C ALA C 187 -25.83 55.31 -24.18
N SER C 188 -25.32 55.44 -22.96
CA SER C 188 -23.91 55.16 -22.70
C SER C 188 -23.66 53.65 -22.71
N LEU C 189 -22.61 53.23 -23.41
CA LEU C 189 -22.30 51.81 -23.54
C LEU C 189 -21.09 51.43 -22.71
N ILE C 190 -21.24 50.35 -21.93
CA ILE C 190 -20.15 49.75 -21.18
C ILE C 190 -20.02 48.30 -21.59
N GLY C 191 -18.83 47.91 -22.02
CA GLY C 191 -18.52 46.53 -22.37
C GLY C 191 -17.56 45.95 -21.34
N LEU C 192 -17.85 44.73 -20.91
CA LEU C 192 -17.05 44.08 -19.87
C LEU C 192 -16.54 42.74 -20.36
N THR C 193 -15.33 42.38 -19.94
CA THR C 193 -14.75 41.11 -20.35
C THR C 193 -13.56 40.77 -19.47
N ALA C 194 -13.30 39.47 -19.36
CA ALA C 194 -12.13 38.97 -18.64
C ALA C 194 -11.08 38.38 -19.57
N THR C 195 -11.43 38.13 -20.82
CA THR C 195 -10.50 37.59 -21.83
C THR C 195 -10.40 38.65 -22.93
N ALA C 196 -9.47 39.59 -22.77
CA ALA C 196 -9.40 40.73 -23.68
C ALA C 196 -7.96 41.05 -24.03
N THR C 197 -7.62 40.92 -25.32
CA THR C 197 -6.43 41.52 -25.90
C THR C 197 -6.83 42.81 -26.60
N SER C 198 -5.96 43.83 -26.51
CA SER C 198 -6.31 45.16 -26.98
C SER C 198 -6.72 45.15 -28.46
N HIS C 199 -6.01 44.35 -29.26
CA HIS C 199 -6.30 44.27 -30.69
C HIS C 199 -7.68 43.68 -30.94
N VAL C 200 -8.18 42.87 -30.02
CA VAL C 200 -9.54 42.36 -30.12
C VAL C 200 -10.54 43.39 -29.63
N LEU C 201 -10.20 44.11 -28.55
CA LEU C 201 -11.10 45.11 -27.99
C LEU C 201 -11.37 46.24 -28.99
N LYS C 202 -10.35 46.65 -29.76
CA LYS C 202 -10.57 47.71 -30.74
C LYS C 202 -11.53 47.27 -31.84
N ASP C 203 -11.33 46.04 -32.36
CA ASP C 203 -12.28 45.52 -33.33
C ASP C 203 -13.68 45.39 -32.71
N ALA C 204 -13.76 45.09 -31.40
CA ALA C 204 -15.06 45.06 -30.75
C ALA C 204 -15.68 46.45 -30.65
N GLN C 205 -14.86 47.49 -30.49
CA GLN C 205 -15.38 48.86 -30.50
C GLN C 205 -15.96 49.19 -31.86
N LYS C 206 -15.24 48.81 -32.92
CA LYS C 206 -15.79 48.93 -34.27
C LYS C 206 -17.10 48.17 -34.44
N ILE C 207 -17.17 46.93 -33.95
CA ILE C 207 -18.40 46.14 -34.14
C ILE C 207 -19.55 46.78 -33.36
N LEU C 208 -19.27 47.29 -32.17
CA LEU C 208 -20.28 47.96 -31.35
C LEU C 208 -20.54 49.40 -31.78
N CYS C 209 -19.82 49.89 -32.80
CA CYS C 209 -19.99 51.25 -33.33
C CYS C 209 -19.81 52.35 -32.27
N VAL C 210 -18.71 52.26 -31.51
CA VAL C 210 -18.36 53.30 -30.55
C VAL C 210 -17.01 53.89 -30.98
N GLU C 211 -17.00 55.20 -31.27
CA GLU C 211 -15.78 55.79 -31.80
C GLU C 211 -14.78 56.13 -30.72
N LYS C 212 -15.16 56.99 -29.78
CA LYS C 212 -14.35 57.28 -28.60
C LYS C 212 -14.78 56.38 -27.46
N CYS C 213 -13.81 55.73 -26.82
CA CYS C 213 -14.14 54.80 -25.75
C CYS C 213 -12.93 54.60 -24.85
N PHE C 214 -13.13 54.77 -23.55
CA PHE C 214 -12.09 54.48 -22.57
C PHE C 214 -11.96 52.97 -22.40
N THR C 215 -10.73 52.51 -22.18
CA THR C 215 -10.46 51.09 -21.98
C THR C 215 -9.59 50.92 -20.74
N PHE C 216 -10.19 50.47 -19.64
CA PHE C 216 -9.48 50.23 -18.40
C PHE C 216 -9.25 48.73 -18.24
N THR C 217 -8.03 48.36 -17.85
CA THR C 217 -7.69 46.98 -17.54
C THR C 217 -7.09 46.89 -16.14
N ALA C 218 -7.30 45.75 -15.51
CA ALA C 218 -6.79 45.48 -14.17
C ALA C 218 -5.53 44.63 -14.26
N SER C 219 -4.67 44.76 -13.26
CA SER C 219 -3.49 43.90 -13.18
C SER C 219 -3.95 42.49 -12.83
N PHE C 220 -3.76 41.55 -13.76
CA PHE C 220 -4.24 40.20 -13.56
C PHE C 220 -3.44 39.42 -12.53
N ASN C 221 -2.25 39.90 -12.16
CA ASN C 221 -1.47 39.23 -11.14
C ASN C 221 -2.10 39.39 -9.77
N ARG C 222 -2.22 38.29 -9.05
CA ARG C 222 -2.75 38.28 -7.68
C ARG C 222 -1.62 37.93 -6.73
N PRO C 223 -0.91 38.91 -6.19
CA PRO C 223 0.29 38.60 -5.37
C PRO C 223 -0.02 37.83 -4.10
N ASN C 224 -1.27 37.82 -3.65
CA ASN C 224 -1.63 37.12 -2.43
C ASN C 224 -1.92 35.64 -2.67
N LEU C 225 -1.88 35.18 -3.92
CA LEU C 225 -2.16 33.79 -4.25
C LEU C 225 -0.86 32.99 -4.31
N TYR C 226 -0.87 31.82 -3.70
CA TYR C 226 0.29 30.93 -3.67
C TYR C 226 0.00 29.75 -4.60
N TYR C 227 0.81 29.61 -5.65
CA TYR C 227 0.59 28.60 -6.67
C TYR C 227 1.40 27.35 -6.37
N GLU C 228 0.74 26.20 -6.32
CA GLU C 228 1.37 24.93 -5.98
C GLU C 228 0.82 23.81 -6.85
N VAL C 229 1.68 22.86 -7.19
CA VAL C 229 1.33 21.69 -7.97
C VAL C 229 1.78 20.45 -7.20
N ARG C 230 0.85 19.53 -6.95
CA ARG C 230 1.14 18.30 -6.23
C ARG C 230 0.85 17.08 -7.10
N GLN C 231 1.47 15.96 -6.74
CA GLN C 231 1.27 14.71 -7.45
C GLN C 231 -0.09 14.13 -7.11
N LYS C 232 -0.78 13.61 -8.12
CA LYS C 232 -2.09 13.02 -7.93
C LYS C 232 -1.97 11.51 -7.81
N PRO C 233 -2.21 10.92 -6.64
CA PRO C 233 -2.19 9.46 -6.53
C PRO C 233 -3.25 8.83 -7.43
N SER C 234 -2.86 7.75 -8.12
CA SER C 234 -3.78 7.12 -9.05
C SER C 234 -4.98 6.51 -8.34
N ASN C 235 -4.81 6.04 -7.11
CA ASN C 235 -5.92 5.53 -6.32
C ASN C 235 -6.82 6.68 -5.93
N THR C 236 -8.09 6.62 -6.36
CA THR C 236 -9.01 7.73 -6.09
C THR C 236 -9.33 7.86 -4.61
N GLU C 237 -9.52 6.74 -3.91
CA GLU C 237 -9.82 6.81 -2.49
C GLU C 237 -8.62 7.29 -1.69
N ASP C 238 -7.43 6.83 -2.06
CA ASP C 238 -6.20 7.37 -1.46
C ASP C 238 -6.11 8.86 -1.70
N PHE C 239 -6.51 9.31 -2.90
CA PHE C 239 -6.46 10.73 -3.24
C PHE C 239 -7.44 11.55 -2.40
N ILE C 240 -8.66 11.06 -2.21
CA ILE C 240 -9.65 11.81 -1.43
C ILE C 240 -9.24 11.86 0.05
N GLU C 241 -8.83 10.71 0.61
CA GLU C 241 -8.21 10.68 1.94
C GLU C 241 -7.08 11.70 2.04
N ASP C 242 -6.22 11.73 1.03
CA ASP C 242 -5.05 12.59 1.04
C ASP C 242 -5.46 14.04 1.06
N ILE C 243 -6.49 14.35 0.28
CA ILE C 243 -6.99 15.71 0.19
C ILE C 243 -7.56 16.17 1.52
N VAL C 244 -8.37 15.32 2.18
CA VAL C 244 -8.91 15.75 3.46
C VAL C 244 -7.78 15.92 4.47
N LYS C 245 -6.71 15.14 4.33
CA LYS C 245 -5.54 15.35 5.19
C LYS C 245 -4.95 16.73 4.95
N LEU C 246 -4.77 17.10 3.68
CA LEU C 246 -4.22 18.41 3.36
C LEU C 246 -5.11 19.53 3.90
N ILE C 247 -6.43 19.38 3.73
CA ILE C 247 -7.37 20.41 4.17
C ILE C 247 -7.29 20.58 5.68
N ASN C 248 -7.35 19.48 6.42
CA ASN C 248 -7.26 19.57 7.88
C ASN C 248 -5.89 20.04 8.36
N GLY C 249 -4.85 19.86 7.56
CA GLY C 249 -3.54 20.32 7.95
C GLY C 249 -3.33 21.79 7.74
N ARG C 250 -3.61 22.27 6.53
CA ARG C 250 -3.33 23.63 6.11
C ARG C 250 -4.52 24.59 6.21
N TYR C 251 -5.75 24.18 5.88
CA TYR C 251 -6.89 25.10 5.82
C TYR C 251 -8.05 24.59 6.66
N LYS C 252 -7.78 24.06 7.85
CA LYS C 252 -8.86 23.54 8.68
C LYS C 252 -9.83 24.64 9.06
N GLY C 253 -11.09 24.48 8.62
CA GLY C 253 -12.15 25.42 8.92
C GLY C 253 -12.33 26.53 7.91
N GLN C 254 -11.38 26.71 7.00
CA GLN C 254 -11.46 27.78 6.01
C GLN C 254 -12.29 27.34 4.82
N SER C 255 -13.00 28.29 4.23
CA SER C 255 -13.80 28.01 3.04
C SER C 255 -12.91 27.71 1.85
N GLY C 256 -13.38 26.83 0.97
CA GLY C 256 -12.57 26.41 -0.17
C GLY C 256 -13.40 25.94 -1.34
N ILE C 257 -12.71 25.84 -2.48
CA ILE C 257 -13.31 25.41 -3.73
C ILE C 257 -12.48 24.27 -4.30
N ILE C 258 -13.15 23.24 -4.81
CA ILE C 258 -12.49 22.11 -5.47
C ILE C 258 -13.07 21.99 -6.87
N TYR C 259 -12.22 22.18 -7.88
CA TYR C 259 -12.61 22.05 -9.27
C TYR C 259 -12.37 20.62 -9.75
N CYS C 260 -13.40 20.01 -10.33
CA CYS C 260 -13.30 18.67 -10.90
C CYS C 260 -13.55 18.72 -12.39
N PHE C 261 -12.95 17.77 -13.12
CA PHE C 261 -13.13 17.73 -14.56
C PHE C 261 -14.53 17.27 -14.94
N SER C 262 -15.01 16.20 -14.31
CA SER C 262 -16.29 15.59 -14.63
C SER C 262 -17.32 15.92 -13.56
N GLN C 263 -18.60 15.73 -13.91
CA GLN C 263 -19.68 15.94 -12.94
C GLN C 263 -19.71 14.84 -11.90
N LYS C 264 -19.65 13.57 -12.34
CA LYS C 264 -19.60 12.46 -11.40
C LYS C 264 -18.37 12.55 -10.51
N ASP C 265 -17.28 13.14 -11.03
CA ASP C 265 -16.12 13.39 -10.19
C ASP C 265 -16.48 14.30 -9.03
N SER C 266 -17.12 15.44 -9.33
CA SER C 266 -17.54 16.33 -8.26
C SER C 266 -18.53 15.68 -7.31
N GLU C 267 -19.30 14.71 -7.81
CA GLU C 267 -20.29 14.07 -6.95
C GLU C 267 -19.63 13.13 -5.95
N GLN C 268 -18.68 12.35 -6.42
CA GLN C 268 -17.86 11.57 -5.50
C GLN C 268 -17.16 12.49 -4.52
N VAL C 269 -16.41 13.47 -5.03
CA VAL C 269 -15.63 14.33 -4.13
C VAL C 269 -16.50 14.89 -3.03
N THR C 270 -17.74 15.28 -3.37
CA THR C 270 -18.66 15.78 -2.35
C THR C 270 -18.98 14.71 -1.30
N ILE C 271 -19.47 13.54 -1.75
CA ILE C 271 -19.91 12.53 -0.79
C ILE C 271 -18.72 11.99 0.02
N SER C 272 -17.56 11.82 -0.64
CA SER C 272 -16.38 11.28 0.01
C SER C 272 -15.81 12.25 1.02
N LEU C 273 -15.82 13.55 0.70
CA LEU C 273 -15.46 14.55 1.70
C LEU C 273 -16.45 14.51 2.86
N GLN C 274 -17.73 14.28 2.57
CA GLN C 274 -18.74 14.30 3.62
C GLN C 274 -18.56 13.17 4.62
N LYS C 275 -18.42 11.91 4.15
CA LYS C 275 -18.21 10.87 5.15
C LYS C 275 -16.84 10.94 5.81
N LEU C 276 -15.88 11.62 5.20
CA LEU C 276 -14.56 11.76 5.80
C LEU C 276 -14.46 13.01 6.68
N GLY C 277 -15.59 13.69 6.91
CA GLY C 277 -15.67 14.76 7.88
C GLY C 277 -15.44 16.15 7.36
N ILE C 278 -15.45 16.37 6.05
CA ILE C 278 -15.32 17.69 5.47
C ILE C 278 -16.69 18.10 4.92
N PRO C 279 -17.42 19.01 5.59
CA PRO C 279 -18.72 19.44 5.05
C PRO C 279 -18.54 20.01 3.65
N ALA C 280 -19.15 19.35 2.67
CA ALA C 280 -18.98 19.71 1.28
C ALA C 280 -20.35 19.88 0.62
N GLY C 281 -20.35 20.64 -0.47
CA GLY C 281 -21.54 20.78 -1.28
C GLY C 281 -21.20 20.87 -2.75
N ALA C 282 -22.01 20.26 -3.60
CA ALA C 282 -21.74 20.26 -5.04
C ALA C 282 -22.40 21.47 -5.69
N TYR C 283 -21.80 21.93 -6.78
CA TYR C 283 -22.30 23.09 -7.50
C TYR C 283 -22.14 22.85 -9.00
N HIS C 284 -23.25 22.88 -9.71
CA HIS C 284 -23.27 22.82 -11.17
C HIS C 284 -23.90 24.09 -11.70
N ALA C 285 -23.40 24.55 -12.84
CA ALA C 285 -23.92 25.79 -13.42
C ALA C 285 -25.30 25.60 -14.04
N ASN C 286 -25.92 24.43 -13.94
CA ASN C 286 -27.15 24.15 -14.67
C ASN C 286 -28.33 23.76 -13.79
N MET C 287 -28.26 23.94 -12.48
CA MET C 287 -29.44 23.69 -11.66
C MET C 287 -30.18 25.00 -11.39
N GLU C 288 -31.33 24.89 -10.72
CA GLU C 288 -32.24 26.03 -10.55
C GLU C 288 -31.64 27.14 -9.69
N PRO C 289 -32.17 28.36 -9.86
CA PRO C 289 -31.84 29.47 -8.95
C PRO C 289 -32.11 29.11 -7.49
N GLU C 290 -33.02 28.16 -7.25
CA GLU C 290 -33.41 27.85 -5.88
C GLU C 290 -32.37 27.00 -5.19
N ASP C 291 -31.91 25.92 -5.83
CA ASP C 291 -30.83 25.15 -5.22
C ASP C 291 -29.49 25.86 -5.33
N LYS C 292 -29.33 26.73 -6.32
CA LYS C 292 -28.18 27.64 -6.32
C LYS C 292 -28.20 28.52 -5.08
N THR C 293 -29.36 29.11 -4.77
CA THR C 293 -29.55 29.86 -3.54
C THR C 293 -29.25 29.00 -2.31
N LYS C 294 -29.74 27.75 -2.30
CA LYS C 294 -29.55 26.89 -1.14
C LYS C 294 -28.06 26.59 -0.92
N VAL C 295 -27.34 26.24 -1.98
CA VAL C 295 -25.91 25.95 -1.87
C VAL C 295 -25.15 27.21 -1.49
N HIS C 296 -25.56 28.35 -2.03
CA HIS C 296 -24.86 29.60 -1.77
C HIS C 296 -25.04 30.02 -0.31
N ARG C 297 -26.27 29.95 0.20
CA ARG C 297 -26.48 30.24 1.62
C ARG C 297 -25.84 29.20 2.52
N ARG C 298 -25.76 27.94 2.09
CA ARG C 298 -25.03 26.94 2.87
C ARG C 298 -23.56 27.32 2.99
N TRP C 299 -22.98 27.85 1.91
CA TRP C 299 -21.61 28.32 1.96
C TRP C 299 -21.49 29.59 2.79
N ALA C 300 -22.40 30.54 2.56
CA ALA C 300 -22.39 31.82 3.27
C ALA C 300 -22.67 31.62 4.75
N ALA C 301 -23.66 30.80 5.08
CA ALA C 301 -23.90 30.47 6.47
C ALA C 301 -22.90 29.44 6.97
N ASN C 302 -21.91 29.11 6.14
CA ASN C 302 -20.78 28.28 6.53
C ASN C 302 -21.25 26.88 6.96
N GLU C 303 -22.42 26.47 6.44
CA GLU C 303 -22.91 25.11 6.71
C GLU C 303 -22.09 24.07 5.96
N ILE C 304 -21.60 24.41 4.78
CA ILE C 304 -20.65 23.59 4.03
C ILE C 304 -19.32 24.35 3.96
N GLN C 305 -18.23 23.60 4.04
CA GLN C 305 -16.90 24.20 4.05
C GLN C 305 -16.30 24.30 2.66
N VAL C 306 -16.48 23.27 1.84
CA VAL C 306 -15.91 23.22 0.49
C VAL C 306 -17.04 23.13 -0.53
N VAL C 307 -16.90 23.86 -1.62
CA VAL C 307 -17.80 23.76 -2.76
C VAL C 307 -17.05 23.01 -3.86
N VAL C 308 -17.61 21.88 -4.29
CA VAL C 308 -17.04 21.08 -5.37
C VAL C 308 -17.81 21.39 -6.63
N ALA C 309 -17.12 21.94 -7.63
CA ALA C 309 -17.74 22.32 -8.88
C ALA C 309 -16.97 21.73 -10.05
N THR C 310 -17.70 21.44 -11.12
CA THR C 310 -17.14 21.04 -12.40
C THR C 310 -16.88 22.29 -13.23
N VAL C 311 -16.01 22.19 -14.22
CA VAL C 311 -15.59 23.39 -14.95
C VAL C 311 -16.62 23.59 -16.05
N ALA C 312 -17.71 24.26 -15.67
CA ALA C 312 -18.80 24.64 -16.54
C ALA C 312 -18.65 26.11 -16.96
N PHE C 313 -19.66 26.61 -17.67
CA PHE C 313 -19.72 28.00 -18.11
C PHE C 313 -20.85 28.68 -17.35
N GLY C 314 -20.52 29.53 -16.37
CA GLY C 314 -21.55 30.02 -15.48
C GLY C 314 -21.40 29.74 -13.99
N MET C 315 -20.17 29.50 -13.52
CA MET C 315 -19.90 29.35 -12.09
C MET C 315 -19.81 30.69 -11.38
N GLY C 316 -20.96 31.19 -10.94
CA GLY C 316 -21.04 32.42 -10.15
C GLY C 316 -20.80 32.16 -8.68
N ILE C 317 -19.76 31.40 -8.34
CA ILE C 317 -19.49 31.07 -6.94
C ILE C 317 -19.13 32.32 -6.14
N ASP C 318 -18.07 33.03 -6.54
CA ASP C 318 -17.89 34.45 -6.20
C ASP C 318 -17.92 34.75 -4.69
N LYS C 319 -16.96 34.21 -3.94
CA LYS C 319 -16.94 34.47 -2.51
C LYS C 319 -15.63 35.12 -2.07
N PRO C 320 -15.69 36.17 -1.24
CA PRO C 320 -14.47 36.93 -0.91
C PRO C 320 -13.41 36.17 -0.14
N ASP C 321 -13.76 35.16 0.65
CA ASP C 321 -12.83 34.58 1.62
C ASP C 321 -12.52 33.12 1.29
N VAL C 322 -12.32 32.82 0.00
CA VAL C 322 -11.92 31.50 -0.44
C VAL C 322 -10.43 31.35 -0.20
N ARG C 323 -10.07 30.57 0.83
CA ARG C 323 -8.68 30.48 1.25
C ARG C 323 -7.90 29.46 0.44
N PHE C 324 -8.56 28.51 -0.21
CA PHE C 324 -7.85 27.54 -1.02
C PHE C 324 -8.74 27.06 -2.17
N VAL C 325 -8.12 26.90 -3.33
CA VAL C 325 -8.76 26.33 -4.51
C VAL C 325 -7.91 25.15 -4.96
N ILE C 326 -8.48 23.96 -4.84
CA ILE C 326 -7.82 22.71 -5.19
C ILE C 326 -8.37 22.24 -6.53
N HIS C 327 -7.49 22.08 -7.52
CA HIS C 327 -7.86 21.52 -8.81
C HIS C 327 -7.69 20.00 -8.72
N HIS C 328 -8.80 19.30 -8.57
CA HIS C 328 -8.81 17.84 -8.55
C HIS C 328 -8.19 17.27 -9.82
N SER C 329 -8.38 17.96 -10.94
CA SER C 329 -7.73 17.64 -12.21
C SER C 329 -7.30 18.94 -12.86
N MET C 330 -6.30 18.84 -13.74
CA MET C 330 -5.83 20.05 -14.41
C MET C 330 -6.90 20.60 -15.34
N SER C 331 -6.74 21.87 -15.70
CA SER C 331 -7.70 22.57 -16.54
C SER C 331 -7.40 22.33 -18.01
N LYS C 332 -8.40 22.62 -18.84
CA LYS C 332 -8.25 22.42 -20.28
C LYS C 332 -7.15 23.30 -20.86
N SER C 333 -6.99 24.51 -20.32
CA SER C 333 -6.03 25.48 -20.84
C SER C 333 -5.41 26.25 -19.69
N MET C 334 -4.38 27.04 -20.01
CA MET C 334 -3.73 27.86 -19.00
C MET C 334 -4.64 28.99 -18.54
N GLU C 335 -5.24 29.71 -19.49
CA GLU C 335 -6.15 30.79 -19.14
C GLU C 335 -7.32 30.27 -18.30
N ASN C 336 -7.83 29.08 -18.63
CA ASN C 336 -8.87 28.48 -17.81
C ASN C 336 -8.39 28.27 -16.38
N TYR C 337 -7.15 27.79 -16.21
CA TYR C 337 -6.63 27.59 -14.87
C TYR C 337 -6.48 28.90 -14.13
N TYR C 338 -6.01 29.95 -14.82
CA TYR C 338 -5.88 31.24 -14.15
C TYR C 338 -7.23 31.73 -13.67
N GLN C 339 -8.23 31.72 -14.55
CA GLN C 339 -9.54 32.25 -14.19
C GLN C 339 -10.19 31.40 -13.10
N GLU C 340 -9.96 30.08 -13.10
CA GLU C 340 -10.55 29.23 -12.08
C GLU C 340 -9.86 29.43 -10.73
N SER C 341 -8.53 29.28 -10.70
CA SER C 341 -7.80 29.44 -9.45
C SER C 341 -7.95 30.84 -8.87
N GLY C 342 -8.16 31.85 -9.70
CA GLY C 342 -8.28 33.21 -9.22
C GLY C 342 -9.49 33.45 -8.35
N ARG C 343 -10.41 32.49 -8.25
CA ARG C 343 -11.56 32.64 -7.37
C ARG C 343 -11.17 32.61 -5.89
N ALA C 344 -9.93 32.26 -5.59
CA ALA C 344 -9.44 32.22 -4.23
C ALA C 344 -8.92 33.58 -3.80
N GLY C 345 -9.07 33.87 -2.50
CA GLY C 345 -8.52 35.08 -1.90
C GLY C 345 -8.93 36.38 -2.56
N ARG C 346 -10.23 36.57 -2.79
CA ARG C 346 -10.72 37.84 -3.30
C ARG C 346 -10.64 38.96 -2.27
N ASP C 347 -10.41 38.64 -1.01
CA ASP C 347 -10.20 39.62 0.05
C ASP C 347 -8.77 40.13 0.10
N ASP C 348 -7.97 39.90 -0.94
CA ASP C 348 -6.59 40.33 -1.03
C ASP C 348 -5.72 39.74 0.08
N MET C 349 -6.22 38.72 0.77
CA MET C 349 -5.49 38.00 1.78
C MET C 349 -4.89 36.73 1.18
N LYS C 350 -3.89 36.18 1.87
CA LYS C 350 -3.17 35.03 1.33
C LYS C 350 -4.12 33.85 1.14
N ALA C 351 -4.04 33.25 -0.05
CA ALA C 351 -4.84 32.09 -0.38
C ALA C 351 -4.03 31.18 -1.28
N ASP C 352 -4.29 29.87 -1.18
CA ASP C 352 -3.51 28.87 -1.88
C ASP C 352 -4.25 28.36 -3.10
N CYS C 353 -3.50 28.14 -4.18
CA CYS C 353 -4.03 27.58 -5.42
C CYS C 353 -3.28 26.28 -5.67
N ILE C 354 -3.89 25.17 -5.27
CA ILE C 354 -3.31 23.84 -5.39
C ILE C 354 -3.83 23.19 -6.66
N LEU C 355 -2.98 22.43 -7.33
CA LEU C 355 -3.34 21.77 -8.59
C LEU C 355 -2.75 20.37 -8.58
N TYR C 356 -3.59 19.36 -8.78
CA TYR C 356 -3.16 17.97 -8.69
C TYR C 356 -2.85 17.43 -10.08
N TYR C 357 -1.59 17.06 -10.29
CA TYR C 357 -1.11 16.62 -11.61
C TYR C 357 -1.21 15.10 -11.67
N GLY C 358 -2.07 14.62 -12.55
CA GLY C 358 -2.25 13.19 -12.77
C GLY C 358 -1.86 12.82 -14.19
N PHE C 359 -1.10 11.73 -14.31
CA PHE C 359 -0.64 11.33 -15.63
C PHE C 359 -1.80 10.97 -16.55
N GLY C 360 -2.75 10.18 -16.06
CA GLY C 360 -3.92 9.83 -16.84
C GLY C 360 -4.80 11.01 -17.19
N ASP C 361 -4.73 12.09 -16.39
CA ASP C 361 -5.52 13.28 -16.66
C ASP C 361 -5.20 13.86 -18.03
N ILE C 362 -3.94 13.78 -18.45
CA ILE C 362 -3.55 14.30 -19.76
C ILE C 362 -4.41 13.69 -20.85
N PHE C 363 -4.40 12.37 -20.95
CA PHE C 363 -5.13 11.72 -22.04
C PHE C 363 -6.63 11.75 -21.82
N ARG C 364 -7.07 11.81 -20.55
CA ARG C 364 -8.50 11.95 -20.28
C ARG C 364 -9.03 13.25 -20.87
N ILE C 365 -8.32 14.36 -20.64
CA ILE C 365 -8.78 15.65 -21.15
C ILE C 365 -8.52 15.74 -22.65
N SER C 366 -7.42 15.14 -23.12
CA SER C 366 -7.10 15.17 -24.55
C SER C 366 -8.18 14.50 -25.39
N SER C 367 -8.74 13.39 -24.90
CA SER C 367 -9.80 12.74 -25.63
C SER C 367 -11.06 13.59 -25.69
N MET C 368 -11.28 14.46 -24.70
CA MET C 368 -12.48 15.28 -24.68
C MET C 368 -12.39 16.51 -25.58
N VAL C 369 -11.19 17.03 -25.80
CA VAL C 369 -11.00 18.28 -26.53
C VAL C 369 -10.62 18.03 -27.99
N VAL C 370 -10.84 16.80 -28.48
CA VAL C 370 -10.41 16.45 -29.84
C VAL C 370 -11.12 17.28 -30.89
N MET C 371 -12.30 17.83 -30.58
CA MET C 371 -13.01 18.68 -31.53
C MET C 371 -12.56 20.12 -31.45
N GLU C 372 -11.96 20.52 -30.33
CA GLU C 372 -11.36 21.85 -30.21
C GLU C 372 -10.12 21.91 -31.09
N ASN C 373 -10.13 22.84 -32.06
CA ASN C 373 -9.07 22.88 -33.05
C ASN C 373 -7.71 23.20 -32.43
N VAL C 374 -7.69 23.83 -31.26
CA VAL C 374 -6.46 24.08 -30.52
C VAL C 374 -6.49 23.47 -29.13
N GLY C 375 -7.45 22.58 -28.87
CA GLY C 375 -7.59 22.02 -27.53
C GLY C 375 -6.36 21.25 -27.08
N GLN C 376 -5.82 20.41 -27.97
CA GLN C 376 -4.66 19.61 -27.60
C GLN C 376 -3.46 20.49 -27.28
N GLN C 377 -3.27 21.58 -28.03
CA GLN C 377 -2.14 22.47 -27.80
C GLN C 377 -2.24 23.15 -26.43
N LYS C 378 -3.43 23.65 -26.08
CA LYS C 378 -3.60 24.29 -24.78
C LYS C 378 -3.47 23.27 -23.65
N LEU C 379 -3.95 22.04 -23.88
CA LEU C 379 -3.77 21.01 -22.87
C LEU C 379 -2.31 20.68 -22.67
N TYR C 380 -1.52 20.66 -23.76
CA TYR C 380 -0.10 20.40 -23.62
C TYR C 380 0.60 21.58 -22.94
N GLU C 381 0.11 22.81 -23.14
CA GLU C 381 0.61 23.92 -22.34
C GLU C 381 0.35 23.70 -20.85
N MET C 382 -0.83 23.19 -20.53
CA MET C 382 -1.15 22.88 -19.14
C MET C 382 -0.22 21.80 -18.58
N VAL C 383 0.00 20.74 -19.37
CA VAL C 383 0.87 19.66 -18.93
C VAL C 383 2.30 20.18 -18.74
N SER C 384 2.76 21.05 -19.64
CA SER C 384 4.08 21.65 -19.48
C SER C 384 4.17 22.48 -18.21
N TYR C 385 3.09 23.19 -17.87
CA TYR C 385 3.07 23.90 -16.60
C TYR C 385 3.22 22.94 -15.44
N CYS C 386 2.51 21.81 -15.49
CA CYS C 386 2.58 20.85 -14.40
C CYS C 386 3.94 20.17 -14.31
N GLN C 387 4.63 20.01 -15.45
CA GLN C 387 5.91 19.33 -15.50
C GLN C 387 7.07 20.20 -15.03
N ASN C 388 6.93 21.52 -15.12
CA ASN C 388 8.03 22.43 -14.81
C ASN C 388 8.35 22.39 -13.32
N ILE C 389 9.62 22.20 -12.99
CA ILE C 389 10.07 22.10 -11.61
C ILE C 389 11.07 23.18 -11.22
N ASN C 390 11.45 24.05 -12.14
CA ASN C 390 12.42 25.10 -11.83
C ASN C 390 11.90 26.51 -12.04
N LYS C 391 11.14 26.74 -13.10
CA LYS C 391 10.65 28.08 -13.39
C LYS C 391 9.55 28.48 -12.42
N CYS C 392 9.41 29.78 -12.19
CA CYS C 392 8.37 30.30 -11.32
C CYS C 392 7.00 30.19 -11.97
N ARG C 393 6.02 29.72 -11.20
CA ARG C 393 4.67 29.52 -11.73
C ARG C 393 4.05 30.83 -12.20
N ARG C 394 4.38 31.94 -11.54
CA ARG C 394 3.84 33.23 -11.94
C ARG C 394 4.31 33.63 -13.33
N VAL C 395 5.59 33.41 -13.64
CA VAL C 395 6.09 33.71 -14.98
C VAL C 395 5.39 32.85 -16.02
N LEU C 396 5.25 31.55 -15.73
CA LEU C 396 4.61 30.65 -16.67
C LEU C 396 3.17 31.05 -16.94
N ILE C 397 2.44 31.46 -15.90
CA ILE C 397 1.06 31.89 -16.12
C ILE C 397 1.03 33.21 -16.87
N ALA C 398 1.90 34.16 -16.50
CA ALA C 398 1.93 35.47 -17.14
C ALA C 398 2.33 35.40 -18.61
N GLN C 399 2.95 34.30 -19.04
CA GLN C 399 3.29 34.20 -20.46
C GLN C 399 2.07 34.34 -21.35
N HIS C 400 0.88 33.98 -20.85
CA HIS C 400 -0.35 34.07 -21.60
C HIS C 400 -1.14 35.34 -21.33
N PHE C 401 -0.61 36.26 -20.54
CA PHE C 401 -1.31 37.50 -20.17
C PHE C 401 -0.37 38.70 -20.31
N ASP C 402 0.36 38.74 -21.43
CA ASP C 402 1.44 39.72 -21.57
C ASP C 402 0.92 41.16 -21.52
N GLU C 403 -0.29 41.40 -22.03
CA GLU C 403 -0.81 42.76 -22.07
C GLU C 403 -1.39 43.23 -20.75
N VAL C 404 -1.80 42.31 -19.87
CA VAL C 404 -2.50 42.66 -18.65
C VAL C 404 -1.75 42.22 -17.40
N TRP C 405 -0.57 41.63 -17.53
CA TRP C 405 0.23 41.23 -16.40
C TRP C 405 1.46 42.14 -16.37
N SER C 406 1.46 43.10 -15.46
CA SER C 406 2.64 43.92 -15.21
C SER C 406 3.69 43.04 -14.55
N PRO C 407 4.93 42.97 -15.07
CA PRO C 407 5.89 42.08 -14.44
C PRO C 407 6.07 42.45 -12.97
N GLU C 408 5.66 41.52 -12.12
CA GLU C 408 5.63 41.67 -10.66
C GLU C 408 6.59 40.67 -10.02
N ALA C 409 7.25 41.07 -8.95
CA ALA C 409 8.09 40.11 -8.27
C ALA C 409 7.20 39.08 -7.59
N CYS C 410 7.57 37.80 -7.70
CA CYS C 410 6.75 36.76 -7.10
C CYS C 410 6.85 36.79 -5.58
N ASN C 411 8.04 37.09 -5.06
CA ASN C 411 8.30 37.18 -3.63
C ASN C 411 8.04 35.83 -2.95
N LYS C 412 8.59 34.77 -3.54
CA LYS C 412 8.52 33.41 -2.98
C LYS C 412 7.08 33.01 -2.69
N MET C 413 6.19 33.28 -3.65
CA MET C 413 4.76 33.00 -3.51
C MET C 413 4.30 31.93 -4.49
N CYS C 414 5.14 30.92 -4.71
CA CYS C 414 4.77 29.75 -5.47
C CYS C 414 5.68 28.60 -5.02
N ASP C 415 5.22 27.38 -5.26
CA ASP C 415 5.97 26.22 -4.77
C ASP C 415 7.37 26.14 -5.37
N ASN C 416 7.52 26.62 -6.60
CA ASN C 416 8.82 26.55 -7.27
C ASN C 416 9.80 27.58 -6.72
N CYS C 417 9.31 28.79 -6.42
CA CYS C 417 10.18 29.84 -5.90
C CYS C 417 10.75 29.51 -4.53
N CYS C 418 10.08 28.64 -3.76
CA CYS C 418 10.52 28.30 -2.42
C CYS C 418 11.55 27.18 -2.39
N LYS C 419 11.67 26.40 -3.47
CA LYS C 419 12.61 25.29 -3.52
C LYS C 419 14.04 25.79 -3.39
N GLU C 420 14.75 25.27 -2.39
CA GLU C 420 16.16 25.60 -2.15
C GLU C 420 17.08 24.55 -2.76
N ILE C 421 16.65 23.91 -3.84
CA ILE C 421 17.36 22.81 -4.47
C ILE C 421 17.89 23.28 -5.82
N SER C 422 19.09 22.82 -6.16
CA SER C 422 19.67 23.09 -7.46
C SER C 422 19.26 22.02 -8.47
N PHE C 423 19.22 22.41 -9.74
CA PHE C 423 18.74 21.56 -10.81
C PHE C 423 19.85 21.29 -11.81
N GLU C 424 19.67 20.21 -12.58
CA GLU C 424 20.61 19.84 -13.62
C GLU C 424 19.82 19.24 -14.78
N ARG C 425 20.26 19.52 -16.00
CA ARG C 425 19.55 19.02 -17.18
C ARG C 425 20.12 17.65 -17.52
N LYS C 426 19.43 16.59 -17.11
CA LYS C 426 19.81 15.24 -17.48
C LYS C 426 19.25 14.94 -18.86
N ASN C 427 20.09 14.49 -19.78
CA ASN C 427 19.56 14.11 -21.09
C ASN C 427 18.97 12.71 -21.00
N VAL C 428 17.82 12.55 -21.65
CA VAL C 428 17.01 11.34 -21.56
C VAL C 428 16.81 10.69 -22.93
N THR C 429 17.67 11.03 -23.90
CA THR C 429 17.49 10.57 -25.27
C THR C 429 17.45 9.05 -25.35
N ALA C 430 18.22 8.36 -24.51
CA ALA C 430 18.21 6.90 -24.50
C ALA C 430 16.82 6.37 -24.16
N TYR C 431 16.18 6.95 -23.15
CA TYR C 431 14.82 6.56 -22.80
C TYR C 431 13.87 6.77 -23.98
N CYS C 432 14.00 7.88 -24.68
CA CYS C 432 13.17 8.14 -25.86
C CYS C 432 13.38 7.05 -26.91
N ARG C 433 14.64 6.68 -27.17
CA ARG C 433 14.92 5.62 -28.12
C ARG C 433 14.27 4.31 -27.70
N ASP C 434 14.34 3.98 -26.40
CA ASP C 434 13.70 2.76 -25.91
C ASP C 434 12.19 2.78 -26.12
N LEU C 435 11.57 3.93 -25.84
CA LEU C 435 10.12 4.04 -26.05
C LEU C 435 9.76 3.89 -27.52
N ILE C 436 10.58 4.47 -28.40
CA ILE C 436 10.34 4.32 -29.83
C ILE C 436 10.50 2.87 -30.24
N LYS C 437 11.44 2.16 -29.61
CA LYS C 437 11.58 0.72 -29.84
C LYS C 437 10.30 -0.02 -29.50
N ILE C 438 9.73 0.27 -28.33
CA ILE C 438 8.50 -0.41 -27.91
C ILE C 438 7.37 -0.11 -28.89
N LEU C 439 7.22 1.16 -29.28
CA LEU C 439 6.13 1.52 -30.17
C LEU C 439 6.31 0.91 -31.56
N LYS C 440 7.55 0.81 -32.04
CA LYS C 440 7.79 0.21 -33.35
C LYS C 440 7.53 -1.30 -33.30
N GLN C 441 7.87 -1.95 -32.18
CA GLN C 441 7.55 -3.36 -32.04
C GLN C 441 6.04 -3.56 -32.02
N ALA C 442 5.31 -2.66 -31.37
CA ALA C 442 3.84 -2.75 -31.38
C ALA C 442 3.31 -2.54 -32.79
N GLU C 443 3.94 -1.66 -33.57
CA GLU C 443 3.56 -1.49 -34.97
C GLU C 443 3.79 -2.77 -35.75
N ASP C 444 4.91 -3.46 -35.51
CA ASP C 444 5.19 -4.70 -36.21
C ASP C 444 4.19 -5.79 -35.86
N LEU C 445 3.80 -5.87 -34.58
CA LEU C 445 2.83 -6.84 -34.10
C LEU C 445 1.39 -6.38 -34.31
N ASN C 446 1.19 -5.26 -35.03
CA ASN C 446 -0.14 -4.76 -35.37
C ASN C 446 -0.97 -4.51 -34.11
N GLU C 447 -0.36 -3.81 -33.15
CA GLU C 447 -0.98 -3.53 -31.86
C GLU C 447 -0.84 -2.06 -31.52
N LYS C 448 -1.92 -1.47 -31.02
CA LYS C 448 -1.93 -0.08 -30.58
C LYS C 448 -1.78 -0.03 -29.06
N LEU C 449 -0.94 0.89 -28.59
CA LEU C 449 -0.57 0.96 -27.17
C LEU C 449 -1.24 2.15 -26.50
N THR C 450 -2.00 1.87 -25.44
CA THR C 450 -2.41 2.90 -24.52
C THR C 450 -1.21 3.33 -23.68
N PRO C 451 -1.26 4.54 -23.09
CA PRO C 451 -0.16 4.96 -22.21
C PRO C 451 0.15 3.95 -21.11
N LEU C 452 -0.88 3.34 -20.53
CA LEU C 452 -0.66 2.32 -19.51
C LEU C 452 0.03 1.10 -20.12
N LYS C 453 -0.37 0.69 -21.32
CA LYS C 453 0.28 -0.43 -21.98
C LYS C 453 1.74 -0.12 -22.26
N LEU C 454 2.03 1.13 -22.66
CA LEU C 454 3.39 1.54 -22.93
C LEU C 454 4.23 1.49 -21.66
N ILE C 455 3.74 2.10 -20.58
CA ILE C 455 4.47 2.09 -19.32
C ILE C 455 4.71 0.65 -18.84
N ASP C 456 3.69 -0.20 -18.95
CA ASP C 456 3.82 -1.57 -18.48
C ASP C 456 4.85 -2.35 -19.29
N SER C 457 4.79 -2.25 -20.62
CA SER C 457 5.80 -2.92 -21.44
C SER C 457 7.19 -2.36 -21.19
N TRP C 458 7.27 -1.08 -20.80
CA TRP C 458 8.55 -0.48 -20.48
C TRP C 458 9.13 -1.04 -19.19
N MET C 459 8.27 -1.27 -18.20
CA MET C 459 8.70 -1.72 -16.88
C MET C 459 8.83 -3.23 -16.77
N GLY C 460 8.73 -3.96 -17.87
CA GLY C 460 8.75 -5.40 -17.82
C GLY C 460 7.49 -6.01 -17.25
N LYS C 461 6.38 -5.28 -17.28
CA LYS C 461 5.08 -5.68 -16.78
C LYS C 461 4.08 -5.68 -17.93
N GLY C 462 2.80 -5.92 -17.61
CA GLY C 462 1.82 -5.86 -18.66
C GLY C 462 1.95 -6.98 -19.67
N ALA C 463 1.50 -6.70 -20.89
CA ALA C 463 1.39 -7.74 -21.90
C ALA C 463 2.77 -8.25 -22.31
N SER C 464 2.94 -9.58 -22.21
CA SER C 464 4.20 -10.25 -22.54
C SER C 464 4.64 -9.98 -23.98
N LYS C 465 3.74 -10.12 -24.95
CA LYS C 465 4.10 -9.95 -26.35
C LYS C 465 4.53 -8.53 -26.67
N LEU C 466 4.11 -7.56 -25.87
CA LEU C 466 4.40 -6.16 -26.13
C LEU C 466 5.74 -5.71 -25.54
N ARG C 467 6.49 -6.61 -24.91
CA ARG C 467 7.78 -6.26 -24.34
C ARG C 467 8.88 -6.45 -25.37
N VAL C 468 9.84 -5.53 -25.37
CA VAL C 468 10.99 -5.64 -26.27
C VAL C 468 11.92 -6.74 -25.75
N ALA C 469 12.51 -7.50 -26.69
CA ALA C 469 13.30 -8.67 -26.35
C ALA C 469 14.39 -8.35 -25.33
N GLY C 470 15.29 -7.43 -25.66
CA GLY C 470 16.41 -7.11 -24.80
C GLY C 470 16.35 -5.82 -24.03
N LEU C 471 15.22 -5.11 -24.05
CA LEU C 471 15.13 -3.84 -23.33
C LEU C 471 15.12 -4.08 -21.82
N ALA C 472 16.12 -3.55 -21.13
CA ALA C 472 16.16 -3.62 -19.67
C ALA C 472 15.30 -2.52 -19.08
N PRO C 473 14.39 -2.84 -18.16
CA PRO C 473 13.54 -1.80 -17.55
C PRO C 473 14.37 -0.82 -16.75
N PRO C 474 13.99 0.46 -16.76
CA PRO C 474 14.78 1.47 -16.07
C PRO C 474 14.63 1.39 -14.56
N THR C 475 15.66 1.88 -13.87
CA THR C 475 15.71 1.84 -12.41
C THR C 475 14.93 2.98 -11.77
N LEU C 476 14.08 3.69 -12.54
CA LEU C 476 13.32 4.79 -11.98
C LEU C 476 11.91 4.34 -11.61
N PRO C 477 11.27 4.98 -10.64
CA PRO C 477 9.90 4.62 -10.29
C PRO C 477 8.92 4.95 -11.40
N ARG C 478 7.76 4.28 -11.34
CA ARG C 478 6.74 4.44 -12.38
C ARG C 478 6.34 5.90 -12.56
N GLU C 479 6.27 6.66 -11.46
CA GLU C 479 5.86 8.05 -11.54
C GLU C 479 6.84 8.88 -12.35
N ASP C 480 8.14 8.67 -12.12
CA ASP C 480 9.14 9.39 -12.90
C ASP C 480 9.08 9.00 -14.38
N LEU C 481 8.80 7.73 -14.66
CA LEU C 481 8.63 7.32 -16.05
C LEU C 481 7.42 7.98 -16.68
N GLU C 482 6.34 8.14 -15.91
CA GLU C 482 5.16 8.85 -16.41
C GLU C 482 5.51 10.29 -16.76
N LYS C 483 6.28 10.96 -15.90
CA LYS C 483 6.69 12.33 -16.19
C LYS C 483 7.60 12.39 -17.42
N ILE C 484 8.45 11.38 -17.60
CA ILE C 484 9.33 11.34 -18.76
C ILE C 484 8.53 11.16 -20.05
N ILE C 485 7.55 10.25 -20.04
CA ILE C 485 6.74 10.04 -21.23
C ILE C 485 5.89 11.26 -21.54
N ALA C 486 5.32 11.90 -20.51
CA ALA C 486 4.62 13.15 -20.73
C ALA C 486 5.54 14.18 -21.37
N HIS C 487 6.79 14.25 -20.91
CA HIS C 487 7.74 15.19 -21.50
C HIS C 487 7.97 14.89 -22.97
N PHE C 488 8.14 13.61 -23.31
CA PHE C 488 8.31 13.23 -24.71
C PHE C 488 7.07 13.57 -25.54
N LEU C 489 5.89 13.44 -24.93
CA LEU C 489 4.65 13.76 -25.64
C LEU C 489 4.56 15.25 -25.93
N ILE C 490 5.00 16.09 -24.98
CA ILE C 490 4.96 17.53 -25.19
C ILE C 490 5.92 17.95 -26.29
N GLN C 491 7.14 17.41 -26.27
CA GLN C 491 8.15 17.73 -27.28
C GLN C 491 7.90 17.04 -28.62
N GLN C 492 6.82 16.27 -28.74
CA GLN C 492 6.39 15.65 -29.99
C GLN C 492 7.35 14.59 -30.51
N TYR C 493 8.11 13.95 -29.62
CA TYR C 493 8.79 12.72 -29.99
C TYR C 493 7.82 11.54 -29.98
N LEU C 494 6.81 11.61 -29.13
CA LEU C 494 5.63 10.76 -29.17
C LEU C 494 4.42 11.61 -29.52
N LYS C 495 3.38 10.96 -30.06
CA LYS C 495 2.17 11.66 -30.41
C LYS C 495 0.97 10.86 -29.94
N GLU C 496 -0.13 11.56 -29.68
CA GLU C 496 -1.38 10.89 -29.35
C GLU C 496 -2.09 10.47 -30.63
N ASP C 497 -2.80 9.35 -30.56
CA ASP C 497 -3.57 8.83 -31.67
C ASP C 497 -4.97 8.54 -31.15
N TYR C 498 -5.93 9.35 -31.55
CA TYR C 498 -7.30 9.18 -31.06
C TYR C 498 -8.02 8.14 -31.90
N SER C 499 -8.81 7.31 -31.23
CA SER C 499 -9.67 6.33 -31.86
C SER C 499 -11.09 6.56 -31.39
N PHE C 500 -12.03 6.61 -32.33
CA PHE C 500 -13.42 6.90 -32.03
C PHE C 500 -14.19 5.58 -32.03
N THR C 501 -14.61 5.14 -30.86
CA THR C 501 -15.47 3.98 -30.73
C THR C 501 -16.91 4.44 -30.60
N ALA C 502 -17.83 3.48 -30.65
CA ALA C 502 -19.24 3.82 -30.59
C ALA C 502 -19.64 4.45 -29.26
N TYR C 503 -18.78 4.41 -28.24
CA TYR C 503 -19.15 4.95 -26.94
C TYR C 503 -18.23 6.05 -26.43
N ALA C 504 -16.92 5.93 -26.64
CA ALA C 504 -15.98 6.92 -26.12
C ALA C 504 -14.87 7.17 -27.13
N THR C 505 -14.01 8.14 -26.80
CA THR C 505 -12.81 8.44 -27.56
C THR C 505 -11.60 7.96 -26.77
N ILE C 506 -10.88 6.97 -27.31
CA ILE C 506 -9.72 6.37 -26.65
C ILE C 506 -8.46 7.00 -27.21
N SER C 507 -7.47 7.25 -26.35
CA SER C 507 -6.21 7.86 -26.75
C SER C 507 -5.09 6.83 -26.64
N TYR C 508 -4.50 6.47 -27.78
CA TYR C 508 -3.31 5.65 -27.84
C TYR C 508 -2.08 6.52 -28.03
N LEU C 509 -0.91 5.90 -27.87
CA LEU C 509 0.37 6.57 -28.10
C LEU C 509 1.06 5.96 -29.31
N LYS C 510 1.64 6.82 -30.15
CA LYS C 510 2.31 6.39 -31.36
C LYS C 510 3.58 7.21 -31.53
N VAL C 511 4.44 6.74 -32.44
CA VAL C 511 5.70 7.44 -32.70
C VAL C 511 5.41 8.84 -33.24
N GLY C 512 6.10 9.83 -32.68
CA GLY C 512 5.85 11.21 -33.02
C GLY C 512 6.64 11.68 -34.22
N PRO C 513 6.32 12.89 -34.72
CA PRO C 513 7.02 13.38 -35.91
C PRO C 513 8.50 13.67 -35.67
N LYS C 514 8.84 14.27 -34.52
CA LYS C 514 10.23 14.62 -34.22
C LYS C 514 11.12 13.41 -33.97
N ALA C 515 10.57 12.19 -33.99
CA ALA C 515 11.35 11.02 -33.62
C ALA C 515 12.50 10.76 -34.59
N ASN C 516 12.32 11.12 -35.87
CA ASN C 516 13.40 10.90 -36.82
C ASN C 516 14.64 11.74 -36.50
N LEU C 517 14.49 12.77 -35.67
CA LEU C 517 15.65 13.54 -35.24
C LEU C 517 16.58 12.72 -34.36
N LEU C 518 16.13 11.57 -33.83
CA LEU C 518 16.98 10.74 -33.00
C LEU C 518 18.00 9.92 -33.79
N ASN C 519 17.85 9.84 -35.11
CA ASN C 519 18.88 9.19 -35.92
C ASN C 519 20.19 9.98 -35.90
N ASN C 520 20.10 11.30 -35.84
CA ASN C 520 21.26 12.15 -35.68
C ASN C 520 21.70 12.12 -34.21
N GLU C 521 22.93 11.66 -33.97
CA GLU C 521 23.43 11.56 -32.60
C GLU C 521 23.51 12.94 -31.94
N ALA C 522 24.07 13.92 -32.66
CA ALA C 522 24.25 15.25 -32.09
C ALA C 522 22.96 15.83 -31.52
N HIS C 523 21.81 15.31 -31.93
CA HIS C 523 20.54 15.75 -31.39
C HIS C 523 20.34 15.12 -30.01
N VAL C 524 20.18 15.97 -29.00
CA VAL C 524 19.97 15.53 -27.63
C VAL C 524 18.68 16.16 -27.13
N ILE C 525 18.11 15.57 -26.09
CA ILE C 525 16.91 16.08 -25.46
C ILE C 525 17.12 16.03 -23.95
N THR C 526 17.33 17.19 -23.35
CA THR C 526 17.57 17.30 -21.91
C THR C 526 16.27 17.55 -21.18
N MET C 527 16.26 17.16 -19.90
CA MET C 527 15.11 17.32 -19.02
C MET C 527 15.64 17.76 -17.67
N ARG C 528 15.13 18.88 -17.17
CA ARG C 528 15.58 19.40 -15.89
C ARG C 528 15.10 18.51 -14.76
N VAL C 529 16.03 18.05 -13.93
CA VAL C 529 15.72 17.25 -12.76
C VAL C 529 16.51 17.79 -11.57
N LYS C 530 15.97 17.60 -10.37
CA LYS C 530 16.66 18.05 -9.18
C LYS C 530 17.92 17.23 -8.94
N LYS C 531 18.88 17.85 -8.26
CA LYS C 531 20.14 17.18 -7.95
C LYS C 531 20.43 17.24 -6.45
N ASP D 1 23.93 -7.39 45.79
CA ASP D 1 25.19 -6.87 45.28
C ASP D 1 25.81 -5.86 46.23
N SER D 2 27.08 -6.09 46.58
CA SER D 2 27.75 -5.24 47.54
C SER D 2 28.08 -3.88 46.94
N SER D 3 28.42 -2.93 47.81
CA SER D 3 28.73 -1.57 47.39
C SER D 3 30.22 -1.45 47.10
N PRO D 4 30.61 -1.11 45.87
CA PRO D 4 32.04 -0.92 45.57
C PRO D 4 32.54 0.50 45.77
N ALA D 5 31.69 1.41 46.24
CA ALA D 5 32.12 2.78 46.49
C ALA D 5 33.19 2.82 47.58
N SER D 6 33.11 1.89 48.53
CA SER D 6 34.05 1.84 49.65
C SER D 6 35.44 1.37 49.23
N TRP D 7 35.56 0.72 48.09
CA TRP D 7 36.84 0.24 47.58
C TRP D 7 37.40 1.11 46.47
N ASN D 8 36.83 2.30 46.25
CA ASN D 8 37.22 3.20 45.17
C ASN D 8 38.13 4.34 45.64
N LYS D 9 38.98 4.09 46.63
CA LYS D 9 39.98 5.07 47.05
C LYS D 9 41.36 4.44 47.00
N GLU D 10 42.37 5.27 47.21
CA GLU D 10 43.75 4.97 46.85
C GLU D 10 44.70 5.22 48.01
N ASP D 11 44.33 4.80 49.21
CA ASP D 11 45.16 4.98 50.39
C ASP D 11 45.55 3.67 51.06
N PHE D 12 45.35 2.54 50.40
CA PHE D 12 45.76 1.27 50.96
C PHE D 12 47.26 1.08 50.76
N PRO D 13 47.92 0.36 51.67
CA PRO D 13 49.39 0.18 51.56
C PRO D 13 49.86 -0.18 50.16
N TRP D 14 49.04 -0.87 49.37
CA TRP D 14 49.36 -1.21 47.99
C TRP D 14 48.92 -0.16 46.96
N SER D 15 48.06 0.78 47.33
CA SER D 15 47.43 1.67 46.35
C SER D 15 48.44 2.46 45.50
N GLY D 16 49.31 3.25 46.11
CA GLY D 16 50.32 3.94 45.31
C GLY D 16 51.21 2.94 44.60
N LYS D 17 51.35 1.79 45.20
CA LYS D 17 52.07 0.66 44.66
C LYS D 17 51.36 0.15 43.43
N VAL D 18 49.99 0.06 43.49
CA VAL D 18 49.24 -0.82 42.59
C VAL D 18 49.52 -0.41 41.16
N LYS D 19 49.24 0.89 40.86
CA LYS D 19 49.29 1.48 39.51
C LYS D 19 50.71 1.82 39.09
N ASP D 20 51.68 1.73 40.00
CA ASP D 20 53.06 1.77 39.52
C ASP D 20 53.21 0.70 38.46
N VAL D 21 52.64 -0.49 38.72
CA VAL D 21 52.66 -1.53 37.70
C VAL D 21 51.81 -1.14 36.49
N LEU D 22 50.72 -0.40 36.70
CA LEU D 22 49.84 -0.04 35.59
C LEU D 22 50.52 0.94 34.65
N GLN D 23 51.10 2.00 35.17
CA GLN D 23 51.71 3.02 34.33
C GLN D 23 53.16 2.72 33.97
N ASN D 24 53.84 1.88 34.72
CA ASN D 24 55.23 1.53 34.40
C ASN D 24 55.40 0.16 33.79
N VAL D 25 54.60 -0.84 34.18
CA VAL D 25 54.75 -2.16 33.56
C VAL D 25 53.68 -2.27 32.48
N PHE D 26 52.41 -2.13 32.86
CA PHE D 26 51.36 -2.22 31.85
C PHE D 26 51.32 -1.02 30.88
N LYS D 27 51.80 0.17 31.28
CA LYS D 27 51.71 1.40 30.48
C LYS D 27 50.32 1.60 29.86
N LEU D 28 49.33 1.64 30.75
CA LEU D 28 48.00 2.14 30.44
C LEU D 28 47.85 3.39 31.27
N GLN D 29 46.86 4.22 31.00
CA GLN D 29 46.82 5.41 31.85
C GLN D 29 45.81 5.36 33.00
N LYS D 30 44.53 5.09 32.76
CA LYS D 30 43.59 5.19 33.86
C LYS D 30 42.79 3.89 33.96
N PHE D 31 42.32 3.62 35.18
CA PHE D 31 41.56 2.42 35.43
C PHE D 31 40.16 2.56 34.85
N ARG D 32 39.67 1.49 34.23
CA ARG D 32 38.30 1.46 33.79
C ARG D 32 37.40 1.31 35.00
N PRO D 33 36.10 1.56 34.86
CA PRO D 33 35.21 1.48 36.03
C PRO D 33 35.22 0.09 36.64
N LEU D 34 35.09 0.05 37.97
CA LEU D 34 35.03 -1.18 38.75
C LEU D 34 36.31 -2.00 38.65
N GLN D 35 37.41 -1.41 38.18
CA GLN D 35 38.71 -2.08 38.14
C GLN D 35 39.51 -1.89 39.42
N LEU D 36 39.76 -0.63 39.79
CA LEU D 36 40.50 -0.33 41.02
C LEU D 36 39.93 -1.06 42.22
N GLU D 37 38.60 -1.12 42.31
CA GLU D 37 37.93 -1.73 43.46
C GLU D 37 38.23 -3.23 43.57
N THR D 38 38.00 -3.97 42.48
CA THR D 38 38.26 -5.41 42.51
C THR D 38 39.74 -5.69 42.67
N ILE D 39 40.59 -4.84 42.06
CA ILE D 39 42.03 -4.99 42.21
C ILE D 39 42.42 -4.82 43.67
N ASN D 40 41.83 -3.84 44.36
CA ASN D 40 42.08 -3.66 45.78
C ASN D 40 41.57 -4.85 46.58
N VAL D 41 40.48 -5.48 46.14
CA VAL D 41 39.97 -6.64 46.86
C VAL D 41 40.95 -7.79 46.77
N THR D 42 41.40 -8.12 45.56
CA THR D 42 42.39 -9.19 45.40
C THR D 42 43.68 -8.84 46.13
N MET D 43 44.02 -7.54 46.21
CA MET D 43 45.21 -7.11 46.90
C MET D 43 45.10 -7.26 48.41
N SER D 44 43.91 -7.05 48.98
CA SER D 44 43.71 -7.12 50.41
C SER D 44 43.59 -8.55 50.93
N GLY D 45 43.89 -9.55 50.10
CA GLY D 45 43.74 -10.92 50.53
C GLY D 45 42.31 -11.38 50.55
N LYS D 46 41.42 -10.68 49.85
CA LYS D 46 40.00 -10.97 49.84
C LYS D 46 39.58 -11.66 48.56
N GLU D 47 38.47 -12.38 48.65
CA GLU D 47 37.86 -13.13 47.57
C GLU D 47 36.67 -12.36 47.02
N VAL D 48 36.50 -12.35 45.70
CA VAL D 48 35.40 -11.57 45.11
C VAL D 48 34.95 -12.17 43.78
N PHE D 49 33.71 -11.83 43.42
CA PHE D 49 33.12 -12.19 42.14
C PHE D 49 32.80 -10.91 41.37
N LEU D 50 33.11 -10.90 40.07
CA LEU D 50 32.97 -9.74 39.23
C LEU D 50 32.07 -10.05 38.04
N VAL D 51 31.05 -9.23 37.84
CA VAL D 51 30.19 -9.31 36.66
C VAL D 51 30.52 -8.12 35.78
N MET D 52 30.93 -8.39 34.54
CA MET D 52 31.38 -7.34 33.63
C MET D 52 31.28 -7.78 32.18
N PRO D 53 30.65 -6.98 31.32
CA PRO D 53 30.60 -7.34 29.89
C PRO D 53 32.00 -7.53 29.33
N THR D 54 32.09 -8.36 28.28
CA THR D 54 33.37 -8.57 27.62
C THR D 54 33.76 -7.34 26.82
N GLY D 55 35.06 -7.07 26.76
CA GLY D 55 35.60 -5.84 26.21
C GLY D 55 35.96 -4.82 27.27
N GLY D 56 35.49 -5.01 28.51
CA GLY D 56 35.75 -4.03 29.56
C GLY D 56 37.14 -4.10 30.15
N GLY D 57 37.78 -5.26 30.11
CA GLY D 57 39.09 -5.38 30.72
C GLY D 57 39.14 -6.09 32.07
N LYS D 58 38.36 -7.17 32.23
CA LYS D 58 38.39 -7.91 33.48
C LYS D 58 39.66 -8.75 33.60
N SER D 59 40.37 -8.95 32.49
CA SER D 59 41.59 -9.74 32.52
C SER D 59 42.66 -9.07 33.39
N LEU D 60 42.69 -7.73 33.38
CA LEU D 60 43.67 -7.00 34.17
C LEU D 60 43.45 -7.22 35.67
N CYS D 61 42.22 -7.54 36.08
CA CYS D 61 41.88 -7.64 37.48
C CYS D 61 42.65 -8.72 38.21
N TYR D 62 43.12 -9.75 37.50
CA TYR D 62 43.98 -10.76 38.10
C TYR D 62 45.41 -10.72 37.60
N GLN D 63 45.67 -10.05 36.47
CA GLN D 63 47.03 -9.96 35.97
C GLN D 63 47.83 -8.89 36.69
N LEU D 64 47.19 -7.79 37.07
CA LEU D 64 47.91 -6.76 37.83
C LEU D 64 48.36 -7.26 39.19
N PRO D 65 47.49 -7.81 40.04
CA PRO D 65 47.98 -8.30 41.35
C PRO D 65 49.03 -9.40 41.21
N ALA D 66 49.09 -10.06 40.05
CA ALA D 66 50.15 -11.02 39.80
C ALA D 66 51.51 -10.33 39.79
N LEU D 67 51.63 -9.22 39.07
CA LEU D 67 52.93 -8.59 38.88
C LEU D 67 53.43 -7.82 40.11
N CYS D 68 52.55 -7.41 41.01
CA CYS D 68 53.01 -6.71 42.21
C CYS D 68 53.37 -7.66 43.34
N SER D 69 52.78 -8.85 43.37
CA SER D 69 53.02 -9.79 44.44
C SER D 69 54.18 -10.72 44.11
N ASP D 70 54.65 -11.44 45.13
CA ASP D 70 55.60 -12.52 44.96
C ASP D 70 54.83 -13.83 44.82
N GLY D 71 55.28 -14.67 43.88
CA GLY D 71 54.65 -15.96 43.65
C GLY D 71 54.16 -16.05 42.18
N PHE D 72 52.94 -16.65 42.08
CA PHE D 72 52.37 -16.90 40.77
C PHE D 72 50.86 -17.05 40.90
N THR D 73 50.16 -16.76 39.81
CA THR D 73 48.69 -16.77 39.75
C THR D 73 48.16 -17.95 38.93
N LEU D 74 47.22 -18.67 39.51
CA LEU D 74 46.56 -19.81 38.88
C LEU D 74 45.30 -19.32 38.18
N VAL D 75 45.14 -19.62 36.90
CA VAL D 75 43.92 -19.21 36.20
C VAL D 75 43.25 -20.41 35.56
N ILE D 76 41.93 -20.52 35.77
CA ILE D 76 41.08 -21.47 35.07
C ILE D 76 40.30 -20.71 33.99
N CYS D 77 40.34 -21.21 32.76
CA CYS D 77 39.47 -20.76 31.67
C CYS D 77 38.90 -22.01 31.00
N PRO D 78 37.70 -21.91 30.42
CA PRO D 78 37.11 -23.11 29.82
C PRO D 78 37.67 -23.38 28.43
N LEU D 79 38.10 -22.32 27.78
CA LEU D 79 38.43 -22.39 26.38
C LEU D 79 39.95 -22.46 26.16
N ILE D 80 40.35 -23.14 25.08
CA ILE D 80 41.76 -23.35 24.70
C ILE D 80 42.35 -22.06 24.10
N SER D 81 41.61 -21.41 23.21
CA SER D 81 42.12 -20.27 22.45
C SER D 81 42.36 -19.07 23.33
N LEU D 82 41.55 -19.04 24.35
CA LEU D 82 41.48 -17.88 25.19
C LEU D 82 42.78 -17.69 25.95
N MET D 83 43.34 -18.82 26.38
CA MET D 83 44.63 -18.80 27.02
C MET D 83 45.62 -18.11 26.11
N GLU D 84 45.67 -18.53 24.85
CA GLU D 84 46.63 -17.97 23.90
C GLU D 84 46.31 -16.51 23.56
N ASP D 85 45.05 -16.21 23.27
CA ASP D 85 44.63 -14.84 23.00
C ASP D 85 45.14 -13.92 24.09
N GLN D 86 45.06 -14.37 25.34
CA GLN D 86 45.67 -13.64 26.43
C GLN D 86 47.20 -13.69 26.34
N LEU D 87 47.76 -14.91 26.32
CA LEU D 87 49.18 -15.23 26.37
C LEU D 87 50.02 -14.34 25.48
N MET D 88 49.52 -14.05 24.29
CA MET D 88 50.25 -13.15 23.39
C MET D 88 50.27 -11.73 23.97
N VAL D 89 49.12 -11.24 24.46
CA VAL D 89 49.08 -9.92 25.08
C VAL D 89 50.05 -9.86 26.26
N LEU D 90 50.08 -10.92 27.07
CA LEU D 90 51.01 -10.96 28.20
C LEU D 90 52.46 -10.94 27.73
N LYS D 91 52.78 -11.74 26.70
CA LYS D 91 54.16 -11.84 26.23
C LYS D 91 54.63 -10.53 25.60
N GLN D 92 53.73 -9.76 24.99
CA GLN D 92 54.14 -8.52 24.35
C GLN D 92 54.62 -7.49 25.37
N LEU D 93 54.16 -7.57 26.62
CA LEU D 93 54.53 -6.58 27.62
C LEU D 93 55.86 -6.86 28.29
N GLY D 94 56.43 -8.04 28.11
CA GLY D 94 57.71 -8.37 28.71
C GLY D 94 57.64 -9.25 29.95
N ILE D 95 56.49 -9.84 30.25
CA ILE D 95 56.34 -10.73 31.40
C ILE D 95 56.31 -12.16 30.87
N SER D 96 56.93 -13.08 31.62
CA SER D 96 57.01 -14.48 31.21
C SER D 96 55.83 -15.24 31.82
N ALA D 97 54.88 -15.61 30.98
CA ALA D 97 53.70 -16.36 31.39
C ALA D 97 53.54 -17.58 30.49
N THR D 98 53.12 -18.68 31.09
CA THR D 98 52.93 -19.92 30.35
C THR D 98 51.57 -20.52 30.65
N MET D 99 51.16 -21.42 29.78
CA MET D 99 49.89 -22.12 29.88
C MET D 99 50.12 -23.62 29.74
N LEU D 100 49.30 -24.40 30.43
CA LEU D 100 49.41 -25.86 30.39
C LEU D 100 48.04 -26.54 30.31
N ASN D 101 47.86 -27.40 29.31
CA ASN D 101 46.65 -28.20 29.10
C ASN D 101 47.16 -29.66 28.97
N ALA D 102 46.31 -30.65 28.74
CA ALA D 102 46.73 -32.04 28.44
C ALA D 102 47.13 -32.29 27.00
N SER D 103 47.40 -31.27 26.22
CA SER D 103 47.79 -31.58 24.86
C SER D 103 49.15 -30.96 24.57
N SER D 104 49.82 -30.54 25.62
CA SER D 104 51.18 -30.08 25.67
C SER D 104 52.13 -31.28 25.73
N PRO D 105 53.34 -31.14 25.18
CA PRO D 105 54.30 -32.26 25.17
C PRO D 105 54.85 -32.62 26.53
N LYS D 106 55.70 -33.65 26.56
CA LYS D 106 56.24 -34.16 27.81
C LYS D 106 57.40 -33.33 28.35
N GLU D 107 58.02 -32.50 27.51
CA GLU D 107 59.10 -31.62 27.96
C GLU D 107 58.57 -30.32 28.54
N HIS D 108 57.51 -29.77 27.92
CA HIS D 108 56.91 -28.54 28.43
C HIS D 108 56.37 -28.73 29.84
N VAL D 109 55.69 -29.86 30.10
CA VAL D 109 55.14 -30.10 31.42
C VAL D 109 56.28 -30.22 32.44
N LYS D 110 57.39 -30.86 32.07
CA LYS D 110 58.50 -30.98 33.01
C LYS D 110 59.11 -29.62 33.30
N TRP D 111 59.18 -28.75 32.29
CA TRP D 111 59.73 -27.41 32.51
C TRP D 111 58.83 -26.58 33.43
N VAL D 112 57.51 -26.61 33.19
CA VAL D 112 56.60 -25.86 34.07
C VAL D 112 56.67 -26.40 35.49
N HIS D 113 56.60 -27.71 35.64
CA HIS D 113 56.64 -28.33 36.97
C HIS D 113 57.94 -28.00 37.70
N ALA D 114 59.05 -27.90 36.97
CA ALA D 114 60.30 -27.46 37.60
C ALA D 114 60.26 -25.98 37.92
N GLU D 115 59.47 -25.20 37.17
CA GLU D 115 59.39 -23.77 37.41
C GLU D 115 58.47 -23.41 38.57
N MET D 116 57.53 -24.28 38.91
CA MET D 116 56.59 -23.98 40.00
C MET D 116 57.31 -23.88 41.34
N VAL D 117 58.05 -24.92 41.71
CA VAL D 117 58.75 -24.94 43.00
C VAL D 117 59.97 -24.05 43.01
N ASN D 118 60.33 -23.47 41.87
CA ASN D 118 61.46 -22.54 41.82
C ASN D 118 61.05 -21.24 42.50
N LYS D 119 61.73 -20.90 43.59
CA LYS D 119 61.34 -19.73 44.36
C LYS D 119 62.01 -18.44 43.89
N ASN D 120 62.85 -18.47 42.86
CA ASN D 120 63.28 -17.28 42.14
C ASN D 120 62.82 -17.42 40.70
N SER D 121 61.61 -17.97 40.55
CA SER D 121 61.06 -18.33 39.25
C SER D 121 60.71 -17.10 38.44
N LYS D 122 60.77 -17.29 37.14
CA LYS D 122 60.33 -16.43 36.05
C LYS D 122 58.87 -16.40 35.81
N LEU D 123 58.10 -17.30 36.39
CA LEU D 123 56.67 -17.37 36.13
C LEU D 123 55.90 -16.46 37.06
N LYS D 124 54.90 -15.76 36.52
CA LYS D 124 53.98 -14.98 37.34
C LYS D 124 52.53 -15.34 37.06
N LEU D 125 52.22 -15.95 35.92
CA LEU D 125 50.83 -16.28 35.58
C LEU D 125 50.79 -17.58 34.79
N ILE D 126 50.06 -18.58 35.29
CA ILE D 126 49.88 -19.83 34.57
C ILE D 126 48.40 -20.06 34.32
N TYR D 127 48.06 -20.24 33.05
CA TYR D 127 46.71 -20.55 32.59
C TYR D 127 46.61 -22.06 32.43
N VAL D 128 45.55 -22.66 32.96
CA VAL D 128 45.35 -24.10 32.82
C VAL D 128 43.89 -24.38 32.56
N THR D 129 43.64 -25.53 31.98
CA THR D 129 42.32 -26.07 31.70
C THR D 129 41.70 -26.72 32.94
N PRO D 130 40.37 -26.74 33.03
CA PRO D 130 39.71 -27.53 34.08
C PRO D 130 39.96 -29.05 34.01
N GLU D 131 40.34 -29.56 32.86
CA GLU D 131 41.16 -30.78 32.78
C GLU D 131 42.45 -30.77 33.59
N LYS D 132 43.24 -29.70 33.64
CA LYS D 132 44.40 -29.93 34.52
C LYS D 132 44.03 -29.98 36.01
N ILE D 133 42.89 -29.45 36.47
CA ILE D 133 42.52 -29.49 37.90
C ILE D 133 41.66 -30.70 38.27
N ALA D 134 40.69 -31.08 37.46
CA ALA D 134 39.73 -32.10 37.87
C ALA D 134 40.36 -33.49 37.90
N LYS D 135 40.96 -33.90 36.79
CA LYS D 135 41.35 -35.29 36.59
C LYS D 135 42.83 -35.37 36.20
N SER D 136 43.64 -34.61 36.93
CA SER D 136 45.10 -34.68 36.83
C SER D 136 45.62 -34.33 38.23
N LYS D 137 46.02 -35.34 38.98
CA LYS D 137 46.41 -35.15 40.37
C LYS D 137 47.91 -34.94 40.58
N MET D 138 48.75 -35.21 39.59
CA MET D 138 50.15 -34.81 39.65
C MET D 138 50.26 -33.29 39.66
N PHE D 139 49.51 -32.63 38.78
CA PHE D 139 49.46 -31.19 38.77
C PHE D 139 49.00 -30.66 40.13
N MET D 140 48.04 -31.36 40.74
CA MET D 140 47.63 -31.00 42.08
C MET D 140 48.76 -31.21 43.08
N SER D 141 49.63 -32.20 42.87
CA SER D 141 50.77 -32.39 43.76
C SER D 141 51.71 -31.19 43.77
N ARG D 142 52.04 -30.71 42.58
CA ARG D 142 52.90 -29.53 42.43
C ARG D 142 52.21 -28.30 43.02
N LEU D 143 50.90 -28.16 42.79
CA LEU D 143 50.18 -27.02 43.36
C LEU D 143 50.16 -27.06 44.87
N GLU D 144 50.00 -28.24 45.46
CA GLU D 144 50.06 -28.35 46.92
C GLU D 144 51.43 -27.94 47.43
N LYS D 145 52.49 -28.47 46.83
CA LYS D 145 53.84 -28.15 47.28
C LYS D 145 54.16 -26.67 47.06
N ALA D 146 53.60 -26.06 46.01
CA ALA D 146 53.82 -24.64 45.77
C ALA D 146 53.05 -23.77 46.76
N TYR D 147 51.88 -24.23 47.19
CA TYR D 147 51.12 -23.51 48.21
C TYR D 147 51.79 -23.61 49.57
N GLU D 148 52.42 -24.76 49.86
CA GLU D 148 53.14 -24.90 51.11
C GLU D 148 54.27 -23.89 51.18
N ALA D 149 54.87 -23.59 50.04
CA ALA D 149 56.06 -22.76 49.90
C ALA D 149 55.74 -21.28 49.79
N ARG D 150 54.50 -20.87 50.06
CA ARG D 150 54.10 -19.46 50.05
C ARG D 150 54.33 -18.81 48.69
N ARG D 151 54.33 -19.60 47.62
CA ARG D 151 54.36 -19.03 46.27
C ARG D 151 53.01 -19.04 45.59
N PHE D 152 52.18 -20.06 45.85
CA PHE D 152 50.84 -20.12 45.30
C PHE D 152 49.93 -19.24 46.13
N THR D 153 49.48 -18.12 45.57
CA THR D 153 48.76 -17.11 46.33
C THR D 153 47.38 -16.76 45.77
N ARG D 154 47.18 -16.83 44.47
CA ARG D 154 45.92 -16.38 43.87
C ARG D 154 45.33 -17.44 42.96
N ILE D 155 44.01 -17.56 42.98
CA ILE D 155 43.26 -18.34 42.01
C ILE D 155 42.27 -17.41 41.31
N ALA D 156 42.22 -17.50 39.98
CA ALA D 156 41.33 -16.67 39.17
C ALA D 156 40.57 -17.57 38.20
N VAL D 157 39.28 -17.76 38.46
CA VAL D 157 38.41 -18.56 37.61
C VAL D 157 37.74 -17.61 36.62
N ASP D 158 38.28 -17.56 35.41
CA ASP D 158 37.62 -16.80 34.36
C ASP D 158 36.40 -17.58 33.91
N GLU D 159 35.37 -16.83 33.50
CA GLU D 159 34.06 -17.38 33.14
C GLU D 159 33.56 -18.33 34.23
N VAL D 160 33.44 -17.78 35.44
CA VAL D 160 33.04 -18.57 36.59
C VAL D 160 31.60 -19.05 36.44
N HIS D 161 30.82 -18.41 35.57
CA HIS D 161 29.43 -18.82 35.35
C HIS D 161 29.31 -20.26 34.89
N CYS D 162 30.40 -20.88 34.42
CA CYS D 162 30.34 -22.29 34.06
C CYS D 162 30.29 -23.18 35.29
N CYS D 163 30.63 -22.66 36.47
CA CYS D 163 30.46 -23.42 37.70
C CYS D 163 28.99 -23.68 37.97
N SER D 164 28.15 -22.65 37.82
CA SER D 164 26.71 -22.81 37.94
C SER D 164 26.13 -23.34 36.64
N GLN D 165 25.13 -24.22 36.76
CA GLN D 165 24.53 -24.85 35.59
C GLN D 165 23.57 -23.95 34.81
N TRP D 166 22.99 -22.93 35.44
CA TRP D 166 22.07 -22.06 34.71
C TRP D 166 22.81 -21.08 33.81
N GLY D 167 24.09 -20.82 34.07
CA GLY D 167 24.90 -20.05 33.13
C GLY D 167 25.13 -20.81 31.83
N HIS D 168 25.01 -20.10 30.72
CA HIS D 168 25.10 -20.70 29.39
C HIS D 168 26.48 -21.31 29.16
N ASP D 169 26.50 -22.41 28.40
CA ASP D 169 27.70 -23.18 28.11
C ASP D 169 28.36 -23.67 29.40
N PHE D 170 27.60 -24.48 30.14
CA PHE D 170 28.09 -25.05 31.39
C PHE D 170 29.11 -26.14 31.10
N ARG D 171 30.15 -26.21 31.95
CA ARG D 171 31.23 -27.18 31.83
C ARG D 171 31.23 -28.15 33.00
N PRO D 172 31.49 -29.44 32.76
CA PRO D 172 31.40 -30.43 33.85
C PRO D 172 32.50 -30.31 34.90
N ASP D 173 33.74 -30.01 34.50
CA ASP D 173 34.77 -29.86 35.52
C ASP D 173 34.48 -28.67 36.43
N TYR D 174 33.64 -27.74 35.98
CA TYR D 174 33.43 -26.52 36.73
C TYR D 174 32.70 -26.78 38.04
N LYS D 175 31.96 -27.87 38.14
CA LYS D 175 31.40 -28.28 39.42
C LYS D 175 32.48 -28.74 40.40
N ALA D 176 33.66 -29.14 39.90
CA ALA D 176 34.68 -29.74 40.75
C ALA D 176 35.69 -28.75 41.36
N LEU D 177 35.73 -27.49 40.92
CA LEU D 177 36.80 -26.63 41.43
C LEU D 177 36.66 -26.25 42.89
N GLY D 178 35.62 -26.67 43.61
CA GLY D 178 35.57 -26.34 45.03
C GLY D 178 36.77 -26.85 45.83
N ILE D 179 37.53 -27.78 45.24
CA ILE D 179 38.71 -28.28 45.94
C ILE D 179 39.77 -27.19 46.03
N LEU D 180 39.77 -26.25 45.08
CA LEU D 180 40.80 -25.22 45.09
C LEU D 180 40.74 -24.39 46.37
N LYS D 181 39.56 -23.85 46.68
CA LYS D 181 39.39 -23.20 47.97
C LYS D 181 39.41 -24.17 49.14
N ARG D 182 39.09 -25.46 48.91
CA ARG D 182 39.13 -26.42 50.01
C ARG D 182 40.54 -26.64 50.53
N GLN D 183 41.48 -26.93 49.64
CA GLN D 183 42.86 -27.19 50.03
C GLN D 183 43.63 -25.88 50.25
N PHE D 184 43.45 -24.90 49.38
CA PHE D 184 44.25 -23.69 49.52
C PHE D 184 43.34 -22.55 49.96
N PRO D 185 43.03 -22.45 51.26
CA PRO D 185 42.08 -21.43 51.72
C PRO D 185 42.71 -20.04 51.83
N ASN D 186 44.02 -20.00 52.10
CA ASN D 186 44.72 -18.73 52.23
C ASN D 186 45.01 -18.08 50.89
N ALA D 187 44.82 -18.81 49.78
CA ALA D 187 44.98 -18.22 48.45
C ALA D 187 43.71 -17.49 48.07
N SER D 188 43.84 -16.21 47.73
CA SER D 188 42.67 -15.40 47.42
C SER D 188 42.01 -15.87 46.12
N LEU D 189 40.69 -15.99 46.14
CA LEU D 189 39.93 -16.46 44.99
C LEU D 189 39.15 -15.33 44.35
N ILE D 190 39.10 -15.34 43.02
CA ILE D 190 38.27 -14.41 42.25
C ILE D 190 37.58 -15.18 41.14
N GLY D 191 36.31 -14.87 40.93
CA GLY D 191 35.55 -15.37 39.77
C GLY D 191 35.17 -14.20 38.87
N LEU D 192 35.36 -14.37 37.57
CA LEU D 192 34.97 -13.34 36.60
C LEU D 192 33.92 -13.88 35.65
N THR D 193 32.99 -13.02 35.23
CA THR D 193 31.95 -13.46 34.30
C THR D 193 31.37 -12.25 33.57
N ALA D 194 30.83 -12.51 32.37
CA ALA D 194 30.15 -11.49 31.60
C ALA D 194 28.63 -11.64 31.60
N THR D 195 28.10 -12.74 32.13
CA THR D 195 26.67 -13.01 32.15
C THR D 195 26.17 -12.87 33.58
N ALA D 196 25.08 -12.14 33.77
CA ALA D 196 24.73 -11.78 35.14
C ALA D 196 24.00 -12.92 35.84
N THR D 197 22.85 -13.33 35.31
CA THR D 197 22.13 -14.50 35.80
C THR D 197 22.10 -14.52 37.33
N SER D 198 21.52 -13.49 37.92
CA SER D 198 21.88 -13.13 39.29
C SER D 198 21.26 -14.04 40.35
N HIS D 199 20.66 -15.16 39.95
CA HIS D 199 20.64 -16.34 40.81
C HIS D 199 21.94 -17.14 40.71
N VAL D 200 22.59 -17.14 39.54
CA VAL D 200 23.95 -17.65 39.42
C VAL D 200 24.88 -16.77 40.22
N LEU D 201 24.48 -15.53 40.49
CA LEU D 201 25.16 -14.73 41.49
C LEU D 201 25.16 -15.43 42.84
N LYS D 202 24.05 -16.08 43.19
CA LYS D 202 23.99 -16.81 44.45
C LYS D 202 24.46 -18.24 44.34
N ASP D 203 24.47 -18.83 43.14
CA ASP D 203 25.14 -20.11 43.02
C ASP D 203 26.58 -19.90 42.61
N ALA D 204 27.36 -20.97 42.75
CA ALA D 204 28.78 -21.04 42.43
C ALA D 204 29.50 -20.25 43.52
N GLN D 205 28.68 -19.63 44.37
CA GLN D 205 29.17 -19.17 45.65
C GLN D 205 29.43 -20.39 46.53
N LYS D 206 28.43 -21.27 46.59
CA LYS D 206 28.47 -22.52 47.35
C LYS D 206 29.36 -23.55 46.68
N ILE D 207 29.46 -23.52 45.35
CA ILE D 207 30.20 -24.58 44.65
C ILE D 207 31.69 -24.44 44.91
N LEU D 208 32.21 -23.23 44.88
CA LEU D 208 33.63 -23.01 45.14
C LEU D 208 33.94 -22.90 46.62
N CYS D 209 32.94 -23.06 47.49
CA CYS D 209 33.11 -23.08 48.93
C CYS D 209 33.74 -21.79 49.47
N VAL D 210 33.25 -20.65 49.00
CA VAL D 210 33.60 -19.35 49.58
C VAL D 210 32.30 -18.60 49.82
N GLU D 211 31.79 -18.66 51.05
CA GLU D 211 30.54 -17.97 51.39
C GLU D 211 30.76 -16.46 51.58
N LYS D 212 31.69 -16.09 52.45
CA LYS D 212 31.98 -14.68 52.74
C LYS D 212 32.80 -14.12 51.59
N CYS D 213 32.13 -13.49 50.63
CA CYS D 213 32.78 -13.01 49.42
C CYS D 213 31.97 -11.84 48.87
N PHE D 214 32.67 -10.80 48.46
CA PHE D 214 32.04 -9.64 47.86
C PHE D 214 31.60 -9.94 46.43
N THR D 215 30.49 -9.32 46.04
CA THR D 215 29.98 -9.43 44.67
C THR D 215 29.94 -8.03 44.08
N PHE D 216 30.72 -7.81 43.03
CA PHE D 216 30.80 -6.52 42.36
C PHE D 216 30.23 -6.65 40.96
N THR D 217 29.37 -5.70 40.60
CA THR D 217 28.75 -5.67 39.28
C THR D 217 29.10 -4.35 38.62
N ALA D 218 29.68 -4.42 37.42
CA ALA D 218 29.95 -3.24 36.64
C ALA D 218 28.70 -2.83 35.86
N SER D 219 28.58 -1.54 35.61
CA SER D 219 27.46 -1.02 34.85
C SER D 219 27.58 -1.43 33.38
N PHE D 220 26.61 -2.21 32.89
CA PHE D 220 26.53 -2.62 31.50
C PHE D 220 26.29 -1.44 30.56
N ASN D 221 26.14 -0.24 31.09
CA ASN D 221 25.88 0.94 30.26
C ASN D 221 27.14 1.38 29.53
N ARG D 222 26.98 1.71 28.26
CA ARG D 222 28.04 2.27 27.41
C ARG D 222 27.55 3.60 26.88
N PRO D 223 27.90 4.72 27.52
CA PRO D 223 27.30 6.01 27.15
C PRO D 223 27.75 6.53 25.80
N ASN D 224 28.77 5.93 25.18
CA ASN D 224 29.34 6.43 23.94
C ASN D 224 28.72 5.78 22.70
N LEU D 225 27.64 5.02 22.86
CA LEU D 225 27.01 4.29 21.77
C LEU D 225 25.65 4.89 21.45
N TYR D 226 25.36 5.01 20.16
CA TYR D 226 24.09 5.56 19.67
C TYR D 226 23.22 4.43 19.16
N TYR D 227 22.08 4.21 19.81
CA TYR D 227 21.12 3.18 19.40
C TYR D 227 20.01 3.81 18.58
N GLU D 228 19.80 3.30 17.37
CA GLU D 228 18.74 3.76 16.49
C GLU D 228 18.12 2.55 15.81
N VAL D 229 16.80 2.58 15.62
CA VAL D 229 16.10 1.55 14.87
C VAL D 229 15.52 2.20 13.62
N ARG D 230 15.59 1.50 12.49
CA ARG D 230 15.14 2.04 11.23
C ARG D 230 14.25 1.04 10.51
N GLN D 231 13.58 1.54 9.47
CA GLN D 231 12.60 0.74 8.76
C GLN D 231 13.24 -0.14 7.69
N LYS D 232 12.57 -1.25 7.40
CA LYS D 232 13.01 -2.18 6.37
C LYS D 232 12.23 -1.94 5.10
N PRO D 233 12.87 -1.47 4.02
CA PRO D 233 12.16 -1.39 2.74
C PRO D 233 11.79 -2.77 2.24
N SER D 234 10.57 -2.89 1.72
CA SER D 234 10.08 -4.17 1.22
C SER D 234 10.93 -4.68 0.05
N ASN D 235 11.50 -3.78 -0.74
CA ASN D 235 12.35 -4.18 -1.85
C ASN D 235 13.72 -4.62 -1.35
N THR D 236 14.20 -5.75 -1.85
CA THR D 236 15.45 -6.36 -1.42
C THR D 236 16.68 -5.78 -2.11
N GLU D 237 16.53 -4.72 -2.90
CA GLU D 237 17.66 -4.11 -3.60
C GLU D 237 17.87 -2.65 -3.25
N ASP D 238 16.80 -1.89 -3.03
CA ASP D 238 16.93 -0.50 -2.59
C ASP D 238 17.64 -0.39 -1.26
N PHE D 239 17.50 -1.37 -0.37
CA PHE D 239 18.05 -1.25 0.98
C PHE D 239 19.57 -1.08 0.97
N ILE D 240 20.28 -2.06 0.39
CA ILE D 240 21.73 -1.98 0.32
C ILE D 240 22.17 -0.69 -0.37
N GLU D 241 21.40 -0.26 -1.37
CA GLU D 241 21.67 0.99 -2.06
C GLU D 241 21.51 2.17 -1.11
N ASP D 242 20.65 2.04 -0.10
CA ASP D 242 20.55 3.06 0.93
C ASP D 242 21.72 2.99 1.91
N ILE D 243 22.17 1.77 2.24
CA ILE D 243 23.28 1.63 3.18
C ILE D 243 24.54 2.28 2.61
N VAL D 244 24.72 2.19 1.29
CA VAL D 244 25.95 2.74 0.73
C VAL D 244 26.00 4.26 0.92
N LYS D 245 24.89 4.95 0.63
CA LYS D 245 24.82 6.36 0.92
C LYS D 245 24.92 6.63 2.42
N LEU D 246 24.35 5.73 3.22
CA LEU D 246 24.39 5.88 4.68
C LEU D 246 25.84 5.92 5.18
N ILE D 247 26.64 4.91 4.79
CA ILE D 247 28.01 4.84 5.25
C ILE D 247 28.83 6.01 4.69
N ASN D 248 28.67 6.30 3.40
CA ASN D 248 29.49 7.35 2.82
C ASN D 248 29.11 8.74 3.32
N GLY D 249 27.88 8.94 3.79
CA GLY D 249 27.51 10.22 4.39
C GLY D 249 27.71 10.30 5.88
N ARG D 250 27.92 9.17 6.56
CA ARG D 250 28.10 9.11 8.00
C ARG D 250 29.47 8.59 8.41
N TYR D 251 29.94 7.56 7.74
CA TYR D 251 31.13 6.77 8.08
C TYR D 251 32.14 6.80 6.94
N LYS D 252 32.39 7.97 6.36
CA LYS D 252 33.09 8.06 5.08
C LYS D 252 34.57 7.79 5.32
N GLY D 253 34.88 6.50 5.38
CA GLY D 253 36.22 6.00 5.56
C GLY D 253 36.60 5.54 6.95
N GLN D 254 35.64 5.17 7.80
CA GLN D 254 35.93 4.67 9.14
C GLN D 254 35.36 3.26 9.33
N SER D 255 36.03 2.46 10.15
CA SER D 255 35.78 1.02 10.23
C SER D 255 34.41 0.70 10.83
N GLY D 256 33.91 -0.48 10.48
CA GLY D 256 32.67 -0.98 11.06
C GLY D 256 32.38 -2.39 10.62
N ILE D 257 31.31 -2.96 11.19
CA ILE D 257 30.93 -4.36 11.00
C ILE D 257 29.44 -4.41 10.66
N ILE D 258 29.07 -5.20 9.66
CA ILE D 258 27.68 -5.39 9.27
C ILE D 258 27.28 -6.85 9.51
N TYR D 259 26.25 -7.06 10.32
CA TYR D 259 25.72 -8.38 10.61
C TYR D 259 24.45 -8.71 9.85
N CYS D 260 24.39 -9.94 9.32
CA CYS D 260 23.23 -10.46 8.62
C CYS D 260 22.73 -11.70 9.33
N PHE D 261 21.57 -12.20 8.88
CA PHE D 261 21.01 -13.40 9.49
C PHE D 261 21.81 -14.64 9.15
N SER D 262 22.15 -14.83 7.88
CA SER D 262 22.63 -16.11 7.38
C SER D 262 23.99 -15.99 6.70
N GLN D 263 24.50 -17.15 6.28
CA GLN D 263 25.63 -17.15 5.36
C GLN D 263 25.22 -16.62 3.99
N LYS D 264 24.04 -17.02 3.50
CA LYS D 264 23.59 -16.53 2.21
C LYS D 264 23.46 -15.01 2.23
N ASP D 265 22.79 -14.48 3.26
CA ASP D 265 22.66 -13.03 3.38
C ASP D 265 24.02 -12.36 3.49
N SER D 266 24.93 -12.93 4.28
CA SER D 266 26.26 -12.35 4.48
C SER D 266 27.09 -12.33 3.19
N GLU D 267 27.26 -13.49 2.53
CA GLU D 267 28.11 -13.47 1.34
C GLU D 267 27.46 -12.67 0.23
N GLN D 268 26.13 -12.57 0.25
CA GLN D 268 25.44 -11.77 -0.75
C GLN D 268 25.63 -10.29 -0.45
N VAL D 269 25.64 -9.91 0.82
CA VAL D 269 25.84 -8.51 1.16
C VAL D 269 27.25 -8.09 0.79
N THR D 270 28.23 -8.96 1.00
CA THR D 270 29.57 -8.65 0.51
C THR D 270 29.57 -8.48 -1.01
N ILE D 271 28.92 -9.39 -1.71
CA ILE D 271 28.90 -9.38 -3.18
C ILE D 271 28.09 -8.21 -3.73
N SER D 272 27.15 -7.68 -2.96
CA SER D 272 26.37 -6.52 -3.40
C SER D 272 27.01 -5.20 -3.01
N LEU D 273 27.72 -5.14 -1.88
CA LEU D 273 28.42 -3.92 -1.53
C LEU D 273 29.60 -3.73 -2.47
N GLN D 274 30.49 -4.72 -2.52
CA GLN D 274 31.38 -5.01 -3.63
C GLN D 274 31.61 -3.87 -4.63
N LYS D 275 30.66 -3.72 -5.55
CA LYS D 275 30.80 -2.87 -6.72
C LYS D 275 30.37 -1.42 -6.48
N LEU D 276 29.85 -1.09 -5.30
CA LEU D 276 29.33 0.24 -5.05
C LEU D 276 30.41 1.17 -4.51
N GLY D 277 31.67 0.84 -4.79
CA GLY D 277 32.79 1.61 -4.31
C GLY D 277 33.03 1.35 -2.84
N ILE D 278 32.66 0.17 -2.37
CA ILE D 278 32.79 -0.22 -0.98
C ILE D 278 33.63 -1.49 -0.91
N PRO D 279 34.82 -1.44 -0.30
CA PRO D 279 35.56 -2.67 -0.03
C PRO D 279 34.84 -3.48 1.04
N ALA D 280 34.61 -4.76 0.75
CA ALA D 280 33.84 -5.61 1.66
C ALA D 280 34.50 -6.96 1.77
N GLY D 281 34.23 -7.64 2.89
CA GLY D 281 34.75 -8.96 3.12
C GLY D 281 33.74 -9.82 3.87
N ALA D 282 33.90 -11.13 3.73
CA ALA D 282 33.00 -12.10 4.33
C ALA D 282 33.74 -12.84 5.44
N TYR D 283 33.13 -12.92 6.61
CA TYR D 283 33.70 -13.61 7.76
C TYR D 283 32.70 -14.62 8.33
N HIS D 284 33.21 -15.77 8.76
CA HIS D 284 32.41 -16.83 9.33
C HIS D 284 33.04 -17.30 10.63
N ALA D 285 32.34 -18.21 11.32
CA ALA D 285 32.91 -18.88 12.48
C ALA D 285 33.66 -20.15 12.10
N ASN D 286 33.17 -20.87 11.09
CA ASN D 286 33.92 -21.98 10.54
C ASN D 286 35.22 -21.47 9.94
N MET D 287 36.34 -22.02 10.39
CA MET D 287 37.61 -21.30 10.23
C MET D 287 38.71 -22.22 9.72
N GLU D 288 39.69 -21.60 9.06
CA GLU D 288 40.93 -22.19 8.56
C GLU D 288 42.07 -21.23 8.92
N PRO D 289 43.08 -21.68 9.69
CA PRO D 289 43.92 -20.77 10.48
C PRO D 289 44.28 -19.44 9.84
N GLU D 290 44.75 -19.45 8.59
CA GLU D 290 45.18 -18.22 7.95
C GLU D 290 44.03 -17.38 7.39
N ASP D 291 42.81 -17.93 7.31
CA ASP D 291 41.68 -17.14 6.83
C ASP D 291 41.30 -16.04 7.82
N LYS D 292 41.40 -16.33 9.11
CA LYS D 292 41.14 -15.31 10.13
C LYS D 292 42.15 -14.19 10.02
N THR D 293 43.44 -14.53 9.90
CA THR D 293 44.45 -13.52 9.68
C THR D 293 44.24 -12.79 8.36
N LYS D 294 43.66 -13.45 7.36
CA LYS D 294 43.39 -12.77 6.10
C LYS D 294 42.33 -11.70 6.27
N VAL D 295 41.22 -12.02 6.94
CA VAL D 295 40.22 -10.98 7.16
C VAL D 295 40.74 -9.91 8.14
N HIS D 296 41.62 -10.30 9.07
CA HIS D 296 42.06 -9.34 10.09
C HIS D 296 43.19 -8.44 9.61
N ARG D 297 44.06 -8.92 8.73
CA ARG D 297 44.89 -8.03 7.94
C ARG D 297 44.15 -7.39 6.79
N ARG D 298 42.91 -7.80 6.52
CA ARG D 298 42.08 -6.98 5.67
C ARG D 298 41.34 -5.94 6.45
N TRP D 299 41.58 -5.86 7.77
CA TRP D 299 40.90 -4.89 8.64
C TRP D 299 41.83 -4.05 9.47
N ALA D 300 43.05 -4.51 9.74
CA ALA D 300 43.98 -3.82 10.62
C ALA D 300 44.32 -2.43 10.06
N ALA D 301 44.91 -2.38 8.87
CA ALA D 301 45.13 -1.12 8.17
C ALA D 301 43.85 -0.58 7.54
N ASN D 302 42.73 -1.24 7.83
CA ASN D 302 41.41 -0.83 7.33
C ASN D 302 41.35 -0.89 5.82
N GLU D 303 42.00 -1.91 5.28
CA GLU D 303 41.90 -2.15 3.85
C GLU D 303 40.46 -2.52 3.47
N ILE D 304 39.76 -3.39 4.23
CA ILE D 304 38.39 -3.71 3.80
C ILE D 304 37.69 -2.70 4.71
N GLN D 305 36.63 -2.07 4.26
CA GLN D 305 36.03 -1.16 5.22
C GLN D 305 35.07 -1.88 6.18
N VAL D 306 34.09 -2.62 5.66
CA VAL D 306 33.11 -3.33 6.47
C VAL D 306 33.41 -4.82 6.44
N VAL D 307 33.25 -5.48 7.59
CA VAL D 307 33.40 -6.92 7.69
C VAL D 307 32.01 -7.50 7.87
N VAL D 308 31.52 -8.22 6.86
CA VAL D 308 30.19 -8.82 6.91
C VAL D 308 30.31 -10.25 7.41
N ALA D 309 29.53 -10.56 8.44
CA ALA D 309 29.59 -11.87 9.09
C ALA D 309 28.21 -12.20 9.60
N THR D 310 27.91 -13.50 9.63
CA THR D 310 26.74 -13.94 10.36
C THR D 310 27.05 -13.92 11.85
N VAL D 311 26.05 -14.21 12.67
CA VAL D 311 26.26 -13.99 14.09
C VAL D 311 27.04 -15.16 14.66
N ALA D 312 28.36 -15.01 14.66
CA ALA D 312 29.31 -15.92 15.30
C ALA D 312 29.40 -15.63 16.79
N PHE D 313 30.29 -16.36 17.47
CA PHE D 313 30.64 -16.12 18.86
C PHE D 313 32.16 -15.99 18.96
N GLY D 314 32.70 -15.91 20.17
CA GLY D 314 34.14 -15.76 20.36
C GLY D 314 34.78 -14.59 19.65
N MET D 315 34.19 -13.41 19.84
CA MET D 315 34.53 -12.22 19.06
C MET D 315 35.56 -11.35 19.79
N GLY D 316 36.76 -11.89 19.93
CA GLY D 316 37.79 -11.15 20.65
C GLY D 316 38.67 -10.29 19.77
N ILE D 317 38.09 -9.66 18.75
CA ILE D 317 38.89 -8.96 17.75
C ILE D 317 39.46 -7.66 18.31
N ASP D 318 38.78 -7.07 19.29
CA ASP D 318 39.22 -5.87 20.03
C ASP D 318 39.67 -4.73 19.10
N LYS D 319 39.09 -4.66 17.91
CA LYS D 319 39.44 -3.61 16.96
C LYS D 319 39.07 -2.24 17.49
N PRO D 320 40.03 -1.32 17.71
CA PRO D 320 39.71 -0.05 18.36
C PRO D 320 38.79 0.87 17.55
N ASP D 321 39.12 1.08 16.28
CA ASP D 321 38.48 2.14 15.49
C ASP D 321 37.26 1.65 14.73
N VAL D 322 36.28 1.04 15.39
CA VAL D 322 34.99 0.77 14.76
C VAL D 322 33.99 1.85 15.18
N ARG D 323 33.22 2.34 14.21
CA ARG D 323 32.29 3.44 14.41
C ARG D 323 30.84 3.08 14.16
N PHE D 324 30.55 1.97 13.48
CA PHE D 324 29.18 1.64 13.14
C PHE D 324 29.01 0.14 13.09
N VAL D 325 27.91 -0.33 13.68
CA VAL D 325 27.51 -1.73 13.63
C VAL D 325 26.12 -1.73 13.03
N ILE D 326 25.99 -2.33 11.84
CA ILE D 326 24.74 -2.36 11.10
C ILE D 326 24.26 -3.79 11.02
N HIS D 327 23.07 -4.04 11.54
CA HIS D 327 22.43 -5.35 11.44
C HIS D 327 21.50 -5.32 10.25
N HIS D 328 21.83 -6.09 9.21
CA HIS D 328 20.93 -6.22 8.06
C HIS D 328 19.56 -6.67 8.54
N SER D 329 19.52 -7.81 9.23
CA SER D 329 18.35 -8.23 9.98
C SER D 329 18.76 -8.43 11.43
N MET D 330 17.76 -8.37 12.31
CA MET D 330 18.02 -8.45 13.72
C MET D 330 18.46 -9.86 14.12
N SER D 331 18.96 -9.94 15.33
CA SER D 331 19.32 -11.20 15.98
C SER D 331 18.10 -11.88 16.58
N LYS D 332 18.35 -12.92 17.38
CA LYS D 332 17.18 -13.48 18.07
C LYS D 332 16.88 -12.80 19.41
N SER D 333 17.86 -12.53 20.29
CA SER D 333 17.54 -11.97 21.59
C SER D 333 18.33 -10.68 21.86
N MET D 334 17.92 -10.00 22.95
CA MET D 334 18.60 -8.80 23.46
C MET D 334 19.93 -9.14 24.12
N GLU D 335 19.96 -10.20 24.93
CA GLU D 335 21.22 -10.57 25.59
C GLU D 335 22.34 -10.76 24.60
N ASN D 336 21.96 -11.22 23.38
CA ASN D 336 22.94 -11.14 22.32
C ASN D 336 23.11 -9.63 21.99
N TYR D 337 21.97 -8.88 21.88
CA TYR D 337 22.02 -7.62 21.15
C TYR D 337 22.96 -6.62 21.83
N TYR D 338 23.12 -6.73 23.13
CA TYR D 338 23.88 -5.76 23.88
C TYR D 338 25.26 -5.52 23.26
N GLN D 339 26.04 -6.59 22.99
CA GLN D 339 27.34 -6.50 22.29
C GLN D 339 27.30 -7.49 21.14
N GLU D 340 26.13 -7.50 20.52
CA GLU D 340 25.95 -7.48 19.08
C GLU D 340 26.25 -6.01 18.64
N SER D 341 25.91 -5.04 19.54
CA SER D 341 26.15 -3.57 19.50
C SER D 341 27.23 -2.89 20.38
N GLY D 342 27.38 -3.25 21.64
CA GLY D 342 28.44 -2.71 22.49
C GLY D 342 29.78 -3.02 22.00
N ARG D 343 29.76 -3.88 21.07
CA ARG D 343 30.68 -4.32 20.07
C ARG D 343 31.34 -3.12 19.34
N ALA D 344 30.61 -1.99 19.32
CA ALA D 344 31.10 -0.70 18.76
C ALA D 344 31.90 0.14 19.79
N GLY D 345 32.88 0.91 19.29
CA GLY D 345 33.62 1.91 20.10
C GLY D 345 34.50 1.43 21.24
N ARG D 346 35.51 0.62 20.88
CA ARG D 346 36.48 0.12 21.85
C ARG D 346 37.26 1.27 22.46
N ASP D 347 37.49 2.36 21.72
CA ASP D 347 38.30 3.47 22.17
C ASP D 347 37.52 4.47 23.03
N ASP D 348 36.33 4.09 23.49
CA ASP D 348 35.47 4.95 24.29
C ASP D 348 35.09 6.24 23.56
N MET D 349 34.97 6.18 22.24
CA MET D 349 34.66 7.34 21.42
C MET D 349 33.29 7.15 20.78
N LYS D 350 32.82 8.19 20.08
CA LYS D 350 31.49 8.16 19.49
C LYS D 350 31.37 7.02 18.46
N ALA D 351 30.24 6.33 18.51
CA ALA D 351 29.95 5.26 17.56
C ALA D 351 28.46 5.03 17.53
N ASP D 352 27.92 4.76 16.34
CA ASP D 352 26.49 4.54 16.15
C ASP D 352 26.23 3.06 15.93
N CYS D 353 25.19 2.54 16.58
CA CYS D 353 24.74 1.17 16.39
C CYS D 353 23.26 1.19 15.99
N ILE D 354 23.00 1.10 14.70
CA ILE D 354 21.65 1.14 14.19
C ILE D 354 21.15 -0.29 14.02
N LEU D 355 19.83 -0.45 14.01
CA LEU D 355 19.20 -1.74 13.80
C LEU D 355 18.11 -1.60 12.74
N TYR D 356 18.11 -2.49 11.77
CA TYR D 356 17.12 -2.48 10.69
C TYR D 356 16.08 -3.56 11.02
N TYR D 357 14.85 -3.13 11.27
CA TYR D 357 13.79 -4.00 11.76
C TYR D 357 12.86 -4.38 10.61
N GLY D 358 12.78 -5.67 10.32
CA GLY D 358 11.95 -6.17 9.23
C GLY D 358 10.83 -7.08 9.71
N PHE D 359 9.65 -6.91 9.10
CA PHE D 359 8.51 -7.71 9.50
C PHE D 359 8.72 -9.18 9.15
N GLY D 360 9.22 -9.46 7.94
CA GLY D 360 9.50 -10.83 7.55
C GLY D 360 10.64 -11.45 8.34
N ASP D 361 11.52 -10.63 8.90
CA ASP D 361 12.62 -11.15 9.71
C ASP D 361 12.11 -11.84 10.96
N ILE D 362 10.98 -11.38 11.50
CA ILE D 362 10.41 -11.98 12.71
C ILE D 362 10.17 -13.46 12.48
N PHE D 363 9.48 -13.80 11.40
CA PHE D 363 9.15 -15.19 11.12
C PHE D 363 10.29 -15.93 10.43
N ARG D 364 11.21 -15.22 9.78
CA ARG D 364 12.40 -15.87 9.23
C ARG D 364 13.30 -16.39 10.35
N ILE D 365 13.41 -15.65 11.45
CA ILE D 365 14.23 -16.08 12.58
C ILE D 365 13.46 -17.00 13.51
N SER D 366 12.17 -16.71 13.76
CA SER D 366 11.38 -17.56 14.64
C SER D 366 11.32 -18.99 14.15
N SER D 367 11.36 -19.19 12.82
CA SER D 367 11.32 -20.54 12.26
C SER D 367 12.56 -21.34 12.62
N MET D 368 13.65 -20.68 13.00
CA MET D 368 14.93 -21.35 13.25
C MET D 368 15.35 -21.32 14.72
N VAL D 369 14.65 -20.55 15.56
CA VAL D 369 14.92 -20.54 17.00
C VAL D 369 13.98 -21.54 17.67
N VAL D 370 13.34 -22.38 16.86
CA VAL D 370 12.31 -23.31 17.33
C VAL D 370 12.87 -24.29 18.36
N MET D 371 14.14 -24.65 18.24
CA MET D 371 14.72 -25.66 19.13
C MET D 371 15.24 -25.09 20.44
N GLU D 372 15.42 -23.78 20.53
CA GLU D 372 15.74 -23.15 21.80
C GLU D 372 14.47 -23.01 22.64
N ASN D 373 14.56 -23.42 23.91
CA ASN D 373 13.37 -23.47 24.74
C ASN D 373 12.84 -22.08 25.04
N VAL D 374 13.66 -21.05 24.90
CA VAL D 374 13.22 -19.68 25.09
C VAL D 374 13.54 -18.84 23.87
N GLY D 375 13.75 -19.47 22.70
CA GLY D 375 14.17 -18.73 21.51
C GLY D 375 13.15 -17.72 21.00
N GLN D 376 11.92 -18.17 20.75
CA GLN D 376 10.84 -17.28 20.33
C GLN D 376 10.53 -16.28 21.42
N GLN D 377 10.51 -16.77 22.64
CA GLN D 377 10.22 -15.97 23.82
C GLN D 377 11.26 -14.88 24.02
N LYS D 378 12.54 -15.18 23.76
CA LYS D 378 13.63 -14.19 23.77
C LYS D 378 13.61 -13.30 22.53
N LEU D 379 12.93 -13.74 21.46
CA LEU D 379 12.78 -12.93 20.26
C LEU D 379 11.75 -11.83 20.40
N TYR D 380 10.72 -12.13 21.18
CA TYR D 380 9.62 -11.18 21.32
C TYR D 380 10.04 -9.93 22.08
N GLU D 381 10.97 -10.06 23.03
CA GLU D 381 11.45 -8.87 23.72
C GLU D 381 12.20 -7.94 22.78
N MET D 382 12.95 -8.49 21.83
CA MET D 382 13.61 -7.62 20.87
C MET D 382 12.62 -7.08 19.85
N VAL D 383 11.60 -7.86 19.49
CA VAL D 383 10.55 -7.30 18.64
C VAL D 383 9.90 -6.12 19.35
N SER D 384 9.77 -6.20 20.67
CA SER D 384 9.31 -5.07 21.47
C SER D 384 10.29 -3.90 21.38
N TYR D 385 11.59 -4.20 21.42
CA TYR D 385 12.60 -3.14 21.34
C TYR D 385 12.54 -2.42 19.99
N CYS D 386 12.45 -3.17 18.90
CA CYS D 386 12.35 -2.57 17.57
C CYS D 386 11.02 -1.87 17.40
N GLN D 387 9.98 -2.37 18.04
CA GLN D 387 8.64 -1.83 17.89
C GLN D 387 8.44 -0.56 18.69
N ASN D 388 9.13 -0.45 19.83
CA ASN D 388 8.95 0.71 20.69
C ASN D 388 9.54 1.95 20.06
N ILE D 389 8.82 3.06 20.18
CA ILE D 389 9.30 4.37 19.75
C ILE D 389 9.15 5.42 20.83
N ASN D 390 8.69 5.05 22.03
CA ASN D 390 8.42 5.98 23.11
C ASN D 390 9.40 5.86 24.27
N LYS D 391 9.75 4.66 24.73
CA LYS D 391 10.70 4.62 25.83
C LYS D 391 12.13 4.72 25.28
N CYS D 392 13.03 5.18 26.14
CA CYS D 392 14.44 5.32 25.75
C CYS D 392 15.08 3.96 25.47
N ARG D 393 15.87 3.90 24.40
CA ARG D 393 16.46 2.62 24.00
C ARG D 393 17.31 2.04 25.13
N ARG D 394 18.02 2.89 25.85
CA ARG D 394 18.82 2.44 26.99
C ARG D 394 17.95 1.81 28.07
N VAL D 395 16.74 2.33 28.27
CA VAL D 395 15.82 1.76 29.25
C VAL D 395 15.40 0.37 28.82
N LEU D 396 15.12 0.21 27.52
CA LEU D 396 14.75 -1.08 26.96
C LEU D 396 15.90 -2.07 27.00
N ILE D 397 17.14 -1.61 26.86
CA ILE D 397 18.30 -2.48 27.05
C ILE D 397 18.45 -2.87 28.52
N ALA D 398 18.11 -1.95 29.42
CA ALA D 398 18.19 -2.20 30.85
C ALA D 398 17.10 -3.13 31.36
N GLN D 399 16.05 -3.35 30.57
CA GLN D 399 14.97 -4.24 31.00
C GLN D 399 15.48 -5.65 31.27
N HIS D 400 16.36 -6.16 30.42
CA HIS D 400 16.91 -7.50 30.60
C HIS D 400 18.04 -7.52 31.61
N PHE D 401 18.60 -6.36 31.94
CA PHE D 401 19.69 -6.28 32.91
C PHE D 401 19.14 -5.56 34.13
N ASP D 402 18.54 -6.34 35.04
CA ASP D 402 17.85 -5.76 36.19
C ASP D 402 18.83 -5.11 37.15
N GLU D 403 19.77 -5.89 37.68
CA GLU D 403 20.69 -5.41 38.71
C GLU D 403 22.10 -5.20 38.18
N VAL D 404 22.32 -5.37 36.87
CA VAL D 404 23.63 -5.14 36.28
C VAL D 404 23.63 -3.91 35.37
N TRP D 405 22.56 -3.13 35.40
CA TRP D 405 22.48 -1.87 34.67
C TRP D 405 22.27 -0.77 35.69
N SER D 406 23.24 0.13 35.80
CA SER D 406 23.13 1.24 36.73
C SER D 406 22.10 2.25 36.21
N PRO D 407 21.36 2.88 37.12
CA PRO D 407 20.32 3.83 36.68
C PRO D 407 20.90 5.14 36.16
N GLU D 408 21.45 5.07 34.95
CA GLU D 408 22.04 6.21 34.28
C GLU D 408 21.08 6.72 33.21
N ALA D 409 21.01 8.05 33.09
CA ALA D 409 20.16 8.69 32.09
C ALA D 409 20.72 8.41 30.70
N CYS D 410 19.84 8.47 29.70
CA CYS D 410 20.23 8.17 28.32
C CYS D 410 21.21 9.20 27.78
N ASN D 411 21.04 10.47 28.17
CA ASN D 411 21.90 11.64 27.92
C ASN D 411 21.79 12.09 26.46
N LYS D 412 20.63 11.88 25.85
CA LYS D 412 20.39 12.19 24.44
C LYS D 412 21.19 11.28 23.51
N MET D 413 21.47 10.06 23.96
CA MET D 413 22.29 9.10 23.21
C MET D 413 21.47 7.97 22.61
N CYS D 414 20.22 8.21 22.28
CA CYS D 414 19.44 7.25 21.52
C CYS D 414 18.46 8.02 20.65
N ASP D 415 17.87 7.31 19.69
CA ASP D 415 17.08 7.98 18.66
C ASP D 415 15.80 8.55 19.27
N ASN D 416 15.33 7.89 20.32
CA ASN D 416 14.02 8.19 20.89
C ASN D 416 13.99 9.58 21.51
N CYS D 417 14.99 9.92 22.33
CA CYS D 417 15.05 11.26 22.91
C CYS D 417 15.62 12.31 21.96
N CYS D 418 16.38 11.90 20.94
CA CYS D 418 17.00 12.84 20.01
C CYS D 418 16.01 13.56 19.11
N LYS D 419 14.71 13.30 19.25
CA LYS D 419 13.71 13.86 18.34
C LYS D 419 12.37 13.81 19.06
N GLU D 420 11.72 14.96 19.19
CA GLU D 420 10.56 15.15 20.07
C GLU D 420 9.28 14.82 19.31
N ILE D 421 8.65 13.68 19.64
CA ILE D 421 7.44 13.20 18.97
C ILE D 421 6.29 13.26 19.95
N SER D 422 5.19 13.89 19.54
CA SER D 422 3.96 13.83 20.32
C SER D 422 3.45 12.40 20.35
N PHE D 423 2.96 11.96 21.51
CA PHE D 423 2.54 10.57 21.66
C PHE D 423 1.07 10.50 22.03
N GLU D 424 0.59 9.28 22.25
CA GLU D 424 -0.85 9.04 22.26
C GLU D 424 -1.13 7.66 22.83
N ARG D 425 -2.41 7.28 22.79
CA ARG D 425 -2.86 5.91 23.01
C ARG D 425 -4.02 5.69 22.06
N LYS D 426 -3.85 4.82 21.06
CA LYS D 426 -4.91 4.57 20.10
C LYS D 426 -5.58 3.23 20.35
N ASN D 427 -6.91 3.24 20.35
CA ASN D 427 -7.71 2.04 20.56
C ASN D 427 -7.71 1.18 19.31
N VAL D 428 -7.26 -0.07 19.43
CA VAL D 428 -7.18 -0.94 18.27
C VAL D 428 -7.94 -2.26 18.47
N THR D 429 -8.97 -2.26 19.33
CA THR D 429 -9.74 -3.50 19.52
C THR D 429 -10.43 -3.93 18.24
N ALA D 430 -10.88 -2.98 17.42
CA ALA D 430 -11.57 -3.33 16.19
C ALA D 430 -10.66 -4.15 15.28
N TYR D 431 -9.38 -3.75 15.16
CA TYR D 431 -8.46 -4.53 14.35
C TYR D 431 -8.25 -5.92 14.94
N CYS D 432 -8.28 -6.04 16.26
CA CYS D 432 -8.20 -7.35 16.90
C CYS D 432 -9.37 -8.22 16.48
N ARG D 433 -10.59 -7.69 16.64
CA ARG D 433 -11.80 -8.44 16.27
C ARG D 433 -11.76 -8.85 14.81
N ASP D 434 -11.44 -7.92 13.91
CA ASP D 434 -11.33 -8.24 12.49
C ASP D 434 -10.34 -9.37 12.25
N LEU D 435 -9.12 -9.24 12.78
CA LEU D 435 -8.09 -10.25 12.59
C LEU D 435 -8.55 -11.62 13.07
N ILE D 436 -8.96 -11.71 14.34
CA ILE D 436 -9.37 -13.01 14.87
C ILE D 436 -10.57 -13.57 14.12
N LYS D 437 -11.47 -12.72 13.62
CA LYS D 437 -12.54 -13.22 12.75
C LYS D 437 -11.96 -13.91 11.52
N ILE D 438 -10.97 -13.27 10.88
CA ILE D 438 -10.33 -13.89 9.72
C ILE D 438 -9.73 -15.23 10.11
N LEU D 439 -9.08 -15.28 11.27
CA LEU D 439 -8.45 -16.51 11.72
C LEU D 439 -9.48 -17.60 12.00
N LYS D 440 -10.65 -17.23 12.55
CA LYS D 440 -11.71 -18.20 12.75
C LYS D 440 -12.15 -18.78 11.42
N GLN D 441 -12.49 -17.91 10.47
CA GLN D 441 -12.94 -18.39 9.18
C GLN D 441 -11.88 -19.27 8.52
N ALA D 442 -10.61 -18.91 8.68
CA ALA D 442 -9.53 -19.72 8.13
C ALA D 442 -9.51 -21.10 8.77
N GLU D 443 -9.70 -21.17 10.09
CA GLU D 443 -9.77 -22.47 10.76
C GLU D 443 -10.96 -23.28 10.25
N ASP D 444 -12.08 -22.61 9.99
CA ASP D 444 -13.26 -23.32 9.48
C ASP D 444 -13.03 -23.90 8.08
N LEU D 445 -12.19 -23.24 7.28
CA LEU D 445 -11.97 -23.62 5.90
C LEU D 445 -10.79 -24.56 5.71
N ASN D 446 -10.20 -25.05 6.81
CA ASN D 446 -9.06 -25.95 6.77
C ASN D 446 -7.92 -25.36 5.94
N GLU D 447 -7.50 -24.16 6.32
CA GLU D 447 -6.41 -23.45 5.66
C GLU D 447 -5.46 -22.86 6.70
N LYS D 448 -4.17 -23.14 6.53
CA LYS D 448 -3.14 -22.58 7.40
C LYS D 448 -2.64 -21.28 6.78
N LEU D 449 -2.65 -20.21 7.56
CA LEU D 449 -2.47 -18.85 7.06
C LEU D 449 -1.13 -18.30 7.51
N THR D 450 -0.30 -17.91 6.55
CA THR D 450 0.97 -17.26 6.81
C THR D 450 0.77 -15.77 7.06
N PRO D 451 1.78 -15.09 7.63
CA PRO D 451 1.69 -13.61 7.77
C PRO D 451 1.24 -12.89 6.51
N LEU D 452 1.79 -13.23 5.35
CA LEU D 452 1.42 -12.51 4.13
C LEU D 452 -0.02 -12.80 3.75
N LYS D 453 -0.41 -14.08 3.78
CA LYS D 453 -1.80 -14.45 3.51
C LYS D 453 -2.77 -13.72 4.43
N LEU D 454 -2.40 -13.59 5.71
CA LEU D 454 -3.27 -12.94 6.67
C LEU D 454 -3.37 -11.43 6.42
N ILE D 455 -2.23 -10.79 6.19
CA ILE D 455 -2.23 -9.36 5.90
C ILE D 455 -3.02 -9.08 4.63
N ASP D 456 -2.90 -9.98 3.64
CA ASP D 456 -3.63 -9.80 2.39
C ASP D 456 -5.13 -9.98 2.59
N SER D 457 -5.54 -11.06 3.26
CA SER D 457 -6.96 -11.26 3.52
C SER D 457 -7.55 -10.14 4.35
N TRP D 458 -6.73 -9.49 5.18
CA TRP D 458 -7.20 -8.32 5.92
C TRP D 458 -7.29 -7.09 5.03
N MET D 459 -6.38 -6.96 4.05
CA MET D 459 -6.34 -5.80 3.17
C MET D 459 -7.32 -5.90 2.01
N GLY D 460 -8.00 -7.03 1.84
CA GLY D 460 -8.86 -7.22 0.69
C GLY D 460 -8.15 -7.67 -0.56
N LYS D 461 -6.93 -8.18 -0.45
CA LYS D 461 -6.17 -8.71 -1.58
C LYS D 461 -5.92 -10.20 -1.34
N GLY D 462 -6.05 -10.99 -2.39
CA GLY D 462 -5.60 -12.37 -2.35
C GLY D 462 -6.66 -13.36 -2.79
N ALA D 463 -6.62 -14.57 -2.23
CA ALA D 463 -7.64 -15.58 -2.50
C ALA D 463 -8.95 -15.14 -1.86
N SER D 464 -9.98 -14.96 -2.68
CA SER D 464 -11.25 -14.45 -2.16
C SER D 464 -11.93 -15.42 -1.18
N LYS D 465 -11.63 -16.74 -1.23
CA LYS D 465 -12.18 -17.67 -0.22
C LYS D 465 -11.50 -17.49 1.15
N LEU D 466 -10.31 -16.88 1.28
CA LEU D 466 -9.65 -16.79 2.60
C LEU D 466 -9.97 -15.47 3.35
N ARG D 467 -10.94 -14.70 2.87
CA ARG D 467 -11.36 -13.46 3.50
C ARG D 467 -12.79 -13.61 4.01
N VAL D 468 -13.17 -12.72 4.92
CA VAL D 468 -14.48 -12.76 5.52
C VAL D 468 -15.50 -12.16 4.56
N ALA D 469 -16.69 -12.76 4.51
CA ALA D 469 -17.74 -12.33 3.60
C ALA D 469 -18.27 -10.93 3.92
N GLY D 470 -17.94 -10.37 5.08
CA GLY D 470 -18.47 -9.06 5.46
C GLY D 470 -17.50 -8.07 6.07
N LEU D 471 -16.22 -8.13 5.70
CA LEU D 471 -15.19 -7.32 6.35
C LEU D 471 -14.71 -6.20 5.43
N ALA D 472 -14.61 -4.98 5.98
CA ALA D 472 -14.11 -3.76 5.34
C ALA D 472 -12.59 -3.65 5.51
N PRO D 473 -11.84 -3.46 4.43
CA PRO D 473 -10.38 -3.30 4.55
C PRO D 473 -10.03 -2.05 5.34
N PRO D 474 -8.82 -1.98 5.91
CA PRO D 474 -8.47 -0.83 6.75
C PRO D 474 -8.03 0.37 5.93
N THR D 475 -8.00 1.52 6.61
CA THR D 475 -7.62 2.80 6.02
C THR D 475 -6.17 3.17 6.32
N LEU D 476 -5.30 2.19 6.46
CA LEU D 476 -3.92 2.37 6.88
C LEU D 476 -2.98 1.71 5.88
N PRO D 477 -1.72 2.15 5.82
CA PRO D 477 -0.77 1.55 4.88
C PRO D 477 -0.14 0.28 5.43
N ARG D 478 0.38 -0.53 4.50
CA ARG D 478 0.87 -1.87 4.83
C ARG D 478 1.91 -1.87 5.95
N GLU D 479 2.79 -0.86 5.97
CA GLU D 479 3.84 -0.81 7.00
C GLU D 479 3.22 -0.79 8.40
N ASP D 480 2.16 0.00 8.58
CA ASP D 480 1.53 0.09 9.88
C ASP D 480 0.80 -1.20 10.23
N LEU D 481 0.23 -1.86 9.21
CA LEU D 481 -0.45 -3.13 9.47
C LEU D 481 0.55 -4.20 9.90
N GLU D 482 1.71 -4.24 9.26
CA GLU D 482 2.78 -5.13 9.69
C GLU D 482 3.16 -4.86 11.15
N LYS D 483 3.31 -3.58 11.49
CA LYS D 483 3.75 -3.26 12.85
C LYS D 483 2.70 -3.65 13.88
N ILE D 484 1.41 -3.46 13.57
CA ILE D 484 0.39 -3.91 14.51
C ILE D 484 0.32 -5.43 14.53
N ILE D 485 0.60 -6.10 13.40
CA ILE D 485 0.60 -7.56 13.41
C ILE D 485 1.63 -8.04 14.42
N ALA D 486 2.81 -7.41 14.40
CA ALA D 486 3.87 -7.76 15.34
C ALA D 486 3.45 -7.44 16.77
N HIS D 487 2.84 -6.28 16.99
CA HIS D 487 2.41 -5.88 18.33
C HIS D 487 1.41 -6.88 18.90
N PHE D 488 0.44 -7.29 18.09
CA PHE D 488 -0.56 -8.25 18.55
C PHE D 488 0.05 -9.63 18.77
N LEU D 489 0.99 -10.03 17.91
CA LEU D 489 1.70 -11.30 18.11
C LEU D 489 2.46 -11.28 19.43
N ILE D 490 3.07 -10.13 19.76
CA ILE D 490 3.73 -9.98 21.05
C ILE D 490 2.72 -10.09 22.18
N GLN D 491 1.56 -9.44 22.02
CA GLN D 491 0.50 -9.46 23.01
C GLN D 491 -0.18 -10.82 23.11
N GLN D 492 0.29 -11.82 22.37
CA GLN D 492 -0.12 -13.22 22.50
C GLN D 492 -1.57 -13.43 22.08
N TYR D 493 -2.14 -12.49 21.32
CA TYR D 493 -3.46 -12.68 20.74
C TYR D 493 -3.39 -13.55 19.49
N LEU D 494 -2.27 -13.51 18.78
CA LEU D 494 -1.96 -14.45 17.72
C LEU D 494 -0.64 -15.13 18.06
N LYS D 495 -0.56 -16.41 17.72
CA LYS D 495 0.64 -17.21 17.98
C LYS D 495 1.14 -17.82 16.68
N GLU D 496 2.38 -18.28 16.72
CA GLU D 496 3.01 -18.88 15.56
C GLU D 496 2.90 -20.40 15.69
N ASP D 497 2.28 -21.03 14.70
CA ASP D 497 2.23 -22.48 14.63
C ASP D 497 3.13 -22.91 13.48
N TYR D 498 4.16 -23.69 13.82
CA TYR D 498 5.21 -24.09 12.90
C TYR D 498 4.90 -25.41 12.20
N SER D 499 5.34 -25.50 10.94
CA SER D 499 5.18 -26.70 10.14
C SER D 499 6.53 -27.09 9.57
N PHE D 500 6.86 -28.38 9.70
CA PHE D 500 8.18 -28.89 9.32
C PHE D 500 8.11 -29.62 7.99
N THR D 501 8.91 -29.16 7.03
CA THR D 501 9.11 -29.82 5.74
C THR D 501 10.55 -30.37 5.73
N ALA D 502 10.85 -31.19 4.72
CA ALA D 502 12.16 -31.86 4.65
C ALA D 502 13.30 -30.87 4.70
N TYR D 503 13.11 -29.67 4.14
CA TYR D 503 14.18 -28.68 4.05
C TYR D 503 13.86 -27.36 4.72
N ALA D 504 12.59 -26.99 4.87
CA ALA D 504 12.23 -25.67 5.39
C ALA D 504 11.26 -25.80 6.55
N THR D 505 11.25 -24.77 7.38
CA THR D 505 10.31 -24.65 8.50
C THR D 505 9.44 -23.42 8.28
N ILE D 506 8.14 -23.63 8.15
CA ILE D 506 7.20 -22.55 7.85
C ILE D 506 6.53 -22.12 9.15
N SER D 507 6.17 -20.85 9.22
CA SER D 507 5.60 -20.25 10.43
C SER D 507 4.27 -19.60 10.06
N TYR D 508 3.16 -20.28 10.34
CA TYR D 508 1.85 -19.69 10.13
C TYR D 508 1.42 -18.95 11.39
N LEU D 509 0.39 -18.12 11.24
CA LEU D 509 -0.16 -17.34 12.34
C LEU D 509 -1.58 -17.82 12.62
N LYS D 510 -1.83 -18.25 13.85
CA LYS D 510 -3.14 -18.69 14.27
C LYS D 510 -3.55 -17.93 15.52
N VAL D 511 -4.76 -18.22 16.01
CA VAL D 511 -5.31 -17.52 17.17
C VAL D 511 -4.47 -17.86 18.39
N GLY D 512 -4.13 -16.84 19.18
CA GLY D 512 -3.36 -17.05 20.38
C GLY D 512 -4.25 -17.32 21.57
N PRO D 513 -3.64 -17.61 22.74
CA PRO D 513 -4.46 -17.85 23.93
C PRO D 513 -5.18 -16.60 24.43
N LYS D 514 -4.48 -15.47 24.48
CA LYS D 514 -5.07 -14.25 25.03
C LYS D 514 -6.22 -13.74 24.19
N ALA D 515 -6.38 -14.24 22.95
CA ALA D 515 -7.50 -13.84 22.12
C ALA D 515 -8.82 -14.33 22.69
N ASN D 516 -8.81 -15.30 23.59
CA ASN D 516 -10.04 -15.66 24.29
C ASN D 516 -10.58 -14.52 25.14
N LEU D 517 -9.82 -13.45 25.31
CA LEU D 517 -10.21 -12.33 26.18
C LEU D 517 -11.23 -11.40 25.52
N LEU D 518 -11.25 -11.34 24.18
CA LEU D 518 -12.07 -10.33 23.50
C LEU D 518 -13.55 -10.42 23.85
N ASN D 519 -14.01 -11.54 24.43
CA ASN D 519 -15.39 -11.62 24.89
C ASN D 519 -15.68 -10.68 26.05
N ASN D 520 -14.65 -10.17 26.74
CA ASN D 520 -14.85 -9.21 27.81
C ASN D 520 -15.02 -7.81 27.22
N GLU D 521 -16.06 -7.11 27.67
CA GLU D 521 -16.36 -5.81 27.09
C GLU D 521 -15.49 -4.69 27.65
N ALA D 522 -15.09 -4.79 28.92
CA ALA D 522 -14.24 -3.74 29.51
C ALA D 522 -12.76 -3.99 29.23
N HIS D 523 -12.40 -4.14 27.97
CA HIS D 523 -11.01 -4.22 27.55
C HIS D 523 -10.75 -3.29 26.39
N VAL D 524 -9.59 -2.64 26.40
CA VAL D 524 -9.16 -1.74 25.35
C VAL D 524 -7.72 -2.10 24.97
N ILE D 525 -7.51 -2.43 23.71
CA ILE D 525 -6.17 -2.70 23.19
C ILE D 525 -5.63 -1.40 22.62
N THR D 526 -4.49 -0.96 23.11
CA THR D 526 -3.94 0.34 22.78
C THR D 526 -2.59 0.21 22.10
N MET D 527 -2.26 1.23 21.31
CA MET D 527 -1.00 1.24 20.56
C MET D 527 -0.45 2.67 20.48
N ARG D 528 0.80 2.75 20.05
CA ARG D 528 1.66 3.92 20.18
C ARG D 528 2.18 4.31 18.81
N VAL D 529 1.69 5.44 18.28
CA VAL D 529 2.15 5.97 17.01
C VAL D 529 2.18 7.49 17.13
N LYS D 530 3.02 8.11 16.30
CA LYS D 530 3.21 9.56 16.37
C LYS D 530 1.89 10.28 16.10
N LYS D 531 1.67 11.38 16.82
CA LYS D 531 0.51 12.22 16.58
C LYS D 531 0.91 13.46 15.77
N MET E 1 2.86 -32.86 45.17
CA MET E 1 2.62 -34.29 45.19
C MET E 1 1.12 -34.60 45.18
N SER E 2 0.61 -35.00 44.02
CA SER E 2 -0.80 -35.18 43.78
C SER E 2 -1.27 -36.57 44.21
N SER E 3 -2.59 -36.76 44.20
CA SER E 3 -3.19 -38.02 44.62
C SER E 3 -3.25 -39.00 43.45
N PRO E 4 -2.66 -40.18 43.57
CA PRO E 4 -2.94 -41.26 42.61
C PRO E 4 -4.09 -42.17 43.02
N ALA E 5 -4.81 -41.83 44.09
CA ALA E 5 -5.95 -42.64 44.49
C ALA E 5 -7.06 -42.55 43.45
N SER E 6 -7.18 -41.41 42.75
CA SER E 6 -8.25 -41.25 41.78
C SER E 6 -8.13 -42.22 40.62
N TRP E 7 -6.90 -42.48 40.20
CA TRP E 7 -6.64 -43.31 39.06
C TRP E 7 -6.40 -44.77 39.43
N ASN E 8 -6.59 -45.15 40.69
CA ASN E 8 -6.69 -46.57 41.03
C ASN E 8 -8.13 -47.02 40.86
N LYS E 9 -8.64 -46.77 39.66
CA LYS E 9 -10.00 -47.06 39.28
C LYS E 9 -9.98 -47.95 38.03
N GLU E 10 -10.95 -48.86 37.94
CA GLU E 10 -11.01 -49.82 36.85
C GLU E 10 -12.40 -49.86 36.23
N ASP E 11 -13.01 -48.68 36.03
CA ASP E 11 -14.33 -48.57 35.43
C ASP E 11 -14.32 -47.66 34.19
N PHE E 12 -13.16 -47.41 33.60
CA PHE E 12 -13.06 -46.55 32.43
C PHE E 12 -13.40 -47.32 31.17
N PRO E 13 -13.89 -46.63 30.13
CA PRO E 13 -14.25 -47.33 28.89
C PRO E 13 -13.09 -48.09 28.25
N TRP E 14 -11.85 -47.67 28.50
CA TRP E 14 -10.69 -48.37 27.95
C TRP E 14 -10.19 -49.48 28.86
N SER E 15 -10.70 -49.57 30.09
CA SER E 15 -10.19 -50.53 31.06
C SER E 15 -10.32 -51.95 30.52
N GLY E 16 -11.40 -52.23 29.80
CA GLY E 16 -11.60 -53.55 29.26
C GLY E 16 -10.48 -53.95 28.31
N LYS E 17 -10.04 -53.02 27.47
CA LYS E 17 -8.85 -53.31 26.68
C LYS E 17 -7.57 -53.20 27.50
N VAL E 18 -7.54 -52.27 28.48
CA VAL E 18 -6.34 -52.06 29.27
C VAL E 18 -5.94 -53.35 29.98
N LYS E 19 -6.92 -54.05 30.55
CA LYS E 19 -6.64 -55.34 31.17
C LYS E 19 -6.61 -56.47 30.15
N ASP E 20 -7.21 -56.28 28.98
CA ASP E 20 -7.10 -57.29 27.94
C ASP E 20 -5.65 -57.40 27.46
N VAL E 21 -5.09 -56.27 27.00
CA VAL E 21 -3.71 -56.29 26.50
C VAL E 21 -2.77 -56.76 27.59
N LEU E 22 -2.98 -56.26 28.82
CA LEU E 22 -2.13 -56.63 29.95
C LEU E 22 -2.10 -58.13 30.12
N GLN E 23 -3.25 -58.79 29.92
CA GLN E 23 -3.29 -60.24 30.01
C GLN E 23 -3.08 -60.93 28.67
N ASN E 24 -3.34 -60.26 27.54
CA ASN E 24 -3.27 -60.94 26.25
C ASN E 24 -1.95 -60.73 25.53
N VAL E 25 -1.55 -59.48 25.31
CA VAL E 25 -0.34 -59.23 24.55
C VAL E 25 0.89 -59.38 25.44
N PHE E 26 0.97 -58.57 26.50
CA PHE E 26 2.07 -58.68 27.43
C PHE E 26 2.06 -60.01 28.17
N LYS E 27 0.88 -60.62 28.32
CA LYS E 27 0.69 -61.86 29.07
C LYS E 27 1.14 -61.70 30.53
N LEU E 28 0.54 -60.73 31.20
CA LEU E 28 0.73 -60.54 32.62
C LEU E 28 -0.62 -60.49 33.32
N GLN E 29 -0.61 -60.80 34.61
CA GLN E 29 -1.85 -60.93 35.37
C GLN E 29 -2.19 -59.69 36.19
N LYS E 30 -1.23 -59.18 36.97
CA LYS E 30 -1.51 -58.18 37.98
C LYS E 30 -0.65 -56.93 37.82
N PHE E 31 -1.26 -55.77 38.09
CA PHE E 31 -0.56 -54.50 38.08
C PHE E 31 0.32 -54.35 39.31
N ARG E 32 1.53 -53.81 39.12
CA ARG E 32 2.43 -53.45 40.20
C ARG E 32 2.09 -52.05 40.71
N PRO E 33 2.55 -51.67 41.90
CA PRO E 33 2.02 -50.44 42.52
C PRO E 33 2.28 -49.21 41.67
N LEU E 34 1.31 -48.30 41.70
CA LEU E 34 1.36 -47.00 41.03
C LEU E 34 1.50 -47.10 39.52
N GLN E 35 1.38 -48.29 38.94
CA GLN E 35 1.35 -48.38 37.49
C GLN E 35 -0.04 -48.05 36.96
N LEU E 36 -1.02 -48.85 37.38
CA LEU E 36 -2.41 -48.73 36.94
C LEU E 36 -2.84 -47.28 36.85
N GLU E 37 -2.52 -46.50 37.88
CA GLU E 37 -2.91 -45.10 37.92
C GLU E 37 -2.26 -44.31 36.79
N THR E 38 -0.99 -44.58 36.49
CA THR E 38 -0.32 -43.85 35.43
C THR E 38 -0.90 -44.20 34.07
N ILE E 39 -1.27 -45.47 33.85
CA ILE E 39 -1.91 -45.78 32.57
C ILE E 39 -3.31 -45.15 32.52
N ASN E 40 -4.03 -45.12 33.64
CA ASN E 40 -5.35 -44.48 33.64
C ASN E 40 -5.24 -43.01 33.24
N VAL E 41 -4.22 -42.31 33.73
CA VAL E 41 -4.05 -40.92 33.35
C VAL E 41 -3.66 -40.82 31.88
N THR E 42 -2.69 -41.61 31.44
CA THR E 42 -2.18 -41.49 30.07
C THR E 42 -3.27 -41.80 29.04
N MET E 43 -4.11 -42.79 29.31
CA MET E 43 -5.17 -43.14 28.36
C MET E 43 -6.26 -42.08 28.31
N SER E 44 -6.45 -41.34 29.39
CA SER E 44 -7.48 -40.30 29.47
C SER E 44 -7.08 -39.02 28.72
N GLY E 45 -5.97 -39.04 27.99
CA GLY E 45 -5.51 -37.87 27.29
C GLY E 45 -4.75 -36.87 28.14
N LYS E 46 -4.39 -37.23 29.36
CA LYS E 46 -3.67 -36.33 30.26
C LYS E 46 -2.21 -36.76 30.39
N GLU E 47 -1.37 -35.81 30.76
CA GLU E 47 0.05 -36.03 30.94
C GLU E 47 0.35 -36.35 32.40
N VAL E 48 1.33 -37.23 32.63
CA VAL E 48 1.71 -37.62 33.98
C VAL E 48 3.20 -37.92 34.03
N PHE E 49 3.80 -37.65 35.19
CA PHE E 49 5.20 -37.95 35.45
C PHE E 49 5.26 -39.04 36.52
N LEU E 50 6.21 -39.97 36.36
CA LEU E 50 6.34 -41.13 37.23
C LEU E 50 7.76 -41.21 37.78
N VAL E 51 7.87 -41.26 39.11
CA VAL E 51 9.13 -41.52 39.78
C VAL E 51 9.05 -42.92 40.40
N MET E 52 10.03 -43.78 40.06
CA MET E 52 10.00 -45.17 40.50
C MET E 52 11.36 -45.83 40.28
N PRO E 53 11.84 -46.65 41.22
CA PRO E 53 13.21 -47.20 41.09
C PRO E 53 13.37 -48.05 39.84
N THR E 54 14.61 -48.13 39.36
CA THR E 54 14.92 -48.96 38.19
C THR E 54 14.71 -50.44 38.48
N GLY E 55 14.26 -51.17 37.46
CA GLY E 55 14.00 -52.58 37.58
C GLY E 55 12.56 -52.95 37.85
N GLY E 56 11.75 -51.98 38.28
CA GLY E 56 10.38 -52.23 38.70
C GLY E 56 9.38 -52.34 37.57
N GLY E 57 9.75 -51.93 36.35
CA GLY E 57 8.80 -51.94 35.26
C GLY E 57 8.10 -50.63 34.94
N LYS E 58 8.86 -49.53 34.88
CA LYS E 58 8.27 -48.27 34.41
C LYS E 58 8.06 -48.28 32.90
N SER E 59 8.77 -49.15 32.18
CA SER E 59 8.62 -49.21 30.72
C SER E 59 7.21 -49.61 30.33
N LEU E 60 6.57 -50.47 31.11
CA LEU E 60 5.22 -50.91 30.76
C LEU E 60 4.22 -49.76 30.87
N CYS E 61 4.50 -48.77 31.73
CA CYS E 61 3.60 -47.63 31.88
C CYS E 61 3.43 -46.83 30.60
N TYR E 62 4.38 -46.91 29.67
CA TYR E 62 4.22 -46.32 28.34
C TYR E 62 4.10 -47.36 27.25
N GLN E 63 4.39 -48.64 27.54
CA GLN E 63 4.25 -49.66 26.51
C GLN E 63 2.80 -50.14 26.39
N LEU E 64 2.08 -50.25 27.52
CA LEU E 64 0.68 -50.66 27.43
C LEU E 64 -0.19 -49.66 26.69
N PRO E 65 -0.19 -48.36 27.02
CA PRO E 65 -1.00 -47.41 26.24
C PRO E 65 -0.70 -47.43 24.75
N ALA E 66 0.54 -47.78 24.38
CA ALA E 66 0.86 -47.96 22.97
C ALA E 66 0.02 -49.07 22.35
N LEU E 67 -0.19 -50.14 23.11
CA LEU E 67 -0.86 -51.34 22.60
C LEU E 67 -2.38 -51.29 22.76
N CYS E 68 -2.92 -50.37 23.57
CA CYS E 68 -4.37 -50.27 23.65
C CYS E 68 -4.93 -49.57 22.40
N SER E 69 -4.50 -48.35 22.15
CA SER E 69 -5.02 -47.57 21.03
C SER E 69 -4.25 -47.87 19.75
N ASP E 70 -4.73 -47.30 18.65
CA ASP E 70 -4.03 -47.36 17.38
C ASP E 70 -2.99 -46.24 17.29
N GLY E 71 -1.91 -46.52 16.58
CA GLY E 71 -0.87 -45.53 16.43
C GLY E 71 0.53 -46.06 16.62
N PHE E 72 1.42 -45.22 17.16
CA PHE E 72 2.80 -45.60 17.39
C PHE E 72 3.44 -44.59 18.34
N THR E 73 4.32 -45.10 19.19
CA THR E 73 4.91 -44.35 20.29
C THR E 73 6.26 -43.79 19.90
N LEU E 74 6.43 -42.47 20.03
CA LEU E 74 7.77 -41.89 19.96
C LEU E 74 8.35 -41.85 21.37
N VAL E 75 9.52 -42.45 21.56
CA VAL E 75 10.15 -42.52 22.88
C VAL E 75 11.54 -41.87 22.82
N ILE E 76 11.79 -40.94 23.72
CA ILE E 76 13.12 -40.37 23.91
C ILE E 76 13.78 -41.09 25.08
N CYS E 77 14.99 -41.62 24.84
CA CYS E 77 15.86 -42.07 25.91
C CYS E 77 17.28 -41.69 25.55
N PRO E 78 18.14 -41.44 26.54
CA PRO E 78 19.49 -40.95 26.23
C PRO E 78 20.47 -42.00 25.72
N LEU E 79 20.38 -43.23 26.23
CA LEU E 79 21.44 -44.21 26.02
C LEU E 79 21.06 -45.24 24.97
N ILE E 80 22.08 -45.76 24.29
CA ILE E 80 21.86 -46.82 23.31
C ILE E 80 21.64 -48.17 23.99
N SER E 81 22.29 -48.41 25.14
CA SER E 81 22.28 -49.74 25.74
C SER E 81 20.95 -50.03 26.45
N LEU E 82 20.34 -49.00 27.05
CA LEU E 82 18.99 -49.16 27.56
C LEU E 82 18.03 -49.54 26.44
N MET E 83 18.30 -49.07 25.23
CA MET E 83 17.43 -49.40 24.13
C MET E 83 17.69 -50.81 23.61
N GLU E 84 18.95 -51.25 23.58
CA GLU E 84 19.20 -52.67 23.36
C GLU E 84 18.41 -53.53 24.34
N ASP E 85 18.52 -53.22 25.64
CA ASP E 85 17.72 -53.85 26.67
C ASP E 85 16.25 -53.93 26.27
N GLN E 86 15.69 -52.83 25.78
CA GLN E 86 14.28 -52.83 25.41
C GLN E 86 14.02 -53.69 24.17
N LEU E 87 14.83 -53.46 23.12
CA LEU E 87 14.77 -54.21 21.87
C LEU E 87 14.65 -55.70 22.11
N MET E 88 15.45 -56.22 23.03
CA MET E 88 15.44 -57.67 23.28
C MET E 88 14.04 -58.14 23.65
N VAL E 89 13.45 -57.53 24.69
CA VAL E 89 12.15 -57.97 25.19
C VAL E 89 11.08 -57.80 24.11
N LEU E 90 11.07 -56.64 23.47
CA LEU E 90 10.03 -56.40 22.47
C LEU E 90 10.19 -57.27 21.25
N LYS E 91 11.37 -57.82 21.01
CA LYS E 91 11.50 -58.82 19.98
C LYS E 91 11.06 -60.20 20.46
N GLN E 92 11.21 -60.48 21.77
CA GLN E 92 10.79 -61.78 22.28
C GLN E 92 9.27 -61.93 22.25
N LEU E 93 8.53 -60.84 22.41
CA LEU E 93 7.10 -61.04 22.54
C LEU E 93 6.37 -61.14 21.19
N GLY E 94 6.96 -60.64 20.12
CA GLY E 94 6.26 -60.54 18.85
C GLY E 94 5.61 -59.20 18.62
N ILE E 95 6.12 -58.18 19.30
CA ILE E 95 5.57 -56.83 19.25
C ILE E 95 6.56 -55.95 18.48
N SER E 96 6.06 -54.84 17.97
CA SER E 96 6.83 -53.98 17.07
C SER E 96 7.63 -52.96 17.87
N ALA E 97 8.95 -52.99 17.70
CA ALA E 97 9.83 -51.98 18.27
C ALA E 97 10.92 -51.67 17.27
N THR E 98 11.08 -50.40 16.93
CA THR E 98 12.15 -49.95 16.05
C THR E 98 12.93 -48.84 16.74
N MET E 99 14.20 -48.72 16.38
CA MET E 99 15.11 -47.76 17.00
C MET E 99 15.78 -46.95 15.90
N LEU E 100 15.96 -45.65 16.16
CA LEU E 100 16.56 -44.75 15.18
C LEU E 100 17.47 -43.77 15.90
N ASN E 101 18.76 -43.83 15.60
CA ASN E 101 19.76 -42.90 16.08
C ASN E 101 20.43 -42.23 14.87
N ALA E 102 21.43 -41.40 15.16
CA ALA E 102 22.18 -40.69 14.14
C ALA E 102 23.31 -41.53 13.56
N SER E 103 23.26 -42.85 13.77
CA SER E 103 24.33 -43.76 13.39
C SER E 103 23.83 -45.01 12.68
N SER E 104 22.54 -45.06 12.34
CA SER E 104 21.98 -46.17 11.59
C SER E 104 22.22 -45.96 10.09
N PRO E 105 22.18 -47.03 9.28
CA PRO E 105 22.58 -46.86 7.88
C PRO E 105 21.54 -46.14 7.06
N LYS E 106 21.78 -45.98 5.76
CA LYS E 106 20.97 -45.12 4.90
C LYS E 106 19.70 -45.79 4.39
N GLU E 107 19.41 -47.00 4.84
CA GLU E 107 18.29 -47.80 4.33
C GLU E 107 17.24 -48.07 5.38
N HIS E 108 17.66 -48.50 6.57
CA HIS E 108 16.74 -48.62 7.69
C HIS E 108 16.05 -47.30 7.99
N VAL E 109 16.78 -46.19 7.81
CA VAL E 109 16.21 -44.87 8.08
C VAL E 109 15.10 -44.55 7.09
N LYS E 110 15.29 -44.94 5.82
CA LYS E 110 14.25 -44.74 4.83
C LYS E 110 13.06 -45.64 5.11
N TRP E 111 13.34 -46.87 5.55
CA TRP E 111 12.24 -47.77 5.92
C TRP E 111 11.38 -47.19 7.04
N VAL E 112 12.02 -46.61 8.07
CA VAL E 112 11.23 -46.00 9.14
C VAL E 112 10.43 -44.81 8.60
N HIS E 113 11.07 -43.93 7.83
CA HIS E 113 10.36 -42.78 7.28
C HIS E 113 9.18 -43.21 6.41
N ALA E 114 9.31 -44.31 5.68
CA ALA E 114 8.19 -44.86 4.92
C ALA E 114 7.15 -45.50 5.81
N GLU E 115 7.56 -45.96 7.00
CA GLU E 115 6.62 -46.59 7.93
C GLU E 115 5.84 -45.54 8.71
N MET E 116 6.31 -44.30 8.72
CA MET E 116 5.58 -43.19 9.32
C MET E 116 4.14 -43.14 8.82
N VAL E 117 3.99 -42.99 7.50
CA VAL E 117 2.70 -42.75 6.87
C VAL E 117 1.97 -44.04 6.53
N ASN E 118 2.57 -45.19 6.82
CA ASN E 118 1.94 -46.48 6.52
C ASN E 118 0.77 -46.66 7.47
N LYS E 119 -0.45 -46.50 6.96
CA LYS E 119 -1.62 -46.47 7.82
C LYS E 119 -1.79 -47.79 8.57
N ASN E 120 -1.91 -48.89 7.85
CA ASN E 120 -2.04 -50.18 8.54
C ASN E 120 -0.66 -50.70 8.92
N SER E 121 0.11 -49.89 9.65
CA SER E 121 1.45 -50.32 10.02
C SER E 121 1.38 -51.27 11.21
N LYS E 122 2.40 -52.11 11.33
CA LYS E 122 2.55 -52.93 12.50
C LYS E 122 3.21 -52.18 13.65
N LEU E 123 3.74 -50.98 13.41
CA LEU E 123 4.59 -50.31 14.39
C LEU E 123 3.77 -49.68 15.51
N LYS E 124 4.20 -49.92 16.74
CA LYS E 124 3.64 -49.28 17.92
C LYS E 124 4.66 -48.51 18.74
N LEU E 125 5.96 -48.72 18.51
CA LEU E 125 6.99 -48.13 19.35
C LEU E 125 8.25 -47.88 18.52
N ILE E 126 8.55 -46.60 18.33
CA ILE E 126 9.79 -46.11 17.73
C ILE E 126 10.55 -45.32 18.80
N TYR E 127 11.74 -45.80 19.14
CA TYR E 127 12.60 -45.11 20.09
C TYR E 127 13.69 -44.36 19.35
N VAL E 128 13.97 -43.14 19.80
CA VAL E 128 15.00 -42.29 19.23
C VAL E 128 15.75 -41.58 20.34
N THR E 129 16.92 -41.01 19.98
CA THR E 129 17.76 -40.21 20.84
C THR E 129 17.29 -38.75 20.85
N PRO E 130 17.56 -38.01 21.93
CA PRO E 130 17.20 -36.58 21.93
C PRO E 130 17.91 -35.78 20.85
N GLU E 131 19.14 -36.18 20.47
CA GLU E 131 19.82 -35.51 19.38
C GLU E 131 19.08 -35.71 18.06
N LYS E 132 18.45 -36.87 17.88
CA LYS E 132 17.67 -37.10 16.68
C LYS E 132 16.36 -36.32 16.69
N ILE E 133 15.98 -35.74 17.82
CA ILE E 133 14.90 -34.75 17.82
C ILE E 133 15.45 -33.36 17.55
N ALA E 134 16.61 -33.03 18.11
CA ALA E 134 17.13 -31.68 17.95
C ALA E 134 17.72 -31.45 16.56
N LYS E 135 18.74 -32.22 16.20
CA LYS E 135 19.38 -32.04 14.89
C LYS E 135 18.79 -32.99 13.84
N SER E 136 17.48 -32.88 13.63
CA SER E 136 16.85 -33.59 12.51
C SER E 136 15.61 -32.81 12.08
N LYS E 137 15.73 -32.04 11.01
CA LYS E 137 14.52 -31.48 10.41
C LYS E 137 13.81 -32.49 9.51
N MET E 138 14.55 -33.48 9.03
CA MET E 138 13.96 -34.60 8.29
C MET E 138 13.00 -35.38 9.19
N PHE E 139 13.51 -35.81 10.34
CA PHE E 139 12.71 -36.57 11.29
C PHE E 139 11.53 -35.74 11.76
N MET E 140 11.74 -34.45 12.04
CA MET E 140 10.65 -33.64 12.57
C MET E 140 9.56 -33.40 11.52
N SER E 141 9.94 -33.24 10.26
CA SER E 141 8.92 -33.10 9.21
C SER E 141 8.11 -34.38 9.07
N ARG E 142 8.77 -35.53 9.15
CA ARG E 142 8.04 -36.79 9.15
C ARG E 142 7.12 -36.90 10.38
N LEU E 143 7.57 -36.41 11.54
CA LEU E 143 6.72 -36.39 12.73
C LEU E 143 5.49 -35.57 12.51
N GLU E 144 5.66 -34.41 11.90
CA GLU E 144 4.53 -33.52 11.68
C GLU E 144 3.52 -34.21 10.77
N LYS E 145 4.00 -34.84 9.70
CA LYS E 145 3.08 -35.44 8.75
C LYS E 145 2.44 -36.71 9.32
N ALA E 146 3.10 -37.38 10.27
CA ALA E 146 2.47 -38.53 10.92
C ALA E 146 1.48 -38.12 12.00
N TYR E 147 1.75 -37.00 12.69
CA TYR E 147 0.86 -36.53 13.74
C TYR E 147 -0.40 -35.88 13.15
N GLU E 148 -0.27 -35.21 12.01
CA GLU E 148 -1.43 -34.60 11.37
C GLU E 148 -2.42 -35.66 10.91
N ALA E 149 -1.95 -36.88 10.63
CA ALA E 149 -2.78 -37.99 10.20
C ALA E 149 -3.41 -38.76 11.37
N ARG E 150 -3.29 -38.25 12.60
CA ARG E 150 -3.89 -38.84 13.80
C ARG E 150 -3.41 -40.26 14.08
N ARG E 151 -2.18 -40.60 13.72
CA ARG E 151 -1.61 -41.85 14.20
C ARG E 151 -0.46 -41.66 15.19
N PHE E 152 0.31 -40.58 15.06
CA PHE E 152 1.25 -40.17 16.10
C PHE E 152 0.49 -39.32 17.11
N THR E 153 0.03 -39.93 18.22
CA THR E 153 -0.73 -39.20 19.22
C THR E 153 -0.21 -39.43 20.64
N ARG E 154 1.08 -39.74 20.77
CA ARG E 154 1.58 -40.24 22.05
C ARG E 154 3.08 -40.13 22.11
N ILE E 155 3.60 -39.50 23.17
CA ILE E 155 5.03 -39.33 23.39
C ILE E 155 5.38 -39.90 24.76
N ALA E 156 6.53 -40.56 24.83
CA ALA E 156 7.04 -41.14 26.07
C ALA E 156 8.47 -40.69 26.28
N VAL E 157 8.68 -39.78 27.23
CA VAL E 157 10.00 -39.29 27.58
C VAL E 157 10.54 -40.17 28.71
N ASP E 158 11.32 -41.18 28.32
CA ASP E 158 12.07 -41.97 29.29
C ASP E 158 13.28 -41.16 29.77
N GLU E 159 13.62 -41.36 31.05
CA GLU E 159 14.73 -40.65 31.69
C GLU E 159 14.53 -39.13 31.55
N VAL E 160 13.41 -38.67 32.12
CA VAL E 160 12.96 -37.29 31.90
C VAL E 160 13.65 -36.29 32.81
N HIS E 161 14.17 -36.70 33.96
CA HIS E 161 14.80 -35.73 34.86
C HIS E 161 16.05 -35.10 34.26
N CYS E 162 16.51 -35.58 33.11
CA CYS E 162 17.60 -34.93 32.37
C CYS E 162 17.21 -33.57 31.83
N CYS E 163 15.92 -33.22 31.79
CA CYS E 163 15.52 -31.88 31.36
C CYS E 163 16.00 -30.84 32.36
N SER E 164 15.87 -31.14 33.65
CA SER E 164 16.41 -30.28 34.68
C SER E 164 17.91 -30.52 34.79
N GLN E 165 18.65 -29.44 35.04
CA GLN E 165 20.10 -29.53 35.06
C GLN E 165 20.60 -30.21 36.32
N TRP E 166 19.87 -30.07 37.42
CA TRP E 166 20.28 -30.71 38.67
C TRP E 166 20.21 -32.22 38.61
N GLY E 167 19.43 -32.78 37.69
CA GLY E 167 19.39 -34.22 37.54
C GLY E 167 20.75 -34.77 37.16
N HIS E 168 20.97 -36.04 37.50
CA HIS E 168 22.23 -36.70 37.19
C HIS E 168 22.45 -36.74 35.68
N ASP E 169 23.64 -36.29 35.26
CA ASP E 169 24.04 -36.37 33.85
C ASP E 169 23.05 -35.63 32.93
N PHE E 170 22.93 -34.32 33.16
CA PHE E 170 22.03 -33.53 32.34
C PHE E 170 22.61 -33.34 30.94
N ARG E 171 21.73 -33.36 29.93
CA ARG E 171 22.11 -33.24 28.53
C ARG E 171 21.49 -32.00 27.91
N PRO E 172 22.25 -31.25 27.11
CA PRO E 172 21.69 -30.01 26.55
C PRO E 172 20.55 -30.22 25.57
N ASP E 173 20.57 -31.31 24.78
CA ASP E 173 19.46 -31.60 23.89
C ASP E 173 18.18 -31.90 24.64
N TYR E 174 18.28 -32.32 25.91
CA TYR E 174 17.10 -32.60 26.70
C TYR E 174 16.33 -31.33 27.03
N LYS E 175 17.02 -30.19 27.09
CA LYS E 175 16.36 -28.90 27.27
C LYS E 175 15.49 -28.53 26.07
N ALA E 176 15.81 -29.06 24.89
CA ALA E 176 15.11 -28.72 23.66
C ALA E 176 13.84 -29.54 23.43
N LEU E 177 13.54 -30.52 24.29
CA LEU E 177 12.50 -31.49 24.00
C LEU E 177 11.08 -30.93 24.06
N GLY E 178 10.90 -29.66 24.48
CA GLY E 178 9.54 -29.17 24.60
C GLY E 178 8.85 -29.04 23.27
N ILE E 179 9.62 -29.09 22.18
CA ILE E 179 9.06 -28.97 20.85
C ILE E 179 8.06 -30.09 20.62
N LEU E 180 8.28 -31.23 21.28
CA LEU E 180 7.38 -32.36 21.11
C LEU E 180 5.97 -31.97 21.53
N LYS E 181 5.81 -31.51 22.78
CA LYS E 181 4.51 -30.99 23.18
C LYS E 181 4.11 -29.81 22.29
N ARG E 182 5.05 -28.91 22.00
CA ARG E 182 4.70 -27.63 21.42
C ARG E 182 3.95 -27.79 20.10
N GLN E 183 4.37 -28.74 19.27
CA GLN E 183 3.71 -28.96 17.99
C GLN E 183 2.68 -30.09 18.03
N PHE E 184 2.74 -30.98 19.02
CA PHE E 184 1.81 -32.10 19.16
C PHE E 184 1.13 -32.03 20.52
N PRO E 185 0.24 -31.06 20.73
CA PRO E 185 -0.38 -30.92 22.06
C PRO E 185 -1.43 -31.99 22.33
N ASN E 186 -2.19 -32.41 21.31
CA ASN E 186 -3.18 -33.47 21.48
C ASN E 186 -2.55 -34.82 21.73
N ALA E 187 -1.24 -34.96 21.51
CA ALA E 187 -0.53 -36.20 21.74
C ALA E 187 -0.14 -36.29 23.21
N SER E 188 -0.60 -37.33 23.90
CA SER E 188 -0.39 -37.39 25.34
C SER E 188 1.06 -37.71 25.66
N LEU E 189 1.64 -36.98 26.61
CA LEU E 189 3.03 -37.17 27.01
C LEU E 189 3.09 -37.88 28.36
N ILE E 190 3.99 -38.87 28.45
CA ILE E 190 4.26 -39.57 29.70
C ILE E 190 5.74 -39.44 30.02
N GLY E 191 6.06 -38.98 31.23
CA GLY E 191 7.43 -38.79 31.65
C GLY E 191 7.82 -39.83 32.68
N LEU E 192 8.97 -40.47 32.47
CA LEU E 192 9.42 -41.55 33.33
C LEU E 192 10.79 -41.22 33.90
N THR E 193 10.99 -41.57 35.17
CA THR E 193 12.28 -41.34 35.82
C THR E 193 12.38 -42.23 37.04
N ALA E 194 13.63 -42.43 37.47
CA ALA E 194 13.94 -43.22 38.65
C ALA E 194 14.33 -42.34 39.84
N THR E 195 14.51 -41.04 39.61
CA THR E 195 15.06 -40.14 40.60
C THR E 195 14.02 -39.30 41.33
N ALA E 196 14.27 -39.14 42.62
CA ALA E 196 13.57 -38.41 43.66
C ALA E 196 13.91 -36.93 43.55
N THR E 197 13.57 -36.13 44.58
CA THR E 197 13.81 -34.68 44.57
C THR E 197 13.06 -33.97 43.44
N SER E 198 11.73 -34.04 43.58
CA SER E 198 10.60 -33.61 42.77
C SER E 198 10.42 -32.08 42.82
N HIS E 199 11.48 -31.52 43.40
CA HIS E 199 11.85 -30.14 43.15
C HIS E 199 12.52 -30.03 41.78
N VAL E 200 13.27 -31.06 41.38
CA VAL E 200 13.68 -31.18 39.98
C VAL E 200 12.48 -31.53 39.11
N LEU E 201 11.54 -32.32 39.64
CA LEU E 201 10.35 -32.71 38.88
C LEU E 201 9.34 -31.57 38.75
N LYS E 202 9.35 -30.60 39.68
CA LYS E 202 8.52 -29.42 39.53
C LYS E 202 9.10 -28.44 38.54
N ASP E 203 10.37 -28.62 38.16
CA ASP E 203 10.88 -28.12 36.91
C ASP E 203 10.65 -29.18 35.84
N ALA E 204 10.85 -28.81 34.58
CA ALA E 204 10.67 -29.64 33.39
C ALA E 204 9.20 -29.86 33.04
N GLN E 205 8.26 -29.37 33.85
CA GLN E 205 6.92 -29.10 33.33
C GLN E 205 6.99 -28.05 32.24
N LYS E 206 7.70 -26.95 32.52
CA LYS E 206 7.79 -25.83 31.61
C LYS E 206 8.74 -26.09 30.45
N ILE E 207 9.82 -26.85 30.68
CA ILE E 207 10.74 -27.20 29.60
C ILE E 207 10.01 -28.05 28.57
N LEU E 208 9.28 -29.07 29.03
CA LEU E 208 8.44 -29.88 28.17
C LEU E 208 7.13 -29.21 27.84
N CYS E 209 6.87 -28.03 28.42
CA CYS E 209 5.65 -27.27 28.20
C CYS E 209 4.40 -28.08 28.58
N VAL E 210 4.46 -28.74 29.73
CA VAL E 210 3.29 -29.41 30.29
C VAL E 210 3.10 -28.87 31.71
N GLU E 211 2.27 -27.83 31.83
CA GLU E 211 1.94 -27.28 33.15
C GLU E 211 0.93 -28.17 33.87
N LYS E 212 -0.20 -28.41 33.23
CA LYS E 212 -1.27 -29.23 33.80
C LYS E 212 -0.84 -30.68 33.70
N CYS E 213 -0.25 -31.20 34.79
CA CYS E 213 0.32 -32.53 34.78
C CYS E 213 0.28 -33.09 36.19
N PHE E 214 0.02 -34.38 36.29
CA PHE E 214 -0.03 -35.09 37.56
C PHE E 214 1.30 -35.78 37.82
N THR E 215 1.74 -35.77 39.07
CA THR E 215 3.02 -36.34 39.45
C THR E 215 2.78 -37.49 40.41
N PHE E 216 3.21 -38.70 40.00
CA PHE E 216 3.05 -39.90 40.79
C PHE E 216 4.43 -40.43 41.14
N THR E 217 4.59 -40.85 42.39
CA THR E 217 5.82 -41.50 42.83
C THR E 217 5.47 -42.83 43.49
N ALA E 218 6.13 -43.90 43.08
CA ALA E 218 5.97 -45.18 43.73
C ALA E 218 6.73 -45.19 45.05
N SER E 219 6.26 -46.04 45.98
CA SER E 219 6.93 -46.15 47.27
C SER E 219 8.29 -46.81 47.07
N PHE E 220 9.36 -46.07 47.37
CA PHE E 220 10.69 -46.67 47.36
C PHE E 220 10.92 -47.64 48.51
N ASN E 221 9.94 -47.82 49.38
CA ASN E 221 10.05 -48.81 50.44
C ASN E 221 10.06 -50.21 49.86
N ARG E 222 10.92 -51.06 50.42
CA ARG E 222 11.08 -52.45 49.98
C ARG E 222 10.82 -53.38 51.16
N PRO E 223 9.57 -53.82 51.36
CA PRO E 223 9.26 -54.63 52.54
C PRO E 223 9.83 -56.04 52.49
N ASN E 224 10.24 -56.54 51.32
CA ASN E 224 10.70 -57.91 51.16
C ASN E 224 12.20 -58.06 51.32
N LEU E 225 12.90 -57.00 51.70
CA LEU E 225 14.35 -57.00 51.77
C LEU E 225 14.82 -56.79 53.20
N TYR E 226 15.80 -57.59 53.62
CA TYR E 226 16.34 -57.57 54.97
C TYR E 226 17.71 -56.90 54.94
N TYR E 227 17.83 -55.78 55.64
CA TYR E 227 19.05 -54.98 55.65
C TYR E 227 19.83 -55.26 56.93
N GLU E 228 21.11 -55.60 56.79
CA GLU E 228 21.95 -55.95 57.92
C GLU E 228 23.32 -55.30 57.75
N VAL E 229 23.92 -54.90 58.87
CA VAL E 229 25.26 -54.33 58.90
C VAL E 229 26.13 -55.22 59.76
N ARG E 230 27.35 -55.47 59.30
CA ARG E 230 28.28 -56.38 59.95
C ARG E 230 29.64 -55.70 60.13
N GLN E 231 30.49 -56.31 60.93
CA GLN E 231 31.82 -55.78 61.20
C GLN E 231 32.83 -56.34 60.20
N LYS E 232 33.77 -55.50 59.80
CA LYS E 232 34.82 -55.89 58.87
C LYS E 232 36.02 -56.41 59.66
N PRO E 233 36.33 -57.70 59.62
CA PRO E 233 37.51 -58.20 60.35
C PRO E 233 38.79 -57.60 59.78
N SER E 234 39.73 -57.31 60.68
CA SER E 234 40.98 -56.69 60.25
C SER E 234 41.76 -57.60 59.31
N ASN E 235 41.70 -58.91 59.55
CA ASN E 235 42.41 -59.87 58.71
C ASN E 235 41.69 -60.01 57.38
N THR E 236 42.43 -59.84 56.28
CA THR E 236 41.85 -59.89 54.94
C THR E 236 41.62 -61.30 54.43
N GLU E 237 41.73 -62.32 55.29
CA GLU E 237 41.50 -63.70 54.88
C GLU E 237 40.32 -64.35 55.61
N ASP E 238 40.15 -64.08 56.90
CA ASP E 238 38.96 -64.53 57.62
C ASP E 238 37.68 -63.99 57.00
N PHE E 239 37.78 -62.90 56.24
CA PHE E 239 36.60 -62.27 55.65
C PHE E 239 35.94 -63.18 54.63
N ILE E 240 36.71 -63.64 53.64
CA ILE E 240 36.16 -64.55 52.63
C ILE E 240 35.62 -65.82 53.27
N GLU E 241 36.26 -66.30 54.34
CA GLU E 241 35.73 -67.47 55.03
C GLU E 241 34.41 -67.16 55.72
N ASP E 242 34.23 -65.94 56.21
CA ASP E 242 32.92 -65.57 56.75
C ASP E 242 31.89 -65.45 55.65
N ILE E 243 32.31 -64.99 54.47
CA ILE E 243 31.40 -64.87 53.33
C ILE E 243 30.92 -66.25 52.90
N VAL E 244 31.86 -67.19 52.74
CA VAL E 244 31.48 -68.52 52.29
C VAL E 244 30.71 -69.26 53.39
N LYS E 245 31.01 -69.01 54.67
CA LYS E 245 30.17 -69.56 55.73
C LYS E 245 28.74 -69.05 55.60
N LEU E 246 28.59 -67.74 55.36
CA LEU E 246 27.26 -67.16 55.18
C LEU E 246 26.56 -67.77 53.97
N ILE E 247 27.28 -67.96 52.87
CA ILE E 247 26.66 -68.49 51.67
C ILE E 247 26.24 -69.94 51.89
N ASN E 248 27.15 -70.78 52.39
CA ASN E 248 26.83 -72.19 52.51
C ASN E 248 25.81 -72.45 53.61
N GLY E 249 25.68 -71.56 54.59
CA GLY E 249 24.64 -71.74 55.60
C GLY E 249 23.32 -71.07 55.29
N ARG E 250 23.33 -69.99 54.52
CA ARG E 250 22.16 -69.20 54.20
C ARG E 250 21.93 -69.04 52.70
N TYR E 251 22.99 -68.94 51.90
CA TYR E 251 22.87 -68.67 50.46
C TYR E 251 23.31 -69.83 49.56
N LYS E 252 23.14 -71.07 50.00
CA LYS E 252 23.46 -72.21 49.13
C LYS E 252 22.34 -72.41 48.11
N GLY E 253 22.68 -72.24 46.83
CA GLY E 253 21.75 -72.46 45.74
C GLY E 253 21.00 -71.24 45.24
N GLN E 254 20.91 -70.18 46.03
CA GLN E 254 20.22 -68.97 45.62
C GLN E 254 21.20 -67.88 45.20
N SER E 255 20.70 -66.97 44.35
CA SER E 255 21.54 -66.03 43.62
C SER E 255 21.94 -64.83 44.47
N GLY E 256 23.02 -64.17 44.06
CA GLY E 256 23.43 -62.96 44.74
C GLY E 256 24.53 -62.21 44.03
N ILE E 257 24.82 -61.03 44.56
CA ILE E 257 25.85 -60.14 44.05
C ILE E 257 26.73 -59.74 45.22
N ILE E 258 28.04 -59.74 45.01
CA ILE E 258 28.99 -59.24 45.99
C ILE E 258 29.56 -57.94 45.45
N TYR E 259 29.36 -56.87 46.21
CA TYR E 259 29.79 -55.55 45.79
C TYR E 259 31.20 -55.27 46.29
N CYS E 260 31.98 -54.59 45.47
CA CYS E 260 33.32 -54.20 45.88
C CYS E 260 33.53 -52.72 45.58
N PHE E 261 34.54 -52.15 46.25
CA PHE E 261 34.86 -50.75 46.07
C PHE E 261 35.76 -50.55 44.85
N SER E 262 36.81 -51.37 44.72
CA SER E 262 37.86 -51.15 43.75
C SER E 262 37.98 -52.32 42.80
N GLN E 263 38.69 -52.08 41.70
CA GLN E 263 38.83 -53.09 40.65
C GLN E 263 39.47 -54.36 41.18
N LYS E 264 40.71 -54.27 41.68
CA LYS E 264 41.44 -55.46 42.11
C LYS E 264 40.66 -56.25 43.17
N ASP E 265 39.90 -55.54 44.01
CA ASP E 265 39.19 -56.19 45.11
C ASP E 265 38.17 -57.19 44.59
N SER E 266 37.48 -56.84 43.51
CA SER E 266 36.39 -57.67 43.01
C SER E 266 36.89 -59.05 42.60
N GLU E 267 37.83 -59.11 41.65
CA GLU E 267 38.24 -60.44 41.23
C GLU E 267 39.30 -61.07 42.11
N GLN E 268 39.91 -60.33 43.05
CA GLN E 268 40.60 -61.01 44.12
C GLN E 268 39.62 -61.76 45.02
N VAL E 269 38.43 -61.18 45.20
CA VAL E 269 37.38 -61.85 45.97
C VAL E 269 36.83 -63.04 45.19
N THR E 270 36.64 -62.87 43.87
CA THR E 270 36.28 -64.03 43.05
C THR E 270 37.32 -65.14 43.19
N ILE E 271 38.60 -64.78 43.17
CA ILE E 271 39.66 -65.79 43.27
C ILE E 271 39.54 -66.56 44.58
N SER E 272 39.40 -65.83 45.69
CA SER E 272 39.22 -66.52 46.98
C SER E 272 37.93 -67.33 47.02
N LEU E 273 36.92 -66.89 46.26
CA LEU E 273 35.61 -67.53 46.30
C LEU E 273 35.65 -68.85 45.56
N GLN E 274 36.31 -68.87 44.41
CA GLN E 274 36.41 -70.07 43.58
C GLN E 274 37.48 -71.03 44.07
N LYS E 275 38.50 -70.53 44.79
CA LYS E 275 39.37 -71.47 45.47
C LYS E 275 38.67 -72.01 46.71
N LEU E 276 37.60 -71.36 47.16
CA LEU E 276 36.73 -71.91 48.19
C LEU E 276 35.67 -72.84 47.59
N GLY E 277 35.88 -73.29 46.36
CA GLY E 277 34.99 -74.22 45.70
C GLY E 277 33.70 -73.63 45.17
N ILE E 278 33.62 -72.30 45.07
CA ILE E 278 32.38 -71.65 44.61
C ILE E 278 32.72 -70.82 43.39
N PRO E 279 32.25 -71.20 42.20
CA PRO E 279 32.51 -70.37 41.01
C PRO E 279 32.05 -68.94 41.21
N ALA E 280 32.75 -68.02 40.56
CA ALA E 280 32.46 -66.60 40.67
C ALA E 280 32.80 -65.95 39.33
N GLY E 281 32.16 -64.84 39.07
CA GLY E 281 32.48 -64.05 37.89
C GLY E 281 32.68 -62.60 38.26
N ALA E 282 33.61 -61.96 37.58
CA ALA E 282 34.09 -60.64 37.94
C ALA E 282 33.53 -59.61 36.97
N TYR E 283 32.97 -58.54 37.52
CA TYR E 283 32.43 -57.45 36.71
C TYR E 283 32.99 -56.14 37.24
N HIS E 284 34.17 -55.75 36.74
CA HIS E 284 34.80 -54.47 37.06
C HIS E 284 34.39 -53.42 36.03
N ALA E 285 35.02 -52.25 36.08
CA ALA E 285 34.53 -51.14 35.26
C ALA E 285 34.97 -51.22 33.79
N ASN E 286 36.28 -51.20 33.53
CA ASN E 286 36.74 -51.03 32.14
C ASN E 286 36.28 -52.18 31.25
N MET E 287 36.72 -53.39 31.58
CA MET E 287 36.30 -54.66 30.99
C MET E 287 36.34 -54.79 29.47
N GLU E 288 36.21 -56.04 29.03
CA GLU E 288 36.14 -56.43 27.63
C GLU E 288 34.66 -56.61 27.27
N PRO E 289 34.10 -55.77 26.39
CA PRO E 289 32.67 -55.85 26.04
C PRO E 289 32.12 -57.26 25.86
N GLU E 290 32.90 -58.15 25.25
CA GLU E 290 32.45 -59.54 25.11
C GLU E 290 32.33 -60.22 26.47
N ASP E 291 33.41 -60.23 27.25
CA ASP E 291 33.36 -60.71 28.62
C ASP E 291 32.28 -59.99 29.42
N LYS E 292 32.14 -58.68 29.18
CA LYS E 292 31.12 -57.86 29.85
C LYS E 292 29.74 -58.50 29.77
N THR E 293 29.32 -58.86 28.56
CA THR E 293 28.05 -59.56 28.38
C THR E 293 28.14 -60.98 28.90
N LYS E 294 29.31 -61.61 28.73
CA LYS E 294 29.49 -63.02 29.08
C LYS E 294 29.04 -63.29 30.50
N VAL E 295 29.49 -62.49 31.47
CA VAL E 295 28.80 -62.47 32.77
C VAL E 295 27.72 -61.42 32.64
N HIS E 296 26.59 -61.83 32.04
CA HIS E 296 25.28 -61.92 32.63
C HIS E 296 24.63 -63.26 32.30
N ARG E 297 25.10 -63.92 31.23
CA ARG E 297 24.60 -65.19 30.73
C ARG E 297 25.04 -66.37 31.58
N ARG E 298 26.06 -66.19 32.38
CA ARG E 298 26.49 -67.23 33.30
C ARG E 298 25.63 -67.26 34.55
N TRP E 299 24.50 -66.54 34.49
CA TRP E 299 23.54 -66.40 35.57
C TRP E 299 22.16 -66.97 35.25
N ALA E 300 21.73 -66.92 33.98
CA ALA E 300 20.39 -67.38 33.60
C ALA E 300 20.14 -68.80 34.09
N ALA E 301 20.96 -69.74 33.65
CA ALA E 301 20.93 -71.10 34.18
C ALA E 301 21.65 -71.21 35.52
N ASN E 302 22.18 -70.09 36.03
CA ASN E 302 22.87 -70.03 37.32
C ASN E 302 24.06 -70.99 37.36
N GLU E 303 24.85 -71.00 36.29
CA GLU E 303 26.12 -71.72 36.32
C GLU E 303 27.03 -71.14 37.39
N ILE E 304 27.16 -69.82 37.41
CA ILE E 304 27.49 -69.04 38.60
C ILE E 304 26.26 -68.22 38.95
N GLN E 305 25.86 -68.22 40.22
CA GLN E 305 24.82 -67.28 40.58
C GLN E 305 25.29 -66.10 41.43
N VAL E 306 26.36 -66.21 42.21
CA VAL E 306 26.89 -65.02 42.88
C VAL E 306 27.93 -64.38 41.98
N VAL E 307 27.75 -63.07 41.75
CA VAL E 307 28.56 -62.30 40.81
C VAL E 307 29.25 -61.19 41.59
N VAL E 308 30.58 -61.16 41.55
CA VAL E 308 31.35 -60.14 42.26
C VAL E 308 31.63 -58.99 41.30
N ALA E 309 31.35 -57.77 41.75
CA ALA E 309 31.32 -56.65 40.81
C ALA E 309 31.56 -55.32 41.51
N THR E 310 32.14 -54.38 40.75
CA THR E 310 32.21 -52.97 41.08
C THR E 310 30.97 -52.23 40.57
N VAL E 311 30.91 -50.93 40.88
CA VAL E 311 29.73 -50.10 40.58
C VAL E 311 29.35 -50.13 39.10
N ALA E 312 30.30 -50.42 38.21
CA ALA E 312 29.99 -50.48 36.79
C ALA E 312 29.03 -51.60 36.47
N PHE E 313 28.77 -52.49 37.43
CA PHE E 313 27.85 -53.60 37.24
C PHE E 313 26.47 -53.13 36.77
N GLY E 314 26.01 -51.98 37.27
CA GLY E 314 24.63 -51.58 37.06
C GLY E 314 24.27 -51.41 35.60
N MET E 315 23.45 -52.33 35.10
CA MET E 315 23.03 -52.35 33.71
C MET E 315 21.62 -52.92 33.65
N GLY E 316 21.17 -53.23 32.44
CA GLY E 316 19.84 -53.81 32.27
C GLY E 316 19.82 -55.31 32.50
N ILE E 317 20.53 -55.76 33.53
CA ILE E 317 20.60 -57.19 33.85
C ILE E 317 19.25 -57.68 34.36
N ASP E 318 18.77 -57.06 35.45
CA ASP E 318 17.44 -57.25 36.03
C ASP E 318 17.08 -58.73 36.22
N LYS E 319 17.88 -59.41 37.03
CA LYS E 319 17.63 -60.83 37.27
C LYS E 319 16.73 -60.96 38.49
N PRO E 320 15.54 -61.53 38.35
CA PRO E 320 14.59 -61.55 39.48
C PRO E 320 15.02 -62.41 40.65
N ASP E 321 15.49 -63.63 40.41
CA ASP E 321 15.69 -64.55 41.54
C ASP E 321 17.06 -64.41 42.19
N VAL E 322 17.39 -63.19 42.59
CA VAL E 322 18.55 -62.93 43.43
C VAL E 322 18.09 -62.81 44.87
N ARG E 323 18.82 -63.46 45.78
CA ARG E 323 18.39 -63.56 47.16
C ARG E 323 19.32 -62.89 48.17
N PHE E 324 20.53 -62.51 47.78
CA PHE E 324 21.41 -61.84 48.73
C PHE E 324 22.33 -60.87 48.02
N VAL E 325 22.46 -59.67 48.59
CA VAL E 325 23.36 -58.64 48.10
C VAL E 325 24.38 -58.37 49.19
N ILE E 326 25.65 -58.64 48.87
CA ILE E 326 26.73 -58.60 49.85
C ILE E 326 27.61 -57.41 49.51
N HIS E 327 27.76 -56.48 50.46
CA HIS E 327 28.65 -55.33 50.30
C HIS E 327 29.94 -55.65 51.04
N HIS E 328 30.99 -55.96 50.27
CA HIS E 328 32.32 -56.14 50.85
C HIS E 328 32.76 -54.87 51.56
N SER E 329 32.75 -53.75 50.84
CA SER E 329 32.97 -52.44 51.42
C SER E 329 31.68 -51.63 51.31
N MET E 330 31.59 -50.57 52.11
CA MET E 330 30.44 -49.69 52.07
C MET E 330 30.34 -49.01 50.71
N SER E 331 29.15 -48.50 50.41
CA SER E 331 28.92 -47.87 49.12
C SER E 331 29.66 -46.54 49.04
N LYS E 332 29.58 -45.90 47.87
CA LYS E 332 30.23 -44.61 47.69
C LYS E 332 29.40 -43.48 48.28
N SER E 333 28.09 -43.50 48.06
CA SER E 333 27.16 -42.49 48.54
C SER E 333 26.01 -43.17 49.25
N MET E 334 25.14 -42.36 49.88
CA MET E 334 23.97 -42.90 50.55
C MET E 334 23.05 -43.62 49.56
N GLU E 335 22.53 -42.89 48.56
CA GLU E 335 21.54 -43.45 47.64
C GLU E 335 22.08 -44.67 46.90
N ASN E 336 23.39 -44.71 46.70
CA ASN E 336 23.95 -45.76 45.87
C ASN E 336 23.73 -47.11 46.51
N TYR E 337 23.90 -47.21 47.84
CA TYR E 337 23.53 -48.42 48.55
C TYR E 337 22.07 -48.79 48.30
N TYR E 338 21.16 -47.80 48.29
CA TYR E 338 19.77 -48.12 47.97
C TYR E 338 19.71 -48.91 46.67
N GLN E 339 20.21 -48.31 45.59
CA GLN E 339 20.14 -49.00 44.29
C GLN E 339 20.82 -50.37 44.35
N GLU E 340 22.03 -50.40 44.94
CA GLU E 340 22.88 -51.59 44.92
C GLU E 340 22.22 -52.76 45.64
N SER E 341 21.53 -52.49 46.75
CA SER E 341 20.87 -53.55 47.50
C SER E 341 19.48 -53.84 46.93
N GLY E 342 18.74 -52.80 46.56
CA GLY E 342 17.43 -52.95 45.92
C GLY E 342 17.46 -53.72 44.63
N ARG E 343 18.65 -53.95 44.05
CA ARG E 343 18.74 -54.96 43.00
C ARG E 343 18.31 -56.34 43.50
N ALA E 344 18.29 -56.56 44.80
CA ALA E 344 17.94 -57.86 45.36
C ALA E 344 16.44 -58.01 45.55
N GLY E 345 15.96 -59.25 45.42
CA GLY E 345 14.56 -59.55 45.59
C GLY E 345 13.66 -58.91 44.57
N ARG E 346 14.03 -59.02 43.30
CA ARG E 346 13.19 -58.51 42.22
C ARG E 346 11.92 -59.33 42.05
N ASP E 347 11.92 -60.58 42.50
CA ASP E 347 10.76 -61.45 42.41
C ASP E 347 9.74 -61.20 43.52
N ASP E 348 9.86 -60.07 44.23
CA ASP E 348 8.96 -59.72 45.32
C ASP E 348 8.95 -60.76 46.43
N MET E 349 10.09 -61.41 46.66
CA MET E 349 10.20 -62.43 47.70
C MET E 349 11.35 -62.13 48.66
N LYS E 350 11.63 -63.07 49.55
CA LYS E 350 12.61 -62.84 50.61
C LYS E 350 14.01 -62.65 50.03
N ALA E 351 14.72 -61.66 50.57
CA ALA E 351 16.08 -61.35 50.12
C ALA E 351 16.80 -60.59 51.21
N ASP E 352 18.09 -60.87 51.35
CA ASP E 352 18.95 -60.25 52.34
C ASP E 352 19.92 -59.30 51.66
N CYS E 353 20.24 -58.20 52.35
CA CYS E 353 21.24 -57.25 51.86
C CYS E 353 22.14 -56.89 53.04
N ILE E 354 23.32 -57.49 53.09
CA ILE E 354 24.25 -57.23 54.18
C ILE E 354 25.33 -56.28 53.71
N LEU E 355 25.85 -55.49 54.65
CA LEU E 355 26.92 -54.53 54.42
C LEU E 355 28.02 -54.81 55.44
N TYR E 356 29.27 -54.80 54.99
CA TYR E 356 30.41 -55.00 55.87
C TYR E 356 31.10 -53.66 56.09
N TYR E 357 31.16 -53.23 57.34
CA TYR E 357 31.60 -51.88 57.71
C TYR E 357 33.06 -51.94 58.14
N GLY E 358 33.94 -51.33 57.35
CA GLY E 358 35.36 -51.28 57.63
C GLY E 358 35.81 -49.87 57.93
N PHE E 359 36.69 -49.73 58.93
CA PHE E 359 37.16 -48.40 59.31
C PHE E 359 38.00 -47.77 58.21
N GLY E 360 38.94 -48.53 57.65
CA GLY E 360 39.77 -48.00 56.58
C GLY E 360 39.04 -47.72 55.30
N ASP E 361 37.89 -48.38 55.08
CA ASP E 361 37.12 -48.14 53.86
C ASP E 361 36.61 -46.70 53.80
N ILE E 362 36.38 -46.10 54.97
CA ILE E 362 35.92 -44.70 55.02
C ILE E 362 36.90 -43.81 54.27
N PHE E 363 38.18 -43.87 54.66
CA PHE E 363 39.19 -43.02 54.03
C PHE E 363 39.60 -43.53 52.66
N ARG E 364 39.44 -44.85 52.41
CA ARG E 364 39.70 -45.36 51.07
C ARG E 364 38.72 -44.77 50.05
N ILE E 365 37.47 -44.57 50.46
CA ILE E 365 36.48 -43.97 49.56
C ILE E 365 36.60 -42.46 49.58
N SER E 366 36.89 -41.87 50.74
CA SER E 366 37.06 -40.42 50.83
C SER E 366 38.21 -39.94 49.94
N SER E 367 39.25 -40.76 49.78
CA SER E 367 40.35 -40.39 48.90
C SER E 367 39.91 -40.36 47.44
N MET E 368 38.89 -41.14 47.09
CA MET E 368 38.38 -41.15 45.71
C MET E 368 37.43 -40.00 45.45
N VAL E 369 36.65 -39.58 46.45
CA VAL E 369 35.52 -38.70 46.24
C VAL E 369 35.88 -37.24 46.52
N VAL E 370 37.18 -36.93 46.57
CA VAL E 370 37.62 -35.58 46.88
C VAL E 370 37.14 -34.58 45.84
N MET E 371 37.20 -34.96 44.55
CA MET E 371 36.91 -33.99 43.50
C MET E 371 35.43 -33.76 43.28
N GLU E 372 34.56 -34.67 43.74
CA GLU E 372 33.15 -34.35 43.83
C GLU E 372 32.98 -33.48 45.07
N ASN E 373 32.67 -32.21 44.88
CA ASN E 373 32.79 -31.29 46.00
C ASN E 373 31.69 -31.50 47.04
N VAL E 374 30.80 -32.45 46.83
CA VAL E 374 29.90 -32.95 47.86
C VAL E 374 30.22 -34.41 48.22
N GLY E 375 31.45 -34.86 47.96
CA GLY E 375 31.81 -36.25 48.22
C GLY E 375 31.80 -36.60 49.69
N GLN E 376 32.49 -35.78 50.49
CA GLN E 376 32.51 -36.00 51.94
C GLN E 376 31.11 -35.92 52.53
N GLN E 377 30.31 -34.97 52.05
CA GLN E 377 28.95 -34.81 52.53
C GLN E 377 28.12 -36.08 52.30
N LYS E 378 28.39 -36.80 51.21
CA LYS E 378 27.63 -38.00 50.89
C LYS E 378 28.20 -39.25 51.56
N LEU E 379 29.51 -39.29 51.81
CA LEU E 379 30.10 -40.47 52.45
C LEU E 379 29.93 -40.45 53.96
N TYR E 380 29.98 -39.27 54.59
CA TYR E 380 29.85 -39.24 56.03
C TYR E 380 28.48 -39.76 56.48
N GLU E 381 27.42 -39.40 55.77
CA GLU E 381 26.11 -39.96 56.12
C GLU E 381 26.06 -41.46 55.91
N MET E 382 26.84 -41.98 54.94
CA MET E 382 26.95 -43.42 54.77
C MET E 382 27.62 -44.06 55.99
N VAL E 383 28.66 -43.42 56.51
CA VAL E 383 29.30 -43.91 57.73
C VAL E 383 28.32 -43.85 58.90
N SER E 384 27.50 -42.81 58.94
CA SER E 384 26.46 -42.73 59.97
C SER E 384 25.47 -43.89 59.86
N TYR E 385 25.13 -44.28 58.64
CA TYR E 385 24.26 -45.44 58.45
C TYR E 385 24.94 -46.70 58.97
N CYS E 386 26.24 -46.85 58.72
CA CYS E 386 26.96 -48.03 59.17
C CYS E 386 27.13 -48.05 60.68
N GLN E 387 27.17 -46.87 61.31
CA GLN E 387 27.42 -46.79 62.74
C GLN E 387 26.18 -46.96 63.60
N ASN E 388 24.99 -46.69 63.05
CA ASN E 388 23.78 -46.72 63.86
C ASN E 388 23.38 -48.15 64.21
N ILE E 389 22.99 -48.36 65.46
CA ILE E 389 22.38 -49.60 65.92
C ILE E 389 21.09 -49.35 66.70
N ASN E 390 20.63 -48.11 66.81
CA ASN E 390 19.41 -47.83 67.58
C ASN E 390 18.21 -47.45 66.73
N LYS E 391 18.37 -46.60 65.72
CA LYS E 391 17.26 -46.25 64.84
C LYS E 391 17.09 -47.31 63.77
N CYS E 392 15.85 -47.47 63.31
CA CYS E 392 15.56 -48.48 62.31
C CYS E 392 16.30 -48.20 61.01
N ARG E 393 16.90 -49.25 60.44
CA ARG E 393 17.70 -49.08 59.21
C ARG E 393 16.84 -48.54 58.08
N ARG E 394 15.60 -49.01 57.99
CA ARG E 394 14.68 -48.51 56.97
C ARG E 394 14.42 -47.03 57.17
N VAL E 395 14.33 -46.58 58.42
CA VAL E 395 14.20 -45.15 58.70
C VAL E 395 15.44 -44.39 58.25
N LEU E 396 16.63 -44.97 58.49
CA LEU E 396 17.86 -44.30 58.06
C LEU E 396 17.91 -44.17 56.55
N ILE E 397 17.39 -45.16 55.83
CA ILE E 397 17.35 -45.06 54.36
C ILE E 397 16.30 -44.06 53.92
N ALA E 398 15.17 -44.01 54.61
CA ALA E 398 14.10 -43.08 54.27
C ALA E 398 14.40 -41.65 54.68
N GLN E 399 15.48 -41.43 55.44
CA GLN E 399 15.85 -40.07 55.85
C GLN E 399 16.08 -39.18 54.63
N HIS E 400 16.69 -39.70 53.58
CA HIS E 400 16.97 -38.93 52.39
C HIS E 400 15.86 -39.00 51.35
N PHE E 401 14.83 -39.81 51.57
CA PHE E 401 13.70 -39.93 50.65
C PHE E 401 12.46 -39.41 51.39
N ASP E 402 12.22 -38.10 51.28
CA ASP E 402 11.23 -37.44 52.14
C ASP E 402 9.83 -37.99 51.92
N GLU E 403 9.29 -37.84 50.70
CA GLU E 403 7.93 -38.30 50.40
C GLU E 403 7.93 -39.21 49.18
N VAL E 404 9.07 -39.79 48.85
CA VAL E 404 9.15 -40.89 47.92
C VAL E 404 9.29 -42.21 48.65
N TRP E 405 9.39 -42.17 49.97
CA TRP E 405 9.41 -43.33 50.84
C TRP E 405 8.23 -43.20 51.80
N SER E 406 7.34 -44.17 51.80
CA SER E 406 6.15 -44.08 52.63
C SER E 406 6.53 -44.33 54.09
N PRO E 407 5.98 -43.56 55.03
CA PRO E 407 6.35 -43.70 56.45
C PRO E 407 5.63 -44.86 57.12
N GLU E 408 6.03 -46.07 56.75
CA GLU E 408 5.49 -47.29 57.31
C GLU E 408 6.53 -47.96 58.19
N ALA E 409 6.06 -48.72 59.17
CA ALA E 409 6.96 -49.40 60.09
C ALA E 409 7.81 -50.43 59.36
N CYS E 410 8.96 -50.75 59.95
CA CYS E 410 9.87 -51.72 59.35
C CYS E 410 9.30 -53.13 59.37
N ASN E 411 8.36 -53.41 60.28
CA ASN E 411 7.77 -54.72 60.50
C ASN E 411 8.77 -55.74 61.02
N LYS E 412 9.91 -55.30 61.59
CA LYS E 412 11.05 -56.18 61.90
C LYS E 412 11.66 -56.79 60.63
N MET E 413 11.96 -55.94 59.64
CA MET E 413 12.65 -56.44 58.46
C MET E 413 14.04 -55.82 58.26
N CYS E 414 14.70 -55.46 59.35
CA CYS E 414 16.10 -55.07 59.33
C CYS E 414 16.80 -55.60 60.58
N ASP E 415 18.13 -55.58 60.56
CA ASP E 415 18.91 -56.12 61.67
C ASP E 415 18.65 -55.35 62.96
N ASN E 416 18.31 -54.06 62.85
CA ASN E 416 18.05 -53.25 64.02
C ASN E 416 16.81 -53.71 64.78
N CYS E 417 15.78 -54.15 64.05
CA CYS E 417 14.54 -54.55 64.69
C CYS E 417 14.54 -56.02 65.12
N CYS E 418 15.43 -56.84 64.55
CA CYS E 418 15.54 -58.25 64.91
C CYS E 418 16.12 -58.46 66.30
N LYS E 419 16.52 -57.40 67.00
CA LYS E 419 17.34 -57.50 68.19
C LYS E 419 16.51 -57.24 69.45
N GLU E 420 17.10 -57.61 70.59
CA GLU E 420 16.59 -57.36 71.93
C GLU E 420 17.69 -56.81 72.82
N ILE E 421 18.42 -55.84 72.26
CA ILE E 421 19.65 -55.30 72.83
C ILE E 421 19.34 -53.98 73.52
N SER E 422 19.70 -53.87 74.80
CA SER E 422 19.54 -52.61 75.52
C SER E 422 20.59 -51.60 75.11
N PHE E 423 20.18 -50.33 75.00
CA PHE E 423 21.11 -49.23 74.79
C PHE E 423 20.75 -48.07 75.73
N GLU E 424 21.76 -47.25 76.03
CA GLU E 424 21.58 -45.98 76.73
C GLU E 424 22.65 -45.01 76.25
N ARG E 425 22.83 -43.92 76.99
CA ARG E 425 23.70 -42.81 76.60
C ARG E 425 24.92 -42.80 77.50
N LYS E 426 26.12 -42.73 76.89
CA LYS E 426 27.39 -42.99 77.57
C LYS E 426 28.43 -41.94 77.22
N ASN E 427 29.06 -41.38 78.25
CA ASN E 427 29.99 -40.26 78.11
C ASN E 427 31.34 -40.75 77.59
N VAL E 428 31.78 -40.18 76.46
CA VAL E 428 33.10 -40.51 75.90
C VAL E 428 33.95 -39.25 75.65
N THR E 429 33.72 -38.19 76.44
CA THR E 429 34.49 -36.95 76.27
C THR E 429 35.97 -37.18 76.52
N ALA E 430 36.30 -38.01 77.51
CA ALA E 430 37.70 -38.21 77.88
C ALA E 430 38.50 -38.77 76.71
N TYR E 431 37.89 -39.64 75.90
CA TYR E 431 38.58 -40.14 74.73
C TYR E 431 38.79 -39.05 73.68
N CYS E 432 37.84 -38.11 73.58
CA CYS E 432 38.07 -36.92 72.76
C CYS E 432 39.28 -36.15 73.25
N ARG E 433 39.40 -35.96 74.56
CA ARG E 433 40.55 -35.23 75.12
C ARG E 433 41.86 -35.96 74.80
N ASP E 434 41.87 -37.28 74.96
CA ASP E 434 43.08 -38.03 74.62
C ASP E 434 43.41 -37.87 73.14
N LEU E 435 42.38 -37.86 72.29
CA LEU E 435 42.62 -37.77 70.86
C LEU E 435 43.22 -36.43 70.48
N ILE E 436 42.60 -35.33 70.92
CA ILE E 436 43.13 -34.04 70.50
C ILE E 436 44.46 -33.74 71.18
N LYS E 437 44.75 -34.36 72.34
CA LYS E 437 46.11 -34.28 72.87
C LYS E 437 47.10 -34.93 71.93
N ILE E 438 46.74 -36.11 71.39
CA ILE E 438 47.62 -36.77 70.42
C ILE E 438 47.83 -35.87 69.20
N LEU E 439 46.74 -35.35 68.64
CA LEU E 439 46.86 -34.51 67.44
C LEU E 439 47.66 -33.25 67.71
N LYS E 440 47.57 -32.69 68.91
CA LYS E 440 48.36 -31.51 69.26
C LYS E 440 49.85 -31.83 69.31
N GLN E 441 50.21 -32.89 70.04
CA GLN E 441 51.63 -33.26 70.12
C GLN E 441 52.18 -33.64 68.74
N ALA E 442 51.35 -34.27 67.91
CA ALA E 442 51.79 -34.59 66.55
C ALA E 442 52.00 -33.32 65.73
N GLU E 443 51.14 -32.31 65.92
CA GLU E 443 51.32 -31.06 65.19
C GLU E 443 52.56 -30.31 65.65
N ASP E 444 52.97 -30.49 66.91
CA ASP E 444 54.28 -29.99 67.33
C ASP E 444 55.39 -30.66 66.52
N LEU E 445 55.40 -32.00 66.51
CA LEU E 445 56.51 -32.78 65.95
C LEU E 445 56.59 -32.72 64.43
N ASN E 446 55.74 -31.91 63.78
CA ASN E 446 55.70 -31.79 62.33
C ASN E 446 55.47 -33.14 61.66
N GLU E 447 54.51 -33.89 62.21
CA GLU E 447 54.06 -35.16 61.65
C GLU E 447 52.57 -35.09 61.45
N LYS E 448 52.11 -35.25 60.21
CA LYS E 448 50.69 -35.28 59.92
C LYS E 448 50.24 -36.73 59.90
N LEU E 449 49.18 -37.03 60.65
CA LEU E 449 48.87 -38.38 61.10
C LEU E 449 47.78 -39.01 60.25
N THR E 450 48.01 -40.24 59.80
CA THR E 450 47.01 -41.03 59.12
C THR E 450 46.16 -41.75 60.16
N PRO E 451 45.02 -42.32 59.75
CA PRO E 451 44.20 -43.06 60.74
C PRO E 451 44.95 -44.18 61.44
N LEU E 452 45.88 -44.85 60.77
CA LEU E 452 46.58 -45.96 61.39
C LEU E 452 47.55 -45.47 62.46
N LYS E 453 48.37 -44.47 62.13
CA LYS E 453 49.28 -43.90 63.12
C LYS E 453 48.51 -43.39 64.33
N LEU E 454 47.35 -42.78 64.08
CA LEU E 454 46.59 -42.16 65.17
C LEU E 454 45.94 -43.21 66.06
N ILE E 455 45.37 -44.26 65.46
CA ILE E 455 44.74 -45.32 66.25
C ILE E 455 45.79 -46.15 66.97
N ASP E 456 47.01 -46.25 66.42
CA ASP E 456 48.07 -46.99 67.09
C ASP E 456 48.62 -46.18 68.25
N SER E 457 48.94 -44.90 68.03
CA SER E 457 49.43 -44.05 69.09
C SER E 457 48.40 -43.84 70.19
N TRP E 458 47.12 -44.07 69.91
CA TRP E 458 46.12 -43.96 70.96
C TRP E 458 46.25 -45.13 71.94
N MET E 459 46.54 -46.32 71.46
CA MET E 459 46.75 -47.47 72.33
C MET E 459 48.16 -47.54 72.91
N GLY E 460 49.04 -46.64 72.51
CA GLY E 460 50.44 -46.75 72.89
C GLY E 460 51.21 -47.72 72.03
N LYS E 461 50.87 -47.80 70.74
CA LYS E 461 51.55 -48.65 69.78
C LYS E 461 52.12 -47.81 68.65
N GLY E 462 53.15 -48.34 68.00
CA GLY E 462 53.72 -47.67 66.84
C GLY E 462 54.98 -46.89 67.14
N ALA E 463 55.11 -45.71 66.51
CA ALA E 463 56.31 -44.89 66.70
C ALA E 463 56.26 -44.22 68.07
N SER E 464 57.27 -44.48 68.90
CA SER E 464 57.33 -43.93 70.25
C SER E 464 57.32 -42.41 70.26
N LYS E 465 57.69 -41.78 69.14
CA LYS E 465 57.69 -40.32 69.08
C LYS E 465 56.26 -39.78 69.07
N LEU E 466 55.30 -40.55 68.58
CA LEU E 466 53.93 -40.11 68.41
C LEU E 466 53.05 -40.43 69.62
N ARG E 467 53.63 -40.86 70.73
CA ARG E 467 52.87 -41.13 71.94
C ARG E 467 53.02 -39.97 72.92
N VAL E 468 51.98 -39.72 73.70
CA VAL E 468 52.03 -38.70 74.74
C VAL E 468 52.69 -39.27 75.98
N ALA E 469 53.46 -38.44 76.69
CA ALA E 469 54.15 -38.87 77.89
C ALA E 469 53.22 -39.35 79.01
N GLY E 470 51.91 -39.10 78.91
CA GLY E 470 51.02 -39.48 79.99
C GLY E 470 49.67 -40.07 79.63
N LEU E 471 49.52 -40.65 78.45
CA LEU E 471 48.23 -41.16 78.01
C LEU E 471 48.06 -42.63 78.40
N ALA E 472 46.92 -42.94 78.99
CA ALA E 472 46.57 -44.31 79.35
C ALA E 472 45.88 -44.99 78.17
N PRO E 473 46.35 -46.15 77.75
CA PRO E 473 45.64 -46.92 76.72
C PRO E 473 44.21 -47.21 77.15
N PRO E 474 43.30 -47.42 76.20
CA PRO E 474 41.89 -47.54 76.55
C PRO E 474 41.51 -48.95 76.98
N THR E 475 40.34 -49.06 77.60
CA THR E 475 39.80 -50.30 78.12
C THR E 475 38.84 -50.96 77.14
N LEU E 476 39.02 -50.73 75.85
CA LEU E 476 38.13 -51.16 74.79
C LEU E 476 38.92 -51.86 73.71
N PRO E 477 38.27 -52.71 72.91
CA PRO E 477 38.97 -53.40 71.81
C PRO E 477 38.91 -52.63 70.51
N ARG E 478 39.98 -52.80 69.72
CA ARG E 478 40.28 -52.00 68.54
C ARG E 478 39.07 -51.70 67.66
N GLU E 479 38.21 -52.70 67.47
CA GLU E 479 37.03 -52.51 66.64
C GLU E 479 36.10 -51.46 67.21
N ASP E 480 36.13 -51.26 68.53
CA ASP E 480 35.36 -50.19 69.14
C ASP E 480 36.08 -48.85 69.06
N LEU E 481 37.41 -48.86 69.12
CA LEU E 481 38.18 -47.61 69.01
C LEU E 481 38.01 -46.99 67.63
N GLU E 482 38.11 -47.80 66.58
CA GLU E 482 37.86 -47.27 65.23
C GLU E 482 36.44 -46.74 65.10
N LYS E 483 35.49 -47.38 65.79
CA LYS E 483 34.11 -46.93 65.75
C LYS E 483 33.96 -45.57 66.41
N ILE E 484 34.58 -45.40 67.59
CA ILE E 484 34.54 -44.08 68.23
C ILE E 484 35.15 -43.04 67.31
N ILE E 485 36.30 -43.34 66.70
CA ILE E 485 36.95 -42.36 65.85
C ILE E 485 36.05 -41.94 64.71
N ALA E 486 35.36 -42.90 64.07
CA ALA E 486 34.42 -42.56 63.01
C ALA E 486 33.26 -41.71 63.54
N HIS E 487 32.79 -42.01 64.76
CA HIS E 487 31.69 -41.23 65.31
C HIS E 487 32.11 -39.79 65.55
N PHE E 488 33.32 -39.60 66.04
CA PHE E 488 33.84 -38.24 66.20
C PHE E 488 34.04 -37.57 64.85
N LEU E 489 34.45 -38.34 63.83
CA LEU E 489 34.56 -37.81 62.48
C LEU E 489 33.23 -37.24 61.99
N ILE E 490 32.13 -37.95 62.24
CA ILE E 490 30.83 -37.57 61.67
C ILE E 490 30.43 -36.18 62.14
N GLN E 491 30.37 -36.01 63.46
CA GLN E 491 30.00 -34.79 64.14
C GLN E 491 31.15 -33.78 64.16
N GLN E 492 32.20 -34.04 63.36
CA GLN E 492 33.28 -33.08 63.13
C GLN E 492 34.17 -32.85 64.35
N TYR E 493 34.45 -33.91 65.12
CA TYR E 493 35.49 -33.75 66.15
C TYR E 493 36.87 -33.69 65.52
N LEU E 494 37.13 -34.56 64.56
CA LEU E 494 38.32 -34.54 63.73
C LEU E 494 37.88 -34.37 62.28
N LYS E 495 38.71 -33.70 61.49
CA LYS E 495 38.41 -33.52 60.09
C LYS E 495 39.51 -34.18 59.26
N GLU E 496 39.23 -34.33 57.98
CA GLU E 496 40.15 -34.96 57.05
C GLU E 496 40.95 -33.88 56.32
N ASP E 497 42.26 -33.99 56.39
CA ASP E 497 43.18 -33.11 55.67
C ASP E 497 43.77 -33.94 54.53
N TYR E 498 43.46 -33.56 53.30
CA TYR E 498 43.87 -34.35 52.16
C TYR E 498 45.22 -33.89 51.64
N SER E 499 45.99 -34.84 51.12
CA SER E 499 47.25 -34.55 50.46
C SER E 499 47.32 -35.30 49.15
N PHE E 500 47.62 -34.57 48.08
CA PHE E 500 47.84 -35.16 46.76
C PHE E 500 49.34 -35.37 46.59
N THR E 501 49.75 -36.63 46.44
CA THR E 501 51.14 -36.97 46.16
C THR E 501 51.24 -37.46 44.72
N ALA E 502 52.45 -37.84 44.32
CA ALA E 502 52.69 -38.15 42.92
C ALA E 502 51.83 -39.31 42.43
N TYR E 503 51.53 -40.26 43.32
CA TYR E 503 50.84 -41.48 42.94
C TYR E 503 49.45 -41.63 43.55
N ALA E 504 49.22 -41.15 44.77
CA ALA E 504 47.98 -41.38 45.47
C ALA E 504 47.45 -40.08 46.07
N THR E 505 46.25 -40.17 46.65
CA THR E 505 45.66 -39.08 47.43
C THR E 505 45.35 -39.64 48.81
N ILE E 506 46.11 -39.20 49.82
CA ILE E 506 45.96 -39.73 51.16
C ILE E 506 45.16 -38.75 52.02
N SER E 507 44.35 -39.30 52.92
CA SER E 507 43.48 -38.51 53.78
C SER E 507 43.96 -38.64 55.22
N TYR E 508 44.71 -37.64 55.69
CA TYR E 508 45.18 -37.61 57.06
C TYR E 508 44.09 -37.05 57.97
N LEU E 509 44.32 -37.13 59.27
CA LEU E 509 43.37 -36.63 60.26
C LEU E 509 43.95 -35.43 60.97
N LYS E 510 43.21 -34.33 60.98
CA LYS E 510 43.56 -33.10 61.69
C LYS E 510 42.44 -32.75 62.65
N VAL E 511 42.71 -31.80 63.56
CA VAL E 511 41.71 -31.38 64.53
C VAL E 511 40.50 -30.82 63.78
N GLY E 512 39.31 -31.23 64.21
CA GLY E 512 38.07 -30.78 63.62
C GLY E 512 37.70 -29.39 63.99
N PRO E 513 36.62 -28.87 63.34
CA PRO E 513 36.06 -27.62 63.89
C PRO E 513 35.76 -27.65 65.39
N LYS E 514 35.14 -28.69 65.88
CA LYS E 514 34.63 -28.77 67.25
C LYS E 514 35.70 -28.89 68.32
N ALA E 515 36.97 -29.01 67.93
CA ALA E 515 38.00 -28.75 68.93
C ALA E 515 37.82 -27.33 69.49
N ASN E 516 37.20 -26.46 68.69
CA ASN E 516 36.74 -25.15 69.16
C ASN E 516 35.92 -25.25 70.44
N LEU E 517 34.96 -26.18 70.49
CA LEU E 517 33.93 -26.13 71.54
C LEU E 517 34.35 -26.87 72.81
N LEU E 518 35.41 -27.68 72.74
CA LEU E 518 35.75 -28.62 73.80
C LEU E 518 36.13 -27.96 75.13
N ASN E 519 36.44 -26.65 75.14
CA ASN E 519 36.96 -26.07 76.38
C ASN E 519 35.89 -25.89 77.45
N ASN E 520 34.60 -25.89 77.08
CA ASN E 520 33.52 -25.73 78.04
C ASN E 520 33.40 -26.95 78.94
N GLU E 521 33.40 -26.71 80.26
CA GLU E 521 33.22 -27.77 81.25
C GLU E 521 31.87 -28.46 81.15
N ALA E 522 30.88 -27.78 80.55
CA ALA E 522 29.52 -28.30 80.46
C ALA E 522 29.34 -29.16 79.23
N HIS E 523 30.44 -29.68 78.73
CA HIS E 523 30.51 -30.51 77.54
C HIS E 523 30.10 -31.94 77.87
N VAL E 524 29.29 -32.54 77.00
CA VAL E 524 28.93 -33.95 77.15
C VAL E 524 28.95 -34.62 75.78
N ILE E 525 29.85 -35.57 75.60
CA ILE E 525 29.92 -36.41 74.41
C ILE E 525 29.23 -37.73 74.70
N THR E 526 28.30 -38.12 73.84
CA THR E 526 27.55 -39.35 74.02
C THR E 526 27.78 -40.28 72.84
N MET E 527 27.89 -41.57 73.14
CA MET E 527 28.24 -42.57 72.13
C MET E 527 27.58 -43.90 72.51
N ARG E 528 28.02 -44.99 71.88
CA ARG E 528 27.35 -46.27 72.00
C ARG E 528 28.17 -47.37 72.68
N VAL E 529 27.45 -48.27 73.33
CA VAL E 529 27.90 -49.61 73.73
C VAL E 529 26.63 -50.40 74.05
N LYS E 530 26.65 -51.70 73.77
CA LYS E 530 25.51 -52.53 74.16
C LYS E 530 25.43 -52.70 75.68
N LYS E 531 24.21 -52.80 76.19
CA LYS E 531 23.99 -52.98 77.63
C LYS E 531 23.43 -54.36 77.94
N MET F 1 40.80 -109.40 95.92
CA MET F 1 41.07 -109.48 97.34
C MET F 1 39.87 -110.05 98.09
N SER F 2 39.71 -109.67 99.36
CA SER F 2 38.69 -110.27 100.20
C SER F 2 37.34 -109.59 100.00
N SER F 3 36.28 -110.31 100.38
CA SER F 3 34.92 -109.82 100.24
C SER F 3 34.46 -109.16 101.53
N PRO F 4 34.12 -107.89 101.53
CA PRO F 4 33.62 -107.21 102.74
C PRO F 4 32.14 -107.36 103.00
N ALA F 5 31.42 -108.17 102.22
CA ALA F 5 29.98 -108.29 102.41
C ALA F 5 29.65 -108.94 103.75
N SER F 6 30.43 -109.94 104.17
CA SER F 6 30.16 -110.58 105.45
C SER F 6 30.50 -109.66 106.62
N TRP F 7 31.46 -108.75 106.44
CA TRP F 7 31.86 -107.84 107.49
C TRP F 7 31.02 -106.56 107.53
N ASN F 8 30.12 -106.37 106.59
CA ASN F 8 29.27 -105.17 106.59
C ASN F 8 27.99 -105.43 107.39
N LYS F 9 28.15 -105.86 108.64
CA LYS F 9 27.03 -106.17 109.52
C LYS F 9 27.19 -105.41 110.82
N GLU F 10 26.10 -105.34 111.59
CA GLU F 10 26.15 -104.72 112.91
C GLU F 10 25.62 -105.66 113.99
N ASP F 11 25.85 -106.96 113.83
CA ASP F 11 25.38 -107.95 114.80
C ASP F 11 26.53 -108.59 115.56
N PHE F 12 27.66 -107.92 115.66
CA PHE F 12 28.79 -108.39 116.43
C PHE F 12 28.63 -108.00 117.90
N PRO F 13 29.31 -108.70 118.81
CA PRO F 13 29.20 -108.33 120.23
C PRO F 13 29.68 -106.91 120.50
N TRP F 14 30.75 -106.48 119.83
CA TRP F 14 31.27 -105.13 119.98
C TRP F 14 30.45 -104.08 119.24
N SER F 15 29.51 -104.51 118.39
CA SER F 15 28.80 -103.56 117.54
C SER F 15 28.02 -102.54 118.35
N GLY F 16 27.56 -102.92 119.55
CA GLY F 16 26.89 -101.96 120.40
C GLY F 16 27.79 -100.82 120.81
N LYS F 17 29.07 -101.10 121.05
CA LYS F 17 30.01 -100.04 121.40
C LYS F 17 30.40 -99.21 120.18
N VAL F 18 30.69 -99.86 119.05
CA VAL F 18 31.26 -99.14 117.91
C VAL F 18 30.31 -98.05 117.45
N LYS F 19 29.00 -98.31 117.52
CA LYS F 19 28.04 -97.29 117.11
C LYS F 19 27.99 -96.18 118.14
N ASP F 20 27.95 -96.54 119.43
CA ASP F 20 28.00 -95.56 120.52
C ASP F 20 29.18 -94.62 120.37
N VAL F 21 30.40 -95.19 120.34
CA VAL F 21 31.60 -94.38 120.18
C VAL F 21 31.52 -93.56 118.90
N LEU F 22 30.91 -94.12 117.85
CA LEU F 22 30.81 -93.37 116.60
C LEU F 22 29.97 -92.11 116.79
N GLN F 23 28.85 -92.22 117.50
CA GLN F 23 27.93 -91.09 117.61
C GLN F 23 28.16 -90.24 118.85
N ASN F 24 28.62 -90.84 119.95
CA ASN F 24 28.80 -90.08 121.19
C ASN F 24 30.22 -89.57 121.38
N VAL F 25 31.23 -90.24 120.83
CA VAL F 25 32.61 -89.79 121.00
C VAL F 25 33.08 -89.06 119.75
N PHE F 26 32.97 -89.72 118.60
CA PHE F 26 33.42 -89.11 117.35
C PHE F 26 32.39 -88.17 116.73
N LYS F 27 31.16 -88.17 117.22
CA LYS F 27 30.09 -87.30 116.72
C LYS F 27 29.92 -87.44 115.21
N LEU F 28 29.81 -88.69 114.75
CA LEU F 28 29.45 -88.97 113.37
C LEU F 28 28.15 -89.77 113.34
N GLN F 29 27.44 -89.68 112.22
CA GLN F 29 26.16 -90.37 112.09
C GLN F 29 26.29 -91.75 111.45
N LYS F 30 26.85 -91.81 110.23
CA LYS F 30 26.93 -93.06 109.50
C LYS F 30 28.36 -93.34 109.08
N PHE F 31 28.71 -94.62 109.00
CA PHE F 31 30.03 -94.99 108.54
C PHE F 31 30.17 -94.73 107.04
N ARG F 32 31.34 -94.28 106.64
CA ARG F 32 31.66 -94.14 105.23
C ARG F 32 31.92 -95.52 104.63
N PRO F 33 31.89 -95.63 103.30
CA PRO F 33 32.08 -96.95 102.68
C PRO F 33 33.35 -97.63 103.15
N LEU F 34 33.24 -98.92 103.46
CA LEU F 34 34.31 -99.82 103.87
C LEU F 34 34.92 -99.44 105.21
N GLN F 35 34.35 -98.49 105.94
CA GLN F 35 34.83 -98.22 107.29
C GLN F 35 34.38 -99.31 108.24
N LEU F 36 33.06 -99.51 108.35
CA LEU F 36 32.50 -100.50 109.26
C LEU F 36 33.15 -101.87 109.09
N GLU F 37 33.42 -102.26 107.83
CA GLU F 37 34.03 -103.56 107.59
C GLU F 37 35.42 -103.65 108.22
N THR F 38 36.24 -102.63 108.01
CA THR F 38 37.59 -102.62 108.59
C THR F 38 37.54 -102.60 110.10
N ILE F 39 36.64 -101.79 110.68
CA ILE F 39 36.52 -101.74 112.13
C ILE F 39 36.05 -103.08 112.69
N ASN F 40 35.14 -103.75 111.98
CA ASN F 40 34.70 -105.07 112.41
C ASN F 40 35.83 -106.09 112.35
N VAL F 41 36.67 -106.00 111.33
CA VAL F 41 37.78 -106.95 111.20
C VAL F 41 38.79 -106.73 112.32
N THR F 42 39.20 -105.47 112.54
CA THR F 42 40.18 -105.21 113.59
C THR F 42 39.60 -105.44 114.98
N MET F 43 38.28 -105.32 115.13
CA MET F 43 37.66 -105.59 116.42
C MET F 43 37.71 -107.07 116.76
N SER F 44 37.70 -107.94 115.74
CA SER F 44 37.72 -109.38 115.95
C SER F 44 39.13 -109.92 116.18
N GLY F 45 40.13 -109.06 116.28
CA GLY F 45 41.50 -109.50 116.49
C GLY F 45 42.22 -109.97 115.26
N LYS F 46 41.76 -109.59 114.08
CA LYS F 46 42.38 -110.00 112.83
C LYS F 46 43.13 -108.82 112.21
N GLU F 47 44.10 -109.14 111.37
CA GLU F 47 44.91 -108.13 110.69
C GLU F 47 44.20 -107.68 109.43
N VAL F 48 44.30 -106.38 109.13
CA VAL F 48 43.59 -105.84 107.97
C VAL F 48 44.42 -104.74 107.34
N PHE F 49 44.39 -104.70 106.01
CA PHE F 49 44.99 -103.65 105.20
C PHE F 49 43.88 -102.90 104.49
N LEU F 50 44.02 -101.58 104.39
CA LEU F 50 42.96 -100.72 103.88
C LEU F 50 43.57 -99.71 102.92
N VAL F 51 43.05 -99.69 101.69
CA VAL F 51 43.43 -98.71 100.68
C VAL F 51 42.25 -97.79 100.45
N MET F 52 42.40 -96.52 100.85
CA MET F 52 41.35 -95.51 100.76
C MET F 52 41.98 -94.19 100.35
N PRO F 53 41.35 -93.43 99.46
CA PRO F 53 41.91 -92.14 99.06
C PRO F 53 42.08 -91.19 100.23
N THR F 54 42.99 -90.24 100.06
CA THR F 54 43.19 -89.22 101.09
C THR F 54 41.91 -88.45 101.31
N GLY F 55 41.58 -88.21 102.58
CA GLY F 55 40.29 -87.67 102.93
C GLY F 55 39.20 -88.70 103.10
N GLY F 56 39.47 -89.95 102.76
CA GLY F 56 38.47 -91.00 102.81
C GLY F 56 37.97 -91.33 104.21
N GLY F 57 38.78 -91.06 105.23
CA GLY F 57 38.38 -91.43 106.57
C GLY F 57 39.09 -92.68 107.06
N LYS F 58 40.38 -92.79 106.76
CA LYS F 58 41.14 -93.95 107.19
C LYS F 58 41.47 -93.90 108.68
N SER F 59 41.66 -92.71 109.24
CA SER F 59 42.05 -92.61 110.66
C SER F 59 40.98 -93.14 111.60
N LEU F 60 39.70 -92.98 111.24
CA LEU F 60 38.64 -93.47 112.12
C LEU F 60 38.72 -94.99 112.31
N CYS F 61 39.22 -95.71 111.30
CA CYS F 61 39.23 -97.16 111.31
C CYS F 61 40.16 -97.73 112.38
N TYR F 62 41.14 -96.95 112.85
CA TYR F 62 41.97 -97.38 113.97
C TYR F 62 41.79 -96.51 115.19
N GLN F 63 41.13 -95.35 115.07
CA GLN F 63 40.87 -94.52 116.23
C GLN F 63 39.67 -95.00 117.01
N LEU F 64 38.63 -95.53 116.33
CA LEU F 64 37.46 -96.05 117.03
C LEU F 64 37.77 -97.34 117.79
N PRO F 65 38.43 -98.35 117.20
CA PRO F 65 38.76 -99.54 118.00
C PRO F 65 39.67 -99.24 119.17
N ALA F 66 40.51 -98.20 119.05
CA ALA F 66 41.28 -97.75 120.21
C ALA F 66 40.36 -97.35 121.35
N LEU F 67 39.26 -96.67 121.02
CA LEU F 67 38.33 -96.18 122.02
C LEU F 67 37.41 -97.28 122.54
N CYS F 68 37.24 -98.36 121.77
CA CYS F 68 36.38 -99.45 122.22
C CYS F 68 37.11 -100.49 123.07
N SER F 69 38.41 -100.66 122.88
CA SER F 69 39.18 -101.64 123.62
C SER F 69 39.77 -101.03 124.89
N ASP F 70 40.30 -101.89 125.74
CA ASP F 70 41.04 -101.44 126.92
C ASP F 70 42.50 -101.19 126.54
N GLY F 71 43.10 -100.23 127.23
CA GLY F 71 44.49 -99.89 126.96
C GLY F 71 44.65 -98.82 125.91
N PHE F 72 45.63 -98.99 125.02
CA PHE F 72 45.94 -97.98 124.02
C PHE F 72 46.26 -98.68 122.70
N THR F 73 46.33 -97.87 121.64
CA THR F 73 46.66 -98.34 120.30
C THR F 73 47.92 -97.62 119.84
N LEU F 74 48.89 -98.39 119.35
CA LEU F 74 50.13 -97.83 118.82
C LEU F 74 49.93 -97.50 117.35
N VAL F 75 50.32 -96.29 116.95
CA VAL F 75 50.18 -95.83 115.58
C VAL F 75 51.57 -95.45 115.06
N ILE F 76 52.01 -96.15 114.02
CA ILE F 76 53.23 -95.80 113.32
C ILE F 76 52.90 -94.73 112.29
N CYS F 77 53.55 -93.57 112.39
CA CYS F 77 53.40 -92.50 111.41
C CYS F 77 54.77 -92.01 110.97
N PRO F 78 55.00 -91.84 109.66
CA PRO F 78 56.33 -91.42 109.19
C PRO F 78 56.65 -89.94 109.34
N LEU F 79 55.65 -89.07 109.20
CA LEU F 79 55.87 -87.63 109.16
C LEU F 79 55.40 -86.97 110.44
N ILE F 80 56.01 -85.84 110.79
CA ILE F 80 55.65 -85.14 112.02
C ILE F 80 54.29 -84.47 111.87
N SER F 81 54.11 -83.72 110.78
CA SER F 81 52.88 -82.94 110.62
C SER F 81 51.66 -83.84 110.57
N LEU F 82 51.79 -85.06 110.06
CA LEU F 82 50.68 -86.00 110.01
C LEU F 82 50.20 -86.31 111.42
N MET F 83 51.13 -86.68 112.31
CA MET F 83 50.76 -86.94 113.68
C MET F 83 50.21 -85.69 114.33
N GLU F 84 50.92 -84.56 114.19
CA GLU F 84 50.43 -83.31 114.79
C GLU F 84 48.98 -83.03 114.41
N ASP F 85 48.63 -83.30 113.15
CA ASP F 85 47.24 -83.19 112.71
C ASP F 85 46.33 -84.15 113.47
N GLN F 86 46.71 -85.43 113.53
CA GLN F 86 45.90 -86.41 114.24
C GLN F 86 45.75 -86.05 115.72
N LEU F 87 46.86 -85.72 116.38
CA LEU F 87 46.83 -85.34 117.79
C LEU F 87 45.93 -84.13 117.98
N MET F 88 45.98 -83.18 117.05
CA MET F 88 45.06 -82.05 117.12
C MET F 88 43.63 -82.56 117.12
N VAL F 89 43.25 -83.26 116.05
CA VAL F 89 41.87 -83.73 115.91
C VAL F 89 41.43 -84.46 117.18
N LEU F 90 42.22 -85.42 117.64
CA LEU F 90 41.87 -86.17 118.84
C LEU F 90 41.70 -85.26 120.05
N LYS F 91 42.56 -84.24 120.19
CA LYS F 91 42.39 -83.28 121.27
C LYS F 91 41.07 -82.51 121.14
N GLN F 92 40.64 -82.26 119.90
CA GLN F 92 39.37 -81.57 119.70
C GLN F 92 38.20 -82.42 120.18
N LEU F 93 38.23 -83.73 119.93
CA LEU F 93 37.16 -84.61 120.41
C LEU F 93 37.33 -85.02 121.86
N GLY F 94 38.33 -84.50 122.56
CA GLY F 94 38.54 -84.89 123.95
C GLY F 94 39.13 -86.27 124.10
N ILE F 95 40.06 -86.65 123.22
CA ILE F 95 40.71 -87.94 123.26
C ILE F 95 42.09 -87.78 123.88
N SER F 96 42.42 -88.64 124.85
CA SER F 96 43.73 -88.59 125.48
C SER F 96 44.68 -89.38 124.59
N ALA F 97 45.36 -88.67 123.71
CA ALA F 97 46.33 -89.25 122.80
C ALA F 97 47.63 -88.47 122.88
N THR F 98 48.73 -89.13 122.56
CA THR F 98 50.03 -88.48 122.63
C THR F 98 50.94 -88.98 121.52
N MET F 99 51.95 -88.18 121.22
CA MET F 99 52.97 -88.50 120.24
C MET F 99 54.33 -88.58 120.92
N LEU F 100 55.21 -89.38 120.34
CA LEU F 100 56.57 -89.50 120.82
C LEU F 100 57.49 -89.21 119.65
N ASN F 101 58.62 -88.56 119.93
CA ASN F 101 59.45 -88.00 118.89
C ASN F 101 60.91 -88.39 119.06
N ALA F 102 61.64 -88.29 117.94
CA ALA F 102 63.08 -88.35 117.98
C ALA F 102 63.69 -86.99 118.34
N SER F 103 62.85 -85.96 118.45
CA SER F 103 63.27 -84.60 118.80
C SER F 103 62.51 -84.06 120.01
N SER F 104 61.68 -84.88 120.65
CA SER F 104 60.94 -84.42 121.82
C SER F 104 61.89 -84.23 123.00
N PRO F 105 61.54 -83.34 123.93
CA PRO F 105 62.39 -83.16 125.11
C PRO F 105 62.43 -84.43 125.93
N LYS F 106 63.43 -84.53 126.80
CA LYS F 106 63.65 -85.78 127.52
C LYS F 106 62.54 -86.04 128.53
N GLU F 107 61.93 -84.98 129.08
CA GLU F 107 60.76 -85.20 129.93
C GLU F 107 59.67 -85.90 129.14
N HIS F 108 59.16 -85.28 128.08
CA HIS F 108 58.05 -85.86 127.34
C HIS F 108 58.28 -87.35 127.09
N VAL F 109 59.52 -87.73 126.81
CA VAL F 109 59.87 -89.14 126.65
C VAL F 109 59.64 -89.91 127.94
N LYS F 110 60.13 -89.37 129.07
CA LYS F 110 59.95 -90.06 130.35
C LYS F 110 58.48 -90.15 130.73
N TRP F 111 57.71 -89.10 130.43
CA TRP F 111 56.29 -89.07 130.74
C TRP F 111 55.54 -90.14 129.95
N VAL F 112 55.76 -90.20 128.64
CA VAL F 112 55.12 -91.24 127.84
C VAL F 112 55.50 -92.62 128.37
N HIS F 113 56.80 -92.86 128.56
CA HIS F 113 57.25 -94.16 129.04
C HIS F 113 56.59 -94.55 130.36
N ALA F 114 56.40 -93.58 131.25
CA ALA F 114 55.69 -93.87 132.50
C ALA F 114 54.21 -94.13 132.25
N GLU F 115 53.63 -93.47 131.24
CA GLU F 115 52.20 -93.64 130.97
C GLU F 115 51.88 -94.98 130.33
N MET F 116 52.85 -95.61 129.64
CA MET F 116 52.55 -96.88 128.97
C MET F 116 52.25 -97.97 129.98
N VAL F 117 53.07 -98.09 131.04
CA VAL F 117 52.85 -99.12 132.05
C VAL F 117 51.81 -98.71 133.08
N ASN F 118 51.43 -97.43 133.11
CA ASN F 118 50.40 -96.99 134.06
C ASN F 118 49.10 -97.75 133.83
N LYS F 119 48.65 -98.45 134.87
CA LYS F 119 47.42 -99.20 134.77
C LYS F 119 46.22 -98.29 134.53
N ASN F 120 46.15 -97.16 135.25
CA ASN F 120 44.96 -96.32 135.17
C ASN F 120 45.12 -95.21 134.15
N SER F 121 45.97 -95.40 133.14
CA SER F 121 46.26 -94.32 132.22
C SER F 121 45.04 -94.10 131.32
N LYS F 122 44.66 -92.84 131.16
CA LYS F 122 43.58 -92.49 130.25
C LYS F 122 44.03 -92.47 128.80
N LEU F 123 45.29 -92.80 128.53
CA LEU F 123 45.81 -92.72 127.18
C LEU F 123 45.17 -93.81 126.32
N LYS F 124 44.83 -93.45 125.09
CA LYS F 124 44.20 -94.39 124.16
C LYS F 124 44.93 -94.54 122.84
N LEU F 125 45.73 -93.55 122.43
CA LEU F 125 46.44 -93.61 121.16
C LEU F 125 47.82 -93.01 121.36
N ILE F 126 48.86 -93.79 121.01
CA ILE F 126 50.23 -93.31 121.08
C ILE F 126 50.80 -93.38 119.67
N TYR F 127 51.09 -92.22 119.11
CA TYR F 127 51.71 -92.11 117.79
C TYR F 127 53.22 -92.05 117.94
N VAL F 128 53.92 -92.79 117.08
CA VAL F 128 55.38 -92.85 117.13
C VAL F 128 55.93 -92.96 115.71
N THR F 129 57.15 -92.44 115.54
CA THR F 129 57.87 -92.59 114.29
C THR F 129 58.43 -94.01 114.20
N PRO F 130 58.60 -94.54 112.98
CA PRO F 130 59.23 -95.87 112.85
C PRO F 130 60.62 -95.96 113.42
N GLU F 131 61.34 -94.84 113.53
CA GLU F 131 62.65 -94.88 114.17
C GLU F 131 62.53 -95.20 115.65
N LYS F 132 61.45 -94.77 116.31
CA LYS F 132 61.28 -95.07 117.72
C LYS F 132 61.14 -96.58 117.95
N ILE F 133 60.73 -97.31 116.92
CA ILE F 133 60.71 -98.76 116.97
C ILE F 133 62.06 -99.33 116.55
N ALA F 134 62.70 -98.69 115.57
CA ALA F 134 63.98 -99.20 115.07
C ALA F 134 65.07 -99.06 116.13
N LYS F 135 65.25 -97.86 116.68
CA LYS F 135 66.45 -97.45 117.40
C LYS F 135 66.13 -96.91 118.79
N SER F 136 65.27 -97.60 119.54
CA SER F 136 65.02 -97.19 120.92
C SER F 136 64.71 -98.43 121.76
N LYS F 137 65.70 -98.87 122.54
CA LYS F 137 65.52 -100.08 123.35
C LYS F 137 64.65 -99.80 124.56
N MET F 138 64.75 -98.60 125.12
CA MET F 138 63.86 -98.16 126.19
C MET F 138 62.39 -98.23 125.76
N PHE F 139 62.09 -97.72 124.58
CA PHE F 139 60.72 -97.74 124.10
C PHE F 139 60.22 -99.15 123.84
N MET F 140 61.09 -100.03 123.33
CA MET F 140 60.65 -101.41 123.11
C MET F 140 60.45 -102.14 124.42
N SER F 141 61.30 -101.88 125.41
CA SER F 141 61.08 -102.44 126.74
C SER F 141 59.72 -102.01 127.28
N ARG F 142 59.41 -100.72 127.16
CA ARG F 142 58.12 -100.22 127.63
C ARG F 142 56.96 -100.86 126.87
N LEU F 143 57.10 -100.99 125.55
CA LEU F 143 56.07 -101.64 124.74
C LEU F 143 55.87 -103.08 125.17
N GLU F 144 56.96 -103.79 125.46
CA GLU F 144 56.87 -105.18 125.90
C GLU F 144 56.14 -105.27 127.23
N LYS F 145 56.48 -104.39 128.17
CA LYS F 145 55.82 -104.40 129.47
C LYS F 145 54.33 -104.10 129.34
N ALA F 146 53.98 -103.11 128.50
CA ALA F 146 52.57 -102.79 128.30
C ALA F 146 51.84 -103.94 127.61
N TYR F 147 52.52 -104.64 126.69
CA TYR F 147 51.89 -105.76 126.00
C TYR F 147 51.65 -106.93 126.94
N GLU F 148 52.59 -107.19 127.84
CA GLU F 148 52.39 -108.26 128.81
C GLU F 148 51.28 -107.92 129.79
N ALA F 149 51.01 -106.63 129.99
CA ALA F 149 49.98 -106.17 130.91
C ALA F 149 48.64 -105.98 130.22
N ARG F 150 48.48 -106.52 129.02
CA ARG F 150 47.24 -106.44 128.25
C ARG F 150 46.76 -105.00 128.05
N ARG F 151 47.67 -104.04 128.17
CA ARG F 151 47.35 -102.65 127.86
C ARG F 151 47.66 -102.30 126.42
N PHE F 152 48.59 -103.01 125.79
CA PHE F 152 48.92 -102.84 124.38
C PHE F 152 48.18 -103.91 123.59
N THR F 153 47.25 -103.50 122.73
CA THR F 153 46.37 -104.45 122.08
C THR F 153 46.38 -104.36 120.56
N ARG F 154 46.58 -103.16 120.01
CA ARG F 154 46.45 -102.98 118.57
C ARG F 154 47.59 -102.10 118.04
N ILE F 155 47.97 -102.37 116.79
CA ILE F 155 48.99 -101.61 116.08
C ILE F 155 48.38 -101.06 114.79
N ALA F 156 48.67 -99.80 114.50
CA ALA F 156 48.20 -99.15 113.28
C ALA F 156 49.41 -98.60 112.54
N VAL F 157 49.62 -99.07 111.32
CA VAL F 157 50.74 -98.63 110.49
C VAL F 157 50.18 -97.71 109.41
N ASP F 158 50.34 -96.40 109.62
CA ASP F 158 49.96 -95.42 108.62
C ASP F 158 50.96 -95.41 107.47
N GLU F 159 50.46 -95.22 106.26
CA GLU F 159 51.28 -95.22 105.04
C GLU F 159 52.10 -96.51 104.94
N VAL F 160 51.39 -97.64 104.96
CA VAL F 160 52.04 -98.94 104.97
C VAL F 160 52.78 -99.22 103.68
N HIS F 161 52.51 -98.46 102.61
CA HIS F 161 53.18 -98.69 101.34
C HIS F 161 54.67 -98.39 101.42
N CYS F 162 55.12 -97.70 102.47
CA CYS F 162 56.54 -97.45 102.65
C CYS F 162 57.30 -98.66 103.12
N CYS F 163 56.62 -99.78 103.43
CA CYS F 163 57.38 -100.98 103.77
C CYS F 163 57.93 -101.67 102.53
N SER F 164 57.11 -101.78 101.48
CA SER F 164 57.59 -102.28 100.20
C SER F 164 58.40 -101.19 99.51
N GLN F 165 59.60 -101.54 99.05
CA GLN F 165 60.41 -100.56 98.34
C GLN F 165 59.79 -100.20 97.00
N TRP F 166 58.94 -101.08 96.45
CA TRP F 166 58.34 -100.85 95.14
C TRP F 166 57.46 -99.60 95.15
N GLY F 167 56.75 -99.37 96.25
CA GLY F 167 55.94 -98.18 96.36
C GLY F 167 56.79 -96.93 96.55
N HIS F 168 56.19 -95.78 96.24
CA HIS F 168 56.93 -94.54 96.27
C HIS F 168 57.23 -94.15 97.71
N ASP F 169 58.08 -93.13 97.85
CA ASP F 169 58.53 -92.55 99.13
C ASP F 169 58.81 -93.65 100.16
N PHE F 170 59.55 -94.65 99.73
CA PHE F 170 59.92 -95.77 100.59
C PHE F 170 60.86 -95.31 101.69
N ARG F 171 60.58 -95.76 102.91
CA ARG F 171 61.46 -95.43 104.02
C ARG F 171 62.18 -96.67 104.51
N PRO F 172 63.42 -96.53 104.97
CA PRO F 172 64.17 -97.71 105.44
C PRO F 172 63.69 -98.16 106.81
N ASP F 173 63.24 -97.22 107.64
CA ASP F 173 62.80 -97.58 108.98
C ASP F 173 61.55 -98.46 108.93
N TYR F 174 60.74 -98.33 107.89
CA TYR F 174 59.56 -99.16 107.76
C TYR F 174 59.91 -100.63 107.52
N LYS F 175 61.11 -100.90 107.02
CA LYS F 175 61.56 -102.28 106.84
C LYS F 175 61.69 -103.01 108.17
N ALA F 176 62.05 -102.28 109.24
CA ALA F 176 62.26 -102.90 110.54
C ALA F 176 60.94 -103.21 111.24
N LEU F 177 59.84 -102.57 110.83
CA LEU F 177 58.57 -102.69 111.54
C LEU F 177 58.05 -104.12 111.64
N GLY F 178 58.61 -105.06 110.89
CA GLY F 178 58.24 -106.45 111.07
C GLY F 178 58.46 -106.97 112.47
N ILE F 179 59.22 -106.24 113.29
CA ILE F 179 59.50 -106.64 114.67
C ILE F 179 58.21 -106.66 115.49
N LEU F 180 57.31 -105.72 115.22
CA LEU F 180 56.11 -105.58 116.04
C LEU F 180 55.30 -106.86 116.08
N LYS F 181 54.82 -107.33 114.92
CA LYS F 181 54.02 -108.55 114.89
C LYS F 181 54.79 -109.77 115.38
N ARG F 182 56.12 -109.72 115.42
CA ARG F 182 56.89 -110.85 115.91
C ARG F 182 57.01 -110.86 117.42
N GLN F 183 57.01 -109.70 118.05
CA GLN F 183 57.13 -109.62 119.51
C GLN F 183 55.79 -109.46 120.21
N PHE F 184 54.80 -108.86 119.54
CA PHE F 184 53.45 -108.70 120.08
C PHE F 184 52.48 -109.39 119.13
N PRO F 185 52.51 -110.73 119.06
CA PRO F 185 51.68 -111.42 118.07
C PRO F 185 50.19 -111.31 118.33
N ASN F 186 49.77 -111.21 119.59
CA ASN F 186 48.35 -111.08 119.90
C ASN F 186 47.81 -109.69 119.58
N ALA F 187 48.69 -108.72 119.34
CA ALA F 187 48.24 -107.38 118.97
C ALA F 187 47.77 -107.38 117.52
N SER F 188 46.53 -106.94 117.29
CA SER F 188 45.98 -106.93 115.95
C SER F 188 46.56 -105.76 115.17
N LEU F 189 46.92 -106.02 113.91
CA LEU F 189 47.55 -105.01 113.06
C LEU F 189 46.57 -104.52 112.01
N ILE F 190 46.63 -103.21 111.75
CA ILE F 190 45.90 -102.60 110.65
C ILE F 190 46.87 -101.69 109.92
N GLY F 191 47.02 -101.92 108.61
CA GLY F 191 47.83 -101.08 107.74
C GLY F 191 46.94 -100.22 106.87
N LEU F 192 47.29 -98.94 106.80
CA LEU F 192 46.52 -97.96 106.04
C LEU F 192 47.37 -97.39 104.92
N THR F 193 46.72 -97.11 103.79
CA THR F 193 47.43 -96.52 102.65
C THR F 193 46.43 -95.91 101.69
N ALA F 194 46.93 -94.98 100.88
CA ALA F 194 46.19 -94.34 99.81
C ALA F 194 46.74 -94.70 98.44
N THR F 195 47.77 -95.53 98.38
CA THR F 195 48.49 -95.86 97.16
C THR F 195 48.19 -97.29 96.74
N ALA F 196 47.86 -97.46 95.47
CA ALA F 196 47.29 -98.68 94.90
C ALA F 196 48.38 -99.72 94.63
N THR F 197 47.99 -100.78 93.92
CA THR F 197 48.76 -101.93 93.44
C THR F 197 48.92 -103.03 94.48
N SER F 198 48.56 -104.26 94.07
CA SER F 198 48.45 -105.39 94.97
C SER F 198 49.81 -105.94 95.37
N HIS F 199 50.80 -105.83 94.49
CA HIS F 199 52.12 -106.37 94.78
C HIS F 199 52.86 -105.57 95.84
N VAL F 200 52.62 -104.25 95.89
CA VAL F 200 53.17 -103.47 96.99
C VAL F 200 52.52 -103.85 98.32
N LEU F 201 51.20 -104.08 98.31
CA LEU F 201 50.52 -104.49 99.53
C LEU F 201 50.95 -105.88 99.96
N LYS F 202 51.13 -106.80 99.01
CA LYS F 202 51.58 -108.14 99.33
C LYS F 202 53.02 -108.13 99.84
N ASP F 203 53.84 -107.20 99.35
CA ASP F 203 55.19 -107.06 99.90
C ASP F 203 55.13 -106.50 101.32
N ALA F 204 54.30 -105.48 101.55
CA ALA F 204 54.18 -104.95 102.89
C ALA F 204 53.61 -105.99 103.86
N GLN F 205 52.78 -106.91 103.36
CA GLN F 205 52.37 -108.04 104.18
C GLN F 205 53.56 -108.90 104.57
N LYS F 206 54.47 -109.15 103.63
CA LYS F 206 55.64 -109.98 103.94
C LYS F 206 56.59 -109.28 104.90
N ILE F 207 56.77 -107.97 104.72
CA ILE F 207 57.70 -107.24 105.59
C ILE F 207 57.18 -107.18 107.01
N LEU F 208 55.87 -106.95 107.17
CA LEU F 208 55.24 -106.85 108.47
C LEU F 208 54.94 -108.21 109.11
N CYS F 209 55.19 -109.30 108.39
CA CYS F 209 54.95 -110.65 108.91
C CYS F 209 53.48 -110.83 109.28
N VAL F 210 52.60 -110.52 108.34
CA VAL F 210 51.17 -110.78 108.47
C VAL F 210 50.76 -111.59 107.24
N GLU F 211 50.74 -112.92 107.38
CA GLU F 211 50.28 -113.77 106.30
C GLU F 211 48.76 -113.78 106.22
N LYS F 212 48.10 -114.04 107.34
CA LYS F 212 46.65 -114.05 107.43
C LYS F 212 46.18 -112.60 107.52
N CYS F 213 45.78 -112.03 106.39
CA CYS F 213 45.47 -110.62 106.34
C CYS F 213 44.33 -110.36 105.36
N PHE F 214 43.33 -109.61 105.81
CA PHE F 214 42.22 -109.18 104.96
C PHE F 214 42.64 -107.90 104.26
N THR F 215 42.43 -107.84 102.95
CA THR F 215 42.81 -106.67 102.17
C THR F 215 41.55 -106.01 101.60
N PHE F 216 41.24 -104.82 102.10
CA PHE F 216 40.10 -104.03 101.65
C PHE F 216 40.59 -102.84 100.82
N THR F 217 39.86 -102.55 99.76
CA THR F 217 40.18 -101.43 98.87
C THR F 217 38.94 -100.58 98.70
N ALA F 218 39.04 -99.30 99.02
CA ALA F 218 37.93 -98.39 98.82
C ALA F 218 37.82 -98.00 97.35
N SER F 219 36.59 -97.79 96.91
CA SER F 219 36.35 -97.36 95.54
C SER F 219 36.88 -95.94 95.39
N PHE F 220 37.98 -95.79 94.65
CA PHE F 220 38.53 -94.46 94.41
C PHE F 220 37.63 -93.62 93.50
N ASN F 221 36.58 -94.20 92.94
CA ASN F 221 35.63 -93.42 92.16
C ASN F 221 34.81 -92.54 93.10
N ARG F 222 34.64 -91.28 92.72
CA ARG F 222 33.81 -90.33 93.45
C ARG F 222 32.79 -89.76 92.48
N PRO F 223 31.52 -90.15 92.57
CA PRO F 223 30.55 -89.80 91.53
C PRO F 223 30.11 -88.35 91.56
N ASN F 224 30.39 -87.60 92.62
CA ASN F 224 29.85 -86.26 92.80
C ASN F 224 30.77 -85.16 92.27
N LEU F 225 31.81 -85.51 91.52
CA LEU F 225 32.74 -84.49 91.01
C LEU F 225 32.60 -84.38 89.50
N TYR F 226 32.68 -83.15 89.01
CA TYR F 226 32.60 -82.85 87.59
C TYR F 226 33.99 -82.47 87.12
N TYR F 227 34.64 -83.39 86.39
CA TYR F 227 35.96 -83.13 85.84
C TYR F 227 35.80 -82.44 84.49
N GLU F 228 36.47 -81.31 84.34
CA GLU F 228 36.36 -80.53 83.11
C GLU F 228 37.70 -79.86 82.83
N VAL F 229 38.10 -79.90 81.57
CA VAL F 229 39.33 -79.26 81.12
C VAL F 229 39.00 -78.27 80.02
N ARG F 230 39.51 -77.05 80.17
CA ARG F 230 39.30 -76.01 79.18
C ARG F 230 40.65 -75.37 78.87
N GLN F 231 40.69 -74.63 77.78
CA GLN F 231 41.96 -74.08 77.31
C GLN F 231 42.41 -72.93 78.20
N LYS F 232 43.73 -72.83 78.36
CA LYS F 232 44.32 -71.71 79.07
C LYS F 232 44.72 -70.65 78.05
N PRO F 233 44.23 -69.42 78.17
CA PRO F 233 44.61 -68.40 77.18
C PRO F 233 46.05 -67.99 77.36
N SER F 234 46.69 -67.67 76.23
CA SER F 234 48.08 -67.24 76.24
C SER F 234 48.28 -65.87 76.90
N ASN F 235 47.33 -64.94 76.76
CA ASN F 235 47.42 -63.71 77.54
C ASN F 235 47.06 -63.97 78.99
N THR F 236 47.95 -63.60 79.92
CA THR F 236 47.72 -63.87 81.33
C THR F 236 46.70 -62.91 81.96
N GLU F 237 46.68 -61.65 81.52
CA GLU F 237 45.76 -60.71 82.14
C GLU F 237 44.33 -60.96 81.68
N ASP F 238 44.17 -61.47 80.46
CA ASP F 238 42.87 -62.04 80.07
C ASP F 238 42.55 -63.24 80.95
N PHE F 239 43.58 -63.98 81.35
CA PHE F 239 43.37 -65.23 82.10
C PHE F 239 42.77 -64.97 83.46
N ILE F 240 43.32 -64.01 84.21
CA ILE F 240 42.73 -63.74 85.51
C ILE F 240 41.26 -63.34 85.36
N GLU F 241 40.96 -62.48 84.37
CA GLU F 241 39.58 -62.08 84.14
C GLU F 241 38.68 -63.27 83.82
N ASP F 242 39.21 -64.28 83.12
CA ASP F 242 38.44 -65.50 82.90
C ASP F 242 38.14 -66.19 84.21
N ILE F 243 39.13 -66.25 85.10
CA ILE F 243 38.92 -66.90 86.39
C ILE F 243 37.88 -66.12 87.20
N VAL F 244 37.95 -64.79 87.16
CA VAL F 244 36.97 -63.96 87.87
C VAL F 244 35.57 -64.25 87.36
N LYS F 245 35.42 -64.32 86.03
CA LYS F 245 34.09 -64.57 85.47
C LYS F 245 33.56 -65.93 85.89
N LEU F 246 34.42 -66.95 85.90
CA LEU F 246 33.98 -68.27 86.33
C LEU F 246 33.57 -68.27 87.80
N ILE F 247 34.40 -67.68 88.65
CA ILE F 247 34.13 -67.68 90.09
C ILE F 247 32.82 -66.97 90.39
N ASN F 248 32.60 -65.80 89.77
CA ASN F 248 31.40 -65.04 90.07
C ASN F 248 30.17 -65.55 89.33
N GLY F 249 30.33 -66.34 88.27
CA GLY F 249 29.19 -66.89 87.56
C GLY F 249 28.70 -68.23 88.04
N ARG F 250 29.60 -69.07 88.57
CA ARG F 250 29.23 -70.42 88.98
C ARG F 250 29.38 -70.68 90.46
N TYR F 251 30.35 -70.08 91.14
CA TYR F 251 30.64 -70.42 92.52
C TYR F 251 30.73 -69.16 93.38
N LYS F 252 29.79 -68.24 93.19
CA LYS F 252 29.80 -66.95 93.88
C LYS F 252 29.42 -67.18 95.33
N GLY F 253 30.40 -67.18 96.22
CA GLY F 253 30.17 -67.41 97.64
C GLY F 253 30.63 -68.76 98.14
N GLN F 254 30.94 -69.70 97.25
CA GLN F 254 31.36 -71.03 97.62
C GLN F 254 32.89 -71.12 97.61
N SER F 255 33.45 -71.72 98.66
CA SER F 255 34.90 -71.77 98.82
C SER F 255 35.52 -72.74 97.82
N GLY F 256 36.84 -72.62 97.66
CA GLY F 256 37.55 -73.49 96.75
C GLY F 256 39.02 -73.15 96.69
N ILE F 257 39.72 -73.82 95.77
CA ILE F 257 41.18 -73.78 95.73
C ILE F 257 41.64 -73.52 94.29
N ILE F 258 42.54 -72.57 94.14
CA ILE F 258 43.24 -72.29 92.90
C ILE F 258 44.60 -72.96 93.05
N TYR F 259 44.85 -74.02 92.30
CA TYR F 259 46.14 -74.70 92.37
C TYR F 259 47.00 -74.18 91.23
N CYS F 260 48.18 -73.67 91.57
CA CYS F 260 49.10 -73.15 90.58
C CYS F 260 50.36 -73.99 90.51
N PHE F 261 51.16 -73.69 89.51
CA PHE F 261 52.44 -74.37 89.34
C PHE F 261 53.48 -73.76 90.27
N SER F 262 53.74 -72.46 90.13
CA SER F 262 54.84 -71.81 90.81
C SER F 262 54.35 -71.08 92.07
N GLN F 263 55.33 -70.66 92.87
CA GLN F 263 55.04 -69.86 94.05
C GLN F 263 54.80 -68.40 93.69
N LYS F 264 55.73 -67.79 92.94
CA LYS F 264 55.47 -66.47 92.38
C LYS F 264 54.18 -66.45 91.57
N ASP F 265 53.85 -67.58 90.93
CA ASP F 265 52.55 -67.73 90.29
C ASP F 265 51.42 -67.60 91.30
N SER F 266 51.53 -68.30 92.43
CA SER F 266 50.50 -68.24 93.45
C SER F 266 50.33 -66.81 93.94
N GLU F 267 51.45 -66.13 94.21
CA GLU F 267 51.40 -64.75 94.66
C GLU F 267 50.65 -63.89 93.64
N GLN F 268 51.18 -63.83 92.42
CA GLN F 268 50.57 -62.99 91.37
C GLN F 268 49.07 -63.27 91.21
N VAL F 269 48.66 -64.53 91.27
CA VAL F 269 47.24 -64.82 91.15
C VAL F 269 46.48 -64.31 92.37
N THR F 270 47.10 -64.32 93.55
CA THR F 270 46.43 -63.76 94.72
C THR F 270 46.22 -62.26 94.58
N ILE F 271 47.27 -61.52 94.20
CA ILE F 271 47.10 -60.08 94.09
C ILE F 271 46.12 -59.73 92.98
N SER F 272 46.11 -60.51 91.89
CA SER F 272 45.17 -60.22 90.81
C SER F 272 43.72 -60.50 91.24
N LEU F 273 43.51 -61.59 91.97
CA LEU F 273 42.17 -61.92 92.45
C LEU F 273 41.68 -60.90 93.48
N GLN F 274 42.58 -60.45 94.36
CA GLN F 274 42.22 -59.39 95.30
C GLN F 274 41.88 -58.10 94.57
N LYS F 275 42.63 -57.77 93.51
CA LYS F 275 42.37 -56.52 92.82
C LYS F 275 41.11 -56.59 91.97
N LEU F 276 40.67 -57.80 91.59
CA LEU F 276 39.51 -57.95 90.74
C LEU F 276 38.25 -58.29 91.53
N GLY F 277 38.23 -58.02 92.84
CA GLY F 277 37.05 -58.21 93.65
C GLY F 277 36.82 -59.57 94.27
N ILE F 278 37.88 -60.36 94.47
CA ILE F 278 37.76 -61.68 95.07
C ILE F 278 38.71 -61.75 96.26
N PRO F 279 38.23 -62.04 97.47
CA PRO F 279 39.14 -62.24 98.61
C PRO F 279 39.90 -63.54 98.44
N ALA F 280 41.23 -63.45 98.36
CA ALA F 280 42.06 -64.60 98.10
C ALA F 280 43.33 -64.53 98.94
N GLY F 281 43.91 -65.71 99.19
CA GLY F 281 45.14 -65.80 99.94
C GLY F 281 46.06 -66.83 99.29
N ALA F 282 47.30 -66.84 99.74
CA ALA F 282 48.35 -67.66 99.14
C ALA F 282 48.89 -68.68 100.12
N TYR F 283 49.22 -69.86 99.60
CA TYR F 283 49.90 -70.90 100.37
C TYR F 283 50.97 -71.49 99.47
N HIS F 284 52.23 -71.24 99.79
CA HIS F 284 53.36 -71.63 98.95
C HIS F 284 54.64 -71.34 99.70
N ALA F 285 55.77 -71.73 99.09
CA ALA F 285 57.12 -71.25 99.42
C ALA F 285 57.44 -71.02 100.89
N ASN F 286 58.30 -70.04 101.18
CA ASN F 286 58.90 -69.91 102.51
C ASN F 286 57.85 -69.68 103.59
N MET F 287 57.13 -68.55 103.50
CA MET F 287 56.15 -68.12 104.50
C MET F 287 56.59 -68.37 105.94
N GLU F 288 55.63 -68.51 106.84
CA GLU F 288 55.93 -68.78 108.24
C GLU F 288 54.82 -69.66 108.81
N PRO F 289 55.07 -70.32 109.95
CA PRO F 289 53.98 -71.07 110.61
C PRO F 289 52.87 -70.18 111.16
N GLU F 290 53.15 -68.91 111.44
CA GLU F 290 52.11 -67.99 111.91
C GLU F 290 51.02 -67.79 110.88
N ASP F 291 51.27 -68.10 109.61
CA ASP F 291 50.27 -67.92 108.56
C ASP F 291 49.42 -69.16 108.40
N LYS F 292 49.37 -70.02 109.42
CA LYS F 292 48.52 -71.20 109.36
C LYS F 292 47.07 -70.78 109.55
N THR F 293 46.72 -70.14 110.66
CA THR F 293 45.31 -69.76 110.72
C THR F 293 45.02 -68.68 109.69
N LYS F 294 46.02 -67.85 109.40
CA LYS F 294 45.92 -66.76 108.45
C LYS F 294 45.50 -67.24 107.06
N VAL F 295 45.97 -68.40 106.61
CA VAL F 295 45.60 -68.83 105.27
C VAL F 295 44.99 -70.22 105.20
N HIS F 296 45.04 -70.97 106.30
CA HIS F 296 44.48 -72.31 106.40
C HIS F 296 43.19 -72.37 107.22
N ARG F 297 42.94 -71.41 108.13
CA ARG F 297 41.89 -71.58 109.12
C ARG F 297 40.97 -70.38 109.27
N ARG F 298 41.27 -69.22 108.67
CA ARG F 298 40.32 -68.10 108.75
C ARG F 298 39.19 -68.37 107.74
N TRP F 299 38.53 -69.50 107.97
CA TRP F 299 37.53 -70.07 107.10
C TRP F 299 36.18 -70.17 107.80
N ALA F 300 36.10 -69.75 109.06
CA ALA F 300 34.89 -69.95 109.84
C ALA F 300 33.73 -69.20 109.20
N ALA F 301 33.85 -67.89 109.07
CA ALA F 301 32.95 -67.12 108.24
C ALA F 301 33.32 -67.16 106.77
N ASN F 302 34.26 -68.04 106.37
CA ASN F 302 34.75 -68.10 104.99
C ASN F 302 35.19 -66.71 104.54
N GLU F 303 36.12 -66.13 105.32
CA GLU F 303 36.55 -64.76 105.10
C GLU F 303 37.09 -64.57 103.68
N ILE F 304 38.14 -65.30 103.34
CA ILE F 304 38.55 -65.42 101.94
C ILE F 304 37.55 -66.27 101.18
N GLN F 305 37.58 -66.16 99.85
CA GLN F 305 36.76 -67.02 99.02
C GLN F 305 37.54 -68.19 98.42
N VAL F 306 38.72 -67.93 97.85
CA VAL F 306 39.51 -68.96 97.21
C VAL F 306 40.89 -69.04 97.87
N VAL F 307 41.55 -70.19 97.67
CA VAL F 307 42.88 -70.45 98.22
C VAL F 307 43.84 -70.66 97.06
N VAL F 308 44.61 -69.64 96.70
CA VAL F 308 45.62 -69.79 95.67
C VAL F 308 46.85 -70.40 96.32
N ALA F 309 47.27 -71.56 95.84
CA ALA F 309 48.33 -72.29 96.51
C ALA F 309 49.13 -73.11 95.51
N THR F 310 50.38 -73.37 95.88
CA THR F 310 51.25 -74.32 95.21
C THR F 310 50.99 -75.71 95.77
N VAL F 311 51.65 -76.71 95.16
CA VAL F 311 51.38 -78.10 95.48
C VAL F 311 51.61 -78.41 96.95
N ALA F 312 52.44 -77.62 97.64
CA ALA F 312 52.57 -77.77 99.09
C ALA F 312 51.40 -77.10 99.80
N PHE F 313 50.21 -77.58 99.48
CA PHE F 313 48.99 -77.22 100.19
C PHE F 313 48.24 -78.43 100.70
N GLY F 314 48.25 -79.54 99.95
CA GLY F 314 47.36 -80.66 100.19
C GLY F 314 47.28 -81.14 101.63
N MET F 315 48.40 -81.61 102.17
CA MET F 315 48.57 -81.97 103.58
C MET F 315 47.30 -82.45 104.27
N GLY F 316 46.71 -81.57 105.08
CA GLY F 316 45.64 -81.89 106.02
C GLY F 316 44.29 -81.15 105.94
N ILE F 317 43.75 -80.78 104.78
CA ILE F 317 42.72 -79.72 104.77
C ILE F 317 41.22 -80.12 105.07
N ASP F 318 40.57 -81.04 104.27
CA ASP F 318 39.57 -81.93 104.70
C ASP F 318 38.37 -81.23 105.32
N LYS F 319 37.62 -80.43 104.52
CA LYS F 319 36.29 -79.90 104.84
C LYS F 319 35.31 -80.04 103.69
N PRO F 320 34.07 -80.21 104.05
CA PRO F 320 32.94 -80.52 103.04
C PRO F 320 32.74 -79.47 101.96
N ASP F 321 32.71 -78.17 102.43
CA ASP F 321 32.16 -77.14 101.50
C ASP F 321 33.22 -76.56 100.57
N VAL F 322 33.98 -77.41 99.92
CA VAL F 322 34.80 -77.03 98.78
C VAL F 322 33.96 -77.36 97.54
N ARG F 323 33.62 -76.33 96.74
CA ARG F 323 32.74 -76.54 95.62
C ARG F 323 33.44 -76.54 94.27
N PHE F 324 34.67 -76.06 94.20
CA PHE F 324 35.37 -75.99 92.93
C PHE F 324 36.87 -75.98 93.18
N VAL F 325 37.60 -76.75 92.38
CA VAL F 325 39.06 -76.74 92.38
C VAL F 325 39.50 -76.37 90.98
N ILE F 326 40.06 -75.17 90.83
CA ILE F 326 40.55 -74.70 89.54
C ILE F 326 42.06 -74.89 89.53
N HIS F 327 42.55 -75.57 88.51
CA HIS F 327 43.98 -75.81 88.33
C HIS F 327 44.50 -74.78 87.32
N HIS F 328 45.23 -73.79 87.85
CA HIS F 328 45.87 -72.78 87.00
C HIS F 328 46.78 -73.44 85.96
N SER F 329 47.74 -74.24 86.42
CA SER F 329 48.55 -75.07 85.54
C SER F 329 48.29 -76.54 85.84
N MET F 330 48.57 -77.38 84.86
CA MET F 330 48.36 -78.81 85.00
C MET F 330 49.21 -79.36 86.13
N SER F 331 48.76 -80.49 86.68
CA SER F 331 49.53 -81.12 87.75
C SER F 331 50.74 -81.83 87.15
N LYS F 332 51.61 -82.31 88.04
CA LYS F 332 52.79 -83.03 87.58
C LYS F 332 52.48 -84.47 87.18
N SER F 333 51.53 -85.11 87.85
CA SER F 333 51.20 -86.49 87.55
C SER F 333 49.70 -86.65 87.56
N MET F 334 49.24 -87.86 87.23
CA MET F 334 47.82 -88.18 87.33
C MET F 334 47.43 -88.46 88.77
N GLU F 335 48.30 -89.15 89.52
CA GLU F 335 48.08 -89.33 90.94
C GLU F 335 47.99 -87.98 91.64
N ASN F 336 48.90 -87.05 91.28
CA ASN F 336 48.89 -85.72 91.87
C ASN F 336 47.61 -84.97 91.55
N TYR F 337 47.14 -85.06 90.31
CA TYR F 337 45.93 -84.33 89.95
C TYR F 337 44.71 -84.91 90.64
N TYR F 338 44.65 -86.23 90.76
CA TYR F 338 43.52 -86.87 91.44
C TYR F 338 43.43 -86.41 92.89
N GLN F 339 44.53 -86.50 93.62
CA GLN F 339 44.55 -86.08 95.03
C GLN F 339 44.40 -84.57 95.19
N GLU F 340 44.75 -83.79 94.16
CA GLU F 340 44.55 -82.34 94.23
C GLU F 340 43.11 -81.95 93.97
N SER F 341 42.42 -82.69 93.10
CA SER F 341 41.03 -82.39 92.78
C SER F 341 40.05 -83.03 93.76
N GLY F 342 40.43 -84.13 94.41
CA GLY F 342 39.56 -84.79 95.37
C GLY F 342 39.24 -83.96 96.60
N ARG F 343 39.93 -82.84 96.83
CA ARG F 343 39.62 -81.96 97.93
C ARG F 343 38.26 -81.28 97.81
N ALA F 344 37.57 -81.41 96.68
CA ALA F 344 36.25 -80.84 96.48
C ALA F 344 35.16 -81.87 96.75
N GLY F 345 34.00 -81.37 97.17
CA GLY F 345 32.82 -82.19 97.31
C GLY F 345 33.07 -83.28 98.33
N ARG F 346 33.58 -82.88 99.50
CA ARG F 346 33.88 -83.83 100.56
C ARG F 346 32.60 -84.42 101.15
N ASP F 347 31.48 -83.69 101.01
CA ASP F 347 30.17 -83.98 101.61
C ASP F 347 29.20 -84.71 100.69
N ASP F 348 29.66 -85.36 99.61
CA ASP F 348 28.85 -86.02 98.57
C ASP F 348 28.09 -85.03 97.72
N MET F 349 28.17 -83.73 97.95
CA MET F 349 27.31 -82.86 97.18
C MET F 349 28.14 -82.25 96.06
N LYS F 350 27.54 -82.16 94.88
CA LYS F 350 28.34 -82.16 93.68
C LYS F 350 29.22 -80.92 93.63
N ALA F 351 30.40 -81.10 93.05
CA ALA F 351 31.41 -80.06 93.00
C ALA F 351 32.15 -80.19 91.68
N ASP F 352 32.84 -79.13 91.30
CA ASP F 352 33.50 -79.07 89.99
C ASP F 352 35.02 -79.07 90.15
N CYS F 353 35.66 -79.86 89.29
CA CYS F 353 37.12 -79.91 89.18
C CYS F 353 37.48 -79.39 87.79
N ILE F 354 37.96 -78.17 87.73
CA ILE F 354 38.31 -77.50 86.48
C ILE F 354 39.83 -77.46 86.39
N LEU F 355 40.36 -77.74 85.19
CA LEU F 355 41.80 -77.71 84.94
C LEU F 355 42.08 -76.99 83.64
N TYR F 356 43.00 -76.02 83.67
CA TYR F 356 43.35 -75.25 82.48
C TYR F 356 44.64 -75.80 81.88
N TYR F 357 44.60 -76.10 80.58
CA TYR F 357 45.71 -76.73 79.89
C TYR F 357 46.41 -75.72 78.99
N GLY F 358 47.68 -75.46 79.28
CA GLY F 358 48.48 -74.52 78.51
C GLY F 358 49.65 -75.25 77.85
N PHE F 359 49.95 -74.87 76.61
CA PHE F 359 51.05 -75.52 75.89
C PHE F 359 52.40 -75.26 76.55
N GLY F 360 52.63 -74.02 77.00
CA GLY F 360 53.88 -73.72 77.68
C GLY F 360 54.00 -74.37 79.05
N ASP F 361 52.88 -74.71 79.67
CA ASP F 361 52.92 -75.40 80.97
C ASP F 361 53.68 -76.71 80.88
N ILE F 362 53.44 -77.47 79.80
CA ILE F 362 54.10 -78.76 79.63
C ILE F 362 55.60 -78.63 79.89
N PHE F 363 56.25 -77.69 79.22
CA PHE F 363 57.68 -77.53 79.39
C PHE F 363 58.04 -76.79 80.66
N ARG F 364 57.10 -76.02 81.22
CA ARG F 364 57.35 -75.35 82.50
C ARG F 364 57.55 -76.37 83.61
N ILE F 365 56.73 -77.41 83.64
CA ILE F 365 56.90 -78.44 84.66
C ILE F 365 57.90 -79.52 84.22
N SER F 366 58.07 -79.72 82.91
CA SER F 366 58.99 -80.73 82.43
C SER F 366 60.43 -80.38 82.74
N SER F 367 60.79 -79.10 82.67
CA SER F 367 62.21 -78.82 82.91
C SER F 367 62.61 -78.92 84.37
N MET F 368 61.72 -79.32 85.27
CA MET F 368 62.05 -79.45 86.67
C MET F 368 61.60 -80.74 87.32
N VAL F 369 60.73 -81.53 86.68
CA VAL F 369 60.42 -82.84 87.24
C VAL F 369 61.46 -83.84 86.73
N VAL F 370 62.49 -83.33 86.06
CA VAL F 370 63.51 -84.17 85.44
C VAL F 370 64.29 -85.01 86.44
N MET F 371 64.41 -84.55 87.70
CA MET F 371 65.18 -85.31 88.71
C MET F 371 64.41 -86.48 89.33
N GLU F 372 63.15 -86.67 89.00
CA GLU F 372 62.43 -87.88 89.37
C GLU F 372 62.54 -88.87 88.23
N ASN F 373 62.67 -90.15 88.56
CA ASN F 373 63.06 -91.14 87.55
C ASN F 373 61.99 -91.27 86.47
N VAL F 374 60.72 -91.27 86.85
CA VAL F 374 59.61 -91.33 85.91
C VAL F 374 58.86 -89.99 85.83
N GLY F 375 59.51 -88.89 86.19
CA GLY F 375 58.82 -87.61 86.24
C GLY F 375 58.25 -87.17 84.89
N GLN F 376 59.07 -87.28 83.85
CA GLN F 376 58.62 -86.86 82.51
C GLN F 376 57.48 -87.72 82.02
N GLN F 377 57.55 -89.03 82.24
CA GLN F 377 56.47 -89.91 81.81
C GLN F 377 55.18 -89.60 82.58
N LYS F 378 55.29 -89.41 83.90
CA LYS F 378 54.11 -89.08 84.69
C LYS F 378 53.51 -87.74 84.28
N LEU F 379 54.33 -86.83 83.75
CA LEU F 379 53.77 -85.59 83.22
C LEU F 379 53.08 -85.83 81.89
N TYR F 380 53.70 -86.64 81.02
CA TYR F 380 53.12 -86.90 79.71
C TYR F 380 51.76 -87.58 79.82
N GLU F 381 51.56 -88.42 80.84
CA GLU F 381 50.24 -89.00 81.03
C GLU F 381 49.21 -87.93 81.35
N MET F 382 49.59 -86.91 82.13
CA MET F 382 48.68 -85.80 82.42
C MET F 382 48.42 -84.97 81.17
N VAL F 383 49.44 -84.80 80.32
CA VAL F 383 49.23 -84.09 79.06
C VAL F 383 48.28 -84.88 78.17
N SER F 384 48.41 -86.21 78.15
CA SER F 384 47.45 -87.03 77.43
C SER F 384 46.04 -86.84 77.97
N TYR F 385 45.91 -86.69 79.29
CA TYR F 385 44.60 -86.42 79.89
C TYR F 385 44.06 -85.09 79.37
N CYS F 386 44.92 -84.08 79.27
CA CYS F 386 44.48 -82.76 78.82
C CYS F 386 44.17 -82.73 77.32
N GLN F 387 44.87 -83.54 76.53
CA GLN F 387 44.71 -83.53 75.09
C GLN F 387 43.41 -84.22 74.65
N ASN F 388 43.00 -85.26 75.36
CA ASN F 388 41.86 -86.06 74.91
C ASN F 388 40.57 -85.24 74.97
N ILE F 389 39.74 -85.39 73.94
CA ILE F 389 38.44 -84.76 73.88
C ILE F 389 37.32 -85.73 73.55
N ASN F 390 37.60 -87.02 73.45
CA ASN F 390 36.60 -88.02 73.07
C ASN F 390 36.28 -89.01 74.17
N LYS F 391 37.30 -89.46 74.88
CA LYS F 391 37.16 -90.45 75.94
C LYS F 391 36.58 -89.83 77.21
N CYS F 392 36.02 -90.70 78.04
CA CYS F 392 35.44 -90.27 79.31
C CYS F 392 36.56 -89.98 80.29
N ARG F 393 36.50 -88.80 80.93
CA ARG F 393 37.55 -88.40 81.84
C ARG F 393 37.68 -89.36 83.01
N ARG F 394 36.56 -89.94 83.46
CA ARG F 394 36.64 -90.92 84.53
C ARG F 394 37.38 -92.17 84.08
N VAL F 395 37.25 -92.56 82.81
CA VAL F 395 38.01 -93.70 82.32
C VAL F 395 39.49 -93.37 82.29
N LEU F 396 39.83 -92.12 81.97
CA LEU F 396 41.22 -91.70 81.95
C LEU F 396 41.81 -91.69 83.36
N ILE F 397 41.02 -91.31 84.35
CA ILE F 397 41.49 -91.40 85.74
C ILE F 397 41.61 -92.85 86.17
N ALA F 398 40.64 -93.70 85.78
CA ALA F 398 40.67 -95.10 86.18
C ALA F 398 41.83 -95.84 85.53
N GLN F 399 42.31 -95.39 84.36
CA GLN F 399 43.44 -96.04 83.74
C GLN F 399 44.66 -96.01 84.66
N HIS F 400 44.80 -94.97 85.48
CA HIS F 400 45.91 -94.91 86.42
C HIS F 400 45.63 -95.69 87.69
N PHE F 401 44.36 -95.81 88.09
CA PHE F 401 43.98 -96.61 89.25
C PHE F 401 43.42 -97.92 88.70
N ASP F 402 44.34 -98.86 88.42
CA ASP F 402 43.96 -100.07 87.71
C ASP F 402 42.95 -100.91 88.48
N GLU F 403 43.32 -101.38 89.67
CA GLU F 403 42.53 -102.33 90.42
C GLU F 403 41.64 -101.72 91.50
N VAL F 404 41.73 -100.43 91.73
CA VAL F 404 40.96 -99.78 92.79
C VAL F 404 39.83 -98.91 92.23
N TRP F 405 39.36 -99.21 91.02
CA TRP F 405 38.28 -98.46 90.39
C TRP F 405 37.15 -99.42 90.00
N SER F 406 35.96 -99.18 90.54
CA SER F 406 34.81 -100.00 90.19
C SER F 406 34.23 -99.53 88.85
N PRO F 407 33.76 -100.46 88.01
CA PRO F 407 33.23 -100.06 86.70
C PRO F 407 31.88 -99.37 86.80
N GLU F 408 31.88 -98.12 87.23
CA GLU F 408 30.66 -97.33 87.36
C GLU F 408 30.55 -96.34 86.22
N ALA F 409 29.32 -96.10 85.76
CA ALA F 409 29.11 -95.13 84.69
C ALA F 409 29.38 -93.73 85.18
N CYS F 410 29.73 -92.85 84.24
CA CYS F 410 30.06 -91.47 84.59
C CYS F 410 28.83 -90.63 84.89
N ASN F 411 27.69 -90.95 84.28
CA ASN F 411 26.45 -90.22 84.50
C ASN F 411 26.57 -88.76 84.07
N LYS F 412 27.28 -88.55 82.95
CA LYS F 412 27.48 -87.22 82.36
C LYS F 412 28.10 -86.24 83.36
N MET F 413 29.20 -86.67 83.98
CA MET F 413 29.91 -85.84 84.96
C MET F 413 31.34 -85.54 84.51
N CYS F 414 31.50 -85.30 83.21
CA CYS F 414 32.74 -84.76 82.67
C CYS F 414 32.44 -84.19 81.28
N ASP F 415 33.24 -83.22 80.86
CA ASP F 415 32.88 -82.43 79.68
C ASP F 415 32.82 -83.29 78.42
N ASN F 416 33.86 -84.10 78.19
CA ASN F 416 33.97 -84.81 76.92
C ASN F 416 32.84 -85.82 76.74
N CYS F 417 32.60 -86.64 77.76
CA CYS F 417 31.54 -87.64 77.69
C CYS F 417 30.14 -87.05 77.84
N CYS F 418 30.02 -85.79 78.26
CA CYS F 418 28.69 -85.19 78.40
C CYS F 418 28.11 -84.80 77.04
N LYS F 419 28.88 -84.05 76.24
CA LYS F 419 28.50 -83.76 74.86
C LYS F 419 29.76 -83.35 74.11
N GLU F 420 30.15 -84.14 73.10
CA GLU F 420 31.25 -83.73 72.24
C GLU F 420 31.04 -83.99 70.75
N ILE F 421 29.87 -84.48 70.33
CA ILE F 421 29.58 -84.87 68.95
C ILE F 421 30.62 -85.86 68.40
N SER F 422 30.48 -86.25 67.13
CA SER F 422 31.40 -87.17 66.48
C SER F 422 32.78 -86.56 66.29
N PHE F 423 33.76 -87.42 66.00
CA PHE F 423 35.15 -87.07 65.81
C PHE F 423 35.63 -87.60 64.47
N GLU F 424 36.86 -87.24 64.06
CA GLU F 424 37.36 -87.70 62.77
C GLU F 424 38.76 -88.31 62.78
N ARG F 425 39.60 -88.01 63.78
CA ARG F 425 40.87 -88.71 64.02
C ARG F 425 41.70 -88.87 62.72
N LYS F 426 42.06 -87.72 62.17
CA LYS F 426 42.67 -87.68 60.83
C LYS F 426 44.16 -88.10 60.86
N ASN F 427 44.68 -88.38 59.66
CA ASN F 427 46.06 -88.77 59.45
C ASN F 427 46.92 -87.51 59.40
N VAL F 428 47.92 -87.44 60.28
CA VAL F 428 48.76 -86.27 60.48
C VAL F 428 50.25 -86.60 60.28
N THR F 429 50.55 -87.71 59.58
CA THR F 429 51.95 -88.09 59.37
C THR F 429 52.74 -86.99 58.67
N ALA F 430 52.09 -86.29 57.72
CA ALA F 430 52.78 -85.22 57.00
C ALA F 430 53.31 -84.17 57.96
N TYR F 431 52.42 -83.55 58.73
CA TYR F 431 52.80 -82.52 59.71
C TYR F 431 54.00 -82.98 60.55
N CYS F 432 54.02 -84.25 60.94
CA CYS F 432 55.16 -84.78 61.69
C CYS F 432 56.43 -84.69 60.86
N ARG F 433 56.41 -85.22 59.62
CA ARG F 433 57.60 -85.16 58.78
C ARG F 433 58.08 -83.72 58.58
N ASP F 434 57.15 -82.79 58.37
CA ASP F 434 57.49 -81.37 58.30
C ASP F 434 58.25 -80.92 59.54
N LEU F 435 57.66 -81.16 60.72
CA LEU F 435 58.28 -80.79 61.98
C LEU F 435 59.72 -81.30 62.04
N ILE F 436 59.92 -82.56 61.69
CA ILE F 436 61.27 -83.12 61.70
C ILE F 436 62.17 -82.40 60.70
N LYS F 437 61.61 -81.95 59.57
CA LYS F 437 62.42 -81.19 58.63
C LYS F 437 62.95 -79.91 59.25
N ILE F 438 62.09 -79.20 59.99
CA ILE F 438 62.59 -77.98 60.63
C ILE F 438 63.63 -78.32 61.70
N LEU F 439 63.39 -79.37 62.47
CA LEU F 439 64.34 -79.72 63.52
C LEU F 439 65.69 -80.12 62.95
N LYS F 440 65.68 -80.87 61.83
CA LYS F 440 66.94 -81.29 61.21
C LYS F 440 67.69 -80.11 60.61
N GLN F 441 66.98 -79.18 59.98
CA GLN F 441 67.65 -77.96 59.51
C GLN F 441 68.25 -77.20 60.68
N ALA F 442 67.52 -77.11 61.79
CA ALA F 442 68.05 -76.45 62.98
C ALA F 442 69.33 -77.14 63.47
N GLU F 443 69.34 -78.47 63.46
CA GLU F 443 70.54 -79.21 63.85
C GLU F 443 71.69 -78.93 62.89
N ASP F 444 71.38 -78.71 61.61
CA ASP F 444 72.43 -78.43 60.64
C ASP F 444 73.12 -77.10 60.92
N LEU F 445 72.36 -76.10 61.37
CA LEU F 445 72.91 -74.77 61.62
C LEU F 445 73.37 -74.56 63.05
N ASN F 446 73.37 -75.62 63.87
CA ASN F 446 73.81 -75.55 65.26
C ASN F 446 73.02 -74.50 66.05
N GLU F 447 71.70 -74.64 66.01
CA GLU F 447 70.80 -73.74 66.73
C GLU F 447 69.86 -74.57 67.60
N LYS F 448 69.81 -74.24 68.88
CA LYS F 448 68.91 -74.93 69.80
C LYS F 448 67.51 -74.33 69.70
N LEU F 449 66.52 -75.18 69.49
CA LEU F 449 65.16 -74.74 69.18
C LEU F 449 64.25 -74.94 70.38
N THR F 450 63.72 -73.83 70.91
CA THR F 450 62.71 -73.88 71.94
C THR F 450 61.35 -74.17 71.32
N PRO F 451 60.35 -74.56 72.13
CA PRO F 451 58.98 -74.71 71.58
C PRO F 451 58.51 -73.53 70.75
N LEU F 452 58.65 -72.31 71.27
CA LEU F 452 58.13 -71.14 70.56
C LEU F 452 58.89 -70.89 69.27
N LYS F 453 60.22 -71.06 69.28
CA LYS F 453 61.00 -70.88 68.06
C LYS F 453 60.58 -71.86 66.99
N LEU F 454 60.29 -73.10 67.39
CA LEU F 454 59.88 -74.11 66.43
C LEU F 454 58.50 -73.80 65.87
N ILE F 455 57.56 -73.42 66.75
CA ILE F 455 56.22 -73.06 66.29
C ILE F 455 56.28 -71.88 65.34
N ASP F 456 57.13 -70.89 65.64
CA ASP F 456 57.27 -69.73 64.77
C ASP F 456 57.83 -70.13 63.41
N SER F 457 58.91 -70.91 63.41
CA SER F 457 59.49 -71.36 62.15
C SER F 457 58.53 -72.23 61.35
N TRP F 458 57.59 -72.89 62.02
CA TRP F 458 56.59 -73.69 61.32
C TRP F 458 55.57 -72.81 60.61
N MET F 459 55.11 -71.75 61.27
CA MET F 459 54.10 -70.87 60.71
C MET F 459 54.68 -69.79 59.80
N GLY F 460 55.98 -69.84 59.53
CA GLY F 460 56.62 -68.78 58.77
C GLY F 460 56.79 -67.51 59.58
N LYS F 461 57.22 -67.64 60.83
CA LYS F 461 57.38 -66.51 61.75
C LYS F 461 58.73 -66.63 62.43
N GLY F 462 59.04 -65.64 63.28
CA GLY F 462 60.23 -65.72 64.08
C GLY F 462 61.47 -65.48 63.24
N ALA F 463 62.53 -66.17 63.64
CA ALA F 463 63.79 -66.08 62.91
C ALA F 463 63.70 -66.76 61.55
N SER F 464 64.32 -66.05 60.60
CA SER F 464 64.34 -66.31 59.18
C SER F 464 65.26 -67.42 58.76
N LYS F 465 66.40 -67.63 59.46
CA LYS F 465 67.29 -68.73 59.17
C LYS F 465 66.77 -70.06 59.65
N LEU F 466 65.78 -70.07 60.54
CA LEU F 466 65.29 -71.30 61.15
C LEU F 466 64.15 -71.95 60.38
N ARG F 467 63.78 -71.42 59.22
CA ARG F 467 62.66 -71.93 58.45
C ARG F 467 63.15 -72.79 57.29
N VAL F 468 62.32 -73.75 56.90
CA VAL F 468 62.66 -74.65 55.80
C VAL F 468 62.53 -73.89 54.49
N ALA F 469 63.44 -74.16 53.56
CA ALA F 469 63.46 -73.42 52.29
C ALA F 469 62.18 -73.60 51.48
N GLY F 470 61.36 -74.59 51.79
CA GLY F 470 60.16 -74.80 51.00
C GLY F 470 58.90 -75.21 51.74
N LEU F 471 58.86 -74.99 53.05
CA LEU F 471 57.75 -75.49 53.86
C LEU F 471 56.65 -74.45 53.92
N ALA F 472 55.47 -74.80 53.40
CA ALA F 472 54.33 -73.90 53.49
C ALA F 472 53.74 -73.96 54.90
N PRO F 473 53.45 -72.82 55.52
CA PRO F 473 52.85 -72.85 56.85
C PRO F 473 51.50 -73.51 56.79
N PRO F 474 51.04 -74.11 57.90
CA PRO F 474 49.77 -74.82 57.90
C PRO F 474 48.59 -73.85 57.97
N THR F 475 47.42 -74.38 57.62
CA THR F 475 46.18 -73.60 57.56
C THR F 475 45.39 -73.67 58.86
N LEU F 476 46.07 -73.91 59.98
CA LEU F 476 45.45 -74.07 61.28
C LEU F 476 45.98 -73.02 62.24
N PRO F 477 45.22 -72.67 63.28
CA PRO F 477 45.65 -71.64 64.22
C PRO F 477 46.67 -72.20 65.22
N ARG F 478 47.14 -71.30 66.09
CA ARG F 478 48.21 -71.66 67.03
C ARG F 478 47.74 -72.76 67.97
N GLU F 479 46.46 -72.75 68.34
CA GLU F 479 45.92 -73.77 69.24
C GLU F 479 46.13 -75.17 68.68
N ASP F 480 45.67 -75.40 67.46
CA ASP F 480 45.75 -76.73 66.87
C ASP F 480 47.20 -77.15 66.67
N LEU F 481 48.07 -76.20 66.32
CA LEU F 481 49.48 -76.53 66.16
C LEU F 481 50.12 -76.91 67.49
N GLU F 482 49.74 -76.22 68.57
CA GLU F 482 50.23 -76.59 69.88
C GLU F 482 49.77 -77.99 70.27
N LYS F 483 48.54 -78.34 69.89
CA LYS F 483 48.07 -79.70 70.18
C LYS F 483 48.81 -80.72 69.31
N ILE F 484 49.09 -80.36 68.05
CA ILE F 484 49.91 -81.19 67.16
C ILE F 484 51.23 -81.53 67.82
N ILE F 485 51.96 -80.50 68.22
CA ILE F 485 53.29 -80.69 68.77
C ILE F 485 53.22 -81.42 70.11
N ALA F 486 52.26 -81.07 70.95
CA ALA F 486 52.13 -81.81 72.21
C ALA F 486 51.96 -83.29 71.93
N HIS F 487 50.94 -83.66 71.13
CA HIS F 487 50.64 -85.06 70.90
C HIS F 487 51.83 -85.79 70.30
N PHE F 488 52.53 -85.14 69.37
CA PHE F 488 53.71 -85.77 68.81
C PHE F 488 54.80 -85.94 69.86
N LEU F 489 54.87 -85.03 70.83
CA LEU F 489 55.84 -85.17 71.93
C LEU F 489 55.48 -86.32 72.87
N ILE F 490 54.19 -86.54 73.15
CA ILE F 490 53.82 -87.70 73.95
C ILE F 490 54.23 -88.98 73.25
N GLN F 491 53.96 -89.05 71.95
CA GLN F 491 54.32 -90.17 71.09
C GLN F 491 55.80 -90.20 70.78
N GLN F 492 56.61 -89.34 71.39
CA GLN F 492 58.07 -89.43 71.33
C GLN F 492 58.60 -89.29 69.90
N TYR F 493 57.82 -88.67 69.01
CA TYR F 493 58.36 -88.34 67.70
C TYR F 493 59.33 -87.17 67.81
N LEU F 494 59.07 -86.27 68.75
CA LEU F 494 60.05 -85.31 69.24
C LEU F 494 60.35 -85.62 70.70
N LYS F 495 61.54 -85.23 71.15
CA LYS F 495 61.95 -85.46 72.51
C LYS F 495 62.39 -84.13 73.13
N GLU F 496 62.46 -84.12 74.44
CA GLU F 496 62.84 -82.93 75.19
C GLU F 496 64.32 -83.01 75.57
N ASP F 497 65.07 -81.98 75.23
CA ASP F 497 66.47 -81.84 75.59
C ASP F 497 66.58 -80.76 76.66
N TYR F 498 66.99 -81.15 77.86
CA TYR F 498 67.09 -80.22 78.97
C TYR F 498 68.50 -79.66 79.06
N SER F 499 68.58 -78.39 79.44
CA SER F 499 69.85 -77.69 79.61
C SER F 499 69.85 -76.98 80.95
N PHE F 500 70.89 -77.23 81.75
CA PHE F 500 70.98 -76.63 83.08
C PHE F 500 71.87 -75.40 82.99
N THR F 501 71.26 -74.24 83.18
CA THR F 501 71.90 -72.93 83.18
C THR F 501 72.09 -72.40 84.59
N ALA F 502 72.59 -71.17 84.69
CA ALA F 502 73.04 -70.61 85.97
C ALA F 502 71.92 -70.49 86.98
N TYR F 503 70.72 -70.14 86.55
CA TYR F 503 69.57 -70.02 87.46
C TYR F 503 68.34 -70.74 86.95
N ALA F 504 68.35 -71.21 85.72
CA ALA F 504 67.18 -71.72 85.03
C ALA F 504 67.52 -73.04 84.34
N THR F 505 66.49 -73.83 84.04
CA THR F 505 66.62 -75.09 83.32
C THR F 505 65.71 -75.03 82.10
N ILE F 506 66.31 -74.93 80.91
CA ILE F 506 65.57 -74.76 79.67
C ILE F 506 65.26 -76.11 79.05
N SER F 507 64.14 -76.16 78.31
CA SER F 507 63.67 -77.39 77.66
C SER F 507 63.48 -77.11 76.17
N TYR F 508 64.35 -77.67 75.34
CA TYR F 508 64.26 -77.60 73.90
C TYR F 508 63.65 -78.87 73.34
N LEU F 509 63.26 -78.82 72.07
CA LEU F 509 62.77 -80.00 71.38
C LEU F 509 63.79 -80.45 70.35
N LYS F 510 64.01 -81.75 70.29
CA LYS F 510 64.90 -82.37 69.32
C LYS F 510 64.16 -83.55 68.68
N VAL F 511 64.81 -84.16 67.68
CA VAL F 511 64.21 -85.32 67.03
C VAL F 511 64.06 -86.45 68.03
N GLY F 512 62.88 -87.04 68.07
CA GLY F 512 62.60 -88.12 69.00
C GLY F 512 63.08 -89.46 68.49
N PRO F 513 63.02 -90.46 69.37
CA PRO F 513 63.47 -91.80 68.96
C PRO F 513 62.54 -92.48 67.97
N LYS F 514 61.22 -92.36 68.15
CA LYS F 514 60.28 -93.04 67.26
C LYS F 514 60.17 -92.37 65.88
N ALA F 515 60.79 -91.20 65.69
CA ALA F 515 60.76 -90.54 64.40
C ALA F 515 61.41 -91.36 63.30
N ASN F 516 62.32 -92.27 63.65
CA ASN F 516 62.90 -93.18 62.67
C ASN F 516 61.84 -94.07 62.02
N LEU F 517 60.64 -94.15 62.61
CA LEU F 517 59.56 -94.95 62.04
C LEU F 517 59.04 -94.34 60.75
N LEU F 518 59.35 -93.08 60.48
CA LEU F 518 58.87 -92.37 59.31
C LEU F 518 59.71 -92.64 58.07
N ASN F 519 60.80 -93.40 58.21
CA ASN F 519 61.54 -93.84 57.03
C ASN F 519 60.67 -94.78 56.19
N ASN F 520 59.87 -95.60 56.86
CA ASN F 520 58.85 -96.40 56.20
C ASN F 520 57.73 -95.48 55.73
N GLU F 521 57.66 -95.27 54.42
CA GLU F 521 56.69 -94.35 53.83
C GLU F 521 55.26 -94.84 53.98
N ALA F 522 55.06 -96.09 54.41
CA ALA F 522 53.74 -96.67 54.60
C ALA F 522 53.26 -96.54 56.05
N HIS F 523 53.73 -95.51 56.75
CA HIS F 523 53.42 -95.27 58.15
C HIS F 523 52.38 -94.16 58.23
N VAL F 524 51.38 -94.36 59.09
CA VAL F 524 50.26 -93.43 59.27
C VAL F 524 50.15 -93.07 60.74
N ILE F 525 50.19 -91.79 61.05
CA ILE F 525 49.98 -91.28 62.40
C ILE F 525 48.67 -90.51 62.40
N THR F 526 47.79 -90.84 63.35
CA THR F 526 46.47 -90.25 63.42
C THR F 526 46.31 -89.50 64.72
N MET F 527 45.30 -88.63 64.75
CA MET F 527 45.04 -87.83 65.94
C MET F 527 43.56 -87.45 65.95
N ARG F 528 42.94 -87.63 67.11
CA ARG F 528 41.54 -87.29 67.30
C ARG F 528 41.34 -85.79 67.14
N VAL F 529 40.54 -85.41 66.15
CA VAL F 529 40.23 -84.02 65.89
C VAL F 529 38.72 -83.89 65.76
N LYS F 530 38.21 -82.72 66.16
CA LYS F 530 36.79 -82.42 66.06
C LYS F 530 36.30 -82.58 64.62
N LYS F 531 35.00 -82.80 64.48
CA LYS F 531 34.40 -82.95 63.16
C LYS F 531 32.98 -82.39 63.14
#